data_7V7C
#
_entry.id   7V7C
#
_cell.length_a   1.00
_cell.length_b   1.00
_cell.length_c   1.00
_cell.angle_alpha   90.00
_cell.angle_beta   90.00
_cell.angle_gamma   90.00
#
_symmetry.space_group_name_H-M   'P 1'
#
loop_
_entity.id
_entity.type
_entity.pdbx_description
1 polymer 'DDB1- and CUL4-associated factor 1'
2 polymer 'DNA damage-binding protein 1'
3 polymer 'Protein Vpr'
4 polymer 'Uracil-DNA glycosylase'
#
loop_
_entity_poly.entity_id
_entity_poly.type
_entity_poly.pdbx_seq_one_letter_code
_entity_poly.pdbx_strand_id
1 'polypeptide(L)'
;MTTVVVHVDSKAELTTLLEQWEKEHGSGQDMVPILTRMSQLIEKETEEYRKGDPDPFDDRHPGRADPECMLGHLLRILFK
NDDFMNALVNAYVMTSREPPLNTAACRLLLDIMPGLETAVVFQEKEGIVENLFKWAREADQPLRTYSTGLLGGAMENQDI
AANYRDENSQLVAIVLRRLRELQLQEVALRQENKRPSPRKLSSEPLLPLDEEAVDMDYGDMAVDVVDGDQEEASGDMEIS
FHLDSGHKTSSRVNSTTKPEDGGLKKNKSAKQGDRENFRKAKQKLGFSSSDPDRMFVELSNSSWSEMSPWVIGTNYTLYP
MTPAIEQRLILQYLTPLGEYQELLPIFMQLGSRELMMFYIDLKQTNDVLLTFEALKHLASLLLHNKFATEFVAHGGVQKL
LEIPRPSMAATGVSMCLYYLSYNQDAMERVCMHPHNVLSDVVNYTLWLMECSHASGCCHATMFFSICFSFRAVLELFDRY
DGLRRLVNLISTLEILNLEDQGALLSDDEIFASRQTGKHTCMALRKYFEAHLAIKLEQVKQSLQRTEGGILVHPQPPYKA
CSYTHEQIVEMMEFLIEYGPAQLYWEPAEVFLKLSCVQLLLQLISIACNWKTYYARNDTVRFALDVLAILTVVPKIQLQL
AESVDVLDEAGSTVSTVGISIILGVAEGEFFIHDAEIQKSALQIIINCVCGPDNRISSIGKFISGTPRRKLPQNPKSSEH
TLAKMWNVVQSNNGIKVLLSLLSIKMPITDADQIRALACKALVGLSRSSTVRQIISKLPLFSSCQIQQLMKEPVLQDKRS
DHVKFCKYAAELIERVSGKPLLIGTDVSLARLQKADVVAQSRISFPEKELLLLIRNHLISKGLGETATVLTKEADLPMTA
ASHSSAFTPVTAAASPVSLPRTPRIANGIATRLGSHAAVGASAPSAPTAHPQPRPPQGPLALPGPSYAGNSPLIGRISFI
RERPSPCNGRKIRVLRQKSDHGAYSQSPAIKKQLDRHLPSPPTLDSIITEYLREQHARCKNPVATCPPFSLFTPHQCPEP
KQRRQAPINFTSRLNRRASFPKYGGVDGGCFDRHLIFSRFRPISVFREANEDESGFTCCAFSARERFLMLGTCTGQLKLY
NVFSGQEEASYNCHNSAITHLEPSRDGSLLLTSATWSQPLSALWGMKSVFDMKHSFTEDHYVEFSKHSQDRVIGTKGDIA
HIYDIQTGNKLLTLFNPDLANNYKRNCATFNPTDDLVLNDGVLWDVRSAQAIHKFDKFNMNISGVFHPNGLEVIINTEIW
DLRTFHLLHTVPALDQCRVVFNHTGTVMYGAMLQADDEDDLMEERMKSPFGSSFRTFNATDYKPIATIDVKRNIFDLCTD
TKDCYLAVIENQGSMDALNMDTVCRLYEVGRQRLAEDEDEEEDQEEEEQEEEDDDEDDDDTDDLDELDTDQLLEAELEED
DNNENAGEDGDNDFSPSDEELANLLEEGEDGEDEDSDADEEVELILGDTDSSDNSDLEDDIILSLNE
;
A,E
2 'polypeptide(L)'
;MSYNYVVTAQKPTAVNGCVTGHFTSAEDLNLLIAKNTRLEIYVVTAEGLRPVKEVGMYGKIAVMELFRPKGESKDLLFIL
TAKYNACILEYKQSGESIDIITRAHGNVQDRIGRPSETGIIGIIDPECRMIGLRLYDGLFKVIPLDRDNKELKAFNIRLE
ELHVIDVKFLYGCQAPTICFVYQDPQGRHVKTYEVSLREKEFNKGPWKQENVEAEASMVIAVPEPFGGAIIIGQESITYH
NGDKYLAIAPPIIKQSTIVCHNRVDPNGSRYLLGDMEGRLFMLLLEKEEQMDGTVTLKDLRVELLGETSIAECLTYLDNG
VVFVGSRLGDSQLVKLNVDSNEQGSYVVAMETFTNLGPIVDMCVVDLERQGQGQLVTCSGAFKEGSLRIIRNGIGIHEHA
SIDLPGIKGLWPLRSDPNRETDDTLVLSFVGQTRVLMLNGEEVEETELMGFVDDQQTFFCGNVAHQQLIQITSASVRLVS
QEPKALVSEWKEPQAKNISVASCNSSQVVVAVGRALYYLQIHPQELRQISHTEMEHEVACLDITPLGDSNGLSPLCAIGL
WTDISARILKLPSFELLHKEMLGGEIIPRSILMTTFESSHYLLCALGDGALFYFGLNIETGLLSDRKKVTLGTQPTVLRT
FRSLSTTNVFACSDRPTVIYSSNHKLVFSNVNLKEVNYMCPLNSDGYPDSLALANNSTLTIGTIDEIQKLHIRTVPLYES
PRKICYQEVSQCFGVLSSRIEVQDTSGGTTALRPSASTQALSSSVSSSKLFSSSTAPHETSFGEEVEVHNLLIIDQHTFE
VLHAHQFLQNEYALSLVSCKLGKDPNTYFIVGTAMVYPEEAEPKQGRIVVFQYSDGKLQTVAEKEVKGAVYSMVEFNGKL
LASINSTVRLYEWTTEKELRTECNHYNNIMALYLKTKGDFILVGDLMRSVLLLAYKPMEGNFEEIARDFNPNWMSAVEIL
DDDNFLGAENAFNLFVCQKDSAATTDEERQHLQEVGLFHLGEFVNVFCHGSLVMQNLGETSTPTQGSVLFGTVNGMIGLV
TSLSESWYNLLLDMQNRLNKVIKSVGKIEHSFWRSFHTERKTEPATGFIDGDLIESFLDISRPKMQEVVANLQYDDGSGM
KREATADDLIKVVEELTRIH
;
B,F
3 'polypeptide(L)'
;MEQAPEDQGPQREPYNEWTLELLEELKSEAVRHFPRIWLHNLGQHIYETYGDTWAGVEAIIRILQQLLFIHFRIGCRHSR
IGVTRQRRARNGASRS
;
C,G
4 'polypeptide(L)'
;FGESWKKHLSGEFGKPYFIKLMGFVAEERKHYTVYPPPHQVFTWTQMCDIKDVKVVILGQDPYHGPNQAHGLCFSVQRPV
PPPPSLENIYKELSTDIEDFVHPGHGDLSGWAKQGVLLLNAVLTVRAHQANSHKERGWEQFTDAVVSWLNQNSNGLVFLL
WGSYAQKKGSAIDRKRHHVLQTAHPSPLSVYRGFFGCRHFSKTNELLQKSGKKPIDWKEL
;
D,H
#
# COMPACT_ATOMS: atom_id res chain seq x y z
N MET A 1 -19.21 61.00 15.37
CA MET A 1 -20.50 61.35 15.96
C MET A 1 -20.77 62.85 15.84
N THR A 2 -22.06 63.20 15.88
CA THR A 2 -22.64 64.55 15.70
C THR A 2 -21.93 65.39 14.63
N THR A 3 -21.71 64.75 13.48
CA THR A 3 -21.04 65.40 12.36
C THR A 3 -22.01 66.39 11.71
N VAL A 4 -21.95 67.63 12.13
CA VAL A 4 -22.83 68.67 11.63
C VAL A 4 -22.10 69.48 10.57
N VAL A 5 -22.85 70.28 9.81
CA VAL A 5 -22.30 71.08 8.73
C VAL A 5 -22.04 72.49 9.23
N VAL A 6 -21.08 73.16 8.60
CA VAL A 6 -20.82 74.56 8.90
C VAL A 6 -21.74 75.49 8.11
N HIS A 7 -22.38 74.99 7.06
CA HIS A 7 -23.35 75.75 6.28
C HIS A 7 -24.74 75.52 6.84
N VAL A 8 -25.77 75.90 6.08
CA VAL A 8 -27.15 75.64 6.46
C VAL A 8 -27.40 74.14 6.41
N ASP A 9 -28.17 73.64 7.38
CA ASP A 9 -28.41 72.21 7.52
C ASP A 9 -29.24 71.71 6.35
N SER A 10 -28.60 70.95 5.46
CA SER A 10 -29.30 70.40 4.31
C SER A 10 -30.23 69.25 4.70
N LYS A 11 -29.92 68.56 5.80
CA LYS A 11 -30.83 67.52 6.26
C LYS A 11 -32.10 68.12 6.82
N ALA A 12 -31.99 69.26 7.49
CA ALA A 12 -33.17 70.01 7.90
C ALA A 12 -33.87 70.61 6.68
N GLU A 13 -33.12 70.90 5.62
CA GLU A 13 -33.75 71.28 4.37
C GLU A 13 -34.44 70.10 3.70
N LEU A 14 -34.04 68.87 4.03
CA LEU A 14 -34.74 67.68 3.55
C LEU A 14 -35.86 67.26 4.49
N THR A 15 -35.65 67.40 5.79
CA THR A 15 -36.68 67.05 6.77
C THR A 15 -37.88 67.98 6.65
N THR A 16 -37.63 69.25 6.30
CA THR A 16 -38.73 70.18 6.06
C THR A 16 -39.48 69.83 4.78
N LEU A 17 -38.82 69.16 3.84
CA LEU A 17 -39.54 68.56 2.73
C LEU A 17 -40.30 67.33 3.18
N LEU A 18 -39.77 66.60 4.18
CA LEU A 18 -40.39 65.35 4.61
C LEU A 18 -41.68 65.56 5.39
N GLU A 19 -41.93 66.77 5.90
CA GLU A 19 -43.15 67.06 6.60
C GLU A 19 -44.23 67.64 5.70
N GLN A 20 -44.01 67.64 4.38
CA GLN A 20 -44.99 68.19 3.42
C GLN A 20 -45.70 67.08 2.65
N TRP A 21 -44.93 66.19 2.01
CA TRP A 21 -45.57 65.13 1.23
C TRP A 21 -46.10 64.03 2.13
N GLU A 22 -45.44 63.77 3.26
CA GLU A 22 -45.99 62.83 4.22
C GLU A 22 -47.24 63.36 4.89
N LYS A 23 -47.41 64.69 4.93
CA LYS A 23 -48.68 65.30 5.28
C LYS A 23 -49.54 65.59 4.06
N GLU A 24 -49.06 65.29 2.86
CA GLU A 24 -49.90 65.28 1.67
C GLU A 24 -50.56 63.90 1.55
N HIS A 25 -51.56 63.70 2.40
CA HIS A 25 -52.44 62.54 2.26
C HIS A 25 -53.69 62.93 1.49
N GLY A 26 -53.46 63.31 0.24
CA GLY A 26 -54.51 63.89 -0.58
C GLY A 26 -54.98 65.24 -0.09
N SER A 27 -54.04 66.12 0.28
CA SER A 27 -54.41 67.44 0.79
C SER A 27 -54.99 68.34 -0.28
N GLY A 28 -54.73 68.06 -1.55
CA GLY A 28 -55.33 68.81 -2.63
C GLY A 28 -54.45 69.90 -3.21
N GLN A 29 -53.16 69.60 -3.37
CA GLN A 29 -52.22 70.53 -3.95
C GLN A 29 -51.39 69.82 -5.02
N ASP A 30 -50.55 70.60 -5.71
CA ASP A 30 -49.68 70.08 -6.75
C ASP A 30 -48.23 70.38 -6.36
N MET A 31 -47.45 69.33 -6.15
CA MET A 31 -46.12 69.45 -5.57
C MET A 31 -45.05 69.81 -6.60
N VAL A 32 -45.43 70.18 -7.81
CA VAL A 32 -44.46 70.47 -8.87
C VAL A 32 -43.57 71.70 -8.69
N PRO A 33 -43.90 72.75 -7.92
CA PRO A 33 -42.83 73.70 -7.55
C PRO A 33 -42.11 73.39 -6.24
N ILE A 34 -42.36 72.24 -5.63
CA ILE A 34 -41.75 71.91 -4.35
C ILE A 34 -40.86 70.71 -4.58
N LEU A 35 -41.24 69.85 -5.52
CA LEU A 35 -40.44 68.68 -5.85
C LEU A 35 -39.33 68.99 -6.86
N THR A 36 -39.22 70.24 -7.31
CA THR A 36 -37.99 70.66 -7.98
C THR A 36 -36.82 70.60 -7.03
N ARG A 37 -37.05 70.84 -5.75
CA ARG A 37 -36.01 70.75 -4.74
C ARG A 37 -35.48 69.33 -4.64
N MET A 38 -36.33 68.32 -4.86
CA MET A 38 -35.87 66.94 -4.91
C MET A 38 -34.89 66.69 -6.06
N SER A 39 -34.92 67.53 -7.08
CA SER A 39 -33.83 67.59 -8.05
C SER A 39 -32.83 68.71 -7.75
N GLN A 40 -33.24 69.74 -6.99
CA GLN A 40 -32.33 70.86 -6.74
C GLN A 40 -31.48 70.65 -5.49
N LEU A 41 -32.03 70.01 -4.46
CA LEU A 41 -31.21 69.77 -3.27
C LEU A 41 -30.12 68.75 -3.57
N ILE A 42 -30.44 67.70 -4.31
CA ILE A 42 -29.45 66.66 -4.53
C ILE A 42 -28.41 67.08 -5.56
N GLU A 43 -28.74 68.00 -6.46
CA GLU A 43 -27.71 68.47 -7.39
C GLU A 43 -26.84 69.53 -6.72
N LYS A 44 -27.40 70.25 -5.74
CA LYS A 44 -26.58 71.00 -4.81
C LYS A 44 -25.71 70.07 -3.99
N GLU A 45 -26.27 68.90 -3.63
CA GLU A 45 -25.53 67.83 -2.97
C GLU A 45 -24.57 67.12 -3.92
N THR A 46 -24.84 67.16 -5.22
CA THR A 46 -23.90 66.62 -6.19
C THR A 46 -22.79 67.62 -6.51
N GLU A 47 -23.11 68.92 -6.45
CA GLU A 47 -22.14 69.97 -6.76
C GLU A 47 -20.99 69.98 -5.76
N GLU A 48 -21.25 69.60 -4.51
CA GLU A 48 -20.18 69.50 -3.53
C GLU A 48 -19.60 68.10 -3.44
N TYR A 49 -20.20 67.11 -4.09
CA TYR A 49 -19.67 65.76 -4.03
C TYR A 49 -18.43 65.59 -4.91
N ARG A 50 -18.23 66.47 -5.90
CA ARG A 50 -17.03 66.41 -6.72
C ARG A 50 -15.79 66.95 -6.02
N LYS A 51 -15.88 67.35 -4.75
CA LYS A 51 -14.76 67.97 -4.07
C LYS A 51 -13.65 66.97 -3.78
N GLY A 52 -14.02 65.75 -3.40
CA GLY A 52 -13.05 64.76 -3.00
C GLY A 52 -12.41 63.96 -4.11
N ASP A 53 -12.69 64.30 -5.38
CA ASP A 53 -12.26 63.61 -6.61
C ASP A 53 -12.63 62.13 -6.54
N PRO A 54 -13.91 61.79 -6.69
CA PRO A 54 -14.34 60.41 -6.42
C PRO A 54 -13.87 59.45 -7.49
N ASP A 55 -13.83 58.17 -7.11
CA ASP A 55 -13.58 57.11 -8.07
C ASP A 55 -14.89 56.74 -8.75
N PRO A 56 -14.99 56.84 -10.08
CA PRO A 56 -16.29 56.69 -10.74
C PRO A 56 -16.82 55.27 -10.83
N PHE A 57 -16.16 54.30 -10.23
CA PHE A 57 -16.72 52.95 -10.13
C PHE A 57 -17.42 52.76 -8.79
N ASP A 58 -18.47 53.55 -8.60
CA ASP A 58 -19.30 53.50 -7.39
C ASP A 58 -20.75 53.37 -7.84
N ASP A 59 -21.17 52.13 -8.10
CA ASP A 59 -22.56 51.85 -8.36
C ASP A 59 -23.37 51.65 -7.09
N ARG A 60 -22.70 51.57 -5.94
CA ARG A 60 -23.35 51.49 -4.64
C ARG A 60 -23.65 52.91 -4.15
N HIS A 61 -24.03 53.02 -2.89
CA HIS A 61 -24.33 54.32 -2.32
C HIS A 61 -23.22 54.78 -1.38
N PRO A 62 -22.96 56.09 -1.32
CA PRO A 62 -22.04 56.61 -0.29
C PRO A 62 -22.57 56.50 1.13
N GLY A 63 -23.86 56.23 1.33
CA GLY A 63 -24.33 55.83 2.65
C GLY A 63 -23.74 54.51 3.09
N ARG A 64 -23.42 53.64 2.13
CA ARG A 64 -22.62 52.44 2.38
C ARG A 64 -21.13 52.74 2.29
N ALA A 65 -20.73 53.73 1.48
CA ALA A 65 -19.33 53.92 1.14
C ALA A 65 -18.68 55.10 1.85
N ASP A 66 -19.22 56.30 1.73
CA ASP A 66 -18.53 57.52 2.15
C ASP A 66 -19.40 58.30 3.13
N PRO A 67 -19.21 58.10 4.45
CA PRO A 67 -19.97 58.87 5.44
C PRO A 67 -19.36 60.23 5.77
N GLU A 68 -18.44 60.73 4.93
CA GLU A 68 -17.74 61.97 5.22
C GLU A 68 -18.42 63.20 4.67
N CYS A 69 -19.25 63.07 3.65
CA CYS A 69 -19.88 64.21 3.00
C CYS A 69 -21.40 64.06 3.06
N MET A 70 -22.10 65.09 2.61
CA MET A 70 -23.54 65.19 2.78
C MET A 70 -24.33 64.36 1.78
N LEU A 71 -23.67 63.63 0.87
CA LEU A 71 -24.40 62.76 -0.03
C LEU A 71 -24.90 61.52 0.71
N GLY A 72 -23.98 60.77 1.31
CA GLY A 72 -24.35 59.58 2.05
C GLY A 72 -25.14 59.84 3.31
N HIS A 73 -25.05 61.06 3.85
CA HIS A 73 -25.93 61.43 4.96
C HIS A 73 -27.38 61.50 4.53
N LEU A 74 -27.65 61.80 3.27
CA LEU A 74 -29.00 62.06 2.82
C LEU A 74 -29.58 60.98 1.92
N LEU A 75 -28.74 60.15 1.29
CA LEU A 75 -29.29 59.12 0.42
C LEU A 75 -29.95 58.00 1.23
N ARG A 76 -29.51 57.76 2.46
CA ARG A 76 -30.11 56.70 3.25
C ARG A 76 -31.50 57.07 3.75
N ILE A 77 -31.84 58.35 3.77
CA ILE A 77 -33.13 58.79 4.29
C ILE A 77 -34.23 58.43 3.30
N LEU A 78 -34.17 59.00 2.12
CA LEU A 78 -35.24 58.88 1.15
C LEU A 78 -35.08 57.65 0.25
N PHE A 79 -34.09 56.81 0.51
CA PHE A 79 -34.14 55.45 -0.02
C PHE A 79 -34.90 54.53 0.93
N LYS A 80 -34.86 54.82 2.23
CA LYS A 80 -35.55 54.03 3.24
C LYS A 80 -36.98 54.56 3.35
N ASN A 81 -37.74 54.29 2.29
CA ASN A 81 -39.01 54.96 2.04
C ASN A 81 -40.18 54.35 2.80
N ASP A 82 -39.97 53.20 3.46
CA ASP A 82 -40.95 52.53 4.33
C ASP A 82 -42.21 52.13 3.56
N ASP A 83 -42.03 51.80 2.28
CA ASP A 83 -43.12 51.45 1.34
C ASP A 83 -44.19 52.53 1.26
N PHE A 84 -43.77 53.79 1.39
CA PHE A 84 -44.68 54.93 1.36
C PHE A 84 -44.39 55.84 0.18
N MET A 85 -43.13 56.22 -0.02
CA MET A 85 -42.72 56.86 -1.25
C MET A 85 -42.74 55.89 -2.42
N ASN A 86 -42.64 54.58 -2.15
CA ASN A 86 -42.76 53.57 -3.20
C ASN A 86 -44.16 53.51 -3.81
N ALA A 87 -45.15 54.07 -3.13
CA ALA A 87 -46.47 54.20 -3.74
C ALA A 87 -46.46 55.25 -4.85
N LEU A 88 -45.59 56.27 -4.74
CA LEU A 88 -45.53 57.31 -5.76
C LEU A 88 -44.92 56.77 -7.05
N VAL A 89 -44.11 55.73 -6.97
CA VAL A 89 -43.74 54.96 -8.15
C VAL A 89 -44.97 54.33 -8.78
N ASN A 90 -45.85 53.78 -7.96
CA ASN A 90 -47.09 53.21 -8.48
C ASN A 90 -48.11 54.31 -8.82
N ALA A 91 -48.16 55.39 -8.05
CA ALA A 91 -49.20 56.40 -8.25
C ALA A 91 -48.92 57.24 -9.49
N TYR A 92 -47.74 57.84 -9.58
CA TYR A 92 -47.44 58.77 -10.65
C TYR A 92 -46.86 58.08 -11.89
N VAL A 93 -47.17 56.79 -12.07
CA VAL A 93 -46.96 56.10 -13.34
C VAL A 93 -48.27 55.50 -13.85
N MET A 94 -49.02 54.82 -12.98
CA MET A 94 -50.32 54.27 -13.36
C MET A 94 -51.35 55.36 -13.59
N THR A 95 -51.23 56.47 -12.86
CA THR A 95 -52.21 57.56 -12.98
C THR A 95 -51.52 58.83 -13.47
N SER A 96 -50.72 58.72 -14.52
CA SER A 96 -49.95 59.86 -15.03
C SER A 96 -50.15 59.98 -16.53
N ARG A 97 -50.79 61.08 -16.96
CA ARG A 97 -50.96 61.37 -18.37
C ARG A 97 -50.56 62.81 -18.69
N GLU A 98 -50.79 63.72 -17.75
CA GLU A 98 -50.57 65.14 -17.99
C GLU A 98 -49.10 65.50 -17.79
N PRO A 99 -48.61 66.53 -18.47
CA PRO A 99 -47.19 66.92 -18.34
C PRO A 99 -46.83 67.47 -16.97
N PRO A 100 -47.70 68.20 -16.23
CA PRO A 100 -47.37 68.38 -14.81
C PRO A 100 -47.48 67.10 -14.01
N LEU A 101 -48.36 66.19 -14.43
CA LEU A 101 -48.58 64.95 -13.72
C LEU A 101 -47.44 63.96 -13.95
N ASN A 102 -46.59 64.20 -14.93
CA ASN A 102 -45.32 63.49 -15.07
C ASN A 102 -44.14 64.30 -14.56
N THR A 103 -44.32 65.61 -14.34
CA THR A 103 -43.23 66.45 -13.86
C THR A 103 -42.79 66.06 -12.46
N ALA A 104 -43.75 65.66 -11.63
CA ALA A 104 -43.44 65.07 -10.33
C ALA A 104 -42.99 63.62 -10.43
N ALA A 105 -42.90 63.06 -11.63
CA ALA A 105 -42.53 61.66 -11.81
C ALA A 105 -41.19 61.51 -12.54
N CYS A 106 -41.05 62.10 -13.72
CA CYS A 106 -39.89 61.80 -14.56
C CYS A 106 -38.62 62.52 -14.13
N ARG A 107 -38.74 63.64 -13.40
CA ARG A 107 -37.54 64.26 -12.83
C ARG A 107 -37.00 63.42 -11.67
N LEU A 108 -37.86 62.62 -11.05
CA LEU A 108 -37.61 62.10 -9.72
C LEU A 108 -37.09 60.67 -9.71
N LEU A 109 -37.33 59.89 -10.76
CA LEU A 109 -36.74 58.56 -10.83
C LEU A 109 -35.23 58.65 -11.08
N LEU A 110 -34.80 59.66 -11.84
CA LEU A 110 -33.38 59.96 -11.93
C LEU A 110 -32.86 60.69 -10.69
N ASP A 111 -33.75 61.12 -9.80
CA ASP A 111 -33.29 61.57 -8.50
C ASP A 111 -33.05 60.41 -7.55
N ILE A 112 -33.52 59.21 -7.91
CA ILE A 112 -33.17 57.99 -7.21
C ILE A 112 -32.48 57.05 -8.20
N MET A 113 -31.74 57.66 -9.13
CA MET A 113 -31.01 56.89 -10.14
C MET A 113 -29.97 55.92 -9.58
N PRO A 114 -29.15 56.25 -8.57
CA PRO A 114 -28.40 55.16 -7.91
C PRO A 114 -29.30 54.25 -7.10
N GLY A 115 -30.40 54.77 -6.55
CA GLY A 115 -31.33 53.93 -5.82
C GLY A 115 -32.19 53.05 -6.69
N LEU A 116 -32.32 53.40 -7.98
CA LEU A 116 -33.00 52.54 -8.93
C LEU A 116 -32.11 51.34 -9.20
N GLU A 117 -32.29 50.25 -8.45
CA GLU A 117 -31.27 49.22 -8.48
C GLU A 117 -31.41 48.26 -9.65
N THR A 118 -32.39 47.35 -9.58
CA THR A 118 -32.59 46.42 -10.68
C THR A 118 -34.04 46.36 -11.16
N ALA A 119 -34.96 46.15 -10.21
CA ALA A 119 -36.21 45.48 -10.51
C ALA A 119 -37.40 46.39 -10.68
N VAL A 120 -37.27 47.68 -10.37
CA VAL A 120 -38.40 48.60 -10.45
C VAL A 120 -38.84 48.79 -11.89
N VAL A 121 -37.89 48.70 -12.83
CA VAL A 121 -38.22 48.64 -14.25
C VAL A 121 -38.46 47.20 -14.71
N PHE A 122 -38.18 46.20 -13.87
CA PHE A 122 -38.24 44.80 -14.24
C PHE A 122 -39.44 44.06 -13.66
N GLN A 123 -40.16 44.67 -12.71
CA GLN A 123 -41.22 43.97 -11.97
C GLN A 123 -42.45 43.82 -12.87
N GLU A 124 -43.56 43.30 -12.31
CA GLU A 124 -44.81 43.12 -13.04
C GLU A 124 -45.39 44.45 -13.50
N LYS A 125 -45.09 45.55 -12.78
CA LYS A 125 -45.28 46.89 -13.30
C LYS A 125 -44.20 47.14 -14.34
N GLU A 126 -44.44 46.65 -15.55
CA GLU A 126 -43.46 46.67 -16.63
C GLU A 126 -43.93 47.50 -17.81
N GLY A 127 -45.11 48.10 -17.73
CA GLY A 127 -45.59 48.99 -18.77
C GLY A 127 -44.74 50.23 -18.94
N ILE A 128 -44.02 50.65 -17.89
CA ILE A 128 -43.12 51.79 -17.95
C ILE A 128 -41.95 51.52 -18.91
N VAL A 129 -41.65 50.25 -19.19
CA VAL A 129 -40.74 49.95 -20.28
C VAL A 129 -41.36 50.33 -21.61
N GLU A 130 -42.61 49.93 -21.84
CA GLU A 130 -43.30 50.34 -23.07
C GLU A 130 -43.73 51.80 -23.03
N ASN A 131 -44.03 52.33 -21.84
CA ASN A 131 -44.53 53.71 -21.76
C ASN A 131 -43.45 54.72 -22.07
N LEU A 132 -42.19 54.37 -21.83
CA LEU A 132 -41.10 55.27 -22.17
C LEU A 132 -40.84 55.34 -23.66
N PHE A 133 -41.29 54.35 -24.43
CA PHE A 133 -41.35 54.52 -25.88
C PHE A 133 -42.37 55.59 -26.24
N LYS A 134 -43.52 55.59 -25.57
CA LYS A 134 -44.47 56.68 -25.71
C LYS A 134 -43.93 57.95 -25.06
N TRP A 135 -43.17 57.82 -23.98
CA TRP A 135 -42.59 58.97 -23.31
C TRP A 135 -41.25 59.37 -23.89
N ALA A 136 -40.90 58.89 -25.08
CA ALA A 136 -39.83 59.47 -25.87
C ALA A 136 -40.30 59.93 -27.24
N ARG A 137 -41.07 59.09 -27.93
CA ARG A 137 -41.53 59.44 -29.27
C ARG A 137 -42.64 60.47 -29.25
N GLU A 138 -43.34 60.63 -28.13
CA GLU A 138 -44.49 61.53 -28.07
C GLU A 138 -44.45 62.49 -26.90
N ALA A 139 -43.44 62.44 -26.05
CA ALA A 139 -43.41 63.27 -24.85
C ALA A 139 -43.06 64.71 -25.19
N ASP A 140 -43.20 65.57 -24.18
CA ASP A 140 -42.82 66.96 -24.31
C ASP A 140 -41.31 67.08 -24.23
N GLN A 141 -40.76 68.13 -24.82
CA GLN A 141 -39.33 68.32 -24.88
C GLN A 141 -38.71 68.60 -23.51
N PRO A 142 -39.31 69.38 -22.59
CA PRO A 142 -38.82 69.34 -21.20
C PRO A 142 -39.11 68.03 -20.50
N LEU A 143 -40.12 67.27 -20.95
CA LEU A 143 -40.29 65.94 -20.39
C LEU A 143 -39.25 64.98 -20.96
N ARG A 144 -38.98 65.08 -22.28
CA ARG A 144 -37.93 64.31 -22.94
C ARG A 144 -36.54 64.69 -22.44
N THR A 145 -36.40 65.90 -21.86
CA THR A 145 -35.15 66.35 -21.27
C THR A 145 -34.66 65.40 -20.18
N TYR A 146 -35.56 64.89 -19.35
CA TYR A 146 -35.18 63.88 -18.36
C TYR A 146 -35.75 62.50 -18.67
N SER A 147 -36.47 62.31 -19.77
CA SER A 147 -37.09 61.02 -20.04
C SER A 147 -36.11 59.97 -20.52
N THR A 148 -34.91 60.35 -20.92
CA THR A 148 -34.07 59.44 -21.67
C THR A 148 -33.43 58.40 -20.75
N GLY A 149 -32.85 58.85 -19.65
CA GLY A 149 -32.16 57.96 -18.75
C GLY A 149 -33.05 57.07 -17.92
N LEU A 150 -34.37 57.25 -18.00
CA LEU A 150 -35.30 56.47 -17.20
C LEU A 150 -35.32 55.00 -17.57
N LEU A 151 -34.92 54.65 -18.80
CA LEU A 151 -34.68 53.28 -19.19
C LEU A 151 -33.25 52.83 -18.91
N GLY A 152 -32.51 53.59 -18.11
CA GLY A 152 -31.12 53.24 -17.85
C GLY A 152 -31.00 51.95 -17.05
N GLY A 153 -31.84 51.81 -16.02
CA GLY A 153 -31.88 50.56 -15.27
C GLY A 153 -32.41 49.39 -16.07
N ALA A 154 -33.18 49.66 -17.13
CA ALA A 154 -33.59 48.59 -18.03
C ALA A 154 -32.42 48.16 -18.90
N MET A 155 -31.60 49.11 -19.35
CA MET A 155 -30.47 48.78 -20.20
C MET A 155 -29.25 48.29 -19.43
N GLU A 156 -29.12 48.68 -18.15
CA GLU A 156 -28.13 48.04 -17.29
C GLU A 156 -28.50 46.58 -17.04
N ASN A 157 -29.79 46.26 -17.08
CA ASN A 157 -30.24 44.89 -17.00
C ASN A 157 -29.96 44.18 -18.31
N GLN A 158 -29.56 42.91 -18.21
CA GLN A 158 -29.38 42.10 -19.40
C GLN A 158 -30.69 41.48 -19.86
N ASP A 159 -31.65 41.32 -18.96
CA ASP A 159 -32.89 40.61 -19.30
C ASP A 159 -33.83 41.47 -20.14
N ILE A 160 -33.99 42.74 -19.78
CA ILE A 160 -34.77 43.66 -20.59
C ILE A 160 -34.04 43.94 -21.90
N ALA A 161 -32.71 43.95 -21.86
CA ALA A 161 -31.92 44.01 -23.08
C ALA A 161 -32.06 42.74 -23.91
N ALA A 162 -32.46 41.62 -23.30
CA ALA A 162 -32.84 40.42 -24.03
C ALA A 162 -34.32 40.36 -24.35
N ASN A 163 -35.18 40.89 -23.47
CA ASN A 163 -36.60 40.92 -23.75
C ASN A 163 -36.97 41.98 -24.78
N TYR A 164 -36.11 42.97 -24.99
CA TYR A 164 -36.34 44.03 -25.95
C TYR A 164 -35.09 44.28 -26.76
N ARG A 165 -34.49 43.20 -27.25
CA ARG A 165 -33.30 43.29 -28.10
C ARG A 165 -33.62 43.87 -29.47
N ASP A 166 -34.87 43.78 -29.91
CA ASP A 166 -35.30 44.37 -31.17
C ASP A 166 -36.21 45.57 -30.99
N GLU A 167 -36.96 45.63 -29.89
CA GLU A 167 -37.84 46.77 -29.67
C GLU A 167 -37.09 48.00 -29.24
N ASN A 168 -35.92 47.84 -28.62
CA ASN A 168 -35.07 48.99 -28.35
C ASN A 168 -34.48 49.54 -29.64
N SER A 169 -34.30 48.67 -30.65
CA SER A 169 -33.73 49.10 -31.92
C SER A 169 -34.65 50.03 -32.67
N GLN A 170 -35.94 50.04 -32.34
CA GLN A 170 -36.78 51.16 -32.73
C GLN A 170 -36.26 52.45 -32.10
N LEU A 171 -36.11 52.44 -30.76
CA LEU A 171 -35.86 53.67 -30.00
C LEU A 171 -34.46 54.21 -30.25
N VAL A 172 -33.50 53.35 -30.59
CA VAL A 172 -32.16 53.80 -30.92
C VAL A 172 -32.18 54.62 -32.20
N ALA A 173 -33.05 54.27 -33.15
CA ALA A 173 -33.20 55.08 -34.35
C ALA A 173 -33.81 56.45 -34.04
N ILE A 174 -34.69 56.53 -33.03
CA ILE A 174 -35.22 57.83 -32.62
C ILE A 174 -34.15 58.67 -31.94
N VAL A 175 -33.45 58.09 -30.97
CA VAL A 175 -32.57 58.91 -30.14
C VAL A 175 -31.27 59.28 -30.85
N LEU A 176 -30.89 58.57 -31.90
CA LEU A 176 -29.68 58.95 -32.61
C LEU A 176 -29.90 60.13 -33.52
N ARG A 177 -31.08 60.20 -34.16
CA ARG A 177 -31.37 61.33 -35.03
C ARG A 177 -31.49 62.62 -34.25
N ARG A 178 -32.10 62.55 -33.07
CA ARG A 178 -32.16 63.72 -32.19
C ARG A 178 -30.77 64.08 -31.68
N LEU A 179 -29.91 63.08 -31.47
CA LEU A 179 -28.55 63.32 -31.01
C LEU A 179 -27.74 64.08 -32.04
N ARG A 180 -27.98 63.81 -33.32
CA ARG A 180 -27.22 64.48 -34.38
C ARG A 180 -27.55 65.96 -34.46
N GLU A 181 -28.80 66.33 -34.15
CA GLU A 181 -29.23 67.71 -34.31
C GLU A 181 -28.56 68.66 -33.33
N LEU A 182 -28.04 68.14 -32.22
CA LEU A 182 -27.41 68.99 -31.21
C LEU A 182 -26.14 69.63 -31.73
N GLN A 183 -25.38 68.90 -32.55
CA GLN A 183 -24.23 69.48 -33.20
C GLN A 183 -24.64 70.50 -34.24
N LEU A 184 -25.80 70.33 -34.84
CA LEU A 184 -26.38 71.40 -35.64
C LEU A 184 -27.01 72.47 -34.78
N GLN A 185 -27.37 72.14 -33.53
CA GLN A 185 -27.86 73.17 -32.62
C GLN A 185 -26.72 73.89 -31.92
N GLU A 186 -25.95 73.16 -31.12
CA GLU A 186 -25.05 73.80 -30.14
C GLU A 186 -23.83 74.43 -30.80
N VAL A 187 -23.24 73.75 -31.77
CA VAL A 187 -22.03 74.27 -32.42
C VAL A 187 -22.37 75.48 -33.28
N ALA A 188 -23.50 75.44 -33.98
CA ALA A 188 -23.94 76.58 -34.78
C ALA A 188 -24.31 77.77 -33.90
N LEU A 189 -24.80 77.53 -32.69
CA LEU A 189 -24.94 78.61 -31.73
C LEU A 189 -23.59 79.17 -31.33
N ARG A 190 -22.59 78.29 -31.14
CA ARG A 190 -21.24 78.75 -30.92
C ARG A 190 -20.62 79.30 -32.19
N GLN A 191 -21.11 78.87 -33.36
CA GLN A 191 -20.71 79.46 -34.65
C GLN A 191 -21.54 80.72 -34.95
N GLU A 192 -21.42 81.70 -34.06
CA GLU A 192 -22.04 83.01 -34.22
C GLU A 192 -21.10 84.16 -33.90
N ASN A 193 -19.95 83.90 -33.28
CA ASN A 193 -19.00 84.94 -32.89
C ASN A 193 -17.59 84.53 -33.29
N LYS A 194 -17.44 84.02 -34.51
CA LYS A 194 -16.14 83.59 -35.01
C LYS A 194 -15.84 84.21 -36.37
N PRO A 323 -28.86 72.54 -21.76
CA PRO A 323 -29.32 72.21 -23.11
C PRO A 323 -28.66 70.96 -23.67
N ALA A 324 -27.34 70.87 -23.53
CA ALA A 324 -26.61 69.64 -23.81
C ALA A 324 -26.64 68.68 -22.64
N ILE A 325 -27.27 69.07 -21.53
CA ILE A 325 -27.50 68.13 -20.45
C ILE A 325 -28.50 67.07 -20.87
N GLU A 326 -29.35 67.38 -21.85
CA GLU A 326 -30.08 66.34 -22.57
C GLU A 326 -29.09 65.42 -23.27
N GLN A 327 -28.22 66.01 -24.10
CA GLN A 327 -27.19 65.27 -24.83
C GLN A 327 -26.25 64.55 -23.89
N ARG A 328 -26.00 65.12 -22.71
CA ARG A 328 -25.36 64.37 -21.64
C ARG A 328 -26.17 63.13 -21.28
N LEU A 329 -27.44 63.32 -20.98
CA LEU A 329 -28.26 62.21 -20.55
C LEU A 329 -28.76 61.35 -21.71
N ILE A 330 -28.71 61.84 -22.95
CA ILE A 330 -29.06 60.98 -24.09
C ILE A 330 -28.00 59.90 -24.24
N LEU A 331 -26.72 60.28 -24.18
CA LEU A 331 -25.63 59.32 -24.24
C LEU A 331 -25.60 58.39 -23.04
N GLN A 332 -26.24 58.78 -21.93
CA GLN A 332 -26.34 57.89 -20.78
C GLN A 332 -27.26 56.72 -21.08
N TYR A 333 -28.24 56.91 -21.98
CA TYR A 333 -29.06 55.79 -22.40
C TYR A 333 -28.24 54.79 -23.22
N LEU A 334 -27.51 55.30 -24.22
CA LEU A 334 -26.90 54.45 -25.22
C LEU A 334 -25.70 53.66 -24.70
N THR A 335 -25.19 54.02 -23.53
CA THR A 335 -23.95 53.44 -23.04
C THR A 335 -24.04 51.96 -22.67
N PRO A 336 -25.06 51.46 -21.95
CA PRO A 336 -25.09 50.01 -21.73
C PRO A 336 -25.44 49.19 -22.96
N LEU A 337 -26.43 49.61 -23.75
CA LEU A 337 -26.86 48.76 -24.84
C LEU A 337 -26.06 48.96 -26.11
N GLY A 338 -25.07 49.85 -26.09
CA GLY A 338 -24.16 49.96 -27.22
C GLY A 338 -23.19 48.80 -27.36
N GLU A 339 -22.98 48.06 -26.27
CA GLU A 339 -22.09 46.91 -26.30
C GLU A 339 -22.73 45.70 -26.98
N TYR A 340 -24.06 45.58 -26.93
CA TYR A 340 -24.72 44.37 -27.39
C TYR A 340 -24.67 44.25 -28.91
N GLN A 341 -24.99 43.05 -29.38
CA GLN A 341 -25.00 42.76 -30.80
C GLN A 341 -26.26 43.34 -31.44
N GLU A 342 -26.26 43.31 -32.78
CA GLU A 342 -27.39 43.64 -33.64
C GLU A 342 -27.88 45.07 -33.48
N LEU A 343 -27.03 45.95 -32.94
CA LEU A 343 -27.38 47.35 -32.80
C LEU A 343 -26.23 48.15 -33.41
N LEU A 344 -25.06 47.53 -33.39
CA LEU A 344 -23.95 47.93 -34.24
C LEU A 344 -24.28 48.15 -35.72
N PRO A 345 -25.18 47.39 -36.39
CA PRO A 345 -25.52 47.76 -37.78
C PRO A 345 -26.12 49.15 -37.95
N ILE A 346 -27.10 49.53 -37.13
CA ILE A 346 -27.61 50.90 -37.27
C ILE A 346 -26.67 51.90 -36.63
N PHE A 347 -25.78 51.45 -35.74
CA PHE A 347 -24.70 52.31 -35.27
C PHE A 347 -23.76 52.65 -36.40
N MET A 348 -23.39 51.66 -37.21
CA MET A 348 -22.56 51.95 -38.35
C MET A 348 -23.35 52.54 -39.51
N GLN A 349 -24.68 52.41 -39.49
CA GLN A 349 -25.48 53.04 -40.53
C GLN A 349 -25.67 54.52 -40.26
N LEU A 350 -26.03 54.86 -39.02
CA LEU A 350 -26.39 56.23 -38.70
C LEU A 350 -25.20 57.07 -38.28
N GLY A 351 -23.98 56.61 -38.54
CA GLY A 351 -22.79 57.39 -38.25
C GLY A 351 -22.48 57.56 -36.78
N SER A 352 -22.72 56.52 -35.97
CA SER A 352 -22.40 56.59 -34.54
C SER A 352 -20.90 56.64 -34.31
N ARG A 353 -20.10 56.17 -35.26
CA ARG A 353 -18.68 56.43 -35.24
C ARG A 353 -18.41 57.93 -35.30
N GLU A 354 -18.98 58.60 -36.29
CA GLU A 354 -18.68 60.01 -36.53
C GLU A 354 -19.25 60.91 -35.45
N LEU A 355 -20.38 60.53 -34.85
CA LEU A 355 -20.95 61.34 -33.79
C LEU A 355 -20.12 61.20 -32.52
N MET A 356 -19.64 59.99 -32.22
CA MET A 356 -18.77 59.82 -31.07
C MET A 356 -17.38 60.34 -31.33
N MET A 357 -16.99 60.54 -32.59
CA MET A 357 -15.81 61.34 -32.89
C MET A 357 -16.00 62.76 -32.42
N PHE A 358 -17.23 63.28 -32.53
CA PHE A 358 -17.47 64.68 -32.30
C PHE A 358 -17.50 65.02 -30.82
N TYR A 359 -17.91 64.07 -30.00
CA TYR A 359 -18.34 64.39 -28.66
C TYR A 359 -17.20 64.38 -27.67
N ILE A 360 -16.03 64.02 -28.12
CA ILE A 360 -14.83 64.10 -27.31
C ILE A 360 -14.24 65.46 -27.59
N ASP A 361 -13.43 65.97 -26.66
CA ASP A 361 -12.97 67.35 -26.72
C ASP A 361 -11.94 67.54 -27.83
N LEU A 362 -12.20 68.52 -28.71
CA LEU A 362 -11.27 68.91 -29.78
C LEU A 362 -11.09 70.42 -29.67
N LYS A 363 -10.13 70.84 -28.83
CA LYS A 363 -9.77 72.24 -28.58
C LYS A 363 -11.02 73.03 -28.15
N GLN A 364 -11.80 72.43 -27.25
CA GLN A 364 -13.15 72.88 -27.00
C GLN A 364 -13.33 73.17 -25.51
N THR A 365 -14.24 74.10 -25.21
CA THR A 365 -14.57 74.43 -23.82
C THR A 365 -15.89 73.74 -23.49
N ASN A 366 -15.81 72.45 -23.24
CA ASN A 366 -16.94 71.69 -22.71
C ASN A 366 -16.78 71.57 -21.21
N ASP A 367 -17.65 70.75 -20.60
CA ASP A 367 -17.37 70.26 -19.26
C ASP A 367 -16.43 69.06 -19.33
N VAL A 368 -15.88 68.69 -18.18
CA VAL A 368 -15.23 67.40 -18.07
C VAL A 368 -16.29 66.31 -18.05
N LEU A 369 -17.49 66.63 -17.55
CA LEU A 369 -18.43 65.61 -17.13
C LEU A 369 -19.09 64.91 -18.31
N LEU A 370 -19.46 65.64 -19.35
CA LEU A 370 -20.12 65.01 -20.48
C LEU A 370 -19.15 64.13 -21.26
N THR A 371 -17.92 64.60 -21.43
CA THR A 371 -16.91 63.85 -22.14
C THR A 371 -16.59 62.54 -21.43
N PHE A 372 -16.48 62.59 -20.10
CA PHE A 372 -16.27 61.37 -19.34
C PHE A 372 -17.50 60.48 -19.37
N GLU A 373 -18.68 61.05 -19.44
CA GLU A 373 -19.84 60.21 -19.62
C GLU A 373 -20.07 59.85 -21.08
N ALA A 374 -19.23 60.33 -21.99
CA ALA A 374 -19.25 59.89 -23.37
C ALA A 374 -18.19 58.84 -23.67
N LEU A 375 -17.03 58.93 -23.02
CA LEU A 375 -15.97 57.94 -23.25
C LEU A 375 -16.39 56.56 -22.81
N LYS A 376 -17.24 56.47 -21.79
CA LYS A 376 -17.79 55.18 -21.40
C LYS A 376 -18.68 54.62 -22.49
N HIS A 377 -19.39 55.48 -23.21
CA HIS A 377 -20.12 55.03 -24.39
C HIS A 377 -19.18 54.64 -25.50
N LEU A 378 -18.06 55.35 -25.62
CA LEU A 378 -17.09 55.04 -26.66
C LEU A 378 -16.43 53.70 -26.41
N ALA A 379 -16.19 53.36 -25.14
CA ALA A 379 -15.52 52.12 -24.82
C ALA A 379 -16.40 50.91 -25.08
N SER A 380 -17.72 51.04 -24.88
CA SER A 380 -18.61 49.92 -25.11
C SER A 380 -18.74 49.61 -26.59
N LEU A 381 -18.64 50.63 -27.45
CA LEU A 381 -18.63 50.39 -28.88
C LEU A 381 -17.30 49.83 -29.35
N LEU A 382 -16.22 50.11 -28.62
CA LEU A 382 -14.89 49.65 -29.05
C LEU A 382 -14.67 48.16 -28.85
N LEU A 383 -15.61 47.45 -28.23
CA LEU A 383 -15.46 46.01 -28.12
C LEU A 383 -15.61 45.33 -29.48
N HIS A 384 -16.44 45.90 -30.36
CA HIS A 384 -16.54 45.40 -31.72
C HIS A 384 -15.36 45.89 -32.53
N ASN A 385 -14.65 44.94 -33.17
CA ASN A 385 -13.47 45.28 -33.96
C ASN A 385 -13.82 46.12 -35.18
N LYS A 386 -14.99 45.86 -35.76
CA LYS A 386 -15.43 46.57 -36.96
C LYS A 386 -15.61 48.05 -36.67
N PHE A 387 -16.12 48.38 -35.49
CA PHE A 387 -16.07 49.76 -35.02
C PHE A 387 -14.64 50.17 -34.70
N ALA A 388 -13.89 49.27 -34.08
CA ALA A 388 -12.60 49.65 -33.50
C ALA A 388 -11.54 49.82 -34.57
N THR A 389 -11.69 49.13 -35.70
CA THR A 389 -10.69 49.26 -36.76
C THR A 389 -10.78 50.63 -37.42
N GLU A 390 -11.99 51.04 -37.77
CA GLU A 390 -12.17 52.31 -38.43
C GLU A 390 -12.03 53.48 -37.47
N PHE A 391 -12.15 53.23 -36.17
CA PHE A 391 -11.80 54.27 -35.22
C PHE A 391 -10.30 54.56 -35.24
N VAL A 392 -9.48 53.51 -35.35
CA VAL A 392 -8.06 53.71 -35.51
C VAL A 392 -7.76 54.23 -36.92
N ALA A 393 -8.53 53.78 -37.91
CA ALA A 393 -8.22 54.10 -39.31
C ALA A 393 -8.46 55.57 -39.62
N HIS A 394 -9.44 56.20 -38.98
CA HIS A 394 -9.58 57.64 -39.09
C HIS A 394 -8.72 58.38 -38.08
N GLY A 395 -7.96 57.66 -37.27
CA GLY A 395 -7.06 58.30 -36.35
C GLY A 395 -7.72 58.76 -35.07
N GLY A 396 -8.56 57.91 -34.50
CA GLY A 396 -9.22 58.28 -33.26
C GLY A 396 -8.34 58.23 -32.04
N VAL A 397 -7.21 57.53 -32.12
CA VAL A 397 -6.33 57.39 -30.97
C VAL A 397 -5.60 58.70 -30.70
N GLN A 398 -5.11 59.36 -31.76
CA GLN A 398 -4.45 60.64 -31.61
C GLN A 398 -5.44 61.71 -31.16
N LYS A 399 -6.69 61.59 -31.59
CA LYS A 399 -7.77 62.38 -31.01
C LYS A 399 -7.91 62.08 -29.53
N LEU A 400 -7.91 60.80 -29.17
CA LEU A 400 -8.06 60.40 -27.77
C LEU A 400 -6.85 60.78 -26.94
N LEU A 401 -5.68 60.88 -27.57
CA LEU A 401 -4.46 61.30 -26.87
C LEU A 401 -4.26 62.81 -26.99
N GLU A 402 -5.27 63.56 -26.54
CA GLU A 402 -5.17 65.00 -26.44
C GLU A 402 -5.70 65.51 -25.10
N ILE A 403 -6.07 64.60 -24.20
CA ILE A 403 -6.74 64.97 -22.96
C ILE A 403 -5.74 65.62 -22.01
N PRO A 404 -6.11 66.70 -21.32
CA PRO A 404 -5.23 67.22 -20.27
C PRO A 404 -5.10 66.24 -19.12
N ARG A 405 -3.90 66.20 -18.53
CA ARG A 405 -3.54 65.04 -17.72
C ARG A 405 -4.22 65.02 -16.35
N PRO A 406 -4.26 66.12 -15.55
CA PRO A 406 -5.11 66.05 -14.35
C PRO A 406 -6.58 66.19 -14.75
N SER A 407 -7.30 65.08 -14.71
CA SER A 407 -8.66 65.06 -15.23
C SER A 407 -9.43 63.89 -14.65
N MET A 408 -10.70 64.12 -14.34
CA MET A 408 -11.57 63.01 -14.04
C MET A 408 -11.96 62.25 -15.29
N ALA A 409 -11.83 62.86 -16.47
CA ALA A 409 -12.10 62.18 -17.73
C ALA A 409 -10.92 61.31 -18.18
N ALA A 410 -9.79 61.36 -17.47
CA ALA A 410 -8.68 60.47 -17.79
C ALA A 410 -9.01 59.02 -17.49
N THR A 411 -9.97 58.76 -16.60
CA THR A 411 -10.35 57.40 -16.25
C THR A 411 -11.02 56.71 -17.43
N GLY A 412 -11.84 57.44 -18.18
CA GLY A 412 -12.44 56.88 -19.37
C GLY A 412 -11.43 56.61 -20.47
N VAL A 413 -10.43 57.48 -20.60
CA VAL A 413 -9.33 57.24 -21.52
C VAL A 413 -8.58 55.99 -21.11
N SER A 414 -8.41 55.79 -19.80
CA SER A 414 -7.84 54.56 -19.28
C SER A 414 -8.75 53.37 -19.49
N MET A 415 -10.05 53.57 -19.63
CA MET A 415 -10.88 52.44 -19.99
C MET A 415 -10.76 52.12 -21.46
N CYS A 416 -10.77 53.16 -22.31
CA CYS A 416 -10.84 52.94 -23.76
C CYS A 416 -9.56 52.30 -24.28
N LEU A 417 -8.41 52.74 -23.77
CA LEU A 417 -7.13 52.16 -24.17
C LEU A 417 -7.04 50.70 -23.78
N TYR A 418 -7.66 50.30 -22.67
CA TYR A 418 -7.68 48.90 -22.32
C TYR A 418 -8.67 48.12 -23.17
N TYR A 419 -9.84 48.69 -23.45
CA TYR A 419 -10.76 48.00 -24.34
C TYR A 419 -10.30 48.03 -25.79
N LEU A 420 -9.43 48.97 -26.15
CA LEU A 420 -8.85 48.97 -27.49
C LEU A 420 -7.92 47.79 -27.68
N SER A 421 -7.15 47.46 -26.66
CA SER A 421 -6.15 46.41 -26.74
C SER A 421 -6.68 45.06 -26.29
N TYR A 422 -7.98 44.95 -26.00
CA TYR A 422 -8.49 43.78 -25.29
C TYR A 422 -8.56 42.57 -26.20
N ASN A 423 -9.38 42.63 -27.23
CA ASN A 423 -9.58 41.48 -28.09
C ASN A 423 -9.12 41.73 -29.52
N GLN A 424 -9.47 42.87 -30.09
CA GLN A 424 -9.06 43.17 -31.45
C GLN A 424 -7.60 43.56 -31.49
N ASP A 425 -6.97 43.27 -32.62
CA ASP A 425 -5.62 43.76 -32.90
C ASP A 425 -5.67 45.07 -33.66
N ALA A 426 -6.43 46.02 -33.13
CA ALA A 426 -6.30 47.38 -33.60
C ALA A 426 -4.95 47.95 -33.20
N MET A 427 -4.42 47.47 -32.06
CA MET A 427 -3.08 47.85 -31.63
C MET A 427 -2.00 47.38 -32.59
N GLU A 428 -2.29 46.37 -33.42
CA GLU A 428 -1.40 46.04 -34.51
C GLU A 428 -1.30 47.20 -35.49
N ARG A 429 -2.40 47.93 -35.69
CA ARG A 429 -2.33 49.13 -36.52
C ARG A 429 -1.72 50.31 -35.79
N VAL A 430 -1.66 50.28 -34.46
CA VAL A 430 -1.11 51.39 -33.68
C VAL A 430 0.41 51.42 -33.77
N CYS A 431 1.03 50.36 -34.29
CA CYS A 431 2.49 50.29 -34.41
C CYS A 431 3.03 51.31 -35.41
N MET A 432 2.60 51.21 -36.66
CA MET A 432 3.18 52.02 -37.73
C MET A 432 2.33 53.28 -37.92
N HIS A 433 2.92 54.44 -37.64
CA HIS A 433 2.24 55.73 -37.60
C HIS A 433 3.24 56.88 -37.76
N PRO A 434 2.79 58.16 -37.80
CA PRO A 434 3.68 59.26 -37.40
C PRO A 434 4.33 58.98 -36.06
N HIS A 435 5.67 58.86 -36.07
CA HIS A 435 6.52 58.13 -35.13
C HIS A 435 6.15 58.21 -33.65
N ASN A 436 5.73 59.38 -33.19
CA ASN A 436 5.48 59.61 -31.78
C ASN A 436 4.10 59.15 -31.30
N VAL A 437 3.41 58.27 -32.03
CA VAL A 437 2.07 57.86 -31.60
C VAL A 437 2.15 56.91 -30.41
N LEU A 438 2.91 55.81 -30.54
CA LEU A 438 3.15 54.95 -29.39
C LEU A 438 3.98 55.67 -28.34
N SER A 439 4.85 56.59 -28.76
CA SER A 439 5.55 57.43 -27.81
C SER A 439 4.61 58.37 -27.07
N ASP A 440 3.43 58.63 -27.63
CA ASP A 440 2.38 59.23 -26.82
C ASP A 440 1.66 58.19 -25.97
N VAL A 441 1.55 56.95 -26.45
CA VAL A 441 0.83 55.93 -25.71
C VAL A 441 1.60 55.53 -24.46
N VAL A 442 2.89 55.26 -24.61
CA VAL A 442 3.73 54.82 -23.49
C VAL A 442 3.92 55.95 -22.48
N ASN A 443 4.06 57.17 -22.97
CA ASN A 443 4.16 58.31 -22.07
C ASN A 443 2.84 58.57 -21.35
N TYR A 444 1.73 58.21 -21.96
CA TYR A 444 0.45 58.43 -21.27
C TYR A 444 0.19 57.35 -20.24
N THR A 445 0.31 56.09 -20.63
CA THR A 445 -0.16 55.01 -19.77
C THR A 445 0.75 54.81 -18.56
N LEU A 446 2.04 55.10 -18.70
CA LEU A 446 2.93 55.03 -17.56
C LEU A 446 2.68 56.14 -16.56
N TRP A 447 2.07 57.26 -16.98
CA TRP A 447 1.73 58.28 -16.00
C TRP A 447 0.51 57.89 -15.19
N LEU A 448 -0.54 57.44 -15.87
CA LEU A 448 -1.80 57.21 -15.19
C LEU A 448 -1.81 55.91 -14.41
N MET A 449 -0.78 55.08 -14.56
CA MET A 449 -0.48 54.06 -13.56
C MET A 449 0.24 54.68 -12.37
N GLU A 450 1.10 55.67 -12.62
CA GLU A 450 1.94 56.22 -11.56
C GLU A 450 1.15 57.13 -10.64
N CYS A 451 0.31 58.00 -11.20
CA CYS A 451 -0.44 58.96 -10.39
C CYS A 451 -1.48 58.27 -9.52
N SER A 452 -1.93 57.10 -9.95
CA SER A 452 -2.71 56.15 -9.14
C SER A 452 -4.04 56.73 -8.67
N HIS A 453 -4.89 57.07 -9.64
CA HIS A 453 -6.30 57.19 -9.34
C HIS A 453 -6.85 55.83 -8.98
N ALA A 454 -7.92 55.83 -8.17
CA ALA A 454 -8.34 54.64 -7.41
C ALA A 454 -8.74 53.46 -8.28
N SER A 455 -9.13 53.69 -9.52
CA SER A 455 -9.21 52.61 -10.50
C SER A 455 -8.33 52.89 -11.71
N GLY A 456 -7.49 53.92 -11.65
CA GLY A 456 -6.55 54.17 -12.73
C GLY A 456 -5.45 53.15 -12.82
N CYS A 457 -5.11 52.54 -11.68
CA CYS A 457 -4.20 51.40 -11.70
C CYS A 457 -4.92 50.11 -12.06
N CYS A 458 -6.25 50.08 -11.98
CA CYS A 458 -6.98 48.85 -12.26
C CYS A 458 -7.05 48.58 -13.75
N HIS A 459 -6.79 49.56 -14.59
CA HIS A 459 -6.80 49.38 -16.05
C HIS A 459 -5.44 49.49 -16.69
N ALA A 460 -4.62 50.46 -16.28
CA ALA A 460 -3.31 50.63 -16.89
C ALA A 460 -2.38 49.47 -16.59
N THR A 461 -2.62 48.75 -15.49
CA THR A 461 -1.87 47.52 -15.24
C THR A 461 -2.38 46.39 -16.12
N MET A 462 -3.69 46.35 -16.35
CA MET A 462 -4.25 45.36 -17.26
C MET A 462 -3.93 45.69 -18.71
N PHE A 463 -3.60 46.95 -19.00
CA PHE A 463 -3.22 47.35 -20.36
C PHE A 463 -1.91 46.71 -20.76
N PHE A 464 -0.88 46.84 -19.93
CA PHE A 464 0.41 46.28 -20.26
C PHE A 464 0.45 44.77 -20.16
N SER A 465 -0.52 44.14 -19.50
CA SER A 465 -0.58 42.69 -19.45
C SER A 465 -0.87 42.08 -20.81
N ILE A 466 -1.50 42.82 -21.71
CA ILE A 466 -1.73 42.36 -23.06
C ILE A 466 -0.74 42.96 -24.04
N CYS A 467 -0.37 44.23 -23.83
CA CYS A 467 0.47 44.93 -24.79
C CYS A 467 1.95 44.63 -24.65
N PHE A 468 2.35 43.75 -23.74
CA PHE A 468 3.75 43.32 -23.71
C PHE A 468 4.07 42.32 -24.80
N SER A 469 3.10 41.88 -25.59
CA SER A 469 3.39 41.03 -26.72
C SER A 469 4.13 41.79 -27.81
N PHE A 470 3.75 43.03 -28.04
CA PHE A 470 4.37 43.84 -29.09
C PHE A 470 5.73 44.32 -28.61
N ARG A 471 6.76 43.99 -29.37
CA ARG A 471 8.12 44.27 -28.95
C ARG A 471 8.46 45.75 -28.98
N ALA A 472 7.73 46.56 -29.75
CA ALA A 472 7.97 47.99 -29.73
C ALA A 472 7.46 48.62 -28.45
N VAL A 473 6.49 48.01 -27.80
CA VAL A 473 6.03 48.48 -26.50
C VAL A 473 7.12 48.31 -25.47
N LEU A 474 7.75 47.13 -25.46
CA LEU A 474 8.78 46.81 -24.49
C LEU A 474 10.03 47.65 -24.69
N GLU A 475 10.34 48.01 -25.94
CA GLU A 475 11.54 48.78 -26.20
C GLU A 475 11.43 50.18 -25.62
N LEU A 476 10.26 50.80 -25.75
CA LEU A 476 10.04 52.11 -25.15
C LEU A 476 9.90 52.04 -23.65
N PHE A 477 9.55 50.86 -23.12
CA PHE A 477 9.34 50.70 -21.68
C PHE A 477 10.64 50.87 -20.93
N ASP A 478 11.70 50.24 -21.40
CA ASP A 478 13.01 50.41 -20.79
C ASP A 478 13.65 51.74 -21.12
N ARG A 479 13.21 52.40 -22.19
CA ARG A 479 13.69 53.75 -22.48
C ARG A 479 13.21 54.76 -21.45
N TYR A 480 12.10 54.48 -20.79
CA TYR A 480 11.67 55.24 -19.64
C TYR A 480 12.00 54.44 -18.38
N ASP A 481 11.52 54.88 -17.23
CA ASP A 481 11.99 54.35 -15.95
C ASP A 481 11.51 52.93 -15.70
N GLY A 482 10.38 52.54 -16.28
CA GLY A 482 9.96 51.16 -16.34
C GLY A 482 9.68 50.49 -15.01
N LEU A 483 10.55 49.56 -14.62
CA LEU A 483 10.39 48.87 -13.36
C LEU A 483 10.71 49.76 -12.17
N ARG A 484 11.47 50.83 -12.37
CA ARG A 484 11.61 51.84 -11.33
C ARG A 484 10.27 52.49 -11.03
N ARG A 485 9.41 52.62 -12.04
CA ARG A 485 8.03 53.02 -11.79
C ARG A 485 7.15 51.84 -11.40
N LEU A 486 7.54 50.62 -11.76
CA LEU A 486 6.60 49.52 -11.55
C LEU A 486 6.85 48.81 -10.24
N VAL A 487 8.11 48.56 -9.87
CA VAL A 487 8.39 47.89 -8.61
C VAL A 487 8.08 48.83 -7.44
N ASN A 488 8.24 50.13 -7.64
CA ASN A 488 7.89 51.13 -6.64
C ASN A 488 6.41 51.10 -6.29
N LEU A 489 5.56 50.61 -7.20
CA LEU A 489 4.16 50.43 -6.86
C LEU A 489 3.98 49.34 -5.82
N ILE A 490 4.79 48.29 -5.86
CA ILE A 490 4.65 47.24 -4.87
C ILE A 490 5.26 47.68 -3.55
N SER A 491 6.41 48.36 -3.60
CA SER A 491 7.07 48.83 -2.39
C SER A 491 6.37 50.01 -1.74
N THR A 492 5.32 50.53 -2.36
CA THR A 492 4.50 51.52 -1.71
C THR A 492 3.44 50.87 -0.82
N LEU A 493 3.07 49.64 -1.13
CA LEU A 493 1.81 49.05 -0.65
C LEU A 493 1.79 48.84 0.86
N GLU A 494 0.64 49.10 1.45
CA GLU A 494 0.48 49.16 2.89
C GLU A 494 0.05 47.84 3.49
N ILE A 495 -0.46 46.91 2.68
CA ILE A 495 -0.62 45.55 3.16
C ILE A 495 0.75 44.92 3.37
N LEU A 496 1.77 45.40 2.65
CA LEU A 496 3.11 44.85 2.71
C LEU A 496 3.99 45.56 3.73
N ASN A 497 3.71 46.82 4.00
CA ASN A 497 4.42 47.56 5.04
C ASN A 497 3.98 47.00 6.39
N LEU A 498 4.81 46.12 6.95
CA LEU A 498 4.52 45.49 8.24
C LEU A 498 4.56 46.50 9.37
N GLU A 499 5.34 47.57 9.21
CA GLU A 499 5.39 48.64 10.19
C GLU A 499 4.14 49.51 10.17
N ASP A 500 3.35 49.44 9.10
CA ASP A 500 2.17 50.28 8.95
C ASP A 500 0.92 49.49 8.61
N GLN A 501 0.96 48.16 8.71
CA GLN A 501 -0.20 47.33 8.39
C GLN A 501 -1.29 47.38 9.46
N GLY A 502 -0.98 47.86 10.65
CA GLY A 502 -1.97 47.93 11.71
C GLY A 502 -2.47 49.34 11.97
N ALA A 503 -2.51 50.17 10.94
CA ALA A 503 -2.97 51.55 11.04
C ALA A 503 -4.31 51.78 10.36
N LEU A 504 -4.42 51.44 9.08
CA LEU A 504 -5.66 51.55 8.33
C LEU A 504 -6.32 50.18 8.27
N LEU A 505 -7.63 50.14 8.54
CA LEU A 505 -8.33 48.87 8.63
C LEU A 505 -9.65 48.84 7.87
N SER A 506 -10.05 49.93 7.22
CA SER A 506 -11.33 49.92 6.53
C SER A 506 -11.21 49.11 5.24
N ASP A 507 -12.37 48.63 4.78
CA ASP A 507 -12.41 47.68 3.67
C ASP A 507 -12.11 48.32 2.33
N ASP A 508 -12.14 49.64 2.23
CA ASP A 508 -11.85 50.29 0.96
C ASP A 508 -10.36 50.27 0.65
N GLU A 509 -9.52 50.47 1.65
CA GLU A 509 -8.07 50.49 1.46
C GLU A 509 -7.44 49.12 1.65
N ILE A 510 -8.25 48.06 1.67
CA ILE A 510 -7.77 46.69 1.80
C ILE A 510 -8.21 45.83 0.63
N PHE A 511 -9.51 45.84 0.32
CA PHE A 511 -10.03 45.08 -0.82
C PHE A 511 -9.49 45.59 -2.14
N ALA A 512 -9.25 46.89 -2.25
CA ALA A 512 -8.58 47.41 -3.43
C ALA A 512 -7.08 47.22 -3.35
N SER A 513 -6.51 47.25 -2.14
CA SER A 513 -5.06 47.14 -2.03
C SER A 513 -4.60 45.70 -2.15
N ARG A 514 -5.44 44.74 -1.76
CA ARG A 514 -5.14 43.35 -2.05
C ARG A 514 -5.52 42.96 -3.47
N GLN A 515 -6.13 43.87 -4.21
CA GLN A 515 -6.32 43.74 -5.65
C GLN A 515 -5.24 44.45 -6.43
N THR A 516 -4.68 45.53 -5.88
CA THR A 516 -3.60 46.25 -6.54
C THR A 516 -2.34 45.41 -6.60
N GLY A 517 -2.07 44.67 -5.52
CA GLY A 517 -0.96 43.75 -5.55
C GLY A 517 -1.19 42.54 -6.44
N LYS A 518 -2.45 42.20 -6.71
CA LYS A 518 -2.73 41.05 -7.56
C LYS A 518 -2.36 41.34 -9.01
N HIS A 519 -2.80 42.48 -9.52
CA HIS A 519 -2.63 42.78 -10.94
C HIS A 519 -1.18 43.10 -11.27
N THR A 520 -0.43 43.62 -10.31
CA THR A 520 0.94 43.99 -10.58
C THR A 520 1.84 42.77 -10.58
N CYS A 521 1.44 41.70 -9.91
CA CYS A 521 2.15 40.44 -10.06
C CYS A 521 1.92 39.83 -11.44
N MET A 522 0.74 40.06 -12.01
CA MET A 522 0.48 39.59 -13.37
C MET A 522 1.18 40.49 -14.39
N ALA A 523 1.41 41.76 -14.04
CA ALA A 523 2.18 42.63 -14.91
C ALA A 523 3.65 42.26 -14.91
N LEU A 524 4.18 41.88 -13.74
CA LEU A 524 5.53 41.37 -13.70
C LEU A 524 5.64 40.00 -14.33
N ARG A 525 4.56 39.22 -14.32
CA ARG A 525 4.57 37.94 -15.00
C ARG A 525 4.69 38.12 -16.50
N LYS A 526 3.78 38.89 -17.09
CA LYS A 526 3.79 39.13 -18.52
C LYS A 526 4.95 40.02 -18.96
N TYR A 527 5.68 40.62 -18.04
CA TYR A 527 6.93 41.28 -18.42
C TYR A 527 8.01 40.24 -18.67
N PHE A 528 8.29 39.41 -17.68
CA PHE A 528 9.38 38.45 -17.80
C PHE A 528 9.02 37.24 -18.63
N GLU A 529 7.74 37.00 -18.90
CA GLU A 529 7.40 36.01 -19.90
C GLU A 529 7.78 36.47 -21.30
N ALA A 530 7.89 37.77 -21.50
CA ALA A 530 8.26 38.31 -22.80
C ALA A 530 9.76 38.39 -22.97
N HIS A 531 10.47 38.89 -21.95
CA HIS A 531 11.91 39.00 -22.04
C HIS A 531 12.61 37.66 -21.98
N LEU A 532 11.94 36.62 -21.50
CA LEU A 532 12.48 35.28 -21.61
C LEU A 532 12.58 34.85 -23.08
N ALA A 533 11.62 35.27 -23.90
CA ALA A 533 11.67 34.98 -25.31
C ALA A 533 12.49 35.99 -26.10
N ILE A 534 12.74 37.18 -25.54
CA ILE A 534 13.61 38.13 -26.21
C ILE A 534 15.06 37.66 -26.14
N LYS A 535 15.51 37.29 -24.95
CA LYS A 535 16.89 36.87 -24.79
C LYS A 535 17.13 35.45 -25.28
N LEU A 536 16.09 34.63 -25.42
CA LEU A 536 16.27 33.33 -26.06
C LEU A 536 16.53 33.49 -27.55
N GLU A 537 15.98 34.53 -28.16
CA GLU A 537 16.36 34.87 -29.53
C GLU A 537 17.79 35.34 -29.61
N GLN A 538 18.29 36.01 -28.57
CA GLN A 538 19.67 36.45 -28.55
C GLN A 538 20.63 35.38 -28.04
N VAL A 539 20.16 34.14 -27.87
CA VAL A 539 21.01 33.00 -27.56
C VAL A 539 20.93 31.95 -28.66
N LYS A 540 19.73 31.63 -29.13
CA LYS A 540 19.56 30.72 -30.26
C LYS A 540 20.09 31.27 -31.57
N GLN A 541 20.39 32.56 -31.66
CA GLN A 541 21.01 33.14 -32.84
C GLN A 541 22.44 33.59 -32.61
N SER A 542 22.82 33.91 -31.38
CA SER A 542 24.18 34.34 -31.12
C SER A 542 25.12 33.17 -30.88
N LEU A 543 24.62 32.06 -30.35
CA LEU A 543 25.44 30.90 -30.03
C LEU A 543 25.38 29.81 -31.09
N GLN A 544 24.20 29.59 -31.68
CA GLN A 544 24.08 28.56 -32.71
C GLN A 544 24.79 28.98 -34.00
N ARG A 545 24.33 30.09 -34.59
CA ARG A 545 24.93 30.74 -35.77
C ARG A 545 24.98 29.78 -36.96
N THR A 546 23.77 29.49 -37.47
CA THR A 546 23.34 28.68 -38.62
C THR A 546 23.37 27.18 -38.24
N GLU A 547 23.99 26.81 -37.13
CA GLU A 547 23.93 25.43 -36.62
C GLU A 547 22.57 25.26 -35.96
N GLY A 548 21.57 24.93 -36.77
CA GLY A 548 20.21 24.81 -36.29
C GLY A 548 19.43 26.11 -36.23
N GLY A 549 19.76 27.08 -37.07
CA GLY A 549 19.06 28.35 -37.06
C GLY A 549 19.14 29.03 -38.41
N ILE A 550 18.19 29.94 -38.64
CA ILE A 550 18.08 30.72 -39.87
C ILE A 550 18.17 32.19 -39.50
N LEU A 551 19.07 32.93 -40.17
CA LEU A 551 19.31 34.33 -39.86
C LEU A 551 18.45 35.19 -40.79
N VAL A 552 17.18 35.31 -40.41
CA VAL A 552 16.23 36.22 -41.06
C VAL A 552 15.55 37.02 -39.96
N HIS A 553 15.78 38.33 -39.94
CA HIS A 553 15.26 39.18 -38.87
C HIS A 553 15.12 40.61 -39.38
N PRO A 554 13.96 40.95 -39.97
CA PRO A 554 13.74 42.33 -40.43
C PRO A 554 13.10 43.22 -39.37
N GLN A 555 13.09 42.74 -38.11
CA GLN A 555 12.46 43.34 -36.94
C GLN A 555 10.98 43.67 -37.14
N PRO A 556 10.08 42.68 -37.18
CA PRO A 556 8.64 43.02 -37.28
C PRO A 556 8.01 43.13 -35.91
N PRO A 557 6.90 43.86 -35.78
CA PRO A 557 6.09 43.75 -34.56
C PRO A 557 5.34 42.44 -34.54
N TYR A 558 5.79 41.50 -33.71
CA TYR A 558 5.23 40.15 -33.71
C TYR A 558 4.96 39.69 -32.29
N LYS A 559 3.86 38.97 -32.11
CA LYS A 559 3.46 38.44 -30.81
C LYS A 559 4.20 37.13 -30.57
N ALA A 560 5.24 37.17 -29.76
CA ALA A 560 6.10 36.01 -29.54
C ALA A 560 6.42 35.83 -28.05
N CYS A 561 5.40 35.88 -27.21
CA CYS A 561 5.55 35.58 -25.79
C CYS A 561 5.35 34.11 -25.48
N SER A 562 4.99 33.31 -26.49
CA SER A 562 4.88 31.85 -26.53
C SER A 562 3.67 31.31 -25.77
N TYR A 563 3.01 32.14 -24.96
CA TYR A 563 1.62 32.05 -24.55
C TYR A 563 1.24 30.75 -23.82
N THR A 564 2.19 29.91 -23.42
CA THR A 564 1.82 28.64 -22.80
C THR A 564 2.78 28.36 -21.65
N HIS A 565 2.36 28.72 -20.43
CA HIS A 565 3.11 28.38 -19.24
C HIS A 565 3.04 26.90 -18.93
N GLU A 566 2.01 26.21 -19.42
CA GLU A 566 1.89 24.78 -19.17
C GLU A 566 2.94 23.99 -19.94
N GLN A 567 3.28 24.43 -21.15
CA GLN A 567 4.23 23.68 -21.97
C GLN A 567 5.51 24.45 -22.26
N ILE A 568 5.42 25.63 -22.88
CA ILE A 568 6.56 26.18 -23.59
C ILE A 568 7.20 27.37 -22.87
N VAL A 569 6.48 28.06 -22.00
CA VAL A 569 7.17 28.98 -21.10
C VAL A 569 7.92 28.16 -20.05
N GLU A 570 7.39 26.98 -19.72
CA GLU A 570 8.16 26.00 -18.97
C GLU A 570 9.37 25.52 -19.74
N MET A 571 9.20 25.29 -21.05
CA MET A 571 10.28 24.70 -21.84
C MET A 571 11.41 25.68 -22.07
N MET A 572 11.10 26.98 -22.15
CA MET A 572 12.16 27.97 -22.36
C MET A 572 13.05 28.09 -21.13
N GLU A 573 12.52 27.79 -19.95
CA GLU A 573 13.34 27.79 -18.75
C GLU A 573 14.33 26.63 -18.74
N PHE A 574 14.03 25.55 -19.44
CA PHE A 574 14.96 24.43 -19.51
C PHE A 574 16.05 24.69 -20.55
N LEU A 575 15.66 25.16 -21.74
CA LEU A 575 16.58 25.32 -22.84
C LEU A 575 17.54 26.48 -22.65
N ILE A 576 17.30 27.35 -21.66
CA ILE A 576 18.24 28.41 -21.37
C ILE A 576 19.46 27.91 -20.61
N GLU A 577 19.43 26.65 -20.14
CA GLU A 577 20.55 26.09 -19.41
C GLU A 577 21.71 25.66 -20.31
N TYR A 578 21.59 25.83 -21.63
CA TYR A 578 22.73 25.84 -22.52
C TYR A 578 23.26 27.25 -22.74
N GLY A 579 23.02 28.15 -21.80
CA GLY A 579 23.32 29.55 -21.98
C GLY A 579 24.80 29.87 -21.86
N PRO A 580 25.11 31.14 -21.66
CA PRO A 580 26.51 31.56 -21.63
C PRO A 580 27.21 31.24 -20.32
N ALA A 581 26.45 30.91 -19.27
CA ALA A 581 26.87 30.71 -17.87
C ALA A 581 27.43 31.97 -17.22
N GLN A 582 27.42 33.10 -17.92
CA GLN A 582 27.74 34.42 -17.39
C GLN A 582 26.67 35.38 -17.86
N LEU A 583 25.41 34.98 -17.67
CA LEU A 583 24.27 35.67 -18.24
C LEU A 583 24.09 37.06 -17.63
N TYR A 584 23.72 38.02 -18.47
CA TYR A 584 23.69 39.43 -18.09
C TYR A 584 22.47 40.08 -18.74
N TRP A 585 21.34 40.07 -18.04
CA TRP A 585 20.16 40.79 -18.48
C TRP A 585 20.15 42.19 -17.90
N GLU A 586 19.67 43.14 -18.70
CA GLU A 586 19.08 44.32 -18.10
C GLU A 586 17.81 44.02 -17.30
N PRO A 587 16.91 43.10 -17.70
CA PRO A 587 15.82 42.73 -16.76
C PRO A 587 16.24 42.02 -15.50
N ALA A 588 17.50 41.62 -15.34
CA ALA A 588 17.95 41.04 -14.08
C ALA A 588 18.65 42.06 -13.20
N GLU A 589 19.62 42.79 -13.77
CA GLU A 589 20.43 43.70 -12.98
C GLU A 589 19.63 44.90 -12.50
N VAL A 590 18.61 45.32 -13.26
CA VAL A 590 17.72 46.36 -12.76
C VAL A 590 16.88 45.82 -11.61
N PHE A 591 16.55 44.53 -11.65
CA PHE A 591 15.74 43.94 -10.60
C PHE A 591 16.54 43.78 -9.30
N LEU A 592 17.75 43.24 -9.40
CA LEU A 592 18.50 42.91 -8.21
C LEU A 592 19.23 44.09 -7.60
N LYS A 593 19.52 45.14 -8.37
CA LYS A 593 20.00 46.35 -7.74
C LYS A 593 18.90 47.02 -6.95
N LEU A 594 17.65 46.84 -7.36
CA LEU A 594 16.54 47.21 -6.50
C LEU A 594 16.38 46.23 -5.34
N SER A 595 16.81 44.98 -5.54
CA SER A 595 16.82 43.91 -4.54
C SER A 595 15.42 43.68 -3.98
N CYS A 596 14.50 43.35 -4.88
CA CYS A 596 13.12 43.16 -4.49
C CYS A 596 12.65 41.74 -4.75
N VAL A 597 13.58 40.80 -4.91
CA VAL A 597 13.21 39.41 -4.73
C VAL A 597 12.90 39.17 -3.26
N GLN A 598 13.54 39.93 -2.36
CA GLN A 598 13.17 39.92 -0.96
C GLN A 598 11.76 40.44 -0.77
N LEU A 599 11.40 41.47 -1.55
CA LEU A 599 10.02 41.96 -1.58
C LEU A 599 9.08 40.85 -2.04
N LEU A 600 9.42 40.20 -3.16
CA LEU A 600 8.63 39.08 -3.66
C LEU A 600 8.60 37.91 -2.68
N LEU A 601 9.64 37.74 -1.87
CA LEU A 601 9.55 36.78 -0.80
C LEU A 601 8.57 37.24 0.27
N GLN A 602 8.57 38.54 0.59
CA GLN A 602 7.64 39.05 1.58
C GLN A 602 6.21 39.03 1.05
N LEU A 603 6.03 39.13 -0.26
CA LEU A 603 4.69 39.00 -0.83
C LEU A 603 4.13 37.60 -0.62
N ILE A 604 4.99 36.58 -0.68
CA ILE A 604 4.52 35.24 -0.44
C ILE A 604 4.12 35.08 1.01
N SER A 605 4.96 35.57 1.93
CA SER A 605 4.77 35.30 3.35
C SER A 605 3.55 36.00 3.91
N ILE A 606 3.32 37.24 3.48
CA ILE A 606 2.17 37.98 3.96
C ILE A 606 0.88 37.40 3.39
N ALA A 607 0.93 36.93 2.16
CA ALA A 607 -0.26 36.33 1.56
C ALA A 607 -0.47 34.89 1.97
N CYS A 608 0.36 34.33 2.86
CA CYS A 608 0.14 32.98 3.34
C CYS A 608 -1.16 32.88 4.14
N ASN A 609 -1.48 33.90 4.93
CA ASN A 609 -2.62 33.84 5.83
C ASN A 609 -3.41 35.14 5.73
N TRP A 610 -4.38 35.15 4.80
CA TRP A 610 -5.49 36.08 4.79
C TRP A 610 -6.80 35.39 5.08
N LYS A 611 -7.00 34.19 4.49
CA LYS A 611 -8.11 33.28 4.76
C LYS A 611 -9.46 33.90 4.48
N THR A 612 -9.50 34.87 3.57
CA THR A 612 -10.70 35.67 3.35
C THR A 612 -11.02 35.92 1.88
N TYR A 613 -10.34 35.22 0.97
CA TYR A 613 -10.69 35.15 -0.46
C TYR A 613 -10.59 36.50 -1.16
N TYR A 614 -9.49 37.20 -0.94
CA TYR A 614 -9.17 38.40 -1.72
C TYR A 614 -8.37 38.04 -2.96
N ALA A 615 -8.84 37.01 -3.68
CA ALA A 615 -8.14 36.32 -4.76
C ALA A 615 -6.69 36.02 -4.40
N ARG A 616 -6.45 35.59 -3.16
CA ARG A 616 -5.10 35.36 -2.69
C ARG A 616 -4.49 34.10 -3.27
N ASN A 617 -5.33 33.21 -3.80
CA ASN A 617 -4.82 32.06 -4.55
C ASN A 617 -4.05 32.52 -5.77
N ASP A 618 -4.60 33.47 -6.51
CA ASP A 618 -3.91 33.99 -7.69
C ASP A 618 -2.72 34.85 -7.31
N THR A 619 -2.83 35.59 -6.20
CA THR A 619 -1.84 36.59 -5.85
C THR A 619 -0.49 35.96 -5.55
N VAL A 620 -0.50 34.74 -5.02
CA VAL A 620 0.74 34.01 -4.84
C VAL A 620 1.09 33.19 -6.08
N ARG A 621 0.09 32.78 -6.88
CA ARG A 621 0.36 32.01 -8.07
C ARG A 621 1.05 32.85 -9.14
N PHE A 622 0.66 34.12 -9.25
CA PHE A 622 1.41 35.01 -10.11
C PHE A 622 2.74 35.38 -9.49
N ALA A 623 2.81 35.41 -8.16
CA ALA A 623 4.06 35.81 -7.51
C ALA A 623 5.13 34.75 -7.63
N LEU A 624 4.74 33.47 -7.64
CA LEU A 624 5.73 32.42 -7.83
C LEU A 624 6.19 32.35 -9.27
N ASP A 625 5.35 32.77 -10.21
CA ASP A 625 5.74 32.73 -11.61
C ASP A 625 6.74 33.82 -11.94
N VAL A 626 6.70 34.94 -11.21
CA VAL A 626 7.71 35.97 -11.40
C VAL A 626 9.05 35.48 -10.87
N LEU A 627 9.03 34.62 -9.84
CA LEU A 627 10.28 34.09 -9.31
C LEU A 627 10.92 33.12 -10.29
N ALA A 628 10.14 32.17 -10.80
CA ALA A 628 10.71 31.05 -11.55
C ALA A 628 11.33 31.48 -12.85
N ILE A 629 10.84 32.55 -13.46
CA ILE A 629 11.47 33.04 -14.67
C ILE A 629 12.75 33.77 -14.32
N LEU A 630 12.81 34.38 -13.14
CA LEU A 630 14.02 35.09 -12.74
C LEU A 630 15.15 34.15 -12.38
N THR A 631 14.84 32.96 -11.87
CA THR A 631 15.84 32.05 -11.29
C THR A 631 16.86 31.51 -12.28
N VAL A 632 16.70 31.76 -13.58
CA VAL A 632 17.69 31.29 -14.54
C VAL A 632 18.96 32.11 -14.45
N VAL A 633 18.91 33.29 -13.83
CA VAL A 633 20.12 34.03 -13.49
C VAL A 633 20.85 33.30 -12.37
N PRO A 634 22.16 33.11 -12.45
CA PRO A 634 22.86 32.45 -11.33
C PRO A 634 22.96 33.32 -10.09
N LYS A 635 23.09 34.63 -10.25
CA LYS A 635 23.26 35.49 -9.08
C LYS A 635 21.98 35.68 -8.30
N ILE A 636 20.83 35.30 -8.84
CA ILE A 636 19.59 35.44 -8.08
C ILE A 636 19.26 34.15 -7.34
N GLN A 637 19.82 33.02 -7.75
CA GLN A 637 19.69 31.82 -6.95
C GLN A 637 20.48 31.96 -5.66
N LEU A 638 21.60 32.68 -5.71
CA LEU A 638 22.39 32.97 -4.52
C LEU A 638 21.62 33.82 -3.53
N GLN A 639 20.74 34.69 -4.03
CA GLN A 639 19.93 35.51 -3.15
C GLN A 639 18.58 34.90 -2.86
N LEU A 640 18.42 33.60 -3.07
CA LEU A 640 17.29 32.89 -2.51
C LEU A 640 17.58 32.37 -1.11
N ALA A 641 18.73 32.69 -0.55
CA ALA A 641 19.08 32.25 0.79
C ALA A 641 19.57 33.39 1.68
N GLU A 642 20.24 34.38 1.08
CA GLU A 642 20.99 35.35 1.86
C GLU A 642 20.08 36.35 2.56
N SER A 643 19.31 37.11 1.80
CA SER A 643 18.39 38.08 2.37
C SER A 643 17.22 37.34 3.02
N VAL A 644 16.99 37.61 4.30
CA VAL A 644 16.11 36.77 5.11
C VAL A 644 15.04 37.59 5.83
N ASP A 645 14.88 38.86 5.48
CA ASP A 645 14.04 39.77 6.26
C ASP A 645 12.58 39.46 6.00
N VAL A 646 11.99 38.62 6.85
CA VAL A 646 10.65 38.09 6.61
C VAL A 646 9.73 38.28 7.82
N LEU A 647 8.53 37.74 7.72
CA LEU A 647 7.56 37.70 8.81
C LEU A 647 6.65 36.51 8.58
N ASP A 648 6.10 35.97 9.66
CA ASP A 648 5.36 34.70 9.60
C ASP A 648 4.07 34.83 10.41
N GLU A 649 3.44 33.68 10.64
CA GLU A 649 2.12 33.59 11.26
C GLU A 649 2.12 33.73 12.77
N ALA A 650 3.25 34.07 13.38
CA ALA A 650 3.28 34.34 14.80
C ALA A 650 2.90 35.77 15.13
N GLY A 651 2.58 36.59 14.13
CA GLY A 651 2.43 38.01 14.34
C GLY A 651 3.73 38.68 14.75
N SER A 652 4.86 38.16 14.29
CA SER A 652 6.15 38.57 14.81
C SER A 652 7.18 38.61 13.71
N THR A 653 8.08 39.59 13.80
CA THR A 653 9.21 39.70 12.90
C THR A 653 10.18 38.54 13.16
N VAL A 654 10.43 37.73 12.13
CA VAL A 654 11.37 36.63 12.19
C VAL A 654 12.37 36.81 11.04
N SER A 655 13.26 35.84 10.91
CA SER A 655 14.20 35.84 9.78
C SER A 655 14.46 34.41 9.36
N THR A 656 14.22 34.11 8.08
CA THR A 656 14.48 32.79 7.56
C THR A 656 14.81 32.89 6.08
N VAL A 657 15.44 31.84 5.55
CA VAL A 657 15.87 31.83 4.17
C VAL A 657 14.67 31.71 3.24
N GLY A 658 14.90 32.03 1.97
CA GLY A 658 13.81 32.03 1.02
C GLY A 658 13.38 30.65 0.59
N ILE A 659 14.29 29.68 0.64
CA ILE A 659 14.01 28.35 0.15
C ILE A 659 13.00 27.65 1.04
N SER A 660 13.02 27.94 2.34
CA SER A 660 12.10 27.29 3.26
C SER A 660 10.68 27.76 3.02
N ILE A 661 10.50 28.97 2.52
CA ILE A 661 9.17 29.43 2.14
C ILE A 661 8.70 28.67 0.91
N ILE A 662 9.57 28.55 -0.09
CA ILE A 662 9.24 27.87 -1.33
C ILE A 662 9.01 26.39 -1.08
N LEU A 663 9.85 25.78 -0.24
CA LEU A 663 9.63 24.39 0.15
C LEU A 663 8.38 24.25 1.00
N GLY A 664 8.02 25.29 1.75
CA GLY A 664 6.78 25.25 2.49
C GLY A 664 5.56 25.29 1.61
N VAL A 665 5.65 26.04 0.50
CA VAL A 665 4.54 26.08 -0.45
C VAL A 665 4.40 24.74 -1.15
N ALA A 666 5.52 24.05 -1.37
CA ALA A 666 5.49 22.77 -2.06
C ALA A 666 4.83 21.67 -1.24
N GLU A 667 4.83 21.79 0.08
CA GLU A 667 4.30 20.72 0.92
C GLU A 667 2.78 20.67 0.86
N GLY A 668 2.13 21.81 1.06
CA GLY A 668 0.72 21.85 1.34
C GLY A 668 0.38 22.24 2.75
N GLU A 669 1.36 22.66 3.55
CA GLU A 669 1.10 23.18 4.88
C GLU A 669 0.32 24.49 4.80
N PHE A 670 0.65 25.33 3.84
CA PHE A 670 -0.16 26.48 3.46
C PHE A 670 -0.75 26.21 2.09
N PHE A 671 -1.84 26.93 1.78
CA PHE A 671 -2.52 26.93 0.47
C PHE A 671 -3.00 25.51 0.13
N ILE A 672 -3.98 25.08 0.92
CA ILE A 672 -4.20 23.65 1.19
C ILE A 672 -4.63 22.90 -0.06
N HIS A 673 -5.71 23.34 -0.70
CA HIS A 673 -6.24 22.62 -1.85
C HIS A 673 -5.61 23.02 -3.17
N ASP A 674 -4.67 23.96 -3.14
CA ASP A 674 -4.15 24.55 -4.36
C ASP A 674 -3.18 23.61 -5.06
N ALA A 675 -3.27 23.56 -6.38
CA ALA A 675 -2.55 22.58 -7.16
C ALA A 675 -1.53 23.17 -8.10
N GLU A 676 -1.90 24.21 -8.85
CA GLU A 676 -0.94 24.84 -9.75
C GLU A 676 0.11 25.62 -8.98
N ILE A 677 -0.21 26.04 -7.76
CA ILE A 677 0.75 26.75 -6.93
C ILE A 677 1.85 25.80 -6.47
N GLN A 678 1.52 24.54 -6.26
CA GLN A 678 2.54 23.55 -5.95
C GLN A 678 3.46 23.32 -7.13
N LYS A 679 2.89 23.18 -8.32
CA LYS A 679 3.71 23.03 -9.53
C LYS A 679 4.45 24.31 -9.86
N SER A 680 3.91 25.45 -9.49
CA SER A 680 4.66 26.69 -9.64
C SER A 680 5.79 26.75 -8.63
N ALA A 681 5.61 26.13 -7.47
CA ALA A 681 6.66 26.15 -6.47
C ALA A 681 7.81 25.25 -6.86
N LEU A 682 7.50 24.05 -7.39
CA LEU A 682 8.53 23.07 -7.67
C LEU A 682 9.45 23.50 -8.81
N GLN A 683 8.95 24.35 -9.71
CA GLN A 683 9.80 24.88 -10.77
C GLN A 683 10.91 25.75 -10.22
N ILE A 684 10.70 26.39 -9.08
CA ILE A 684 11.72 27.25 -8.52
C ILE A 684 12.84 26.40 -7.92
N ILE A 685 12.49 25.22 -7.41
CA ILE A 685 13.50 24.32 -6.89
C ILE A 685 14.33 23.75 -8.02
N ILE A 686 13.67 23.27 -9.08
CA ILE A 686 14.32 22.58 -10.20
C ILE A 686 15.30 23.49 -10.92
N ASN A 687 15.01 24.79 -10.96
CA ASN A 687 15.94 25.73 -11.55
C ASN A 687 17.20 25.91 -10.72
N CYS A 688 17.20 25.48 -9.46
CA CYS A 688 18.35 25.62 -8.61
C CYS A 688 19.11 24.32 -8.36
N VAL A 689 18.52 23.17 -8.65
CA VAL A 689 19.13 21.89 -8.30
C VAL A 689 19.41 20.99 -9.50
N CYS A 690 18.81 21.22 -10.66
CA CYS A 690 19.00 20.37 -11.82
C CYS A 690 19.70 21.14 -12.94
N GLY A 691 20.76 21.86 -12.60
CA GLY A 691 21.42 22.74 -13.52
C GLY A 691 22.40 22.04 -14.43
N PRO A 692 23.42 22.76 -14.88
CA PRO A 692 24.39 22.18 -15.80
C PRO A 692 25.45 21.38 -15.06
N ASP A 693 26.28 20.68 -15.83
CA ASP A 693 27.42 19.99 -15.25
C ASP A 693 28.52 20.98 -14.85
N ASN A 694 28.67 22.07 -15.58
CA ASN A 694 29.63 23.10 -15.25
C ASN A 694 28.94 24.33 -14.68
N LYS A 716 34.77 25.02 -11.09
CA LYS A 716 35.33 25.32 -9.78
C LYS A 716 34.58 26.45 -9.10
N SER A 717 33.89 27.26 -9.91
CA SER A 717 33.10 28.37 -9.41
C SER A 717 31.62 28.20 -9.69
N SER A 718 31.25 27.95 -10.96
CA SER A 718 29.86 27.70 -11.29
C SER A 718 29.40 26.33 -10.81
N GLU A 719 30.32 25.36 -10.77
CA GLU A 719 30.04 24.10 -10.09
C GLU A 719 29.92 24.31 -8.58
N HIS A 720 30.70 25.24 -8.04
CA HIS A 720 30.56 25.60 -6.64
C HIS A 720 29.25 26.34 -6.39
N THR A 721 28.75 27.05 -7.40
CA THR A 721 27.48 27.76 -7.26
C THR A 721 26.32 26.78 -7.22
N LEU A 722 26.39 25.73 -8.03
CA LEU A 722 25.37 24.68 -7.96
C LEU A 722 25.52 23.86 -6.69
N ALA A 723 26.75 23.67 -6.22
CA ALA A 723 26.96 22.94 -4.99
C ALA A 723 26.54 23.76 -3.77
N LYS A 724 26.71 25.08 -3.84
CA LYS A 724 26.22 25.91 -2.75
C LYS A 724 24.71 25.91 -2.69
N MET A 725 24.05 25.84 -3.86
CA MET A 725 22.61 25.67 -3.86
C MET A 725 22.22 24.27 -3.44
N TRP A 726 23.06 23.27 -3.71
CA TRP A 726 22.85 21.95 -3.15
C TRP A 726 22.93 21.99 -1.62
N ASN A 727 23.86 22.77 -1.09
CA ASN A 727 24.04 22.82 0.35
C ASN A 727 22.90 23.56 1.04
N VAL A 728 22.32 24.56 0.37
CA VAL A 728 21.23 25.30 0.97
C VAL A 728 19.93 24.51 0.90
N VAL A 729 19.64 23.90 -0.25
CA VAL A 729 18.41 23.13 -0.41
C VAL A 729 18.41 21.89 0.47
N GLN A 730 19.57 21.28 0.67
CA GLN A 730 19.62 20.13 1.55
C GLN A 730 19.52 20.54 3.02
N SER A 731 20.07 21.71 3.38
CA SER A 731 20.07 22.13 4.77
C SER A 731 18.67 22.44 5.26
N ASN A 732 17.83 23.01 4.41
CA ASN A 732 16.53 23.48 4.85
C ASN A 732 15.45 22.43 4.66
N ASN A 733 15.75 21.22 5.12
CA ASN A 733 14.84 20.08 5.19
C ASN A 733 14.27 19.72 3.83
N GLY A 734 15.11 19.79 2.81
CA GLY A 734 14.62 19.62 1.45
C GLY A 734 14.21 18.18 1.15
N ILE A 735 15.02 17.22 1.59
CA ILE A 735 14.83 15.84 1.19
C ILE A 735 13.58 15.23 1.83
N LYS A 736 13.09 15.81 2.92
CA LYS A 736 11.81 15.38 3.48
C LYS A 736 10.66 15.78 2.56
N VAL A 737 10.75 16.97 1.97
CA VAL A 737 9.64 17.52 1.21
C VAL A 737 9.45 16.75 -0.09
N LEU A 738 10.54 16.48 -0.79
CA LEU A 738 10.46 15.86 -2.11
C LEU A 738 9.97 14.43 -2.02
N LEU A 739 10.29 13.72 -0.94
CA LEU A 739 9.76 12.38 -0.78
C LEU A 739 8.29 12.40 -0.43
N SER A 740 7.82 13.48 0.17
CA SER A 740 6.40 13.58 0.48
C SER A 740 5.59 13.84 -0.77
N LEU A 741 6.15 14.60 -1.71
CA LEU A 741 5.50 14.87 -2.97
C LEU A 741 5.63 13.74 -3.97
N LEU A 742 6.47 12.76 -3.68
CA LEU A 742 6.68 11.65 -4.60
C LEU A 742 5.61 10.57 -4.44
N SER A 743 4.69 10.75 -3.50
CA SER A 743 3.60 9.80 -3.30
C SER A 743 2.29 10.52 -3.08
N ILE A 744 2.14 11.70 -3.68
CA ILE A 744 0.93 12.50 -3.49
C ILE A 744 -0.23 11.85 -4.24
N LYS A 745 -1.40 11.81 -3.61
CA LYS A 745 -2.54 11.15 -4.19
C LYS A 745 -3.84 11.94 -4.07
N MET A 746 -3.88 13.05 -3.36
CA MET A 746 -5.15 13.73 -3.14
C MET A 746 -5.59 14.57 -4.35
N PRO A 747 -4.73 15.40 -5.02
CA PRO A 747 -5.22 16.00 -6.27
C PRO A 747 -5.10 15.03 -7.44
N ILE A 748 -6.11 14.18 -7.61
CA ILE A 748 -6.05 13.08 -8.57
C ILE A 748 -6.02 13.51 -10.03
N THR A 749 -6.28 14.78 -10.33
CA THR A 749 -6.14 15.25 -11.70
C THR A 749 -4.68 15.38 -12.09
N ASP A 750 -3.93 16.21 -11.36
CA ASP A 750 -2.53 16.45 -11.65
C ASP A 750 -1.63 15.79 -10.63
N ALA A 751 -2.02 14.61 -10.15
CA ALA A 751 -1.13 13.82 -9.30
C ALA A 751 0.08 13.33 -10.09
N ASP A 752 -0.09 13.08 -11.38
CA ASP A 752 1.03 12.65 -12.22
C ASP A 752 2.00 13.79 -12.43
N GLN A 753 1.51 15.01 -12.58
CA GLN A 753 2.37 16.14 -12.88
C GLN A 753 3.16 16.60 -11.67
N ILE A 754 2.63 16.39 -10.47
CA ILE A 754 3.37 16.78 -9.28
C ILE A 754 4.50 15.79 -9.00
N ARG A 755 4.24 14.49 -9.23
CA ARG A 755 5.24 13.47 -8.95
C ARG A 755 6.41 13.54 -9.92
N ALA A 756 6.13 13.81 -11.19
CA ALA A 756 7.21 13.91 -12.16
C ALA A 756 8.04 15.16 -11.93
N LEU A 757 7.41 16.26 -11.52
CA LEU A 757 8.18 17.44 -11.16
C LEU A 757 8.86 17.28 -9.82
N ALA A 758 8.37 16.38 -8.97
CA ALA A 758 9.10 16.08 -7.74
C ALA A 758 10.33 15.25 -8.04
N CYS A 759 10.17 14.20 -8.85
CA CYS A 759 11.26 13.27 -9.09
C CYS A 759 12.36 13.89 -9.93
N LYS A 760 12.02 14.89 -10.75
CA LYS A 760 13.05 15.59 -11.52
C LYS A 760 13.91 16.44 -10.61
N ALA A 761 13.37 16.88 -9.48
CA ALA A 761 14.18 17.62 -8.53
C ALA A 761 15.14 16.73 -7.77
N LEU A 762 14.76 15.46 -7.55
CA LEU A 762 15.65 14.53 -6.86
C LEU A 762 16.85 14.20 -7.72
N VAL A 763 16.61 13.86 -8.99
CA VAL A 763 17.66 13.48 -9.94
C VAL A 763 18.67 14.60 -10.11
N GLY A 764 18.22 15.85 -10.06
CA GLY A 764 19.15 16.94 -9.99
C GLY A 764 19.90 16.98 -8.67
N LEU A 765 19.18 16.81 -7.57
CA LEU A 765 19.81 16.99 -6.27
C LEU A 765 20.63 15.78 -5.86
N SER A 766 20.35 14.60 -6.44
CA SER A 766 21.16 13.43 -6.12
C SER A 766 22.52 13.42 -6.80
N ARG A 767 22.97 14.53 -7.40
CA ARG A 767 24.35 14.67 -7.80
C ARG A 767 25.19 15.28 -6.70
N SER A 768 24.58 15.68 -5.60
CA SER A 768 25.31 16.10 -4.42
C SER A 768 25.80 14.87 -3.67
N SER A 769 27.07 14.91 -3.25
CA SER A 769 27.73 13.71 -2.76
C SER A 769 27.14 13.24 -1.43
N THR A 770 26.69 14.18 -0.61
CA THR A 770 26.09 13.81 0.66
C THR A 770 24.73 13.17 0.45
N VAL A 771 23.95 13.71 -0.49
CA VAL A 771 22.59 13.28 -0.72
C VAL A 771 22.53 11.90 -1.37
N ARG A 772 23.61 11.50 -2.06
CA ARG A 772 23.69 10.16 -2.63
C ARG A 772 23.64 9.10 -1.55
N GLN A 773 24.33 9.33 -0.44
CA GLN A 773 24.34 8.34 0.63
C GLN A 773 23.02 8.37 1.38
N ILE A 774 22.44 9.55 1.56
CA ILE A 774 21.28 9.70 2.43
C ILE A 774 20.06 9.07 1.79
N ILE A 775 19.85 9.31 0.50
CA ILE A 775 18.68 8.75 -0.15
C ILE A 775 18.86 7.26 -0.41
N SER A 776 20.09 6.76 -0.34
CA SER A 776 20.34 5.36 -0.64
C SER A 776 19.82 4.43 0.44
N LYS A 777 19.64 4.91 1.66
CA LYS A 777 19.23 4.05 2.75
C LYS A 777 17.76 4.23 3.16
N LEU A 778 17.09 5.24 2.63
CA LEU A 778 15.72 5.53 3.02
C LEU A 778 14.77 4.46 2.48
N PRO A 779 13.55 4.36 3.01
CA PRO A 779 12.58 3.38 2.49
C PRO A 779 12.09 3.65 1.07
N LEU A 780 12.50 4.74 0.42
CA LEU A 780 12.29 4.86 -1.02
C LEU A 780 13.12 3.81 -1.77
N PHE A 781 14.36 3.61 -1.36
CA PHE A 781 15.22 2.60 -1.97
C PHE A 781 15.35 1.34 -1.12
N SER A 782 14.38 1.09 -0.24
CA SER A 782 14.17 -0.23 0.33
C SER A 782 13.14 -1.02 -0.47
N SER A 783 12.00 -0.41 -0.74
CA SER A 783 11.02 -0.89 -1.70
C SER A 783 10.19 0.31 -2.15
N CYS A 784 9.10 0.03 -2.86
CA CYS A 784 8.04 0.98 -3.22
C CYS A 784 8.45 2.07 -4.20
N GLN A 785 9.73 2.14 -4.58
CA GLN A 785 10.10 2.90 -5.76
C GLN A 785 9.55 2.25 -7.01
N ILE A 786 9.60 0.92 -7.06
CA ILE A 786 9.04 0.19 -8.18
C ILE A 786 7.52 0.22 -8.12
N GLN A 787 6.95 0.23 -6.91
CA GLN A 787 5.50 0.24 -6.78
C GLN A 787 4.87 1.58 -7.16
N GLN A 788 5.66 2.64 -7.19
CA GLN A 788 5.17 3.89 -7.78
C GLN A 788 5.25 3.88 -9.29
N LEU A 789 5.83 2.84 -9.88
CA LEU A 789 6.01 2.74 -11.32
C LEU A 789 5.29 1.55 -11.92
N MET A 790 4.49 0.83 -11.13
CA MET A 790 3.74 -0.30 -11.63
C MET A 790 2.23 -0.16 -11.49
N LYS A 791 1.75 0.73 -10.61
CA LYS A 791 0.31 0.84 -10.40
C LYS A 791 -0.39 1.54 -11.55
N GLU A 792 0.26 2.54 -12.16
CA GLU A 792 -0.26 3.41 -13.22
C GLU A 792 -1.57 4.03 -12.78
N PRO A 793 -1.52 5.01 -11.86
CA PRO A 793 -2.75 5.42 -11.15
C PRO A 793 -3.80 6.11 -12.00
N VAL A 794 -3.43 7.12 -12.79
CA VAL A 794 -4.35 7.78 -13.70
C VAL A 794 -4.06 7.24 -15.10
N LEU A 795 -4.98 6.45 -15.63
CA LEU A 795 -4.77 5.79 -16.91
C LEU A 795 -4.98 6.72 -18.10
N GLN A 796 -5.53 7.92 -17.87
CA GLN A 796 -5.68 8.89 -18.95
C GLN A 796 -4.36 9.56 -19.30
N ASP A 797 -3.41 9.58 -18.37
CA ASP A 797 -2.08 10.09 -18.62
C ASP A 797 -1.06 8.97 -18.72
N LYS A 798 -1.52 7.75 -19.00
CA LYS A 798 -0.64 6.58 -19.01
C LYS A 798 0.36 6.63 -20.15
N ARG A 799 -0.13 6.91 -21.37
CA ARG A 799 0.74 7.14 -22.51
C ARG A 799 1.14 8.60 -22.63
N SER A 800 0.76 9.45 -21.67
CA SER A 800 1.06 10.87 -21.72
C SER A 800 2.01 11.32 -20.62
N ASP A 801 1.65 11.07 -19.35
CA ASP A 801 2.42 11.65 -18.25
C ASP A 801 2.88 10.64 -17.21
N HIS A 802 2.28 9.46 -17.11
CA HIS A 802 2.84 8.45 -16.22
C HIS A 802 4.05 7.79 -16.83
N VAL A 803 4.10 7.74 -18.17
CA VAL A 803 5.24 7.15 -18.85
C VAL A 803 6.47 8.05 -18.72
N LYS A 804 6.28 9.35 -18.54
CA LYS A 804 7.43 10.20 -18.32
C LYS A 804 7.84 10.27 -16.86
N PHE A 805 6.95 9.91 -15.94
CA PHE A 805 7.35 9.74 -14.55
C PHE A 805 8.27 8.54 -14.41
N CYS A 806 8.03 7.49 -15.18
CA CYS A 806 8.95 6.36 -15.21
C CYS A 806 10.27 6.71 -15.88
N LYS A 807 10.29 7.74 -16.73
CA LYS A 807 11.54 8.13 -17.37
C LYS A 807 12.46 8.84 -16.39
N TYR A 808 11.92 9.74 -15.58
CA TYR A 808 12.77 10.42 -14.60
C TYR A 808 13.12 9.50 -13.43
N ALA A 809 12.27 8.52 -13.14
CA ALA A 809 12.53 7.65 -12.00
C ALA A 809 13.59 6.60 -12.29
N ALA A 810 13.71 6.18 -13.55
CA ALA A 810 14.76 5.23 -13.91
C ALA A 810 16.14 5.88 -13.84
N GLU A 811 16.20 7.20 -14.00
CA GLU A 811 17.47 7.89 -13.91
C GLU A 811 17.90 8.06 -12.46
N LEU A 812 16.93 8.09 -11.53
CA LEU A 812 17.29 8.17 -10.12
C LEU A 812 17.84 6.85 -9.61
N ILE A 813 17.31 5.73 -10.13
CA ILE A 813 17.80 4.42 -9.74
C ILE A 813 19.22 4.22 -10.26
N GLU A 814 19.52 4.78 -11.43
CA GLU A 814 20.83 4.63 -12.04
C GLU A 814 21.89 5.41 -11.28
N ARG A 815 21.54 6.56 -10.72
CA ARG A 815 22.58 7.45 -10.19
C ARG A 815 23.05 7.02 -8.81
N VAL A 816 22.15 6.50 -7.97
CA VAL A 816 22.48 6.23 -6.59
C VAL A 816 22.99 4.81 -6.41
N SER A 817 23.24 4.12 -7.52
CA SER A 817 23.60 2.70 -7.46
C SER A 817 24.78 2.47 -8.41
N GLY A 818 25.04 1.21 -8.69
CA GLY A 818 26.25 0.78 -9.38
C GLY A 818 26.26 0.91 -10.89
N LYS A 819 25.57 1.93 -11.42
CA LYS A 819 25.66 2.41 -12.79
C LYS A 819 25.32 1.38 -13.87
N PRO A 820 24.06 0.99 -14.05
CA PRO A 820 23.70 0.27 -15.28
C PRO A 820 23.70 1.20 -16.48
N LEU A 821 24.28 0.76 -17.58
CA LEU A 821 24.48 1.61 -18.76
C LEU A 821 23.30 1.50 -19.72
N LEU A 822 22.12 1.84 -19.20
CA LEU A 822 20.84 1.86 -19.91
C LEU A 822 20.49 0.47 -20.45
N ILE A 823 20.43 -0.50 -19.54
CA ILE A 823 19.91 -1.83 -19.82
C ILE A 823 18.76 -2.10 -18.86
N GLY A 824 17.61 -2.48 -19.39
CA GLY A 824 16.49 -2.82 -18.54
C GLY A 824 16.53 -4.26 -18.08
N THR A 825 17.07 -4.47 -16.89
CA THR A 825 17.29 -5.79 -16.31
C THR A 825 17.36 -5.60 -14.80
N ASP A 826 16.73 -6.51 -14.05
CA ASP A 826 16.76 -6.73 -12.58
C ASP A 826 16.82 -5.43 -11.77
N VAL A 827 15.77 -4.63 -11.95
CA VAL A 827 15.70 -3.25 -11.48
C VAL A 827 15.69 -3.11 -9.95
N SER A 828 15.45 -4.19 -9.21
CA SER A 828 15.50 -4.15 -7.76
C SER A 828 16.92 -3.91 -7.27
N LEU A 829 17.04 -3.28 -6.10
CA LEU A 829 18.34 -2.81 -5.62
C LEU A 829 19.20 -3.97 -5.14
N ALA A 830 18.59 -5.02 -4.55
CA ALA A 830 19.35 -6.19 -4.18
C ALA A 830 19.82 -6.96 -5.40
N ARG A 831 19.01 -6.97 -6.45
CA ARG A 831 19.38 -7.60 -7.71
C ARG A 831 20.27 -6.71 -8.57
N LEU A 832 20.45 -5.45 -8.20
CA LEU A 832 21.30 -4.57 -9.01
C LEU A 832 22.77 -4.78 -8.68
N GLN A 833 23.09 -5.01 -7.40
CA GLN A 833 24.47 -5.27 -7.02
C GLN A 833 24.92 -6.67 -7.40
N LYS A 834 23.98 -7.59 -7.66
CA LYS A 834 24.34 -8.87 -8.26
C LYS A 834 24.88 -8.66 -9.66
N ALA A 835 24.16 -7.90 -10.49
CA ALA A 835 24.50 -7.75 -11.89
C ALA A 835 25.76 -6.94 -12.12
N ASP A 836 26.19 -6.15 -11.13
CA ASP A 836 27.46 -5.45 -11.26
C ASP A 836 28.62 -6.42 -11.14
N VAL A 837 28.50 -7.40 -10.24
CA VAL A 837 29.61 -8.31 -9.98
C VAL A 837 29.68 -9.39 -11.03
N VAL A 838 28.51 -9.86 -11.50
CA VAL A 838 28.47 -10.92 -12.51
C VAL A 838 29.02 -10.40 -13.84
N ALA A 839 28.72 -9.16 -14.18
CA ALA A 839 29.19 -8.61 -15.44
C ALA A 839 30.67 -8.26 -15.41
N GLN A 840 31.19 -7.86 -14.26
CA GLN A 840 32.59 -7.47 -14.15
C GLN A 840 33.49 -8.61 -13.69
N SER A 841 32.97 -9.83 -13.60
CA SER A 841 33.80 -10.96 -13.21
C SER A 841 34.77 -11.33 -14.34
N ARG A 842 35.81 -12.05 -13.98
CA ARG A 842 36.83 -12.47 -14.94
C ARG A 842 36.71 -13.98 -15.13
N ILE A 843 35.86 -14.37 -16.06
CA ILE A 843 35.63 -15.78 -16.36
C ILE A 843 36.80 -16.30 -17.18
N SER A 844 37.42 -17.38 -16.71
CA SER A 844 38.47 -18.05 -17.45
C SER A 844 38.30 -19.55 -17.32
N PHE A 845 38.94 -20.28 -18.23
CA PHE A 845 38.78 -21.73 -18.34
C PHE A 845 39.91 -22.26 -19.19
N PRO A 846 40.40 -23.47 -18.94
CA PRO A 846 41.51 -24.00 -19.72
C PRO A 846 41.05 -24.47 -21.09
N GLU A 847 42.03 -24.74 -21.96
CA GLU A 847 41.74 -25.19 -23.31
C GLU A 847 41.26 -26.63 -23.35
N LYS A 848 41.61 -27.42 -22.37
CA LYS A 848 41.22 -28.80 -22.37
C LYS A 848 39.72 -29.03 -22.25
N GLU A 849 39.07 -28.19 -21.47
CA GLU A 849 37.65 -28.38 -21.21
C GLU A 849 36.80 -28.12 -22.43
N LEU A 850 37.34 -27.47 -23.46
CA LEU A 850 36.65 -27.27 -24.72
C LEU A 850 37.03 -28.30 -25.77
N LEU A 851 38.32 -28.63 -25.88
CA LEU A 851 38.77 -29.54 -26.92
C LEU A 851 38.27 -30.96 -26.70
N LEU A 852 38.03 -31.35 -25.46
CA LEU A 852 37.42 -32.64 -25.23
C LEU A 852 35.94 -32.61 -25.59
N LEU A 853 35.32 -31.44 -25.50
CA LEU A 853 33.94 -31.31 -25.96
C LEU A 853 33.86 -31.20 -27.48
N ILE A 854 34.87 -30.60 -28.10
CA ILE A 854 34.92 -30.55 -29.56
C ILE A 854 35.08 -31.94 -30.14
N ARG A 855 35.99 -32.73 -29.57
CA ARG A 855 36.21 -34.10 -30.04
C ARG A 855 35.01 -34.97 -29.77
N ASN A 856 34.36 -34.80 -28.62
CA ASN A 856 33.19 -35.62 -28.31
C ASN A 856 31.99 -35.20 -29.15
N HIS A 857 32.01 -34.00 -29.73
CA HIS A 857 30.98 -33.62 -30.69
C HIS A 857 31.26 -34.26 -32.05
N LEU A 858 32.50 -34.14 -32.54
CA LEU A 858 32.82 -34.57 -33.90
C LEU A 858 32.74 -36.08 -34.08
N ILE A 859 33.05 -36.83 -33.03
CA ILE A 859 32.82 -38.27 -33.08
C ILE A 859 31.33 -38.57 -33.09
N SER A 860 30.55 -37.74 -32.40
CA SER A 860 29.11 -38.02 -32.25
C SER A 860 28.37 -37.77 -33.55
N LYS A 861 28.63 -36.64 -34.21
CA LYS A 861 27.92 -36.35 -35.45
C LYS A 861 28.71 -36.83 -36.66
N GLY A 862 29.19 -38.07 -36.61
CA GLY A 862 29.67 -38.79 -37.78
C GLY A 862 31.00 -38.38 -38.36
N LEU A 863 31.42 -37.13 -38.13
CA LEU A 863 32.55 -36.55 -38.83
C LEU A 863 33.82 -36.82 -38.03
N GLY A 864 34.36 -38.02 -38.22
CA GLY A 864 35.37 -38.53 -37.31
C GLY A 864 36.81 -38.54 -37.78
N GLU A 865 37.05 -38.26 -39.06
CA GLU A 865 38.43 -38.30 -39.54
C GLU A 865 39.21 -37.01 -39.26
N THR A 866 38.74 -36.16 -38.34
CA THR A 866 39.60 -35.19 -37.70
C THR A 866 39.86 -35.52 -36.23
N ALA A 867 39.13 -36.48 -35.67
CA ALA A 867 39.25 -36.80 -34.26
C ALA A 867 40.59 -37.47 -33.96
N THR A 868 40.94 -38.48 -34.73
CA THR A 868 42.27 -39.05 -34.65
C THR A 868 43.34 -38.11 -35.18
N VAL A 869 42.95 -37.07 -35.92
CA VAL A 869 43.86 -36.00 -36.26
C VAL A 869 43.92 -34.97 -35.15
N LEU A 870 42.88 -34.87 -34.32
CA LEU A 870 42.92 -33.99 -33.17
C LEU A 870 43.80 -34.55 -32.06
N THR A 871 44.06 -35.85 -32.07
CA THR A 871 45.00 -36.44 -31.12
C THR A 871 46.43 -35.95 -31.40
N LYS A 872 46.73 -35.59 -32.64
CA LYS A 872 48.03 -35.01 -32.97
C LYS A 872 48.23 -33.66 -32.31
N GLU A 873 47.16 -32.89 -32.13
CA GLU A 873 47.29 -31.55 -31.56
C GLU A 873 47.24 -31.54 -30.04
N ALA A 874 46.57 -32.52 -29.46
CA ALA A 874 46.44 -32.60 -28.02
C ALA A 874 46.20 -33.99 -27.49
N ASP A 875 46.49 -34.17 -26.22
CA ASP A 875 46.33 -35.47 -25.59
C ASP A 875 44.91 -35.86 -25.56
N LEU A 876 44.64 -37.14 -25.76
CA LEU A 876 43.28 -37.58 -25.74
C LEU A 876 43.12 -38.68 -24.73
N PRO A 877 42.47 -38.35 -23.62
CA PRO A 877 42.17 -39.25 -22.51
C PRO A 877 41.21 -40.38 -22.83
N MET A 878 40.16 -40.09 -23.59
CA MET A 878 39.16 -41.08 -23.94
C MET A 878 39.22 -41.42 -25.41
N THR A 879 39.27 -42.71 -25.72
CA THR A 879 39.38 -43.16 -27.10
C THR A 879 38.34 -42.49 -28.00
N PRO A 1001 27.45 -35.96 -18.30
CA PRO A 1001 28.13 -34.80 -18.86
C PRO A 1001 27.35 -34.19 -20.03
N PRO A 1002 27.57 -32.92 -20.32
CA PRO A 1002 26.91 -32.31 -21.47
C PRO A 1002 27.75 -32.41 -22.74
N THR A 1003 27.07 -32.20 -23.87
CA THR A 1003 27.69 -32.10 -25.18
C THR A 1003 27.50 -30.68 -25.69
N LEU A 1004 28.26 -30.33 -26.75
CA LEU A 1004 28.10 -29.02 -27.37
C LEU A 1004 26.74 -28.83 -28.01
N ASP A 1005 26.05 -29.92 -28.36
CA ASP A 1005 24.66 -29.81 -28.78
C ASP A 1005 23.80 -29.25 -27.67
N SER A 1006 24.05 -29.67 -26.44
CA SER A 1006 23.27 -29.15 -25.32
C SER A 1006 23.73 -27.77 -24.90
N ILE A 1007 24.99 -27.44 -25.13
CA ILE A 1007 25.50 -26.14 -24.68
C ILE A 1007 25.01 -25.03 -25.60
N ILE A 1008 25.05 -25.27 -26.91
CA ILE A 1008 24.59 -24.25 -27.85
C ILE A 1008 23.06 -24.13 -27.81
N THR A 1009 22.37 -25.22 -27.47
CA THR A 1009 20.92 -25.16 -27.30
C THR A 1009 20.54 -24.27 -26.12
N GLU A 1010 21.24 -24.43 -25.00
CA GLU A 1010 20.94 -23.63 -23.82
C GLU A 1010 21.40 -22.19 -24.01
N TYR A 1011 22.42 -21.96 -24.84
CA TYR A 1011 22.88 -20.60 -25.09
C TYR A 1011 21.84 -19.82 -25.88
N LEU A 1012 21.20 -20.47 -26.85
CA LEU A 1012 20.17 -19.79 -27.63
C LEU A 1012 18.92 -19.54 -26.81
N ARG A 1013 18.56 -20.51 -25.95
CA ARG A 1013 17.36 -20.37 -25.13
C ARG A 1013 17.50 -19.27 -24.10
N GLU A 1014 18.70 -19.05 -23.58
CA GLU A 1014 18.90 -17.92 -22.68
C GLU A 1014 18.90 -16.59 -23.42
N GLN A 1015 19.13 -16.61 -24.73
CA GLN A 1015 18.95 -15.42 -25.54
C GLN A 1015 17.51 -15.29 -26.04
N HIS A 1016 16.81 -16.41 -26.17
CA HIS A 1016 15.40 -16.39 -26.54
C HIS A 1016 14.53 -15.88 -25.42
N ALA A 1017 15.00 -15.90 -24.18
CA ALA A 1017 14.24 -15.41 -23.04
C ALA A 1017 14.20 -13.89 -22.97
N ARG A 1018 14.94 -13.19 -23.83
CA ARG A 1018 14.83 -11.74 -23.94
C ARG A 1018 13.74 -11.31 -24.89
N CYS A 1019 13.08 -12.25 -25.58
CA CYS A 1019 12.05 -11.93 -26.55
C CYS A 1019 10.80 -11.39 -25.87
N LYS A 1020 10.51 -10.11 -26.06
CA LYS A 1020 9.16 -9.64 -25.89
C LYS A 1020 8.30 -10.28 -26.97
N ASN A 1021 7.21 -10.93 -26.55
CA ASN A 1021 6.32 -11.77 -27.36
C ASN A 1021 7.09 -12.90 -28.04
N PRO A 1022 7.52 -13.93 -27.31
CA PRO A 1022 8.21 -15.05 -27.95
C PRO A 1022 7.25 -15.95 -28.70
N VAL A 1023 7.83 -16.86 -29.48
CA VAL A 1023 7.07 -17.81 -30.29
C VAL A 1023 7.33 -19.21 -29.79
N ALA A 1024 6.68 -20.21 -30.41
CA ALA A 1024 6.86 -21.60 -30.02
C ALA A 1024 7.58 -22.39 -31.10
N THR A 1025 7.06 -22.42 -32.32
CA THR A 1025 7.76 -23.04 -33.44
C THR A 1025 8.63 -21.98 -34.08
N CYS A 1026 9.79 -21.79 -33.49
CA CYS A 1026 10.71 -20.74 -33.90
C CYS A 1026 11.39 -21.10 -35.22
N PRO A 1027 11.87 -20.11 -35.95
CA PRO A 1027 12.71 -20.38 -37.13
C PRO A 1027 14.05 -20.96 -36.72
N PRO A 1028 14.78 -21.57 -37.66
CA PRO A 1028 16.15 -22.00 -37.35
C PRO A 1028 17.04 -20.81 -37.07
N PHE A 1029 17.81 -20.92 -35.98
CA PHE A 1029 18.57 -19.81 -35.44
C PHE A 1029 19.80 -19.54 -36.31
N SER A 1030 20.48 -18.44 -35.99
CA SER A 1030 21.70 -18.07 -36.68
C SER A 1030 22.70 -17.63 -35.61
N LEU A 1031 23.73 -18.45 -35.39
CA LEU A 1031 24.71 -18.20 -34.35
C LEU A 1031 25.57 -16.98 -34.63
N PHE A 1032 25.64 -16.55 -35.88
CA PHE A 1032 26.50 -15.45 -36.25
C PHE A 1032 25.84 -14.10 -36.06
N THR A 1033 24.52 -14.07 -35.99
CA THR A 1033 23.73 -12.87 -35.80
C THR A 1033 23.02 -12.92 -34.46
N PRO A 1034 22.56 -11.79 -33.94
CA PRO A 1034 21.68 -11.83 -32.77
C PRO A 1034 20.33 -12.43 -33.12
N HIS A 1035 19.59 -12.82 -32.08
CA HIS A 1035 18.26 -13.38 -32.23
C HIS A 1035 17.23 -12.49 -31.53
N GLN A 1036 16.32 -11.93 -32.33
CA GLN A 1036 15.21 -11.15 -31.82
C GLN A 1036 13.93 -11.70 -32.41
N CYS A 1037 13.01 -12.08 -31.54
CA CYS A 1037 11.71 -12.54 -31.98
C CYS A 1037 10.94 -11.37 -32.62
N PRO A 1038 10.07 -11.64 -33.60
CA PRO A 1038 9.39 -10.54 -34.30
C PRO A 1038 8.41 -9.78 -33.44
N GLU A 1039 8.78 -8.56 -33.08
CA GLU A 1039 7.89 -7.71 -32.31
C GLU A 1039 6.75 -7.20 -33.20
N PRO A 1040 5.59 -6.89 -32.63
CA PRO A 1040 4.50 -6.34 -33.43
C PRO A 1040 4.78 -4.92 -33.91
N LYS A 1041 5.02 -4.76 -35.21
CA LYS A 1041 5.02 -3.45 -35.83
C LYS A 1041 3.70 -3.31 -36.58
N GLN A 1042 2.80 -2.50 -36.04
CA GLN A 1042 1.42 -2.44 -36.51
C GLN A 1042 1.37 -1.70 -37.84
N ARG A 1043 0.98 -2.40 -38.89
CA ARG A 1043 0.78 -1.78 -40.19
C ARG A 1043 -0.68 -1.65 -40.56
N ARG A 1044 -1.50 -2.63 -40.21
CA ARG A 1044 -2.92 -2.55 -40.51
C ARG A 1044 -3.69 -1.67 -39.54
N GLN A 1045 -3.07 -1.30 -38.42
CA GLN A 1045 -3.74 -0.44 -37.46
C GLN A 1045 -3.78 0.99 -37.98
N ALA A 1046 -4.91 1.66 -37.75
CA ALA A 1046 -5.06 3.06 -38.11
C ALA A 1046 -4.09 3.90 -37.31
N PRO A 1047 -3.56 4.98 -37.89
CA PRO A 1047 -2.57 5.80 -37.19
C PRO A 1047 -3.17 6.55 -36.01
N ILE A 1048 -2.28 6.93 -35.09
CA ILE A 1048 -2.69 7.52 -33.83
C ILE A 1048 -3.21 8.94 -34.04
N ASN A 1049 -2.64 9.66 -34.99
CA ASN A 1049 -3.09 11.01 -35.29
C ASN A 1049 -4.45 10.97 -35.96
N PHE A 1050 -5.19 12.07 -35.83
CA PHE A 1050 -6.51 12.16 -36.44
C PHE A 1050 -6.46 12.61 -37.88
N THR A 1051 -5.54 13.52 -38.21
CA THR A 1051 -5.39 13.93 -39.60
C THR A 1051 -4.79 12.84 -40.44
N SER A 1052 -3.98 11.97 -39.84
CA SER A 1052 -3.46 10.83 -40.58
C SER A 1052 -4.54 9.80 -40.81
N ARG A 1053 -5.51 9.69 -39.91
CA ARG A 1053 -6.67 8.85 -40.18
C ARG A 1053 -7.58 9.49 -41.21
N LEU A 1054 -7.64 10.82 -41.23
CA LEU A 1054 -8.55 11.51 -42.14
C LEU A 1054 -8.07 11.41 -43.58
N ASN A 1055 -6.76 11.45 -43.79
CA ASN A 1055 -6.24 11.22 -45.13
C ASN A 1055 -6.38 9.77 -45.54
N ARG A 1056 -6.33 8.86 -44.58
CA ARG A 1056 -6.36 7.44 -44.91
C ARG A 1056 -7.77 6.95 -45.20
N ARG A 1057 -8.78 7.53 -44.54
CA ARG A 1057 -10.16 7.11 -44.80
C ARG A 1057 -10.66 7.55 -46.16
N ALA A 1058 -9.96 8.45 -46.84
CA ALA A 1058 -10.30 8.85 -48.19
C ALA A 1058 -10.00 7.77 -49.23
N SER A 1059 -9.16 6.78 -48.90
CA SER A 1059 -8.86 5.72 -49.84
C SER A 1059 -8.92 4.35 -49.19
N PHE A 1060 -9.65 4.22 -48.09
CA PHE A 1060 -9.76 3.00 -47.32
C PHE A 1060 -11.15 2.98 -46.69
N PRO A 1061 -11.65 1.81 -46.27
CA PRO A 1061 -13.03 1.78 -45.75
C PRO A 1061 -13.21 2.46 -44.40
N LYS A 1062 -14.40 2.27 -43.82
CA LYS A 1062 -15.14 3.21 -42.99
C LYS A 1062 -14.35 4.12 -42.07
N TYR A 1063 -13.40 3.57 -41.31
CA TYR A 1063 -12.73 4.35 -40.28
C TYR A 1063 -11.29 4.66 -40.61
N GLY A 1064 -10.60 3.79 -41.34
CA GLY A 1064 -9.24 4.07 -41.75
C GLY A 1064 -8.30 2.90 -41.57
N GLY A 1065 -8.53 2.10 -40.54
CA GLY A 1065 -7.70 0.93 -40.32
C GLY A 1065 -8.32 0.05 -39.26
N VAL A 1066 -7.55 -0.97 -38.88
CA VAL A 1066 -7.95 -1.84 -37.78
C VAL A 1066 -7.88 -1.05 -36.49
N ASP A 1067 -8.97 -1.08 -35.71
CA ASP A 1067 -9.21 -0.23 -34.54
C ASP A 1067 -9.06 1.26 -34.89
N GLY A 1068 -9.95 1.70 -35.77
CA GLY A 1068 -9.96 3.09 -36.19
C GLY A 1068 -11.07 3.87 -35.53
N GLY A 1069 -12.22 3.22 -35.33
CA GLY A 1069 -13.30 3.85 -34.64
C GLY A 1069 -13.07 4.00 -33.16
N CYS A 1070 -12.13 3.25 -32.60
CA CYS A 1070 -11.81 3.40 -31.19
C CYS A 1070 -11.09 4.72 -30.94
N PHE A 1071 -10.12 5.05 -31.79
CA PHE A 1071 -9.44 6.34 -31.70
C PHE A 1071 -10.40 7.48 -31.97
N ASP A 1072 -11.42 7.26 -32.78
CA ASP A 1072 -12.38 8.31 -33.04
C ASP A 1072 -13.27 8.55 -31.85
N ARG A 1073 -13.39 7.57 -30.96
CA ARG A 1073 -14.14 7.76 -29.73
C ARG A 1073 -13.27 8.26 -28.59
N HIS A 1074 -11.95 8.16 -28.69
CA HIS A 1074 -11.11 8.75 -27.65
C HIS A 1074 -11.11 10.27 -27.75
N LEU A 1075 -11.01 10.81 -28.95
CA LEU A 1075 -10.96 12.25 -29.13
C LEU A 1075 -12.32 12.90 -28.95
N ILE A 1076 -13.39 12.13 -28.88
CA ILE A 1076 -14.73 12.67 -28.97
C ILE A 1076 -15.54 12.48 -27.70
N PHE A 1077 -15.06 11.67 -26.75
CA PHE A 1077 -15.68 11.61 -25.44
C PHE A 1077 -14.72 12.01 -24.33
N SER A 1078 -13.57 12.59 -24.67
CA SER A 1078 -12.65 13.08 -23.65
C SER A 1078 -12.71 14.59 -23.49
N ARG A 1079 -13.79 15.21 -23.95
CA ARG A 1079 -13.95 16.64 -23.82
C ARG A 1079 -15.42 16.96 -23.68
N PHE A 1080 -15.73 17.88 -22.76
CA PHE A 1080 -17.09 18.28 -22.47
C PHE A 1080 -17.09 19.76 -22.15
N ARG A 1081 -18.24 20.40 -22.35
CA ARG A 1081 -18.33 21.83 -22.13
C ARG A 1081 -19.73 22.15 -21.64
N PRO A 1082 -19.87 22.88 -20.53
CA PRO A 1082 -21.20 23.19 -20.01
C PRO A 1082 -21.89 24.23 -20.87
N ILE A 1083 -23.10 23.90 -21.32
CA ILE A 1083 -23.83 24.83 -22.17
C ILE A 1083 -24.78 25.66 -21.34
N SER A 1084 -25.66 25.01 -20.59
CA SER A 1084 -26.69 25.71 -19.83
C SER A 1084 -26.83 25.07 -18.46
N VAL A 1085 -27.13 25.89 -17.46
CA VAL A 1085 -27.40 25.44 -16.09
C VAL A 1085 -28.84 25.79 -15.76
N PHE A 1086 -29.57 24.81 -15.27
CA PHE A 1086 -31.01 24.97 -15.04
C PHE A 1086 -31.26 25.06 -13.54
N ARG A 1087 -31.49 26.27 -13.05
CA ARG A 1087 -31.82 26.45 -11.64
C ARG A 1087 -33.31 26.22 -11.40
N GLU A 1088 -33.73 26.54 -10.18
CA GLU A 1088 -35.08 26.29 -9.70
C GLU A 1088 -35.51 27.57 -8.95
N ALA A 1089 -35.49 28.69 -9.67
CA ALA A 1089 -35.70 30.01 -9.04
C ALA A 1089 -37.14 30.22 -8.59
N ASN A 1090 -37.57 29.44 -7.59
CA ASN A 1090 -38.84 29.62 -6.90
C ASN A 1090 -38.62 29.96 -5.43
N GLU A 1091 -37.83 29.18 -4.71
CA GLU A 1091 -37.45 29.48 -3.35
C GLU A 1091 -35.94 29.72 -3.28
N ASP A 1092 -35.40 30.32 -4.35
CA ASP A 1092 -34.05 30.90 -4.44
C ASP A 1092 -32.91 29.88 -4.34
N GLU A 1093 -33.20 28.59 -4.19
CA GLU A 1093 -32.17 27.57 -4.17
C GLU A 1093 -32.77 26.29 -4.72
N SER A 1094 -32.01 25.57 -5.54
CA SER A 1094 -32.55 24.45 -6.27
C SER A 1094 -32.65 23.22 -5.38
N GLY A 1095 -33.64 22.38 -5.69
CA GLY A 1095 -33.88 21.17 -4.93
C GLY A 1095 -34.05 19.94 -5.80
N PHE A 1096 -33.26 19.81 -6.87
CA PHE A 1096 -33.48 18.71 -7.78
C PHE A 1096 -32.88 17.42 -7.25
N THR A 1097 -33.51 16.29 -7.61
CA THR A 1097 -33.03 14.97 -7.24
C THR A 1097 -32.67 14.10 -8.43
N CYS A 1098 -33.59 13.93 -9.38
CA CYS A 1098 -33.42 12.96 -10.46
C CYS A 1098 -33.57 13.65 -11.81
N CYS A 1099 -32.81 13.18 -12.80
CA CYS A 1099 -32.80 13.78 -14.13
C CYS A 1099 -32.93 12.74 -15.22
N ALA A 1100 -33.59 13.13 -16.30
CA ALA A 1100 -33.74 12.33 -17.51
C ALA A 1100 -34.21 13.24 -18.63
N PHE A 1101 -34.09 12.74 -19.85
CA PHE A 1101 -34.62 13.42 -21.02
C PHE A 1101 -35.99 12.83 -21.37
N SER A 1102 -36.69 13.51 -22.26
CA SER A 1102 -37.99 13.02 -22.72
C SER A 1102 -37.78 12.01 -23.84
N ALA A 1103 -38.87 11.55 -24.42
CA ALA A 1103 -38.80 10.62 -25.54
C ALA A 1103 -38.59 11.31 -26.87
N ARG A 1104 -38.67 12.63 -26.91
CA ARG A 1104 -38.45 13.39 -28.12
C ARG A 1104 -37.30 14.38 -27.97
N GLU A 1105 -36.60 14.32 -26.85
CA GLU A 1105 -35.40 15.10 -26.53
C GLU A 1105 -35.64 16.61 -26.51
N ARG A 1106 -36.89 17.08 -26.50
CA ARG A 1106 -37.10 18.51 -26.37
C ARG A 1106 -37.08 18.93 -24.92
N PHE A 1107 -37.86 18.25 -24.08
CA PHE A 1107 -37.87 18.55 -22.66
C PHE A 1107 -36.98 17.58 -21.91
N LEU A 1108 -36.54 18.00 -20.74
CA LEU A 1108 -35.75 17.15 -19.86
C LEU A 1108 -36.41 17.15 -18.49
N MET A 1109 -36.88 15.98 -18.09
CA MET A 1109 -37.76 15.85 -16.93
C MET A 1109 -36.91 15.82 -15.67
N LEU A 1110 -36.69 16.99 -15.08
CA LEU A 1110 -36.01 17.04 -13.80
C LEU A 1110 -36.96 16.62 -12.68
N GLY A 1111 -36.41 16.46 -11.49
CA GLY A 1111 -37.23 16.01 -10.38
C GLY A 1111 -36.84 16.62 -9.05
N THR A 1112 -37.80 17.28 -8.39
CA THR A 1112 -37.51 18.08 -7.22
C THR A 1112 -37.34 17.20 -5.99
N CYS A 1113 -36.92 17.84 -4.90
CA CYS A 1113 -36.96 17.18 -3.60
C CYS A 1113 -38.37 17.04 -3.08
N THR A 1114 -39.28 17.93 -3.49
CA THR A 1114 -40.62 17.93 -2.93
C THR A 1114 -41.49 16.80 -3.44
N GLY A 1115 -41.11 16.16 -4.54
CA GLY A 1115 -41.93 15.13 -5.13
C GLY A 1115 -42.66 15.52 -6.40
N GLN A 1116 -42.23 16.56 -7.09
CA GLN A 1116 -42.85 16.98 -8.33
C GLN A 1116 -41.79 17.04 -9.43
N LEU A 1117 -42.17 16.63 -10.64
CA LEU A 1117 -41.27 16.74 -11.78
C LEU A 1117 -41.65 17.97 -12.59
N LYS A 1118 -40.64 18.72 -13.01
CA LYS A 1118 -40.85 19.98 -13.69
C LYS A 1118 -40.17 19.92 -15.06
N LEU A 1119 -40.95 20.14 -16.10
CA LEU A 1119 -40.43 20.11 -17.46
C LEU A 1119 -39.63 21.37 -17.73
N TYR A 1120 -38.65 21.25 -18.64
CA TYR A 1120 -37.85 22.38 -19.05
C TYR A 1120 -37.48 22.21 -20.51
N ASN A 1121 -37.72 23.24 -21.31
CA ASN A 1121 -37.28 23.22 -22.70
C ASN A 1121 -35.77 23.27 -22.76
N VAL A 1122 -35.17 22.41 -23.59
CA VAL A 1122 -33.72 22.38 -23.68
C VAL A 1122 -33.22 23.60 -24.45
N PHE A 1123 -34.06 24.20 -25.27
CA PHE A 1123 -33.69 25.39 -26.02
C PHE A 1123 -34.00 26.66 -25.24
N SER A 1124 -35.19 26.73 -24.65
CA SER A 1124 -35.58 27.94 -23.95
C SER A 1124 -34.93 28.02 -22.58
N GLY A 1125 -35.12 27.00 -21.76
CA GLY A 1125 -34.68 27.06 -20.39
C GLY A 1125 -35.78 27.63 -19.53
N GLN A 1126 -37.00 27.17 -19.77
CA GLN A 1126 -38.18 27.73 -19.14
C GLN A 1126 -39.00 26.61 -18.52
N GLU A 1127 -39.50 26.85 -17.31
CA GLU A 1127 -40.51 26.00 -16.72
C GLU A 1127 -41.74 25.94 -17.61
N GLU A 1128 -42.16 24.73 -17.93
CA GLU A 1128 -43.27 24.60 -18.85
C GLU A 1128 -44.49 23.94 -18.24
N ALA A 1129 -44.31 22.84 -17.50
CA ALA A 1129 -45.44 22.17 -16.87
C ALA A 1129 -44.94 21.39 -15.67
N SER A 1130 -45.25 21.87 -14.48
CA SER A 1130 -44.98 21.08 -13.29
C SER A 1130 -46.08 20.05 -13.11
N TYR A 1131 -45.76 19.00 -12.37
CA TYR A 1131 -46.69 17.90 -12.15
C TYR A 1131 -46.56 17.40 -10.73
N ASN A 1132 -47.65 17.47 -9.97
CA ASN A 1132 -47.65 17.02 -8.58
C ASN A 1132 -47.64 15.50 -8.56
N CYS A 1133 -46.43 14.95 -8.65
CA CYS A 1133 -46.26 13.51 -8.80
C CYS A 1133 -46.28 12.76 -7.47
N HIS A 1134 -45.31 13.02 -6.61
CA HIS A 1134 -45.13 12.24 -5.40
C HIS A 1134 -45.13 13.13 -4.17
N ASN A 1135 -45.29 12.47 -3.02
CA ASN A 1135 -45.24 13.19 -1.75
C ASN A 1135 -43.81 13.35 -1.27
N SER A 1136 -43.01 12.29 -1.37
CA SER A 1136 -41.71 12.29 -0.71
C SER A 1136 -40.65 13.02 -1.53
N ALA A 1137 -40.29 12.47 -2.69
CA ALA A 1137 -39.27 12.99 -3.61
C ALA A 1137 -39.38 12.19 -4.90
N ILE A 1138 -38.41 12.37 -5.79
CA ILE A 1138 -38.27 11.53 -6.99
C ILE A 1138 -36.92 10.84 -6.91
N THR A 1139 -36.93 9.51 -6.87
CA THR A 1139 -35.67 8.76 -6.87
C THR A 1139 -35.28 8.37 -8.29
N HIS A 1140 -36.11 7.60 -8.96
CA HIS A 1140 -35.83 7.12 -10.30
C HIS A 1140 -36.90 7.65 -11.24
N LEU A 1141 -36.49 7.93 -12.48
CA LEU A 1141 -37.41 8.53 -13.44
C LEU A 1141 -36.94 8.15 -14.84
N GLU A 1142 -37.67 7.25 -15.51
CA GLU A 1142 -37.34 6.97 -16.90
C GLU A 1142 -38.61 6.95 -17.74
N PRO A 1143 -38.54 7.47 -18.96
CA PRO A 1143 -39.69 7.37 -19.87
C PRO A 1143 -39.62 6.14 -20.75
N SER A 1144 -40.61 5.98 -21.61
CA SER A 1144 -40.58 4.92 -22.62
C SER A 1144 -40.25 5.53 -23.97
N ARG A 1145 -39.85 4.66 -24.91
CA ARG A 1145 -39.37 5.16 -26.18
C ARG A 1145 -40.49 5.65 -27.09
N ASP A 1146 -41.68 5.06 -26.97
CA ASP A 1146 -42.79 5.53 -27.78
C ASP A 1146 -43.39 6.83 -27.28
N GLY A 1147 -43.02 7.27 -26.08
CA GLY A 1147 -43.52 8.52 -25.55
C GLY A 1147 -44.91 8.47 -24.95
N SER A 1148 -45.37 7.29 -24.56
CA SER A 1148 -46.71 7.14 -24.01
C SER A 1148 -46.71 6.89 -22.50
N LEU A 1149 -45.60 6.43 -21.94
CA LEU A 1149 -45.55 6.01 -20.54
C LEU A 1149 -44.42 6.72 -19.83
N LEU A 1150 -44.41 6.57 -18.51
CA LEU A 1150 -43.40 7.19 -17.66
C LEU A 1150 -43.39 6.49 -16.31
N LEU A 1151 -42.22 6.02 -15.90
CA LEU A 1151 -42.03 5.39 -14.61
C LEU A 1151 -41.30 6.32 -13.67
N THR A 1152 -41.88 6.58 -12.50
CA THR A 1152 -41.23 7.36 -11.45
C THR A 1152 -41.38 6.62 -10.13
N SER A 1153 -40.30 6.57 -9.36
CA SER A 1153 -40.33 5.95 -8.05
C SER A 1153 -39.92 6.96 -6.99
N ALA A 1154 -40.51 6.84 -5.81
CA ALA A 1154 -40.40 7.83 -4.77
C ALA A 1154 -39.48 7.33 -3.65
N THR A 1155 -39.39 8.13 -2.58
CA THR A 1155 -38.47 7.86 -1.48
C THR A 1155 -39.14 7.10 -0.33
N TRP A 1156 -40.22 7.63 0.23
CA TRP A 1156 -40.92 6.94 1.29
C TRP A 1156 -42.43 6.98 1.19
N SER A 1157 -43.00 7.55 0.11
CA SER A 1157 -44.45 7.67 -0.02
C SER A 1157 -45.12 6.30 -0.07
N GLN A 1158 -46.39 6.26 0.33
CA GLN A 1158 -47.06 5.00 0.58
C GLN A 1158 -47.32 4.22 -0.72
N PRO A 1159 -47.63 4.87 -1.87
CA PRO A 1159 -47.30 4.20 -3.13
C PRO A 1159 -45.89 4.57 -3.54
N LEU A 1160 -45.06 3.56 -3.78
CA LEU A 1160 -43.63 3.82 -3.97
C LEU A 1160 -43.25 4.12 -5.41
N SER A 1161 -43.96 3.54 -6.38
CA SER A 1161 -43.64 3.75 -7.78
C SER A 1161 -44.93 3.81 -8.57
N ALA A 1162 -44.97 4.69 -9.57
CA ALA A 1162 -46.19 4.96 -10.32
C ALA A 1162 -45.89 5.01 -11.80
N LEU A 1163 -46.56 4.16 -12.56
CA LEU A 1163 -46.59 4.27 -14.01
C LEU A 1163 -47.57 5.37 -14.39
N TRP A 1164 -47.05 6.55 -14.70
CA TRP A 1164 -47.89 7.67 -15.09
C TRP A 1164 -48.24 7.54 -16.57
N GLY A 1165 -48.84 8.59 -17.13
CA GLY A 1165 -49.13 8.65 -18.55
C GLY A 1165 -48.78 10.01 -19.13
N MET A 1166 -48.17 10.04 -20.32
CA MET A 1166 -47.62 11.29 -20.85
C MET A 1166 -48.04 11.55 -22.30
N LYS A 1167 -49.08 10.88 -22.80
CA LYS A 1167 -49.56 11.16 -24.14
C LYS A 1167 -50.11 12.58 -24.25
N SER A 1168 -51.26 12.81 -23.63
CA SER A 1168 -51.75 14.15 -23.34
C SER A 1168 -52.40 14.27 -21.98
N VAL A 1169 -52.78 13.17 -21.34
CA VAL A 1169 -53.48 13.16 -20.07
C VAL A 1169 -52.56 12.53 -19.04
N PHE A 1170 -52.44 13.19 -17.88
CA PHE A 1170 -51.45 12.83 -16.87
C PHE A 1170 -52.16 12.14 -15.72
N ASP A 1171 -51.98 10.83 -15.60
CA ASP A 1171 -52.68 10.07 -14.58
C ASP A 1171 -51.86 8.84 -14.21
N MET A 1172 -52.02 8.40 -12.97
CA MET A 1172 -51.44 7.13 -12.53
C MET A 1172 -52.20 6.00 -13.20
N LYS A 1173 -51.70 5.52 -14.32
CA LYS A 1173 -52.43 4.50 -15.06
C LYS A 1173 -52.30 3.11 -14.44
N HIS A 1174 -51.36 2.93 -13.51
CA HIS A 1174 -51.18 1.76 -12.64
C HIS A 1174 -50.31 2.17 -11.48
N SER A 1175 -50.59 1.59 -10.32
CA SER A 1175 -49.99 2.01 -9.07
C SER A 1175 -49.27 0.85 -8.40
N PHE A 1176 -48.14 1.15 -7.77
CA PHE A 1176 -47.43 0.16 -6.97
C PHE A 1176 -47.08 0.78 -5.63
N THR A 1177 -47.23 0.00 -4.56
CA THR A 1177 -46.94 0.46 -3.22
C THR A 1177 -45.71 -0.21 -2.63
N GLU A 1178 -44.99 -0.98 -3.45
CA GLU A 1178 -44.09 -2.00 -2.92
C GLU A 1178 -42.65 -1.77 -3.29
N ASP A 1179 -42.36 -1.48 -4.56
CA ASP A 1179 -41.02 -1.63 -5.11
C ASP A 1179 -40.25 -0.33 -5.03
N HIS A 1180 -38.96 -0.44 -4.78
CA HIS A 1180 -38.12 0.74 -4.64
C HIS A 1180 -37.51 1.20 -5.96
N TYR A 1181 -37.61 0.38 -7.00
CA TYR A 1181 -36.98 0.69 -8.28
C TYR A 1181 -37.70 -0.10 -9.35
N VAL A 1182 -38.44 0.58 -10.21
CA VAL A 1182 -39.11 -0.08 -11.32
C VAL A 1182 -38.34 0.18 -12.60
N GLU A 1183 -38.54 -0.70 -13.57
CA GLU A 1183 -37.79 -0.67 -14.82
C GLU A 1183 -38.61 -1.36 -15.89
N PHE A 1184 -38.51 -0.85 -17.12
CA PHE A 1184 -39.22 -1.41 -18.26
C PHE A 1184 -38.60 -2.72 -18.72
N SER A 1185 -39.16 -3.27 -19.79
CA SER A 1185 -38.49 -4.28 -20.59
C SER A 1185 -37.96 -3.62 -21.85
N LYS A 1186 -36.78 -4.07 -22.30
CA LYS A 1186 -35.97 -3.27 -23.21
C LYS A 1186 -36.50 -3.27 -24.64
N HIS A 1187 -36.53 -4.43 -25.30
CA HIS A 1187 -36.92 -4.47 -26.70
C HIS A 1187 -38.43 -4.30 -26.87
N SER A 1188 -39.20 -5.24 -26.35
CA SER A 1188 -40.65 -5.14 -26.36
C SER A 1188 -41.07 -4.58 -25.01
N GLN A 1189 -41.50 -3.33 -25.00
CA GLN A 1189 -41.67 -2.58 -23.76
C GLN A 1189 -42.96 -2.88 -23.04
N ASP A 1190 -43.64 -4.00 -23.30
CA ASP A 1190 -44.91 -4.27 -22.65
C ASP A 1190 -44.78 -4.79 -21.22
N ARG A 1191 -43.58 -4.90 -20.67
CA ARG A 1191 -43.38 -5.44 -19.34
C ARG A 1191 -42.65 -4.41 -18.48
N VAL A 1192 -43.05 -4.30 -17.23
CA VAL A 1192 -42.38 -3.44 -16.25
C VAL A 1192 -42.00 -4.29 -15.06
N ILE A 1193 -40.72 -4.32 -14.73
CA ILE A 1193 -40.22 -5.10 -13.61
C ILE A 1193 -39.86 -4.13 -12.49
N GLY A 1194 -39.97 -4.60 -11.25
CA GLY A 1194 -39.65 -3.77 -10.10
C GLY A 1194 -39.22 -4.63 -8.94
N THR A 1195 -38.45 -4.05 -8.04
CA THR A 1195 -37.78 -4.84 -7.02
C THR A 1195 -37.90 -4.18 -5.65
N LYS A 1196 -38.46 -4.91 -4.69
CA LYS A 1196 -38.40 -4.54 -3.29
C LYS A 1196 -37.45 -5.50 -2.57
N GLY A 1197 -36.42 -4.94 -1.95
CA GLY A 1197 -35.47 -5.71 -1.17
C GLY A 1197 -34.70 -6.72 -1.99
N ASP A 1198 -35.06 -7.99 -1.82
CA ASP A 1198 -34.55 -9.08 -2.65
C ASP A 1198 -35.63 -9.72 -3.49
N ILE A 1199 -36.83 -9.17 -3.51
CA ILE A 1199 -37.95 -9.75 -4.24
C ILE A 1199 -38.24 -8.87 -5.44
N ALA A 1200 -38.25 -9.46 -6.64
CA ALA A 1200 -38.47 -8.74 -7.88
C ALA A 1200 -39.73 -9.24 -8.55
N HIS A 1201 -40.60 -8.32 -8.95
CA HIS A 1201 -41.91 -8.63 -9.50
C HIS A 1201 -41.97 -8.23 -10.97
N ILE A 1202 -42.51 -9.10 -11.80
CA ILE A 1202 -42.74 -8.82 -13.22
C ILE A 1202 -44.19 -8.41 -13.38
N TYR A 1203 -44.43 -7.21 -13.92
CA TYR A 1203 -45.77 -6.72 -14.14
C TYR A 1203 -46.03 -6.52 -15.63
N ASP A 1204 -47.30 -6.59 -16.00
CA ASP A 1204 -47.75 -6.16 -17.31
C ASP A 1204 -48.20 -4.70 -17.23
N ILE A 1205 -48.37 -4.08 -18.39
CA ILE A 1205 -48.82 -2.69 -18.46
C ILE A 1205 -50.30 -2.68 -18.76
N GLN A 1206 -50.76 -3.71 -19.49
CA GLN A 1206 -52.15 -3.74 -19.93
C GLN A 1206 -53.10 -3.96 -18.76
N THR A 1207 -52.78 -4.89 -17.85
CA THR A 1207 -53.62 -5.15 -16.70
C THR A 1207 -52.93 -4.94 -15.36
N GLY A 1208 -51.60 -4.84 -15.34
CA GLY A 1208 -50.91 -4.51 -14.12
C GLY A 1208 -50.85 -5.58 -13.07
N ASN A 1209 -51.22 -6.81 -13.40
CA ASN A 1209 -51.14 -7.88 -12.43
C ASN A 1209 -49.70 -8.33 -12.26
N LYS A 1210 -49.46 -9.12 -11.21
CA LYS A 1210 -48.18 -9.78 -11.05
C LYS A 1210 -48.08 -10.89 -12.07
N LEU A 1211 -47.14 -10.78 -13.01
CA LEU A 1211 -47.01 -11.84 -14.00
C LEU A 1211 -46.28 -13.04 -13.41
N LEU A 1212 -45.02 -12.87 -13.06
CA LEU A 1212 -44.25 -13.91 -12.37
C LEU A 1212 -43.28 -13.23 -11.40
N THR A 1213 -43.42 -13.54 -10.12
CA THR A 1213 -42.46 -13.09 -9.12
C THR A 1213 -41.39 -14.16 -8.97
N LEU A 1214 -40.13 -13.78 -9.14
CA LEU A 1214 -39.03 -14.71 -9.10
C LEU A 1214 -38.13 -14.41 -7.91
N PHE A 1215 -37.83 -15.46 -7.14
CA PHE A 1215 -36.94 -15.41 -5.99
C PHE A 1215 -36.63 -16.84 -5.55
N ASN A 1216 -35.37 -17.07 -5.19
CA ASN A 1216 -34.94 -18.35 -4.63
C ASN A 1216 -34.31 -18.07 -3.28
N PRO A 1217 -34.89 -18.56 -2.18
CA PRO A 1217 -34.31 -18.28 -0.86
C PRO A 1217 -32.97 -18.96 -0.62
N ASP A 1218 -32.69 -20.05 -1.33
CA ASP A 1218 -31.47 -20.80 -1.18
C ASP A 1218 -30.28 -20.14 -1.86
N LEU A 1219 -30.50 -19.06 -2.62
CA LEU A 1219 -29.50 -18.66 -3.59
C LEU A 1219 -29.19 -17.17 -3.61
N ALA A 1220 -29.89 -16.34 -2.88
CA ALA A 1220 -29.75 -14.90 -3.05
C ALA A 1220 -28.45 -14.40 -2.45
N ASN A 1221 -27.93 -13.31 -3.01
CA ASN A 1221 -26.73 -12.68 -2.49
C ASN A 1221 -27.03 -11.64 -1.43
N ASN A 1222 -28.25 -11.12 -1.39
CA ASN A 1222 -28.67 -10.04 -0.49
C ASN A 1222 -27.80 -8.80 -0.67
N TYR A 1223 -27.83 -8.24 -1.86
CA TYR A 1223 -27.15 -6.99 -2.09
C TYR A 1223 -27.87 -5.86 -1.39
N LYS A 1224 -27.16 -4.76 -1.18
CA LYS A 1224 -27.74 -3.61 -0.52
C LYS A 1224 -28.70 -2.87 -1.46
N ARG A 1225 -28.29 -2.70 -2.71
CA ARG A 1225 -29.10 -2.03 -3.71
C ARG A 1225 -29.37 -3.01 -4.84
N ASN A 1226 -30.41 -3.81 -4.69
CA ASN A 1226 -30.81 -4.74 -5.73
C ASN A 1226 -31.71 -4.03 -6.72
N CYS A 1227 -31.44 -4.21 -8.01
CA CYS A 1227 -32.21 -3.59 -9.09
C CYS A 1227 -32.29 -4.62 -10.22
N ALA A 1228 -33.40 -5.33 -10.29
CA ALA A 1228 -33.55 -6.35 -11.32
C ALA A 1228 -33.84 -5.69 -12.66
N THR A 1229 -33.08 -6.09 -13.67
CA THR A 1229 -33.17 -5.53 -15.01
C THR A 1229 -33.42 -6.65 -16.00
N PHE A 1230 -33.45 -6.30 -17.28
CA PHE A 1230 -33.57 -7.28 -18.35
C PHE A 1230 -32.37 -7.19 -19.27
N ASN A 1231 -32.05 -8.32 -19.91
CA ASN A 1231 -31.16 -8.29 -21.04
C ASN A 1231 -31.88 -7.67 -22.23
N PRO A 1232 -31.14 -7.19 -23.24
CA PRO A 1232 -31.81 -6.62 -24.42
C PRO A 1232 -32.55 -7.63 -25.28
N THR A 1233 -32.39 -8.93 -25.05
CA THR A 1233 -33.22 -9.91 -25.72
C THR A 1233 -34.48 -10.25 -24.93
N ASP A 1234 -34.68 -9.60 -23.78
CA ASP A 1234 -35.85 -9.76 -22.91
C ASP A 1234 -36.04 -11.20 -22.45
N ASP A 1235 -34.95 -11.85 -22.05
CA ASP A 1235 -35.01 -13.24 -21.63
C ASP A 1235 -34.30 -13.54 -20.32
N LEU A 1236 -33.48 -12.63 -19.80
CA LEU A 1236 -32.71 -12.89 -18.60
C LEU A 1236 -32.83 -11.72 -17.64
N VAL A 1237 -32.88 -12.03 -16.35
CA VAL A 1237 -33.09 -11.04 -15.29
C VAL A 1237 -31.96 -11.17 -14.27
N LEU A 1238 -31.38 -10.04 -13.88
CA LEU A 1238 -30.36 -10.02 -12.83
C LEU A 1238 -31.00 -9.60 -11.51
N ASN A 1239 -31.60 -10.56 -10.83
CA ASN A 1239 -32.05 -10.36 -9.45
C ASN A 1239 -31.01 -10.97 -8.53
N ASP A 1240 -30.49 -10.15 -7.61
CA ASP A 1240 -29.54 -10.55 -6.56
C ASP A 1240 -28.27 -11.16 -7.13
N GLY A 1241 -27.90 -10.77 -8.35
CA GLY A 1241 -26.77 -11.41 -9.00
C GLY A 1241 -27.03 -12.84 -9.42
N VAL A 1242 -28.29 -13.20 -9.65
CA VAL A 1242 -28.65 -14.51 -10.16
C VAL A 1242 -29.36 -14.30 -11.49
N LEU A 1243 -28.98 -15.07 -12.51
CA LEU A 1243 -29.72 -15.03 -13.76
C LEU A 1243 -31.03 -15.76 -13.61
N TRP A 1244 -31.98 -15.44 -14.49
CA TRP A 1244 -33.29 -16.06 -14.43
C TRP A 1244 -33.82 -16.22 -15.85
N ASP A 1245 -34.01 -17.46 -16.27
CA ASP A 1245 -34.63 -17.74 -17.56
C ASP A 1245 -36.14 -17.58 -17.42
N VAL A 1246 -36.71 -16.64 -18.15
CA VAL A 1246 -38.09 -16.24 -17.94
C VAL A 1246 -39.03 -17.09 -18.79
N ARG A 1247 -38.50 -18.15 -19.39
CA ARG A 1247 -39.39 -19.04 -20.14
C ARG A 1247 -40.09 -20.02 -19.23
N SER A 1248 -39.42 -20.46 -18.17
CA SER A 1248 -39.98 -21.50 -17.30
C SER A 1248 -39.77 -21.25 -15.82
N ALA A 1249 -39.40 -20.03 -15.42
CA ALA A 1249 -39.26 -19.58 -14.03
C ALA A 1249 -38.26 -20.44 -13.26
N GLN A 1250 -37.00 -20.39 -13.70
CA GLN A 1250 -35.94 -21.13 -13.07
C GLN A 1250 -34.72 -20.24 -12.91
N ALA A 1251 -33.86 -20.61 -11.98
CA ALA A 1251 -32.60 -19.92 -11.80
C ALA A 1251 -31.52 -20.60 -12.62
N ILE A 1252 -30.49 -19.85 -12.95
CA ILE A 1252 -29.45 -20.36 -13.83
C ILE A 1252 -28.12 -20.46 -13.12
N HIS A 1253 -27.61 -19.33 -12.64
CA HIS A 1253 -26.25 -19.32 -12.12
C HIS A 1253 -26.09 -18.16 -11.15
N LYS A 1254 -25.82 -18.49 -9.90
CA LYS A 1254 -25.44 -17.47 -8.92
C LYS A 1254 -24.04 -16.96 -9.24
N PHE A 1255 -23.81 -15.69 -9.01
CA PHE A 1255 -22.45 -15.17 -9.09
C PHE A 1255 -21.82 -15.09 -7.71
N ASP A 1256 -20.54 -14.79 -7.69
CA ASP A 1256 -19.81 -14.62 -6.46
C ASP A 1256 -19.88 -13.16 -6.02
N LYS A 1257 -20.29 -12.93 -4.79
CA LYS A 1257 -20.42 -11.59 -4.26
C LYS A 1257 -19.04 -11.03 -3.95
N PHE A 1258 -18.86 -9.74 -4.20
CA PHE A 1258 -17.61 -9.10 -3.82
C PHE A 1258 -17.73 -7.72 -3.20
N ASN A 1259 -18.82 -6.98 -3.39
CA ASN A 1259 -18.74 -5.55 -3.11
C ASN A 1259 -19.93 -4.99 -2.33
N MET A 1260 -20.81 -5.84 -1.80
CA MET A 1260 -21.82 -5.50 -0.79
C MET A 1260 -22.92 -4.55 -1.23
N ASN A 1261 -22.86 -3.96 -2.42
CA ASN A 1261 -23.85 -2.95 -2.78
C ASN A 1261 -24.62 -3.25 -4.06
N ILE A 1262 -23.93 -3.58 -5.15
CA ILE A 1262 -24.47 -3.42 -6.51
C ILE A 1262 -24.76 -4.79 -7.10
N SER A 1263 -25.98 -4.98 -7.59
CA SER A 1263 -26.44 -6.28 -8.04
C SER A 1263 -26.13 -6.57 -9.49
N GLY A 1264 -25.60 -5.60 -10.24
CA GLY A 1264 -25.13 -5.84 -11.59
C GLY A 1264 -26.03 -5.22 -12.64
N VAL A 1265 -25.57 -5.34 -13.89
CA VAL A 1265 -26.27 -4.77 -15.03
C VAL A 1265 -25.86 -5.60 -16.25
N PHE A 1266 -26.63 -5.53 -17.31
CA PHE A 1266 -26.28 -6.17 -18.56
C PHE A 1266 -25.49 -5.23 -19.46
N HIS A 1267 -24.48 -5.77 -20.12
CA HIS A 1267 -23.84 -5.00 -21.16
C HIS A 1267 -24.68 -5.09 -22.43
N PRO A 1268 -24.79 -4.02 -23.22
CA PRO A 1268 -25.68 -4.02 -24.38
C PRO A 1268 -25.31 -4.99 -25.50
N ASN A 1269 -24.19 -5.70 -25.41
CA ASN A 1269 -23.86 -6.66 -26.45
C ASN A 1269 -24.61 -7.97 -26.33
N GLY A 1270 -25.28 -8.21 -25.19
CA GLY A 1270 -25.91 -9.49 -24.98
C GLY A 1270 -24.94 -10.63 -24.81
N LEU A 1271 -23.72 -10.34 -24.41
CA LEU A 1271 -22.71 -11.36 -24.25
C LEU A 1271 -22.15 -11.42 -22.84
N GLU A 1272 -22.37 -10.39 -22.03
CA GLU A 1272 -21.69 -10.23 -20.75
C GLU A 1272 -22.68 -9.85 -19.67
N VAL A 1273 -22.19 -9.86 -18.43
CA VAL A 1273 -22.89 -9.36 -17.26
C VAL A 1273 -21.89 -8.53 -16.46
N ILE A 1274 -22.23 -7.29 -16.15
CA ILE A 1274 -21.33 -6.40 -15.45
C ILE A 1274 -21.81 -6.29 -14.01
N ILE A 1275 -21.30 -7.17 -13.13
CA ILE A 1275 -21.33 -6.92 -11.70
C ILE A 1275 -20.22 -5.91 -11.39
N ASN A 1276 -20.30 -5.27 -10.21
CA ASN A 1276 -19.72 -3.96 -9.87
C ASN A 1276 -18.36 -3.67 -10.47
N THR A 1277 -17.42 -4.59 -10.32
CA THR A 1277 -16.14 -4.45 -11.00
C THR A 1277 -15.68 -5.76 -11.63
N GLU A 1278 -16.56 -6.74 -11.72
CA GLU A 1278 -16.24 -8.05 -12.28
C GLU A 1278 -17.07 -8.27 -13.54
N ILE A 1279 -16.39 -8.61 -14.63
CA ILE A 1279 -17.01 -8.73 -15.95
C ILE A 1279 -17.14 -10.21 -16.27
N TRP A 1280 -18.37 -10.67 -16.45
CA TRP A 1280 -18.68 -12.08 -16.55
C TRP A 1280 -19.13 -12.45 -17.96
N ASP A 1281 -19.38 -13.73 -18.16
CA ASP A 1281 -19.89 -14.24 -19.42
C ASP A 1281 -21.30 -14.79 -19.22
N LEU A 1282 -22.08 -14.77 -20.30
CA LEU A 1282 -23.44 -15.26 -20.25
C LEU A 1282 -23.58 -16.74 -20.60
N ARG A 1283 -22.61 -17.34 -21.27
CA ARG A 1283 -22.77 -18.73 -21.66
C ARG A 1283 -21.69 -19.64 -21.10
N THR A 1284 -20.51 -19.12 -20.78
CA THR A 1284 -19.49 -19.91 -20.13
C THR A 1284 -19.34 -19.59 -18.66
N PHE A 1285 -19.85 -18.43 -18.22
CA PHE A 1285 -19.86 -17.97 -16.83
C PHE A 1285 -18.44 -17.90 -16.26
N HIS A 1286 -17.53 -17.37 -17.07
CA HIS A 1286 -16.15 -17.19 -16.66
C HIS A 1286 -15.88 -15.72 -16.45
N LEU A 1287 -15.06 -15.41 -15.45
CA LEU A 1287 -14.66 -14.04 -15.19
C LEU A 1287 -13.67 -13.62 -16.26
N LEU A 1288 -14.13 -12.83 -17.22
CA LEU A 1288 -13.24 -12.38 -18.28
C LEU A 1288 -12.26 -11.33 -17.78
N HIS A 1289 -12.71 -10.44 -16.92
CA HIS A 1289 -11.99 -9.19 -16.77
C HIS A 1289 -12.36 -8.58 -15.43
N THR A 1290 -11.55 -7.63 -14.97
CA THR A 1290 -11.81 -6.94 -13.71
C THR A 1290 -11.26 -5.53 -13.83
N VAL A 1291 -12.14 -4.54 -13.88
CA VAL A 1291 -11.75 -3.15 -14.04
C VAL A 1291 -11.87 -2.48 -12.68
N PRO A 1292 -10.76 -2.14 -12.03
CA PRO A 1292 -10.85 -1.56 -10.68
C PRO A 1292 -11.29 -0.11 -10.66
N ALA A 1293 -11.43 0.55 -11.80
CA ALA A 1293 -11.96 1.89 -11.84
C ALA A 1293 -13.49 1.92 -11.85
N LEU A 1294 -14.11 0.75 -11.92
CA LEU A 1294 -15.55 0.59 -11.75
C LEU A 1294 -15.96 0.39 -10.30
N ASP A 1295 -15.14 0.85 -9.36
CA ASP A 1295 -15.39 0.62 -7.94
C ASP A 1295 -16.57 1.46 -7.50
N GLN A 1296 -17.74 0.81 -7.45
CA GLN A 1296 -18.99 1.37 -6.91
C GLN A 1296 -19.41 2.64 -7.66
N CYS A 1297 -19.68 2.48 -8.95
CA CYS A 1297 -20.17 3.55 -9.78
C CYS A 1297 -21.40 3.05 -10.51
N ARG A 1298 -22.41 3.92 -10.66
CA ARG A 1298 -23.56 3.55 -11.46
C ARG A 1298 -23.24 3.80 -12.93
N VAL A 1299 -23.63 2.88 -13.78
CA VAL A 1299 -23.22 2.87 -15.17
C VAL A 1299 -24.38 3.24 -16.07
N VAL A 1300 -24.07 4.03 -17.10
CA VAL A 1300 -25.03 4.43 -18.12
C VAL A 1300 -24.35 4.24 -19.47
N PHE A 1301 -25.00 3.52 -20.36
CA PHE A 1301 -24.46 3.30 -21.69
C PHE A 1301 -25.05 4.30 -22.68
N ASN A 1302 -24.38 4.43 -23.81
CA ASN A 1302 -24.91 5.13 -24.96
C ASN A 1302 -26.07 4.32 -25.54
N HIS A 1303 -26.90 4.98 -26.35
CA HIS A 1303 -28.02 4.30 -26.99
C HIS A 1303 -27.54 3.25 -27.98
N THR A 1304 -26.45 3.56 -28.69
CA THR A 1304 -25.79 2.57 -29.53
C THR A 1304 -25.04 1.53 -28.70
N GLY A 1305 -24.75 1.83 -27.45
CA GLY A 1305 -24.05 0.91 -26.59
C GLY A 1305 -22.58 0.86 -26.90
N THR A 1306 -21.98 2.01 -27.19
CA THR A 1306 -20.59 2.04 -27.59
C THR A 1306 -19.69 2.66 -26.54
N VAL A 1307 -20.23 3.38 -25.56
CA VAL A 1307 -19.44 3.92 -24.45
C VAL A 1307 -20.22 3.72 -23.15
N MET A 1308 -19.47 3.60 -22.06
CA MET A 1308 -20.01 3.48 -20.72
C MET A 1308 -19.70 4.75 -19.94
N TYR A 1309 -20.69 5.26 -19.22
CA TYR A 1309 -20.48 6.41 -18.36
C TYR A 1309 -20.37 5.97 -16.90
N GLY A 1310 -19.58 6.72 -16.14
CA GLY A 1310 -19.36 6.37 -14.75
C GLY A 1310 -19.44 7.53 -13.79
N ALA A 1311 -20.26 7.40 -12.76
CA ALA A 1311 -20.42 8.41 -11.73
C ALA A 1311 -20.26 7.75 -10.37
N MET A 1312 -19.37 8.30 -9.54
CA MET A 1312 -19.03 7.69 -8.26
C MET A 1312 -20.18 7.83 -7.27
N LEU A 1313 -20.41 6.77 -6.50
CA LEU A 1313 -21.45 6.74 -5.48
C LEU A 1313 -20.84 6.48 -4.10
N GLN A 1314 -19.74 7.16 -3.79
CA GLN A 1314 -19.05 6.98 -2.52
C GLN A 1314 -19.85 7.51 -1.34
N SER A 1328 -20.27 12.08 3.50
CA SER A 1328 -19.61 11.36 2.43
C SER A 1328 -19.92 11.99 1.06
N PRO A 1329 -18.88 12.28 0.29
CA PRO A 1329 -19.11 12.88 -1.04
C PRO A 1329 -19.60 11.85 -2.03
N PHE A 1330 -20.05 12.34 -3.19
CA PHE A 1330 -20.58 11.50 -4.25
C PHE A 1330 -20.18 12.10 -5.58
N GLY A 1331 -19.29 11.43 -6.31
CA GLY A 1331 -18.98 11.88 -7.65
C GLY A 1331 -18.15 13.15 -7.75
N SER A 1332 -16.88 13.08 -7.39
CA SER A 1332 -16.00 14.23 -7.56
C SER A 1332 -15.52 14.42 -9.00
N SER A 1333 -15.92 13.54 -9.92
CA SER A 1333 -15.51 13.60 -11.32
C SER A 1333 -16.44 12.72 -12.14
N PHE A 1334 -16.16 12.62 -13.43
CA PHE A 1334 -16.81 11.63 -14.27
C PHE A 1334 -15.88 10.46 -14.54
N ARG A 1335 -16.34 9.55 -15.39
CA ARG A 1335 -15.60 8.36 -15.72
C ARG A 1335 -16.11 7.87 -17.06
N THR A 1336 -15.32 8.06 -18.11
CA THR A 1336 -15.74 7.70 -19.46
C THR A 1336 -15.04 6.41 -19.87
N PHE A 1337 -15.83 5.39 -20.21
CA PHE A 1337 -15.31 4.08 -20.54
C PHE A 1337 -15.70 3.69 -21.96
N ASN A 1338 -14.99 2.69 -22.47
CA ASN A 1338 -15.27 2.07 -23.75
C ASN A 1338 -16.10 0.81 -23.51
N ALA A 1339 -16.94 0.47 -24.47
CA ALA A 1339 -17.82 -0.68 -24.29
C ALA A 1339 -17.24 -1.96 -24.84
N THR A 1340 -16.12 -1.91 -25.53
CA THR A 1340 -15.54 -3.11 -26.11
C THR A 1340 -14.40 -3.68 -25.29
N ASP A 1341 -13.43 -2.85 -24.92
CA ASP A 1341 -12.27 -3.30 -24.18
C ASP A 1341 -12.18 -2.69 -22.79
N TYR A 1342 -13.13 -1.84 -22.42
CA TYR A 1342 -13.25 -1.22 -21.10
C TYR A 1342 -12.06 -0.34 -20.77
N LYS A 1343 -11.42 0.21 -21.77
CA LYS A 1343 -10.32 1.13 -21.54
C LYS A 1343 -10.86 2.49 -21.10
N PRO A 1344 -10.31 3.10 -20.06
CA PRO A 1344 -10.77 4.41 -19.62
C PRO A 1344 -10.39 5.50 -20.62
N ILE A 1345 -11.41 6.25 -21.07
CA ILE A 1345 -11.19 7.38 -21.96
C ILE A 1345 -10.90 8.66 -21.18
N ALA A 1346 -11.77 9.05 -20.26
CA ALA A 1346 -11.59 10.32 -19.58
C ALA A 1346 -12.23 10.30 -18.20
N THR A 1347 -11.63 11.07 -17.31
CA THR A 1347 -12.19 11.41 -16.01
C THR A 1347 -12.19 12.93 -15.95
N ILE A 1348 -13.27 13.54 -16.39
CA ILE A 1348 -13.33 14.99 -16.34
C ILE A 1348 -13.72 15.42 -14.93
N ASP A 1349 -13.04 16.44 -14.42
CA ASP A 1349 -13.17 16.84 -13.02
C ASP A 1349 -14.32 17.83 -12.90
N VAL A 1350 -15.43 17.38 -12.34
CA VAL A 1350 -16.53 18.25 -11.97
C VAL A 1350 -16.39 18.50 -10.47
N LYS A 1351 -16.08 19.75 -10.10
CA LYS A 1351 -15.69 20.06 -8.73
C LYS A 1351 -16.80 19.85 -7.72
N ARG A 1352 -18.05 19.88 -8.14
CA ARG A 1352 -19.17 19.66 -7.23
C ARG A 1352 -19.42 18.16 -7.09
N ASN A 1353 -20.55 17.81 -6.49
CA ASN A 1353 -20.86 16.42 -6.17
C ASN A 1353 -21.93 15.92 -7.13
N ILE A 1354 -21.61 14.88 -7.89
CA ILE A 1354 -22.55 14.35 -8.88
C ILE A 1354 -23.56 13.46 -8.17
N PHE A 1355 -24.83 13.71 -8.41
CA PHE A 1355 -25.88 12.92 -7.80
C PHE A 1355 -26.65 12.05 -8.78
N ASP A 1356 -26.73 12.45 -10.04
CA ASP A 1356 -27.45 11.66 -11.02
C ASP A 1356 -26.89 12.01 -12.40
N LEU A 1357 -27.16 11.13 -13.37
CA LEU A 1357 -26.56 11.29 -14.69
C LEU A 1357 -27.43 10.60 -15.72
N CYS A 1358 -27.88 11.34 -16.72
CA CYS A 1358 -28.57 10.77 -17.85
C CYS A 1358 -28.07 11.43 -19.13
N THR A 1359 -28.11 10.68 -20.23
CA THR A 1359 -27.58 11.14 -21.51
C THR A 1359 -28.65 11.02 -22.59
N ASP A 1360 -28.36 11.64 -23.73
CA ASP A 1360 -29.29 11.67 -24.85
C ASP A 1360 -29.41 10.31 -25.52
N THR A 1361 -30.47 10.16 -26.31
CA THR A 1361 -30.50 9.11 -27.30
C THR A 1361 -29.68 9.50 -28.50
N LYS A 1362 -29.62 10.79 -28.80
CA LYS A 1362 -28.91 11.30 -29.96
C LYS A 1362 -27.61 12.00 -29.57
N ASP A 1363 -26.98 11.55 -28.49
CA ASP A 1363 -25.55 11.71 -28.20
C ASP A 1363 -25.05 13.16 -28.28
N CYS A 1364 -25.75 14.07 -27.59
CA CYS A 1364 -25.35 15.47 -27.62
C CYS A 1364 -25.30 16.15 -26.27
N TYR A 1365 -26.00 15.66 -25.25
CA TYR A 1365 -26.02 16.34 -23.97
C TYR A 1365 -25.89 15.33 -22.84
N LEU A 1366 -25.42 15.81 -21.70
CA LEU A 1366 -25.40 15.04 -20.45
C LEU A 1366 -26.23 15.77 -19.41
N ALA A 1367 -27.26 15.10 -18.90
CA ALA A 1367 -28.06 15.65 -17.81
C ALA A 1367 -27.36 15.33 -16.50
N VAL A 1368 -26.88 16.34 -15.81
CA VAL A 1368 -26.00 16.17 -14.66
C VAL A 1368 -26.60 16.92 -13.47
N ILE A 1369 -27.03 16.17 -12.45
CA ILE A 1369 -27.49 16.77 -11.20
C ILE A 1369 -26.29 16.96 -10.29
N GLU A 1370 -25.89 18.21 -10.08
CA GLU A 1370 -24.75 18.50 -9.22
C GLU A 1370 -25.20 19.38 -8.06
N ASN A 1371 -24.52 19.25 -6.94
CA ASN A 1371 -24.90 19.91 -5.70
C ASN A 1371 -23.96 21.08 -5.43
N GLN A 1372 -24.53 22.24 -5.16
CA GLN A 1372 -23.73 23.41 -4.84
C GLN A 1372 -23.35 23.40 -3.36
N GLY A 1373 -22.54 24.36 -2.97
CA GLY A 1373 -22.05 24.46 -1.62
C GLY A 1373 -21.07 23.35 -1.28
N SER A 1374 -20.84 23.19 0.02
CA SER A 1374 -20.03 22.09 0.52
C SER A 1374 -20.91 20.85 0.72
N MET A 1375 -20.35 19.82 1.32
CA MET A 1375 -21.14 18.64 1.64
C MET A 1375 -22.03 18.96 2.86
N ASP A 1376 -23.20 19.52 2.59
CA ASP A 1376 -24.11 19.98 3.62
C ASP A 1376 -25.43 19.23 3.48
N ALA A 1377 -25.72 18.36 4.45
CA ALA A 1377 -27.01 17.68 4.50
C ALA A 1377 -28.12 18.59 5.01
N LEU A 1378 -27.78 19.74 5.58
CA LEU A 1378 -28.79 20.69 6.04
C LEU A 1378 -29.18 21.67 4.95
N ASN A 1379 -28.29 21.96 4.01
CA ASN A 1379 -28.59 22.87 2.91
C ASN A 1379 -28.09 22.25 1.61
N MET A 1380 -29.02 21.93 0.71
CA MET A 1380 -28.69 21.29 -0.56
C MET A 1380 -29.21 22.16 -1.69
N ASP A 1381 -28.30 22.67 -2.51
CA ASP A 1381 -28.64 23.47 -3.68
C ASP A 1381 -28.23 22.62 -4.88
N THR A 1382 -29.12 21.75 -5.32
CA THR A 1382 -28.80 20.74 -6.33
C THR A 1382 -29.36 21.19 -7.68
N VAL A 1383 -28.47 21.62 -8.56
CA VAL A 1383 -28.85 22.18 -9.86
C VAL A 1383 -28.62 21.13 -10.94
N CYS A 1384 -29.13 21.42 -12.13
CA CYS A 1384 -28.88 20.60 -13.32
C CYS A 1384 -28.03 21.39 -14.29
N ARG A 1385 -26.92 20.80 -14.73
CA ARG A 1385 -25.99 21.46 -15.63
C ARG A 1385 -25.83 20.59 -16.87
N LEU A 1386 -26.19 21.14 -18.03
CA LEU A 1386 -26.09 20.43 -19.30
C LEU A 1386 -24.71 20.62 -19.91
N TYR A 1387 -24.05 19.51 -20.22
CA TYR A 1387 -22.80 19.52 -20.95
C TYR A 1387 -23.08 19.28 -22.43
N GLU A 1388 -22.07 19.52 -23.26
CA GLU A 1388 -22.12 19.15 -24.67
C GLU A 1388 -21.06 18.10 -24.94
N VAL A 1389 -21.45 17.06 -25.68
CA VAL A 1389 -20.53 15.97 -25.96
C VAL A 1389 -19.50 16.43 -26.98
N GLY A 1390 -18.24 16.31 -26.64
CA GLY A 1390 -17.20 16.40 -27.64
C GLY A 1390 -16.75 17.78 -28.02
N ARG A 1391 -16.93 18.77 -27.15
CA ARG A 1391 -16.48 20.13 -27.43
C ARG A 1391 -15.53 20.57 -26.33
N GLN A 1392 -14.41 21.16 -26.73
CA GLN A 1392 -13.45 21.69 -25.77
C GLN A 1392 -14.01 22.95 -25.12
N ARG A 1393 -13.60 23.18 -23.88
CA ARG A 1393 -14.02 24.35 -23.13
C ARG A 1393 -13.40 25.62 -23.68
N MET B 1 -41.88 19.38 -50.74
CA MET B 1 -40.61 18.90 -50.21
C MET B 1 -39.55 18.80 -51.30
N SER B 2 -38.33 18.45 -50.91
CA SER B 2 -37.25 18.29 -51.88
C SER B 2 -37.36 16.93 -52.54
N TYR B 3 -37.22 16.91 -53.86
CA TYR B 3 -37.29 15.66 -54.62
C TYR B 3 -36.10 15.59 -55.55
N ASN B 4 -35.36 14.48 -55.50
CA ASN B 4 -34.11 14.38 -56.23
C ASN B 4 -34.01 13.05 -56.96
N TYR B 5 -33.01 12.97 -57.83
CA TYR B 5 -32.90 11.91 -58.83
C TYR B 5 -31.46 11.46 -58.93
N VAL B 6 -31.23 10.15 -58.72
CA VAL B 6 -29.88 9.60 -58.60
C VAL B 6 -29.71 8.51 -59.65
N VAL B 7 -28.70 8.65 -60.50
CA VAL B 7 -28.31 7.62 -61.45
C VAL B 7 -26.84 7.27 -61.28
N THR B 8 -26.33 6.40 -62.15
CA THR B 8 -24.93 6.00 -62.14
C THR B 8 -24.30 6.41 -63.45
N ALA B 9 -23.35 7.36 -63.40
CA ALA B 9 -22.65 7.74 -64.61
C ALA B 9 -21.63 6.68 -65.02
N GLN B 10 -20.66 6.43 -64.16
CA GLN B 10 -19.68 5.37 -64.38
C GLN B 10 -19.95 4.23 -63.41
N LYS B 11 -20.08 3.02 -63.97
CA LYS B 11 -20.25 1.83 -63.17
C LYS B 11 -18.99 1.59 -62.34
N PRO B 12 -19.12 1.03 -61.14
CA PRO B 12 -17.96 0.95 -60.24
C PRO B 12 -16.91 -0.03 -60.74
N THR B 13 -15.66 0.39 -60.71
CA THR B 13 -14.58 -0.34 -61.36
C THR B 13 -13.65 -1.08 -60.41
N ALA B 14 -13.49 -0.62 -59.18
CA ALA B 14 -12.55 -1.26 -58.26
C ALA B 14 -13.11 -2.60 -57.79
N VAL B 15 -12.24 -3.60 -57.72
CA VAL B 15 -12.67 -4.98 -57.57
C VAL B 15 -12.54 -5.41 -56.12
N ASN B 16 -13.38 -6.37 -55.74
CA ASN B 16 -13.45 -6.90 -54.37
C ASN B 16 -13.71 -8.40 -54.47
N GLY B 17 -12.65 -9.18 -54.45
CA GLY B 17 -12.81 -10.62 -54.46
C GLY B 17 -12.97 -11.19 -55.86
N CYS B 18 -12.24 -12.25 -56.14
CA CYS B 18 -12.21 -12.85 -57.47
C CYS B 18 -12.14 -14.34 -57.29
N VAL B 19 -13.04 -15.07 -57.95
CA VAL B 19 -13.18 -16.51 -57.75
C VAL B 19 -13.16 -17.19 -59.12
N THR B 20 -12.34 -18.22 -59.25
CA THR B 20 -12.34 -19.04 -60.46
C THR B 20 -13.10 -20.33 -60.21
N GLY B 21 -13.31 -21.07 -61.29
CA GLY B 21 -14.03 -22.32 -61.20
C GLY B 21 -14.67 -22.73 -62.50
N HIS B 22 -15.89 -23.24 -62.43
CA HIS B 22 -16.60 -23.76 -63.60
C HIS B 22 -18.07 -23.35 -63.58
N PHE B 23 -18.32 -22.05 -63.33
CA PHE B 23 -19.67 -21.57 -63.03
C PHE B 23 -20.60 -21.64 -64.23
N THR B 24 -20.10 -21.42 -65.44
CA THR B 24 -20.96 -21.40 -66.62
C THR B 24 -21.34 -22.81 -67.05
N SER B 25 -20.36 -23.62 -67.42
CA SER B 25 -20.66 -24.96 -67.91
C SER B 25 -19.81 -26.00 -67.22
N ALA B 26 -19.86 -27.24 -67.71
CA ALA B 26 -19.15 -28.32 -67.04
C ALA B 26 -17.66 -28.25 -67.29
N GLU B 27 -17.24 -27.98 -68.53
CA GLU B 27 -15.84 -28.10 -68.89
C GLU B 27 -15.25 -26.78 -69.39
N ASP B 28 -15.51 -25.69 -68.68
CA ASP B 28 -15.03 -24.39 -69.15
C ASP B 28 -14.66 -23.54 -67.93
N LEU B 29 -13.37 -23.27 -67.79
CA LEU B 29 -12.88 -22.41 -66.72
C LEU B 29 -13.32 -20.98 -66.93
N ASN B 30 -13.64 -20.29 -65.86
CA ASN B 30 -14.14 -18.92 -65.95
C ASN B 30 -13.74 -18.15 -64.70
N LEU B 31 -14.05 -16.86 -64.71
CA LEU B 31 -13.64 -15.93 -63.66
C LEU B 31 -14.86 -15.13 -63.24
N LEU B 32 -15.04 -14.95 -61.94
CA LEU B 32 -16.20 -14.27 -61.39
C LEU B 32 -15.73 -13.06 -60.58
N ILE B 33 -15.59 -11.93 -61.25
CA ILE B 33 -15.13 -10.70 -60.60
C ILE B 33 -16.34 -9.95 -60.08
N ALA B 34 -16.40 -9.75 -58.77
CA ALA B 34 -17.33 -8.82 -58.16
C ALA B 34 -16.59 -7.54 -57.83
N LYS B 35 -17.19 -6.40 -58.14
CA LYS B 35 -16.48 -5.12 -58.00
C LYS B 35 -17.03 -4.29 -56.86
N ASN B 36 -18.27 -3.79 -56.97
CA ASN B 36 -18.92 -3.23 -55.81
C ASN B 36 -20.27 -3.90 -55.63
N THR B 37 -21.09 -3.78 -56.67
CA THR B 37 -22.38 -4.43 -56.73
C THR B 37 -22.53 -5.28 -57.97
N ARG B 38 -21.66 -5.10 -58.97
CA ARG B 38 -21.74 -5.89 -60.18
C ARG B 38 -21.04 -7.23 -59.99
N LEU B 39 -21.51 -8.23 -60.72
CA LEU B 39 -20.91 -9.57 -60.75
C LEU B 39 -20.60 -9.89 -62.20
N GLU B 40 -19.35 -9.72 -62.60
CA GLU B 40 -18.96 -9.99 -63.97
C GLU B 40 -18.58 -11.45 -64.11
N ILE B 41 -19.02 -12.06 -65.21
CA ILE B 41 -18.78 -13.46 -65.48
C ILE B 41 -17.99 -13.52 -66.78
N TYR B 42 -16.67 -13.67 -66.67
CA TYR B 42 -15.81 -13.78 -67.84
C TYR B 42 -15.69 -15.26 -68.22
N VAL B 43 -14.76 -15.56 -69.12
CA VAL B 43 -14.36 -16.93 -69.39
C VAL B 43 -12.89 -16.89 -69.79
N VAL B 44 -12.17 -17.97 -69.50
CA VAL B 44 -10.73 -18.02 -69.71
C VAL B 44 -10.48 -18.61 -71.09
N THR B 45 -9.98 -17.79 -72.00
CA THR B 45 -9.73 -18.21 -73.36
C THR B 45 -8.23 -18.22 -73.63
N ALA B 46 -7.88 -18.67 -74.84
CA ALA B 46 -6.49 -18.76 -75.22
C ALA B 46 -5.89 -17.39 -75.53
N GLU B 47 -6.73 -16.38 -75.76
CA GLU B 47 -6.25 -15.04 -76.07
C GLU B 47 -6.34 -14.09 -74.89
N GLY B 48 -7.13 -14.41 -73.87
CA GLY B 48 -7.35 -13.50 -72.78
C GLY B 48 -8.69 -13.73 -72.10
N LEU B 49 -9.49 -12.68 -71.98
CA LEU B 49 -10.78 -12.76 -71.32
C LEU B 49 -11.91 -12.50 -72.31
N ARG B 50 -13.09 -13.00 -71.98
CA ARG B 50 -14.25 -12.86 -72.84
C ARG B 50 -15.51 -12.84 -72.00
N PRO B 51 -16.22 -11.73 -71.94
CA PRO B 51 -17.37 -11.62 -71.04
C PRO B 51 -18.56 -12.43 -71.51
N VAL B 52 -19.40 -12.82 -70.55
CA VAL B 52 -20.54 -13.67 -70.82
C VAL B 52 -21.81 -12.95 -70.39
N LYS B 53 -21.93 -12.64 -69.11
CA LYS B 53 -23.11 -11.95 -68.60
C LYS B 53 -22.75 -11.17 -67.35
N GLU B 54 -23.03 -9.88 -67.37
CA GLU B 54 -22.82 -9.02 -66.21
C GLU B 54 -24.15 -8.82 -65.49
N VAL B 55 -24.14 -9.05 -64.18
CA VAL B 55 -25.35 -9.00 -63.35
C VAL B 55 -25.12 -8.04 -62.21
N GLY B 56 -25.98 -7.03 -62.10
CA GLY B 56 -25.97 -6.13 -60.95
C GLY B 56 -26.90 -6.60 -59.86
N MET B 57 -26.38 -6.74 -58.64
CA MET B 57 -27.17 -7.19 -57.51
C MET B 57 -27.38 -6.05 -56.51
N TYR B 58 -28.38 -6.23 -55.66
CA TYR B 58 -28.77 -5.22 -54.69
C TYR B 58 -27.99 -5.46 -53.42
N GLY B 59 -26.77 -4.94 -53.36
CA GLY B 59 -25.94 -5.02 -52.18
C GLY B 59 -24.47 -5.09 -52.55
N LYS B 60 -23.63 -4.77 -51.56
CA LYS B 60 -22.19 -4.92 -51.72
C LYS B 60 -21.85 -6.39 -51.57
N ILE B 61 -21.29 -7.00 -52.61
CA ILE B 61 -20.89 -8.39 -52.51
C ILE B 61 -19.66 -8.45 -51.61
N ALA B 62 -19.81 -9.00 -50.41
CA ALA B 62 -18.74 -9.06 -49.43
C ALA B 62 -18.00 -10.39 -49.45
N VAL B 63 -18.73 -11.50 -49.50
CA VAL B 63 -18.13 -12.83 -49.52
C VAL B 63 -18.75 -13.63 -50.63
N MET B 64 -17.94 -14.09 -51.58
CA MET B 64 -18.40 -15.02 -52.60
C MET B 64 -17.39 -16.14 -52.77
N GLU B 65 -17.91 -17.32 -53.08
CA GLU B 65 -17.07 -18.49 -53.29
C GLU B 65 -17.87 -19.54 -54.03
N LEU B 66 -17.26 -20.16 -55.03
CA LEU B 66 -17.92 -21.24 -55.73
C LEU B 66 -17.82 -22.53 -54.94
N PHE B 67 -18.76 -23.44 -55.20
CA PHE B 67 -18.76 -24.76 -54.58
C PHE B 67 -19.58 -25.69 -55.46
N ARG B 68 -19.12 -26.93 -55.58
CA ARG B 68 -19.85 -27.95 -56.32
C ARG B 68 -20.38 -28.99 -55.35
N PRO B 69 -21.65 -28.94 -54.98
CA PRO B 69 -22.19 -29.94 -54.07
C PRO B 69 -22.35 -31.29 -54.74
N LYS B 70 -22.29 -32.34 -53.92
CA LYS B 70 -22.32 -33.72 -54.42
C LYS B 70 -23.68 -34.03 -55.00
N GLY B 71 -23.75 -34.13 -56.32
CA GLY B 71 -25.01 -34.35 -57.02
C GLY B 71 -25.23 -33.42 -58.17
N GLU B 72 -24.33 -32.48 -58.45
CA GLU B 72 -24.43 -31.59 -59.58
C GLU B 72 -23.11 -31.60 -60.34
N SER B 73 -23.20 -31.77 -61.67
CA SER B 73 -22.00 -31.69 -62.50
C SER B 73 -21.41 -30.29 -62.49
N LYS B 74 -22.25 -29.28 -62.73
CA LYS B 74 -21.84 -27.90 -62.57
C LYS B 74 -21.84 -27.52 -61.10
N ASP B 75 -21.48 -26.29 -60.80
CA ASP B 75 -21.33 -25.82 -59.44
C ASP B 75 -22.32 -24.70 -59.14
N LEU B 76 -22.27 -24.21 -57.91
CA LEU B 76 -23.16 -23.18 -57.41
C LEU B 76 -22.35 -22.04 -56.83
N LEU B 77 -23.00 -20.92 -56.54
CA LEU B 77 -22.33 -19.73 -56.05
C LEU B 77 -23.09 -19.11 -54.90
N PHE B 78 -22.41 -18.92 -53.79
CA PHE B 78 -22.95 -18.25 -52.60
C PHE B 78 -22.45 -16.82 -52.57
N ILE B 79 -23.36 -15.88 -52.33
CA ILE B 79 -23.02 -14.46 -52.23
C ILE B 79 -23.74 -13.90 -51.01
N LEU B 80 -22.99 -13.23 -50.14
CA LEU B 80 -23.54 -12.56 -48.98
C LEU B 80 -23.33 -11.05 -49.14
N THR B 81 -24.41 -10.29 -49.00
CA THR B 81 -24.34 -8.86 -49.21
C THR B 81 -23.89 -8.16 -47.93
N ALA B 82 -23.77 -6.84 -48.01
CA ALA B 82 -23.35 -6.07 -46.85
C ALA B 82 -24.46 -5.91 -45.84
N LYS B 83 -25.72 -5.98 -46.28
CA LYS B 83 -26.86 -6.02 -45.39
C LYS B 83 -27.28 -7.45 -45.06
N TYR B 84 -26.33 -8.38 -45.08
CA TYR B 84 -26.43 -9.72 -44.53
C TYR B 84 -27.46 -10.56 -45.25
N ASN B 85 -27.74 -10.25 -46.51
CA ASN B 85 -28.76 -10.96 -47.26
C ASN B 85 -28.08 -12.01 -48.12
N ALA B 86 -28.17 -13.27 -47.71
CA ALA B 86 -27.47 -14.36 -48.34
C ALA B 86 -28.28 -14.97 -49.48
N CYS B 87 -27.56 -15.50 -50.47
CA CYS B 87 -28.21 -16.11 -51.62
C CYS B 87 -27.32 -17.21 -52.18
N ILE B 88 -27.94 -18.17 -52.86
CA ILE B 88 -27.26 -19.25 -53.55
C ILE B 88 -27.78 -19.30 -54.97
N LEU B 89 -26.89 -19.15 -55.94
CA LEU B 89 -27.25 -18.94 -57.33
C LEU B 89 -26.91 -20.15 -58.19
N GLU B 90 -27.36 -20.09 -59.44
CA GLU B 90 -27.02 -21.11 -60.43
C GLU B 90 -27.19 -20.52 -61.81
N TYR B 91 -26.14 -20.64 -62.62
CA TYR B 91 -26.21 -20.28 -64.02
C TYR B 91 -27.10 -21.27 -64.76
N LYS B 92 -27.96 -20.78 -65.64
CA LYS B 92 -28.75 -21.65 -66.50
C LYS B 92 -28.87 -21.03 -67.88
N GLN B 93 -28.52 -21.80 -68.90
CA GLN B 93 -28.43 -21.31 -70.27
C GLN B 93 -29.32 -22.13 -71.18
N SER B 94 -30.08 -21.44 -72.04
CA SER B 94 -30.92 -22.13 -73.02
C SER B 94 -30.98 -21.23 -74.26
N GLY B 95 -30.07 -21.50 -75.20
CA GLY B 95 -30.02 -20.71 -76.41
C GLY B 95 -29.54 -19.30 -76.10
N GLU B 96 -30.29 -18.32 -76.59
CA GLU B 96 -30.01 -16.92 -76.28
C GLU B 96 -30.48 -16.54 -74.88
N SER B 97 -31.35 -17.35 -74.28
CA SER B 97 -31.81 -17.09 -72.92
C SER B 97 -30.72 -17.50 -71.94
N ILE B 98 -30.13 -16.51 -71.27
CA ILE B 98 -29.06 -16.73 -70.31
C ILE B 98 -29.50 -16.10 -69.01
N ASP B 99 -29.80 -16.93 -68.01
CA ASP B 99 -30.46 -16.47 -66.79
C ASP B 99 -29.74 -17.00 -65.57
N ILE B 100 -29.82 -16.23 -64.48
CA ILE B 100 -29.29 -16.61 -63.18
C ILE B 100 -30.47 -16.89 -62.26
N ILE B 101 -30.48 -18.06 -61.64
CA ILE B 101 -31.61 -18.51 -60.83
C ILE B 101 -31.16 -18.64 -59.39
N THR B 102 -31.84 -17.94 -58.49
CA THR B 102 -31.57 -18.10 -57.07
C THR B 102 -32.17 -19.41 -56.59
N ARG B 103 -31.35 -20.22 -55.93
CA ARG B 103 -31.82 -21.51 -55.42
C ARG B 103 -32.28 -21.42 -53.97
N ALA B 104 -31.65 -20.57 -53.17
CA ALA B 104 -32.09 -20.35 -51.80
C ALA B 104 -31.66 -18.96 -51.39
N HIS B 105 -32.40 -18.38 -50.45
CA HIS B 105 -32.07 -17.05 -49.96
C HIS B 105 -32.53 -16.95 -48.51
N GLY B 106 -32.62 -15.73 -48.00
CA GLY B 106 -33.06 -15.52 -46.64
C GLY B 106 -32.11 -14.64 -45.87
N ASN B 107 -32.62 -13.61 -45.23
CA ASN B 107 -31.77 -12.70 -44.47
C ASN B 107 -31.30 -13.38 -43.20
N VAL B 108 -30.00 -13.28 -42.94
CA VAL B 108 -29.39 -13.90 -41.77
C VAL B 108 -28.71 -12.79 -40.98
N GLN B 109 -29.44 -12.25 -40.01
CA GLN B 109 -28.86 -11.26 -39.11
C GLN B 109 -29.42 -11.51 -37.71
N ASP B 110 -28.55 -11.34 -36.71
CA ASP B 110 -29.00 -11.40 -35.34
C ASP B 110 -29.53 -10.05 -34.93
N ARG B 111 -30.41 -10.05 -33.92
CA ARG B 111 -30.96 -8.79 -33.44
C ARG B 111 -29.90 -7.97 -32.71
N ILE B 112 -28.99 -8.63 -32.02
CA ILE B 112 -28.04 -7.97 -31.13
C ILE B 112 -26.62 -8.39 -31.52
N GLY B 113 -25.67 -7.47 -31.34
CA GLY B 113 -24.27 -7.84 -31.50
C GLY B 113 -23.39 -6.84 -32.21
N ARG B 114 -22.16 -6.70 -31.72
CA ARG B 114 -21.15 -5.92 -32.42
C ARG B 114 -20.77 -6.66 -33.69
N PRO B 115 -20.73 -5.99 -34.85
CA PRO B 115 -20.44 -6.69 -36.11
C PRO B 115 -19.08 -7.35 -36.18
N SER B 116 -18.00 -6.57 -36.22
CA SER B 116 -16.68 -7.14 -36.48
C SER B 116 -15.64 -6.06 -36.33
N GLU B 117 -14.41 -6.47 -36.43
CA GLU B 117 -13.20 -5.67 -36.58
C GLU B 117 -12.39 -6.14 -37.77
N THR B 118 -12.36 -7.43 -38.05
CA THR B 118 -11.73 -7.97 -39.24
C THR B 118 -12.70 -8.08 -40.41
N GLY B 119 -13.87 -7.47 -40.31
CA GLY B 119 -14.84 -7.57 -41.38
C GLY B 119 -15.54 -8.92 -41.38
N ILE B 120 -16.12 -9.23 -42.53
CA ILE B 120 -16.92 -10.43 -42.71
C ILE B 120 -16.06 -11.49 -43.37
N ILE B 121 -16.04 -12.69 -42.80
CA ILE B 121 -15.27 -13.80 -43.31
C ILE B 121 -16.23 -14.94 -43.59
N GLY B 122 -16.12 -15.53 -44.77
CA GLY B 122 -16.95 -16.66 -45.11
C GLY B 122 -16.16 -17.76 -45.78
N ILE B 123 -16.32 -18.99 -45.32
CA ILE B 123 -15.51 -20.10 -45.80
C ILE B 123 -16.45 -21.24 -46.14
N ILE B 124 -16.22 -21.86 -47.28
CA ILE B 124 -16.95 -23.05 -47.70
C ILE B 124 -16.15 -24.26 -47.27
N ASP B 125 -16.85 -25.28 -46.77
CA ASP B 125 -16.23 -26.55 -46.44
C ASP B 125 -15.74 -27.24 -47.71
N PRO B 126 -14.59 -27.93 -47.66
CA PRO B 126 -14.11 -28.62 -48.86
C PRO B 126 -14.94 -29.83 -49.24
N GLU B 127 -15.58 -30.49 -48.28
CA GLU B 127 -16.42 -31.63 -48.61
C GLU B 127 -17.83 -31.22 -49.00
N CYS B 128 -18.12 -29.91 -49.04
CA CYS B 128 -19.41 -29.34 -49.42
C CYS B 128 -20.53 -29.87 -48.54
N ARG B 129 -20.40 -29.61 -47.25
CA ARG B 129 -21.39 -30.03 -46.27
C ARG B 129 -21.95 -28.88 -45.45
N MET B 130 -21.23 -27.78 -45.30
CA MET B 130 -21.72 -26.63 -44.56
C MET B 130 -21.06 -25.38 -45.10
N ILE B 131 -21.59 -24.23 -44.67
CA ILE B 131 -21.15 -22.91 -45.11
C ILE B 131 -20.97 -22.08 -43.85
N GLY B 132 -19.75 -21.75 -43.53
CA GLY B 132 -19.48 -21.00 -42.31
C GLY B 132 -19.38 -19.52 -42.56
N LEU B 133 -19.66 -18.76 -41.50
CA LEU B 133 -19.65 -17.30 -41.57
C LEU B 133 -19.22 -16.74 -40.23
N ARG B 134 -18.38 -15.73 -40.28
CA ARG B 134 -18.03 -14.95 -39.10
C ARG B 134 -18.68 -13.59 -39.28
N LEU B 135 -19.71 -13.32 -38.49
CA LEU B 135 -20.55 -12.15 -38.73
C LEU B 135 -20.64 -11.20 -37.55
N TYR B 136 -20.78 -11.68 -36.32
CA TYR B 136 -21.21 -10.81 -35.23
C TYR B 136 -20.37 -10.93 -33.96
N ASP B 137 -19.09 -11.25 -34.08
CA ASP B 137 -18.06 -11.05 -33.04
C ASP B 137 -18.41 -11.81 -31.75
N GLY B 138 -18.38 -13.13 -31.86
CA GLY B 138 -18.70 -13.95 -30.73
C GLY B 138 -19.61 -15.09 -31.13
N LEU B 139 -19.88 -15.18 -32.42
CA LEU B 139 -20.69 -16.25 -32.96
C LEU B 139 -20.04 -16.77 -34.23
N PHE B 140 -20.46 -17.97 -34.63
CA PHE B 140 -20.00 -18.60 -35.86
C PHE B 140 -21.24 -19.18 -36.53
N LYS B 141 -21.82 -18.41 -37.44
CA LYS B 141 -23.04 -18.84 -38.11
C LYS B 141 -22.76 -19.97 -39.08
N VAL B 142 -23.55 -21.02 -39.00
CA VAL B 142 -23.39 -22.20 -39.85
C VAL B 142 -24.66 -22.37 -40.65
N ILE B 143 -24.52 -22.43 -41.97
CA ILE B 143 -25.65 -22.66 -42.88
C ILE B 143 -25.53 -24.09 -43.38
N PRO B 144 -26.39 -25.01 -42.93
CA PRO B 144 -26.26 -26.40 -43.36
C PRO B 144 -26.65 -26.61 -44.80
N LEU B 145 -25.65 -26.85 -45.63
CA LEU B 145 -25.84 -26.92 -47.07
C LEU B 145 -26.52 -28.23 -47.43
N ASP B 146 -27.77 -28.14 -47.86
CA ASP B 146 -28.54 -29.29 -48.27
C ASP B 146 -29.65 -28.77 -49.19
N ARG B 147 -30.44 -29.68 -49.76
CA ARG B 147 -31.62 -29.27 -50.51
C ARG B 147 -32.79 -28.92 -49.61
N ASP B 148 -32.63 -29.09 -48.29
CA ASP B 148 -33.69 -28.78 -47.35
C ASP B 148 -33.98 -27.29 -47.25
N ASN B 149 -33.00 -26.45 -47.58
CA ASN B 149 -33.14 -25.00 -47.47
C ASN B 149 -33.80 -24.45 -48.73
N LYS B 150 -35.12 -24.39 -48.73
CA LYS B 150 -35.78 -23.51 -49.69
C LYS B 150 -35.59 -22.06 -49.27
N GLU B 151 -35.47 -21.82 -47.97
CA GLU B 151 -34.86 -20.62 -47.42
C GLU B 151 -33.78 -21.07 -46.45
N LEU B 152 -32.75 -20.26 -46.30
CA LEU B 152 -31.53 -20.70 -45.62
C LEU B 152 -31.75 -20.78 -44.12
N LYS B 153 -31.62 -21.98 -43.56
CA LYS B 153 -31.60 -22.12 -42.11
C LYS B 153 -30.26 -21.69 -41.57
N ALA B 154 -30.20 -21.45 -40.27
CA ALA B 154 -29.00 -20.91 -39.67
C ALA B 154 -28.85 -21.38 -38.22
N PHE B 155 -27.61 -21.63 -37.83
CA PHE B 155 -27.24 -21.90 -36.45
C PHE B 155 -26.38 -20.74 -35.96
N ASN B 156 -26.22 -20.63 -34.66
CA ASN B 156 -25.25 -19.70 -34.08
C ASN B 156 -24.51 -20.43 -32.99
N ILE B 157 -23.46 -21.14 -33.37
CA ILE B 157 -22.63 -21.87 -32.43
C ILE B 157 -21.63 -20.89 -31.85
N ARG B 158 -21.61 -20.79 -30.53
CA ARG B 158 -20.88 -19.72 -29.87
C ARG B 158 -19.38 -19.96 -29.90
N LEU B 159 -18.65 -19.00 -30.43
CA LEU B 159 -17.21 -18.97 -30.26
C LEU B 159 -16.92 -18.48 -28.86
N GLU B 160 -16.30 -19.31 -28.04
CA GLU B 160 -15.84 -18.87 -26.73
C GLU B 160 -14.72 -17.87 -26.84
N GLU B 161 -14.00 -17.87 -27.95
CA GLU B 161 -12.92 -16.93 -28.20
C GLU B 161 -13.48 -15.72 -28.95
N LEU B 162 -13.17 -14.52 -28.46
CA LEU B 162 -13.85 -13.33 -28.95
C LEU B 162 -13.24 -12.78 -30.24
N HIS B 163 -11.99 -12.36 -30.17
CA HIS B 163 -11.36 -11.58 -31.24
C HIS B 163 -10.60 -12.51 -32.18
N VAL B 164 -11.31 -13.02 -33.18
CA VAL B 164 -10.77 -13.99 -34.13
C VAL B 164 -10.24 -13.23 -35.34
N ILE B 165 -9.01 -13.54 -35.75
CA ILE B 165 -8.37 -12.80 -36.83
C ILE B 165 -8.70 -13.40 -38.19
N ASP B 166 -8.37 -14.67 -38.38
CA ASP B 166 -8.73 -15.33 -39.63
C ASP B 166 -9.16 -16.75 -39.29
N VAL B 167 -9.84 -17.38 -40.25
CA VAL B 167 -10.47 -18.67 -40.04
C VAL B 167 -10.64 -19.37 -41.38
N LYS B 168 -10.27 -20.64 -41.44
CA LYS B 168 -10.47 -21.46 -42.62
C LYS B 168 -10.96 -22.84 -42.22
N PHE B 169 -11.49 -23.57 -43.20
CA PHE B 169 -11.71 -24.98 -43.04
C PHE B 169 -10.47 -25.74 -43.49
N LEU B 170 -10.04 -26.70 -42.68
CA LEU B 170 -8.94 -27.55 -43.09
C LEU B 170 -9.44 -28.61 -44.05
N TYR B 171 -8.53 -29.17 -44.84
CA TYR B 171 -8.91 -30.08 -45.90
C TYR B 171 -9.17 -31.47 -45.34
N GLY B 172 -9.22 -32.46 -46.24
CA GLY B 172 -9.82 -33.75 -45.98
C GLY B 172 -9.25 -34.54 -44.82
N CYS B 173 -10.02 -34.61 -43.74
CA CYS B 173 -9.63 -35.31 -42.54
C CYS B 173 -10.82 -36.01 -41.90
N GLN B 174 -11.81 -36.42 -42.73
CA GLN B 174 -12.94 -37.29 -42.44
C GLN B 174 -14.01 -36.59 -41.59
N ALA B 175 -13.72 -35.37 -41.13
CA ALA B 175 -14.68 -34.62 -40.37
C ALA B 175 -14.42 -33.16 -40.66
N PRO B 176 -15.46 -32.37 -40.88
CA PRO B 176 -15.27 -30.93 -41.18
C PRO B 176 -14.79 -30.18 -39.95
N THR B 177 -13.60 -29.61 -40.05
CA THR B 177 -12.97 -28.97 -38.91
C THR B 177 -12.54 -27.55 -39.28
N ILE B 178 -12.25 -26.77 -38.25
CA ILE B 178 -12.03 -25.34 -38.37
C ILE B 178 -10.68 -24.99 -37.76
N CYS B 179 -9.93 -24.11 -38.43
CA CYS B 179 -8.75 -23.49 -37.87
C CYS B 179 -9.05 -22.03 -37.54
N PHE B 180 -8.33 -21.49 -36.57
CA PHE B 180 -8.42 -20.09 -36.14
C PHE B 180 -7.07 -19.41 -36.23
N VAL B 181 -7.07 -18.11 -35.96
CA VAL B 181 -5.93 -17.38 -35.39
C VAL B 181 -6.56 -16.48 -34.36
N TYR B 182 -6.44 -16.84 -33.08
CA TYR B 182 -7.12 -16.12 -32.02
C TYR B 182 -6.15 -15.28 -31.21
N GLN B 183 -6.51 -14.03 -30.98
CA GLN B 183 -5.76 -13.11 -30.13
C GLN B 183 -6.22 -13.28 -28.68
N ASP B 184 -5.40 -13.96 -27.88
CA ASP B 184 -5.60 -14.05 -26.44
C ASP B 184 -5.45 -12.65 -25.80
N PRO B 185 -5.93 -12.48 -24.57
CA PRO B 185 -5.55 -11.27 -23.84
C PRO B 185 -4.07 -11.22 -23.52
N GLN B 186 -3.44 -12.37 -23.31
CA GLN B 186 -2.02 -12.48 -23.08
C GLN B 186 -1.46 -13.41 -24.15
N GLY B 187 -1.01 -12.83 -25.25
CA GLY B 187 -0.50 -13.58 -26.37
C GLY B 187 -1.52 -13.79 -27.46
N ARG B 188 -1.23 -14.76 -28.34
CA ARG B 188 -2.15 -15.16 -29.39
C ARG B 188 -1.73 -16.54 -29.88
N HIS B 189 -2.70 -17.28 -30.42
CA HIS B 189 -2.45 -18.68 -30.71
C HIS B 189 -3.34 -19.12 -31.86
N VAL B 190 -3.36 -20.42 -32.10
CA VAL B 190 -4.14 -21.04 -33.17
C VAL B 190 -4.82 -22.27 -32.59
N LYS B 191 -6.13 -22.21 -32.43
CA LYS B 191 -6.91 -23.30 -31.88
C LYS B 191 -7.78 -23.90 -32.97
N THR B 192 -8.24 -25.13 -32.76
CA THR B 192 -9.13 -25.81 -33.69
C THR B 192 -10.38 -26.31 -32.96
N TYR B 193 -11.37 -26.70 -33.75
CA TYR B 193 -12.62 -27.28 -33.25
C TYR B 193 -13.16 -28.27 -34.26
N GLU B 194 -14.41 -28.68 -34.07
CA GLU B 194 -15.06 -29.65 -34.95
C GLU B 194 -16.56 -29.50 -34.80
N VAL B 195 -17.25 -29.15 -35.88
CA VAL B 195 -18.67 -28.84 -35.83
C VAL B 195 -19.49 -30.11 -36.01
N SER B 196 -20.41 -30.35 -35.08
CA SER B 196 -21.39 -31.43 -35.20
C SER B 196 -22.72 -30.79 -35.57
N LEU B 197 -23.13 -30.99 -36.82
CA LEU B 197 -24.38 -30.40 -37.29
C LEU B 197 -25.59 -31.01 -36.60
N ARG B 198 -25.52 -32.29 -36.27
CA ARG B 198 -26.61 -32.96 -35.60
C ARG B 198 -26.75 -32.55 -34.14
N GLU B 199 -25.75 -31.90 -33.57
CA GLU B 199 -25.79 -31.52 -32.17
C GLU B 199 -25.52 -30.04 -31.93
N LYS B 200 -25.25 -29.26 -33.00
CA LYS B 200 -25.10 -27.80 -32.95
C LYS B 200 -23.96 -27.36 -32.02
N GLU B 201 -22.90 -28.16 -31.92
CA GLU B 201 -21.93 -27.92 -30.86
C GLU B 201 -20.54 -28.33 -31.33
N PHE B 202 -19.53 -27.60 -30.85
CA PHE B 202 -18.14 -27.93 -31.11
C PHE B 202 -17.72 -29.21 -30.40
N ASN B 203 -17.10 -30.12 -31.14
CA ASN B 203 -16.46 -31.29 -30.56
C ASN B 203 -14.99 -30.93 -30.32
N LYS B 204 -14.14 -31.92 -30.02
CA LYS B 204 -12.76 -31.65 -29.67
C LYS B 204 -11.89 -31.46 -30.91
N GLY B 205 -11.07 -30.41 -30.92
CA GLY B 205 -10.18 -30.12 -32.01
C GLY B 205 -8.84 -30.81 -31.87
N PRO B 206 -8.17 -31.08 -32.99
CA PRO B 206 -6.94 -31.88 -32.95
C PRO B 206 -5.62 -31.12 -32.83
N TRP B 207 -5.61 -29.79 -32.93
CA TRP B 207 -4.36 -29.05 -32.87
C TRP B 207 -4.39 -28.11 -31.68
N LYS B 208 -3.21 -27.69 -31.23
CA LYS B 208 -3.13 -26.83 -30.05
C LYS B 208 -2.46 -25.50 -30.35
N GLN B 209 -1.23 -25.51 -30.87
CA GLN B 209 -0.44 -24.36 -31.34
C GLN B 209 -0.47 -23.18 -30.38
N GLU B 210 0.09 -23.38 -29.18
CA GLU B 210 -0.20 -22.51 -28.04
C GLU B 210 0.35 -21.09 -28.19
N ASN B 211 1.28 -20.85 -29.09
CA ASN B 211 1.81 -19.50 -29.27
C ASN B 211 2.39 -19.39 -30.67
N VAL B 212 1.78 -18.55 -31.50
CA VAL B 212 2.26 -18.28 -32.85
C VAL B 212 2.73 -16.84 -32.89
N GLU B 213 3.17 -16.40 -34.07
CA GLU B 213 3.79 -15.09 -34.24
C GLU B 213 2.83 -13.98 -33.83
N ALA B 214 3.38 -12.91 -33.27
CA ALA B 214 2.58 -11.86 -32.66
C ALA B 214 1.80 -11.01 -33.65
N GLU B 215 2.02 -11.17 -34.95
CA GLU B 215 1.22 -10.53 -35.98
C GLU B 215 0.84 -11.52 -37.06
N ALA B 216 0.34 -12.69 -36.63
CA ALA B 216 -0.18 -13.66 -37.59
C ALA B 216 -1.46 -13.14 -38.20
N SER B 217 -1.56 -13.25 -39.52
CA SER B 217 -2.62 -12.56 -40.25
C SER B 217 -3.53 -13.44 -41.08
N MET B 218 -3.08 -14.62 -41.52
CA MET B 218 -3.95 -15.44 -42.34
C MET B 218 -3.64 -16.92 -42.19
N VAL B 219 -4.60 -17.73 -42.61
CA VAL B 219 -4.51 -19.19 -42.62
C VAL B 219 -4.66 -19.64 -44.07
N ILE B 220 -3.75 -20.49 -44.51
CA ILE B 220 -3.80 -21.06 -45.85
C ILE B 220 -3.82 -22.57 -45.68
N ALA B 221 -4.98 -23.17 -45.83
CA ALA B 221 -5.06 -24.62 -45.68
C ALA B 221 -4.50 -25.31 -46.91
N VAL B 222 -3.68 -26.33 -46.69
CA VAL B 222 -3.03 -27.05 -47.77
C VAL B 222 -3.82 -28.33 -48.02
N PRO B 223 -3.91 -28.82 -49.25
CA PRO B 223 -4.93 -29.82 -49.58
C PRO B 223 -4.57 -31.27 -49.27
N GLU B 224 -5.44 -32.16 -49.75
CA GLU B 224 -5.59 -33.60 -49.53
C GLU B 224 -4.35 -34.51 -49.54
N PRO B 225 -3.26 -34.25 -50.33
CA PRO B 225 -2.07 -35.09 -50.13
C PRO B 225 -1.39 -34.92 -48.79
N PHE B 226 -1.09 -33.68 -48.42
CA PHE B 226 -0.30 -33.43 -47.22
C PHE B 226 -0.92 -32.30 -46.39
N GLY B 227 -2.22 -32.43 -46.12
CA GLY B 227 -3.03 -31.46 -45.40
C GLY B 227 -2.53 -30.90 -44.09
N GLY B 228 -2.97 -29.69 -43.77
CA GLY B 228 -2.36 -28.90 -42.72
C GLY B 228 -2.76 -27.45 -42.83
N ALA B 229 -1.88 -26.56 -42.37
CA ALA B 229 -2.18 -25.14 -42.42
C ALA B 229 -0.89 -24.34 -42.41
N ILE B 230 -0.87 -23.26 -43.17
CA ILE B 230 0.25 -22.34 -43.22
C ILE B 230 -0.21 -21.02 -42.64
N ILE B 231 0.51 -20.53 -41.65
CA ILE B 231 0.14 -19.30 -40.94
C ILE B 231 1.13 -18.22 -41.37
N ILE B 232 0.73 -17.41 -42.33
CA ILE B 232 1.55 -16.29 -42.75
C ILE B 232 1.45 -15.20 -41.69
N GLY B 233 2.60 -14.67 -41.28
CA GLY B 233 2.60 -13.58 -40.33
C GLY B 233 3.25 -12.36 -40.93
N GLN B 234 3.63 -11.41 -40.09
CA GLN B 234 4.29 -10.21 -40.59
C GLN B 234 5.72 -10.51 -41.00
N GLU B 235 6.41 -11.35 -40.25
CA GLU B 235 7.84 -11.57 -40.45
C GLU B 235 8.22 -13.02 -40.68
N SER B 236 7.27 -13.96 -40.64
CA SER B 236 7.64 -15.36 -40.76
C SER B 236 6.48 -16.17 -41.28
N ILE B 237 6.81 -17.36 -41.79
CA ILE B 237 5.88 -18.32 -42.33
C ILE B 237 6.05 -19.61 -41.57
N THR B 238 4.95 -20.17 -41.07
CA THR B 238 5.02 -21.43 -40.36
C THR B 238 4.29 -22.52 -41.13
N TYR B 239 4.23 -23.70 -40.53
CA TYR B 239 3.41 -24.79 -41.03
C TYR B 239 3.11 -25.72 -39.86
N HIS B 240 1.91 -26.28 -39.84
CA HIS B 240 1.53 -27.21 -38.79
C HIS B 240 0.61 -28.27 -39.37
N ASN B 241 0.82 -29.52 -38.96
CA ASN B 241 -0.09 -30.59 -39.34
C ASN B 241 -0.37 -31.50 -38.15
N GLY B 242 -0.44 -30.93 -36.97
CA GLY B 242 -0.61 -31.72 -35.75
C GLY B 242 0.67 -32.10 -35.05
N ASP B 243 1.60 -32.70 -35.78
CA ASP B 243 2.88 -33.09 -35.21
C ASP B 243 4.04 -32.31 -35.81
N LYS B 244 4.21 -32.33 -37.13
CA LYS B 244 5.39 -31.70 -37.71
C LYS B 244 5.20 -30.19 -37.81
N TYR B 245 6.30 -29.51 -38.13
CA TYR B 245 6.35 -28.06 -38.15
C TYR B 245 7.60 -27.62 -38.90
N LEU B 246 7.46 -26.59 -39.71
CA LEU B 246 8.59 -25.88 -40.27
C LEU B 246 8.38 -24.40 -40.01
N ALA B 247 9.42 -23.62 -40.28
CA ALA B 247 9.36 -22.18 -40.10
C ALA B 247 10.46 -21.56 -40.92
N ILE B 248 10.12 -20.56 -41.71
CA ILE B 248 11.11 -19.74 -42.38
C ILE B 248 10.79 -18.28 -42.09
N ALA B 249 11.83 -17.47 -42.01
CA ALA B 249 11.71 -16.02 -42.00
C ALA B 249 12.65 -15.47 -43.05
N PRO B 250 12.30 -15.60 -44.33
CA PRO B 250 13.24 -15.23 -45.38
C PRO B 250 13.37 -13.73 -45.48
N PRO B 251 14.51 -13.22 -45.96
CA PRO B 251 14.73 -11.77 -45.98
C PRO B 251 13.92 -11.04 -47.03
N ILE B 252 13.20 -11.75 -47.90
CA ILE B 252 12.36 -11.07 -48.88
C ILE B 252 11.11 -10.54 -48.23
N ILE B 253 10.45 -11.35 -47.40
CA ILE B 253 9.20 -10.94 -46.75
C ILE B 253 9.61 -10.25 -45.46
N LYS B 254 9.98 -8.98 -45.58
CA LYS B 254 10.35 -8.19 -44.41
C LYS B 254 9.67 -6.84 -44.40
N GLN B 255 9.42 -6.27 -45.59
CA GLN B 255 9.11 -4.87 -45.72
C GLN B 255 7.65 -4.61 -46.06
N SER B 256 6.84 -5.65 -46.19
CA SER B 256 5.46 -5.47 -46.63
C SER B 256 4.63 -6.62 -46.10
N THR B 257 3.34 -6.35 -45.92
CA THR B 257 2.44 -7.32 -45.34
C THR B 257 1.78 -8.14 -46.43
N ILE B 258 1.87 -9.46 -46.32
CA ILE B 258 1.18 -10.35 -47.25
C ILE B 258 -0.32 -10.26 -46.99
N VAL B 259 -1.09 -10.02 -48.05
CA VAL B 259 -2.52 -9.73 -47.90
C VAL B 259 -3.39 -10.68 -48.72
N CYS B 260 -2.85 -11.26 -49.78
CA CYS B 260 -3.65 -12.12 -50.64
C CYS B 260 -2.88 -13.39 -50.97
N HIS B 261 -3.61 -14.40 -51.43
CA HIS B 261 -3.03 -15.70 -51.70
C HIS B 261 -3.96 -16.49 -52.60
N ASN B 262 -3.40 -17.47 -53.29
CA ASN B 262 -4.20 -18.44 -54.03
C ASN B 262 -3.43 -19.74 -54.17
N ARG B 263 -4.16 -20.78 -54.53
CA ARG B 263 -3.60 -22.12 -54.68
C ARG B 263 -3.33 -22.35 -56.17
N VAL B 264 -2.04 -22.36 -56.53
CA VAL B 264 -1.67 -22.45 -57.93
C VAL B 264 -1.89 -23.87 -58.45
N ASP B 265 -1.27 -24.76 -57.88
CA ASP B 265 -1.33 -26.16 -58.31
C ASP B 265 -2.42 -26.88 -57.53
N PRO B 266 -3.09 -27.87 -58.14
CA PRO B 266 -4.23 -28.50 -57.45
C PRO B 266 -3.85 -29.38 -56.29
N ASN B 267 -2.62 -29.89 -56.21
CA ASN B 267 -2.15 -30.60 -55.03
C ASN B 267 -1.38 -29.71 -54.08
N GLY B 268 -1.61 -28.40 -54.14
CA GLY B 268 -0.97 -27.46 -53.23
C GLY B 268 0.51 -27.33 -53.39
N SER B 269 1.03 -27.59 -54.58
CA SER B 269 2.47 -27.59 -54.76
C SER B 269 3.04 -26.18 -54.76
N ARG B 270 2.25 -25.19 -55.17
CA ARG B 270 2.71 -23.81 -55.23
C ARG B 270 1.64 -22.87 -54.71
N TYR B 271 2.05 -21.66 -54.35
CA TYR B 271 1.17 -20.67 -53.76
C TYR B 271 1.71 -19.29 -54.09
N LEU B 272 0.90 -18.45 -54.73
CA LEU B 272 1.31 -17.06 -54.93
C LEU B 272 0.93 -16.23 -53.72
N LEU B 273 1.63 -15.12 -53.54
CA LEU B 273 1.41 -14.25 -52.39
C LEU B 273 1.72 -12.83 -52.82
N GLY B 274 0.78 -11.93 -52.59
CA GLY B 274 1.00 -10.53 -52.93
C GLY B 274 1.09 -9.68 -51.69
N ASP B 275 1.52 -8.42 -51.84
CA ASP B 275 1.67 -7.57 -50.67
C ASP B 275 1.15 -6.16 -50.89
N MET B 276 1.45 -5.26 -49.96
CA MET B 276 0.96 -3.90 -50.01
C MET B 276 1.94 -2.95 -50.70
N GLU B 277 2.92 -3.49 -51.42
CA GLU B 277 3.84 -2.65 -52.17
C GLU B 277 3.87 -2.97 -53.65
N GLY B 278 3.34 -4.11 -54.05
CA GLY B 278 3.21 -4.45 -55.46
C GLY B 278 3.82 -5.79 -55.80
N ARG B 279 4.54 -6.38 -54.86
CA ARG B 279 5.35 -7.55 -55.15
C ARG B 279 4.49 -8.80 -55.20
N LEU B 280 4.79 -9.66 -56.16
CA LEU B 280 4.30 -11.03 -56.15
C LEU B 280 5.42 -11.97 -55.72
N PHE B 281 5.09 -12.90 -54.84
CA PHE B 281 6.02 -13.92 -54.39
C PHE B 281 5.52 -15.26 -54.90
N MET B 282 6.22 -16.33 -54.52
CA MET B 282 5.69 -17.68 -54.75
C MET B 282 6.20 -18.59 -53.65
N LEU B 283 5.29 -19.05 -52.80
CA LEU B 283 5.63 -19.96 -51.72
C LEU B 283 5.67 -21.37 -52.30
N LEU B 284 6.86 -21.82 -52.66
CA LEU B 284 7.02 -23.17 -53.17
C LEU B 284 6.98 -24.16 -52.02
N LEU B 285 6.46 -25.35 -52.30
CA LEU B 285 6.48 -26.44 -51.34
C LEU B 285 7.22 -27.63 -51.94
N GLU B 286 8.14 -28.21 -51.16
CA GLU B 286 8.93 -29.35 -51.60
C GLU B 286 8.23 -30.63 -51.12
N LYS B 287 7.60 -31.33 -52.05
CA LYS B 287 6.88 -32.55 -51.71
C LYS B 287 7.88 -33.68 -51.47
N GLU B 288 7.85 -34.25 -50.27
CA GLU B 288 8.77 -35.33 -49.88
C GLU B 288 8.00 -36.65 -49.83
N GLU B 289 8.23 -37.49 -50.84
CA GLU B 289 7.69 -38.85 -50.85
C GLU B 289 8.55 -39.69 -49.91
N GLN B 290 8.21 -39.61 -48.63
CA GLN B 290 9.06 -40.24 -47.61
C GLN B 290 8.94 -41.76 -47.63
N MET B 291 7.72 -42.27 -47.74
CA MET B 291 7.50 -43.72 -47.71
C MET B 291 6.72 -44.16 -48.93
N ASP B 292 6.22 -45.40 -48.92
CA ASP B 292 5.51 -45.96 -50.06
C ASP B 292 4.16 -45.28 -50.29
N GLY B 293 3.56 -44.69 -49.27
CA GLY B 293 2.33 -43.95 -49.45
C GLY B 293 2.32 -42.61 -48.73
N THR B 294 3.35 -42.36 -47.93
CA THR B 294 3.41 -41.16 -47.12
C THR B 294 3.85 -39.98 -47.97
N VAL B 295 3.12 -38.88 -47.89
CA VAL B 295 3.48 -37.63 -48.53
C VAL B 295 3.62 -36.58 -47.43
N THR B 296 4.83 -36.06 -47.26
CA THR B 296 5.08 -35.08 -46.20
C THR B 296 5.83 -33.89 -46.78
N LEU B 297 5.87 -32.82 -45.99
CA LEU B 297 6.49 -31.58 -46.41
C LEU B 297 7.96 -31.57 -46.00
N LYS B 298 8.77 -30.92 -46.80
CA LYS B 298 10.21 -30.94 -46.55
C LYS B 298 10.82 -29.55 -46.48
N ASP B 299 10.37 -28.61 -47.30
CA ASP B 299 11.06 -27.33 -47.38
C ASP B 299 10.06 -26.24 -47.72
N LEU B 300 10.43 -25.00 -47.43
CA LEU B 300 9.59 -23.84 -47.64
C LEU B 300 10.43 -22.79 -48.35
N ARG B 301 10.08 -22.48 -49.59
CA ARG B 301 10.85 -21.53 -50.39
C ARG B 301 10.01 -20.30 -50.69
N VAL B 302 10.67 -19.15 -50.73
CA VAL B 302 10.04 -17.88 -51.10
C VAL B 302 10.84 -17.29 -52.24
N GLU B 303 10.20 -17.12 -53.39
CA GLU B 303 10.85 -16.60 -54.59
C GLU B 303 10.16 -15.31 -55.01
N LEU B 304 10.93 -14.23 -55.09
CA LEU B 304 10.42 -12.97 -55.62
C LEU B 304 10.10 -13.11 -57.10
N LEU B 305 8.96 -12.58 -57.51
CA LEU B 305 8.52 -12.68 -58.88
C LEU B 305 8.35 -11.35 -59.59
N GLY B 306 8.28 -10.23 -58.88
CA GLY B 306 8.26 -8.92 -59.51
C GLY B 306 7.10 -8.07 -59.04
N GLU B 307 7.04 -6.87 -59.59
CA GLU B 307 6.12 -5.83 -59.15
C GLU B 307 4.91 -5.77 -60.07
N THR B 308 3.73 -5.83 -59.48
CA THR B 308 2.45 -5.57 -60.13
C THR B 308 1.79 -4.38 -59.44
N SER B 309 0.53 -4.13 -59.78
CA SER B 309 -0.26 -3.19 -59.01
C SER B 309 -0.63 -3.82 -57.66
N ILE B 310 -1.07 -2.98 -56.73
CA ILE B 310 -1.34 -3.41 -55.36
C ILE B 310 -2.58 -4.30 -55.37
N ALA B 311 -2.37 -5.58 -55.17
CA ALA B 311 -3.43 -6.55 -55.39
C ALA B 311 -4.36 -6.69 -54.19
N GLU B 312 -5.61 -6.96 -54.48
CA GLU B 312 -6.56 -7.51 -53.53
C GLU B 312 -7.19 -8.80 -54.02
N CYS B 313 -7.33 -8.97 -55.32
CA CYS B 313 -7.58 -10.28 -55.89
C CYS B 313 -6.26 -10.94 -56.23
N LEU B 314 -6.29 -12.27 -56.31
CA LEU B 314 -5.15 -13.03 -56.81
C LEU B 314 -5.72 -14.36 -57.29
N THR B 315 -5.80 -14.55 -58.60
CA THR B 315 -6.35 -15.77 -59.18
C THR B 315 -5.44 -16.26 -60.30
N TYR B 316 -4.97 -17.50 -60.15
CA TYR B 316 -4.23 -18.17 -61.21
C TYR B 316 -5.23 -18.85 -62.13
N LEU B 317 -5.14 -18.57 -63.43
CA LEU B 317 -6.14 -19.12 -64.32
C LEU B 317 -5.70 -20.43 -64.95
N ASP B 318 -4.72 -20.35 -65.86
CA ASP B 318 -4.24 -21.48 -66.65
C ASP B 318 -3.09 -20.98 -67.50
N ASN B 319 -2.18 -21.87 -67.89
CA ASN B 319 -1.09 -21.61 -68.83
C ASN B 319 -0.17 -20.49 -68.34
N GLY B 320 -0.05 -20.36 -67.03
CA GLY B 320 0.79 -19.32 -66.48
C GLY B 320 0.20 -17.93 -66.62
N VAL B 321 -1.11 -17.80 -66.49
CA VAL B 321 -1.79 -16.52 -66.57
C VAL B 321 -2.44 -16.24 -65.23
N VAL B 322 -2.03 -15.15 -64.60
CA VAL B 322 -2.50 -14.75 -63.28
C VAL B 322 -3.27 -13.45 -63.42
N PHE B 323 -4.45 -13.38 -62.83
CA PHE B 323 -5.19 -12.12 -62.78
C PHE B 323 -4.89 -11.40 -61.48
N VAL B 324 -4.55 -10.12 -61.60
CA VAL B 324 -4.28 -9.26 -60.46
C VAL B 324 -5.38 -8.22 -60.40
N GLY B 325 -6.15 -8.24 -59.33
CA GLY B 325 -7.22 -7.26 -59.12
C GLY B 325 -6.82 -6.25 -58.06
N SER B 326 -7.00 -4.98 -58.38
CA SER B 326 -6.51 -3.88 -57.55
C SER B 326 -7.64 -2.95 -57.18
N ARG B 327 -7.87 -2.80 -55.87
CA ARG B 327 -8.70 -1.70 -55.41
C ARG B 327 -8.04 -0.37 -55.66
N LEU B 328 -6.74 -0.32 -55.51
CA LEU B 328 -6.02 0.93 -55.46
C LEU B 328 -5.57 1.42 -56.82
N GLY B 329 -5.92 0.70 -57.89
CA GLY B 329 -5.67 1.21 -59.22
C GLY B 329 -5.07 0.23 -60.20
N ASP B 330 -5.64 0.20 -61.41
CA ASP B 330 -5.12 -0.50 -62.58
C ASP B 330 -4.98 -2.01 -62.33
N SER B 331 -6.14 -2.64 -62.18
CA SER B 331 -6.18 -4.10 -62.16
C SER B 331 -5.71 -4.64 -63.50
N GLN B 332 -4.79 -5.59 -63.47
CA GLN B 332 -4.14 -6.04 -64.69
C GLN B 332 -4.04 -7.55 -64.72
N LEU B 333 -3.94 -8.08 -65.93
CA LEU B 333 -3.78 -9.50 -66.17
C LEU B 333 -2.33 -9.75 -66.53
N VAL B 334 -1.67 -10.66 -65.83
CA VAL B 334 -0.23 -10.85 -65.98
C VAL B 334 0.08 -12.31 -66.28
N LYS B 335 1.28 -12.52 -66.82
CA LYS B 335 1.73 -13.83 -67.26
C LYS B 335 3.05 -14.17 -66.58
N LEU B 336 3.15 -15.38 -66.04
CA LEU B 336 4.34 -15.85 -65.36
C LEU B 336 5.19 -16.68 -66.33
N ASN B 337 6.49 -16.36 -66.39
CA ASN B 337 7.40 -17.02 -67.31
C ASN B 337 7.90 -18.33 -66.73
N VAL B 338 8.88 -18.92 -67.41
CA VAL B 338 9.69 -20.01 -66.87
C VAL B 338 11.11 -19.54 -66.58
N ASP B 339 11.78 -18.98 -67.59
CA ASP B 339 13.04 -18.31 -67.38
C ASP B 339 12.80 -16.90 -66.84
N SER B 340 13.88 -16.15 -66.65
CA SER B 340 13.79 -14.82 -66.06
C SER B 340 14.05 -13.77 -67.12
N ASN B 341 13.81 -12.51 -66.73
CA ASN B 341 14.15 -11.37 -67.56
C ASN B 341 15.43 -10.73 -67.05
N GLU B 342 15.72 -9.53 -67.54
CA GLU B 342 16.89 -8.77 -67.11
C GLU B 342 16.81 -8.35 -65.65
N GLN B 343 15.62 -8.32 -65.07
CA GLN B 343 15.44 -7.97 -63.67
C GLN B 343 15.09 -9.17 -62.80
N GLY B 344 15.06 -10.37 -63.37
CA GLY B 344 14.68 -11.55 -62.63
C GLY B 344 13.19 -11.75 -62.48
N SER B 345 12.37 -10.82 -62.96
CA SER B 345 10.93 -10.97 -62.86
C SER B 345 10.43 -12.02 -63.85
N TYR B 346 9.41 -12.76 -63.43
CA TYR B 346 8.71 -13.64 -64.35
C TYR B 346 7.41 -13.04 -64.84
N VAL B 347 7.02 -11.89 -64.30
CA VAL B 347 5.71 -11.30 -64.52
C VAL B 347 5.73 -10.57 -65.86
N VAL B 348 4.98 -11.09 -66.82
CA VAL B 348 4.82 -10.43 -68.11
C VAL B 348 3.54 -9.61 -68.09
N ALA B 349 3.66 -8.33 -68.42
CA ALA B 349 2.48 -7.47 -68.50
C ALA B 349 1.66 -7.82 -69.73
N MET B 350 0.36 -7.96 -69.53
CA MET B 350 -0.59 -8.14 -70.62
C MET B 350 -1.62 -7.04 -70.48
N GLU B 351 -2.77 -7.18 -71.13
CA GLU B 351 -3.80 -6.15 -71.13
C GLU B 351 -4.27 -5.79 -69.72
N THR B 352 -4.45 -4.50 -69.49
CA THR B 352 -4.81 -3.97 -68.18
C THR B 352 -6.30 -3.68 -68.16
N PHE B 353 -6.78 -3.08 -67.07
CA PHE B 353 -8.16 -2.67 -66.95
C PHE B 353 -8.21 -1.36 -66.20
N THR B 354 -8.89 -0.37 -66.78
CA THR B 354 -8.90 0.97 -66.23
C THR B 354 -9.75 1.02 -64.97
N ASN B 355 -9.17 1.52 -63.89
CA ASN B 355 -9.87 1.71 -62.63
C ASN B 355 -9.82 3.17 -62.26
N LEU B 356 -10.98 3.75 -61.97
CA LEU B 356 -11.00 5.11 -61.44
C LEU B 356 -10.63 5.17 -59.97
N GLY B 357 -10.42 4.03 -59.33
CA GLY B 357 -9.80 3.93 -58.03
C GLY B 357 -10.56 4.64 -56.93
N PRO B 358 -9.89 4.90 -55.85
CA PRO B 358 -10.46 5.86 -54.89
C PRO B 358 -10.34 7.28 -55.41
N ILE B 359 -11.45 7.82 -55.89
CA ILE B 359 -11.50 9.23 -56.25
C ILE B 359 -11.50 10.05 -54.97
N VAL B 360 -10.56 10.98 -54.87
CA VAL B 360 -10.44 11.78 -53.66
C VAL B 360 -10.73 13.25 -53.91
N ASP B 361 -10.71 13.71 -55.15
CA ASP B 361 -11.11 15.07 -55.49
C ASP B 361 -11.43 15.09 -56.98
N MET B 362 -12.31 16.01 -57.36
CA MET B 362 -12.66 16.22 -58.76
C MET B 362 -12.71 17.70 -59.07
N CYS B 363 -12.80 18.01 -60.36
CA CYS B 363 -13.17 19.33 -60.83
C CYS B 363 -13.75 19.20 -62.23
N VAL B 364 -14.88 19.82 -62.47
CA VAL B 364 -15.47 19.85 -63.81
C VAL B 364 -14.91 21.06 -64.54
N VAL B 365 -14.30 20.82 -65.69
CA VAL B 365 -13.55 21.85 -66.37
C VAL B 365 -13.69 21.64 -67.87
N ASP B 366 -13.71 22.73 -68.62
CA ASP B 366 -13.77 22.69 -70.07
C ASP B 366 -12.47 23.27 -70.61
N LEU B 367 -11.90 22.60 -71.60
CA LEU B 367 -10.66 23.04 -72.20
C LEU B 367 -10.80 23.36 -73.69
N GLU B 368 -12.01 23.28 -74.24
CA GLU B 368 -12.25 23.66 -75.62
C GLU B 368 -13.37 24.69 -75.75
N ARG B 369 -13.81 25.28 -74.63
CA ARG B 369 -14.84 26.31 -74.54
C ARG B 369 -16.18 25.86 -75.12
N GLN B 370 -16.43 24.56 -75.14
CA GLN B 370 -17.61 23.99 -75.78
C GLN B 370 -18.76 23.97 -74.79
N GLY B 371 -19.83 23.25 -75.14
CA GLY B 371 -20.89 22.97 -74.21
C GLY B 371 -20.70 21.69 -73.44
N GLN B 372 -19.64 20.95 -73.73
CA GLN B 372 -19.35 19.67 -73.10
C GLN B 372 -18.14 19.83 -72.18
N GLY B 373 -18.26 19.35 -70.96
CA GLY B 373 -17.21 19.48 -69.98
C GLY B 373 -16.43 18.21 -69.77
N GLN B 374 -15.23 18.36 -69.24
CA GLN B 374 -14.35 17.24 -68.91
C GLN B 374 -14.24 17.16 -67.40
N LEU B 375 -13.86 15.99 -66.91
CA LEU B 375 -13.80 15.75 -65.47
C LEU B 375 -12.47 15.10 -65.14
N VAL B 376 -11.66 15.78 -64.33
CA VAL B 376 -10.34 15.31 -63.94
C VAL B 376 -10.44 14.78 -62.52
N THR B 377 -10.28 13.48 -62.34
CA THR B 377 -10.46 12.81 -61.06
C THR B 377 -9.12 12.33 -60.54
N CYS B 378 -8.80 12.70 -59.31
CA CYS B 378 -7.58 12.22 -58.65
C CYS B 378 -7.79 10.76 -58.26
N SER B 379 -7.37 9.86 -59.13
CA SER B 379 -7.60 8.44 -58.96
C SER B 379 -6.40 7.76 -58.30
N GLY B 380 -6.65 6.58 -57.77
CA GLY B 380 -5.57 5.72 -57.36
C GLY B 380 -5.05 5.96 -55.96
N ALA B 381 -3.90 5.35 -55.71
CA ALA B 381 -3.28 5.33 -54.39
C ALA B 381 -1.77 5.27 -54.59
N PHE B 382 -1.07 4.74 -53.56
CA PHE B 382 0.34 4.96 -53.23
C PHE B 382 1.31 5.06 -54.40
N LYS B 383 1.32 4.06 -55.27
CA LYS B 383 2.09 4.17 -56.50
C LYS B 383 1.20 4.20 -57.73
N GLU B 384 -0.07 3.88 -57.58
CA GLU B 384 -1.02 3.94 -58.68
C GLU B 384 -1.72 5.29 -58.77
N GLY B 385 -1.09 6.34 -58.26
CA GLY B 385 -1.70 7.66 -58.31
C GLY B 385 -1.68 8.19 -59.74
N SER B 386 -2.84 8.67 -60.19
CA SER B 386 -2.99 9.09 -61.57
C SER B 386 -4.20 9.99 -61.71
N LEU B 387 -4.04 11.08 -62.44
CA LEU B 387 -5.18 11.87 -62.86
C LEU B 387 -5.85 11.18 -64.04
N ARG B 388 -7.19 11.15 -64.02
CA ARG B 388 -7.93 10.53 -65.10
C ARG B 388 -8.97 11.50 -65.63
N ILE B 389 -9.00 11.64 -66.96
CA ILE B 389 -9.78 12.66 -67.64
C ILE B 389 -10.94 11.96 -68.33
N ILE B 390 -12.16 12.38 -68.03
CA ILE B 390 -13.36 11.65 -68.40
C ILE B 390 -14.21 12.53 -69.31
N ARG B 391 -14.53 12.02 -70.49
CA ARG B 391 -15.30 12.74 -71.50
C ARG B 391 -16.40 11.84 -72.03
N ASN B 392 -17.53 12.45 -72.37
CA ASN B 392 -18.53 11.72 -73.12
C ASN B 392 -18.16 11.68 -74.60
N GLY B 393 -18.89 10.86 -75.34
CA GLY B 393 -18.79 10.87 -76.78
C GLY B 393 -17.54 10.19 -77.32
N ILE B 394 -17.17 10.60 -78.53
CA ILE B 394 -16.04 10.02 -79.25
C ILE B 394 -15.07 11.14 -79.61
N GLY B 395 -13.82 11.00 -79.18
CA GLY B 395 -12.82 12.04 -79.33
C GLY B 395 -12.01 12.01 -80.61
N ILE B 396 -12.60 12.42 -81.73
CA ILE B 396 -11.83 12.65 -82.95
C ILE B 396 -11.18 14.01 -82.81
N HIS B 397 -9.90 14.04 -82.43
CA HIS B 397 -9.16 15.29 -82.28
C HIS B 397 -7.89 15.36 -83.11
N GLU B 398 -7.30 14.22 -83.50
CA GLU B 398 -6.21 14.19 -84.46
C GLU B 398 -6.85 14.24 -85.84
N HIS B 399 -7.15 15.46 -86.30
CA HIS B 399 -7.84 15.65 -87.58
C HIS B 399 -7.11 16.68 -88.41
N ALA B 400 -7.05 16.42 -89.72
CA ALA B 400 -6.49 17.37 -90.66
C ALA B 400 -7.50 18.47 -90.96
N SER B 401 -7.01 19.69 -91.18
CA SER B 401 -7.87 20.83 -91.45
C SER B 401 -7.79 21.19 -92.93
N ILE B 402 -8.91 21.03 -93.63
CA ILE B 402 -8.99 21.28 -95.08
C ILE B 402 -10.16 22.25 -95.31
N ASP B 403 -9.89 23.32 -96.05
CA ASP B 403 -10.91 24.34 -96.33
C ASP B 403 -11.71 23.91 -97.56
N LEU B 404 -12.69 23.04 -97.32
CA LEU B 404 -13.65 22.65 -98.35
C LEU B 404 -15.05 22.61 -97.74
N PRO B 405 -15.75 23.74 -97.72
CA PRO B 405 -17.12 23.74 -97.18
C PRO B 405 -18.17 23.38 -98.21
N GLY B 406 -19.12 22.56 -97.78
CA GLY B 406 -20.26 22.21 -98.62
C GLY B 406 -19.95 21.34 -99.82
N ILE B 407 -18.93 20.51 -99.74
CA ILE B 407 -18.53 19.65 -100.85
C ILE B 407 -19.37 18.38 -100.80
N LYS B 408 -19.63 17.80 -101.96
CA LYS B 408 -20.58 16.69 -102.07
C LYS B 408 -19.92 15.32 -101.91
N GLY B 409 -18.64 15.18 -102.25
CA GLY B 409 -17.98 13.91 -102.10
C GLY B 409 -16.57 13.84 -102.66
N LEU B 410 -15.74 12.99 -102.06
CA LEU B 410 -14.36 12.80 -102.50
C LEU B 410 -14.15 11.31 -102.74
N TRP B 411 -13.78 10.95 -103.96
CA TRP B 411 -13.73 9.55 -104.35
C TRP B 411 -12.37 9.19 -104.91
N PRO B 412 -11.85 8.01 -104.57
CA PRO B 412 -10.42 7.72 -104.82
C PRO B 412 -10.11 7.43 -106.27
N LEU B 413 -8.83 7.55 -106.60
CA LEU B 413 -8.28 7.21 -107.90
C LEU B 413 -6.88 6.65 -107.69
N ARG B 414 -6.62 5.46 -108.23
CA ARG B 414 -5.36 4.77 -107.98
C ARG B 414 -4.82 4.18 -109.27
N SER B 415 -3.54 3.80 -109.22
CA SER B 415 -2.91 3.00 -110.27
C SER B 415 -2.10 1.83 -109.72
N ASP B 416 -1.73 1.85 -108.45
CA ASP B 416 -1.06 0.71 -107.83
C ASP B 416 -2.10 -0.36 -107.52
N PRO B 417 -2.00 -1.56 -108.12
CA PRO B 417 -3.12 -2.51 -108.03
C PRO B 417 -3.30 -3.16 -106.66
N ASN B 418 -2.22 -3.59 -106.02
CA ASN B 418 -2.31 -4.41 -104.82
C ASN B 418 -2.15 -3.60 -103.54
N ARG B 419 -1.88 -2.31 -103.65
CA ARG B 419 -1.64 -1.47 -102.48
C ARG B 419 -2.53 -0.23 -102.52
N GLU B 420 -2.56 0.48 -101.39
CA GLU B 420 -3.23 1.76 -101.27
C GLU B 420 -2.32 2.92 -101.61
N THR B 421 -1.14 2.64 -102.15
CA THR B 421 -0.12 3.66 -102.37
C THR B 421 -0.52 4.58 -103.52
N ASP B 422 -0.30 5.89 -103.31
CA ASP B 422 -0.53 6.95 -104.29
C ASP B 422 -1.99 7.01 -104.73
N ASP B 423 -2.85 7.33 -103.77
CA ASP B 423 -4.28 7.46 -104.01
C ASP B 423 -4.62 8.93 -104.19
N THR B 424 -5.02 9.30 -105.41
CA THR B 424 -5.55 10.62 -105.70
C THR B 424 -7.06 10.62 -105.60
N LEU B 425 -7.64 11.81 -105.48
CA LEU B 425 -9.05 11.94 -105.16
C LEU B 425 -9.79 12.70 -106.26
N VAL B 426 -11.10 12.87 -106.05
CA VAL B 426 -11.97 13.56 -107.00
C VAL B 426 -12.69 14.68 -106.25
N LEU B 427 -12.57 15.91 -106.75
CA LEU B 427 -13.35 17.03 -106.26
C LEU B 427 -14.59 17.18 -107.13
N SER B 428 -15.77 17.05 -106.53
CA SER B 428 -17.03 17.05 -107.28
C SER B 428 -17.99 18.05 -106.66
N PHE B 429 -18.12 19.22 -107.29
CA PHE B 429 -19.08 20.22 -106.89
C PHE B 429 -20.39 19.99 -107.64
N VAL B 430 -21.31 20.94 -107.55
CA VAL B 430 -22.50 20.93 -108.39
C VAL B 430 -22.31 22.01 -109.45
N GLY B 431 -21.81 21.62 -110.61
CA GLY B 431 -21.46 22.55 -111.67
C GLY B 431 -19.97 22.67 -111.92
N GLN B 432 -19.14 22.23 -110.98
CA GLN B 432 -17.70 22.24 -111.13
C GLN B 432 -17.12 20.89 -110.72
N THR B 433 -15.88 20.65 -111.17
CA THR B 433 -15.21 19.39 -110.91
C THR B 433 -13.70 19.58 -111.00
N ARG B 434 -12.97 18.97 -110.06
CA ARG B 434 -11.51 19.03 -110.01
C ARG B 434 -10.98 17.70 -109.50
N VAL B 435 -9.65 17.63 -109.33
CA VAL B 435 -8.95 16.46 -108.83
C VAL B 435 -8.04 16.89 -107.69
N LEU B 436 -8.12 16.20 -106.56
CA LEU B 436 -7.39 16.56 -105.36
C LEU B 436 -6.27 15.56 -105.08
N MET B 437 -5.16 16.06 -104.52
CA MET B 437 -4.11 15.24 -103.97
C MET B 437 -4.03 15.47 -102.46
N LEU B 438 -3.33 14.58 -101.76
CA LEU B 438 -3.22 14.64 -100.30
C LEU B 438 -1.75 14.58 -99.89
N ASN B 439 -1.27 15.67 -99.32
CA ASN B 439 0.03 15.68 -98.64
C ASN B 439 -0.15 15.55 -97.13
N GLY B 440 -0.74 14.42 -96.72
CA GLY B 440 -1.04 14.21 -95.32
C GLY B 440 -2.13 15.12 -94.81
N GLU B 441 -1.75 16.12 -94.01
CA GLU B 441 -2.70 17.10 -93.53
C GLU B 441 -2.98 18.20 -94.55
N GLU B 442 -2.15 18.31 -95.60
CA GLU B 442 -2.31 19.34 -96.62
C GLU B 442 -2.81 18.70 -97.91
N VAL B 443 -3.32 19.56 -98.80
CA VAL B 443 -3.93 19.12 -100.05
C VAL B 443 -3.32 19.87 -101.22
N GLU B 444 -3.45 19.27 -102.41
CA GLU B 444 -3.07 19.89 -103.66
C GLU B 444 -4.10 19.55 -104.73
N GLU B 445 -4.26 20.46 -105.69
CA GLU B 445 -5.21 20.30 -106.77
C GLU B 445 -4.47 20.24 -108.11
N THR B 446 -4.88 19.31 -108.96
CA THR B 446 -4.24 19.10 -110.25
C THR B 446 -5.26 18.51 -111.22
N GLU B 447 -4.78 18.06 -112.38
CA GLU B 447 -5.61 17.39 -113.38
C GLU B 447 -4.90 16.12 -113.81
N LEU B 448 -5.54 14.97 -113.58
CA LEU B 448 -4.89 13.68 -113.79
C LEU B 448 -5.57 12.83 -114.87
N MET B 449 -6.88 12.60 -114.76
CA MET B 449 -7.53 11.64 -115.64
C MET B 449 -7.86 12.24 -117.01
N GLY B 450 -8.69 13.28 -117.04
CA GLY B 450 -9.19 13.83 -118.28
C GLY B 450 -10.59 13.43 -118.64
N PHE B 451 -11.13 12.38 -117.99
CA PHE B 451 -12.52 12.00 -118.22
C PHE B 451 -13.46 13.01 -117.59
N VAL B 452 -13.34 13.20 -116.28
CA VAL B 452 -14.35 13.91 -115.48
C VAL B 452 -13.81 15.27 -115.05
N ASP B 453 -12.88 15.82 -115.83
CA ASP B 453 -12.41 17.17 -115.61
C ASP B 453 -13.33 18.21 -116.25
N ASP B 454 -14.44 17.79 -116.84
CA ASP B 454 -15.43 18.69 -117.44
C ASP B 454 -16.77 18.67 -116.74
N GLN B 455 -17.20 17.50 -116.25
CA GLN B 455 -18.52 17.36 -115.64
C GLN B 455 -18.39 16.66 -114.30
N GLN B 456 -19.42 16.84 -113.47
CA GLN B 456 -19.40 16.41 -112.08
C GLN B 456 -19.51 14.89 -111.97
N THR B 457 -19.11 14.37 -110.81
CA THR B 457 -19.29 12.99 -110.43
C THR B 457 -20.11 12.91 -109.14
N PHE B 458 -20.66 11.74 -108.88
CA PHE B 458 -21.34 11.50 -107.61
C PHE B 458 -20.75 10.33 -106.85
N PHE B 459 -20.53 9.19 -107.51
CA PHE B 459 -20.08 7.97 -106.84
C PHE B 459 -19.05 7.26 -107.71
N CYS B 460 -17.84 7.09 -107.17
CA CYS B 460 -16.74 6.41 -107.88
C CYS B 460 -16.02 5.53 -106.87
N GLY B 461 -16.30 4.23 -106.92
CA GLY B 461 -15.77 3.30 -105.95
C GLY B 461 -14.44 2.67 -106.36
N ASN B 462 -14.15 1.52 -105.75
CA ASN B 462 -12.92 0.76 -106.01
C ASN B 462 -13.32 -0.66 -106.38
N VAL B 463 -13.27 -0.97 -107.67
CA VAL B 463 -13.69 -2.28 -108.17
C VAL B 463 -12.69 -3.34 -107.73
N ALA B 464 -13.20 -4.49 -107.26
CA ALA B 464 -12.36 -5.60 -106.82
C ALA B 464 -11.61 -6.27 -107.98
N HIS B 465 -12.01 -6.00 -109.23
CA HIS B 465 -11.26 -6.43 -110.40
C HIS B 465 -10.20 -5.41 -110.82
N GLN B 466 -9.77 -4.55 -109.88
CA GLN B 466 -8.71 -3.54 -110.06
C GLN B 466 -9.08 -2.55 -111.16
N GLN B 467 -10.31 -2.05 -111.10
CA GLN B 467 -10.83 -1.07 -112.04
C GLN B 467 -11.57 0.00 -111.24
N LEU B 468 -12.34 0.85 -111.93
CA LEU B 468 -13.08 1.92 -111.28
C LEU B 468 -14.28 2.26 -112.14
N ILE B 469 -15.26 2.91 -111.52
CA ILE B 469 -16.53 3.27 -112.16
C ILE B 469 -16.62 4.77 -112.25
N GLN B 470 -16.90 5.29 -113.44
CA GLN B 470 -17.05 6.71 -113.68
C GLN B 470 -18.47 7.01 -114.13
N ILE B 471 -19.13 7.93 -113.41
CA ILE B 471 -20.51 8.33 -113.67
C ILE B 471 -20.47 9.83 -113.95
N THR B 472 -20.65 10.22 -115.22
CA THR B 472 -20.37 11.59 -115.61
C THR B 472 -21.62 12.39 -115.97
N SER B 473 -22.38 11.99 -116.99
CA SER B 473 -23.66 12.64 -117.27
C SER B 473 -24.81 11.66 -117.30
N ALA B 474 -24.75 10.63 -118.16
CA ALA B 474 -25.83 9.67 -118.31
C ALA B 474 -25.32 8.25 -118.55
N SER B 475 -24.04 8.00 -118.35
CA SER B 475 -23.45 6.73 -118.73
C SER B 475 -22.39 6.33 -117.71
N VAL B 476 -22.14 5.02 -117.63
CA VAL B 476 -21.12 4.47 -116.76
C VAL B 476 -20.04 3.83 -117.62
N ARG B 477 -18.83 3.76 -117.08
CA ARG B 477 -17.71 3.17 -117.80
C ARG B 477 -16.71 2.59 -116.81
N LEU B 478 -15.98 1.59 -117.28
CA LEU B 478 -14.89 1.02 -116.51
C LEU B 478 -13.60 1.80 -116.75
N VAL B 479 -12.61 1.55 -115.90
CA VAL B 479 -11.38 2.33 -115.87
C VAL B 479 -10.20 1.38 -115.94
N SER B 480 -9.27 1.65 -116.88
CA SER B 480 -8.04 0.89 -117.03
C SER B 480 -6.98 1.46 -116.08
N GLN B 481 -5.70 1.11 -116.30
CA GLN B 481 -4.62 1.59 -115.46
C GLN B 481 -4.35 3.07 -115.76
N GLU B 482 -5.21 3.93 -115.20
CA GLU B 482 -5.30 5.38 -115.40
C GLU B 482 -5.32 5.77 -116.88
N PRO B 483 -6.43 5.51 -117.60
CA PRO B 483 -6.42 5.83 -119.04
C PRO B 483 -6.85 7.26 -119.32
N LYS B 484 -6.91 7.60 -120.61
CA LYS B 484 -7.62 8.77 -121.07
C LYS B 484 -8.75 8.42 -122.01
N ALA B 485 -8.89 7.16 -122.39
CA ALA B 485 -9.97 6.67 -123.23
C ALA B 485 -10.78 5.64 -122.47
N LEU B 486 -12.04 5.47 -122.88
CA LEU B 486 -12.98 4.65 -122.13
C LEU B 486 -12.69 3.16 -122.32
N VAL B 487 -12.98 2.39 -121.26
CA VAL B 487 -12.99 0.94 -121.39
C VAL B 487 -14.25 0.48 -122.11
N SER B 488 -15.41 0.77 -121.52
CA SER B 488 -16.69 0.48 -122.16
C SER B 488 -17.72 1.45 -121.58
N GLU B 489 -18.01 2.51 -122.32
CA GLU B 489 -19.00 3.50 -121.89
C GLU B 489 -20.39 2.96 -122.24
N TRP B 490 -21.00 2.27 -121.29
CA TRP B 490 -22.37 1.80 -121.48
C TRP B 490 -23.33 2.98 -121.35
N LYS B 491 -23.86 3.44 -122.47
CA LYS B 491 -24.75 4.58 -122.45
C LYS B 491 -26.16 4.16 -121.99
N GLU B 492 -26.98 5.15 -121.74
CA GLU B 492 -28.37 4.93 -121.37
C GLU B 492 -29.26 5.11 -122.58
N PRO B 493 -30.19 4.20 -122.85
CA PRO B 493 -31.10 4.40 -123.99
C PRO B 493 -32.32 5.24 -123.66
N GLN B 494 -32.12 6.35 -122.94
CA GLN B 494 -33.19 7.29 -122.63
C GLN B 494 -32.83 8.75 -122.87
N ALA B 495 -31.53 9.09 -122.95
CA ALA B 495 -31.02 10.45 -123.14
C ALA B 495 -31.54 11.43 -122.08
N LYS B 496 -31.46 11.00 -120.82
CA LYS B 496 -31.92 11.79 -119.69
C LYS B 496 -30.80 11.92 -118.67
N ASN B 497 -30.89 12.96 -117.85
CA ASN B 497 -29.88 13.21 -116.82
C ASN B 497 -30.10 12.28 -115.63
N ILE B 498 -29.00 11.83 -115.04
CA ILE B 498 -29.05 10.96 -113.86
C ILE B 498 -29.43 11.80 -112.65
N SER B 499 -30.50 11.40 -111.96
CA SER B 499 -30.86 12.06 -110.72
C SER B 499 -29.91 11.67 -109.59
N VAL B 500 -29.91 10.39 -109.22
CA VAL B 500 -29.02 9.83 -108.21
C VAL B 500 -28.49 8.50 -108.73
N ALA B 501 -27.18 8.35 -108.78
CA ALA B 501 -26.53 7.08 -109.08
C ALA B 501 -25.89 6.53 -107.81
N SER B 502 -25.20 5.40 -107.96
CA SER B 502 -24.41 4.76 -106.90
C SER B 502 -23.56 3.68 -107.55
N CYS B 503 -22.56 3.19 -106.80
CA CYS B 503 -21.63 2.21 -107.33
C CYS B 503 -21.11 1.34 -106.20
N ASN B 504 -20.42 0.26 -106.58
CA ASN B 504 -19.81 -0.66 -105.63
C ASN B 504 -18.59 -1.27 -106.32
N SER B 505 -18.10 -2.39 -105.81
CA SER B 505 -16.97 -3.08 -106.42
C SER B 505 -17.37 -4.15 -107.42
N SER B 506 -18.66 -4.50 -107.50
CA SER B 506 -19.10 -5.52 -108.44
C SER B 506 -20.43 -5.20 -109.11
N GLN B 507 -20.97 -4.00 -108.93
CA GLN B 507 -22.32 -3.68 -109.37
C GLN B 507 -22.49 -2.17 -109.45
N VAL B 508 -23.32 -1.74 -110.41
CA VAL B 508 -23.63 -0.32 -110.62
C VAL B 508 -25.14 -0.16 -110.52
N VAL B 509 -25.58 0.79 -109.70
CA VAL B 509 -27.00 1.07 -109.48
C VAL B 509 -27.22 2.55 -109.79
N VAL B 510 -27.97 2.84 -110.85
CA VAL B 510 -28.22 4.19 -111.32
C VAL B 510 -29.72 4.41 -111.41
N ALA B 511 -30.22 5.48 -110.79
CA ALA B 511 -31.62 5.86 -110.87
C ALA B 511 -31.77 7.10 -111.73
N VAL B 512 -32.48 6.97 -112.83
CA VAL B 512 -32.77 8.08 -113.73
C VAL B 512 -34.29 8.25 -113.72
N GLY B 513 -34.77 9.22 -112.95
CA GLY B 513 -36.20 9.37 -112.74
C GLY B 513 -36.74 8.25 -111.88
N ARG B 514 -37.50 7.33 -112.47
CA ARG B 514 -37.94 6.13 -111.78
C ARG B 514 -37.27 4.86 -112.29
N ALA B 515 -36.62 4.91 -113.45
CA ALA B 515 -35.94 3.75 -113.99
C ALA B 515 -34.65 3.49 -113.22
N LEU B 516 -34.41 2.23 -112.88
CA LEU B 516 -33.28 1.85 -112.03
C LEU B 516 -32.46 0.78 -112.75
N TYR B 517 -31.20 1.09 -113.02
CA TYR B 517 -30.34 0.28 -113.89
C TYR B 517 -29.42 -0.63 -113.08
N TYR B 518 -28.92 -1.67 -113.75
CA TYR B 518 -28.00 -2.64 -113.16
C TYR B 518 -26.93 -3.01 -114.17
N LEU B 519 -25.68 -3.09 -113.68
CA LEU B 519 -24.54 -3.47 -114.51
C LEU B 519 -23.78 -4.59 -113.83
N GLN B 520 -23.48 -5.65 -114.57
CA GLN B 520 -22.69 -6.77 -114.06
C GLN B 520 -21.24 -6.54 -114.47
N ILE B 521 -20.38 -6.24 -113.50
CA ILE B 521 -18.99 -5.90 -113.78
C ILE B 521 -18.24 -7.18 -114.10
N HIS B 522 -18.02 -7.41 -115.37
CA HIS B 522 -17.08 -8.38 -115.93
C HIS B 522 -15.75 -7.67 -116.17
N PRO B 523 -14.62 -8.42 -116.33
CA PRO B 523 -13.36 -7.76 -116.67
C PRO B 523 -13.40 -7.07 -118.03
N GLN B 524 -13.37 -5.74 -117.99
CA GLN B 524 -13.48 -4.85 -119.16
C GLN B 524 -14.74 -5.12 -119.96
N GLU B 525 -15.86 -5.30 -119.27
CA GLU B 525 -17.15 -5.53 -119.90
C GLU B 525 -18.26 -5.17 -118.92
N LEU B 526 -19.20 -4.35 -119.36
CA LEU B 526 -20.38 -3.96 -118.58
C LEU B 526 -21.61 -4.59 -119.23
N ARG B 527 -21.99 -5.76 -118.75
CA ARG B 527 -23.12 -6.50 -119.30
C ARG B 527 -24.40 -6.11 -118.56
N GLN B 528 -25.47 -5.87 -119.33
CA GLN B 528 -26.77 -5.57 -118.75
C GLN B 528 -27.48 -6.86 -118.36
N ILE B 529 -27.97 -6.92 -117.12
CA ILE B 529 -28.66 -8.09 -116.63
C ILE B 529 -30.13 -7.76 -116.31
N SER B 530 -30.35 -6.82 -115.40
CA SER B 530 -31.69 -6.55 -114.90
C SER B 530 -31.93 -5.04 -114.85
N HIS B 531 -33.18 -4.69 -114.53
CA HIS B 531 -33.69 -3.33 -114.53
C HIS B 531 -35.03 -3.33 -113.82
N THR B 532 -35.32 -2.23 -113.13
CA THR B 532 -36.63 -2.08 -112.51
C THR B 532 -37.05 -0.62 -112.54
N GLU B 533 -38.32 -0.38 -112.22
CA GLU B 533 -38.91 0.95 -112.18
C GLU B 533 -39.68 1.11 -110.88
N MET B 534 -39.66 2.31 -110.33
CA MET B 534 -40.36 2.60 -109.10
C MET B 534 -41.67 3.35 -109.40
N GLU B 535 -42.57 3.32 -108.42
CA GLU B 535 -43.86 3.99 -108.59
C GLU B 535 -43.75 5.51 -108.48
N HIS B 536 -42.67 6.02 -107.90
CA HIS B 536 -42.36 7.44 -107.89
C HIS B 536 -40.92 7.63 -108.36
N GLU B 537 -40.50 8.89 -108.45
CA GLU B 537 -39.10 9.17 -108.75
C GLU B 537 -38.23 8.88 -107.54
N VAL B 538 -37.02 8.40 -107.79
CA VAL B 538 -36.16 7.92 -106.72
C VAL B 538 -35.49 9.11 -106.05
N ALA B 539 -35.55 9.14 -104.71
CA ALA B 539 -34.93 10.23 -103.95
C ALA B 539 -33.41 10.05 -103.88
N CYS B 540 -32.94 8.89 -103.41
CA CYS B 540 -31.51 8.65 -103.26
C CYS B 540 -31.23 7.16 -103.36
N LEU B 541 -29.95 6.80 -103.36
CA LEU B 541 -29.51 5.42 -103.46
C LEU B 541 -28.33 5.19 -102.53
N ASP B 542 -28.29 3.99 -101.94
CA ASP B 542 -27.21 3.57 -101.05
C ASP B 542 -26.86 2.11 -101.33
N ILE B 543 -25.56 1.81 -101.33
CA ILE B 543 -25.05 0.45 -101.50
C ILE B 543 -24.12 0.14 -100.34
N THR B 544 -24.33 -1.01 -99.70
CA THR B 544 -23.49 -1.44 -98.59
C THR B 544 -22.79 -2.75 -98.92
N PRO B 545 -21.50 -2.89 -98.57
CA PRO B 545 -20.79 -4.17 -98.80
C PRO B 545 -21.18 -5.24 -97.78
N LEU B 546 -22.23 -5.99 -98.07
CA LEU B 546 -22.83 -6.88 -97.08
C LEU B 546 -21.95 -8.09 -96.79
N GLY B 547 -21.47 -8.77 -97.83
CA GLY B 547 -20.78 -10.02 -97.59
C GLY B 547 -19.77 -10.39 -98.65
N ASP B 548 -18.89 -11.34 -98.29
CA ASP B 548 -17.95 -12.07 -99.13
C ASP B 548 -16.82 -11.23 -99.70
N SER B 549 -16.73 -9.94 -99.33
CA SER B 549 -15.65 -9.01 -99.73
C SER B 549 -15.55 -8.86 -101.24
N ASN B 550 -16.70 -8.98 -101.93
CA ASN B 550 -16.76 -8.83 -103.38
C ASN B 550 -17.63 -7.66 -103.79
N GLY B 551 -18.47 -7.15 -102.88
CA GLY B 551 -19.41 -6.11 -103.20
C GLY B 551 -20.80 -6.58 -103.51
N LEU B 552 -21.08 -7.88 -103.36
CA LEU B 552 -22.39 -8.41 -103.67
C LEU B 552 -23.36 -8.11 -102.53
N SER B 553 -24.48 -7.47 -102.88
CA SER B 553 -25.49 -7.10 -101.90
C SER B 553 -26.85 -7.64 -102.33
N PRO B 554 -27.38 -8.65 -101.63
CA PRO B 554 -28.69 -9.20 -102.01
C PRO B 554 -29.88 -8.31 -101.66
N LEU B 555 -29.66 -7.19 -100.97
CA LEU B 555 -30.74 -6.27 -100.63
C LEU B 555 -30.47 -4.90 -101.26
N CYS B 556 -31.49 -4.05 -101.26
CA CYS B 556 -31.42 -2.77 -101.93
C CYS B 556 -31.98 -1.67 -101.03
N ALA B 557 -31.75 -0.43 -101.46
CA ALA B 557 -32.24 0.75 -100.77
C ALA B 557 -33.09 1.58 -101.72
N ILE B 558 -34.36 1.77 -101.37
CA ILE B 558 -35.31 2.50 -102.19
C ILE B 558 -35.85 3.69 -101.41
N GLY B 559 -35.61 4.89 -101.91
CA GLY B 559 -36.21 6.08 -101.34
C GLY B 559 -36.81 6.93 -102.44
N LEU B 560 -38.03 7.42 -102.20
CA LEU B 560 -38.79 8.13 -103.20
C LEU B 560 -39.03 9.58 -102.78
N TRP B 561 -39.28 10.43 -103.77
CA TRP B 561 -39.48 11.85 -103.52
C TRP B 561 -40.86 12.09 -102.89
N THR B 562 -40.87 12.88 -101.81
CA THR B 562 -42.07 13.28 -101.05
C THR B 562 -42.90 12.10 -100.58
N ASP B 563 -42.26 10.98 -100.26
CA ASP B 563 -42.95 9.77 -99.82
C ASP B 563 -41.94 8.88 -99.12
N ILE B 564 -42.25 8.49 -97.88
CA ILE B 564 -41.38 7.57 -97.15
C ILE B 564 -41.52 6.18 -97.78
N SER B 565 -40.42 5.68 -98.35
CA SER B 565 -40.41 4.43 -99.09
C SER B 565 -39.63 3.38 -98.30
N ALA B 566 -40.32 2.34 -97.83
CA ALA B 566 -39.68 1.19 -97.21
C ALA B 566 -39.65 -0.01 -98.15
N ARG B 567 -39.55 0.23 -99.45
CA ARG B 567 -39.56 -0.85 -100.43
C ARG B 567 -38.21 -1.57 -100.44
N ILE B 568 -38.26 -2.90 -100.42
CA ILE B 568 -37.07 -3.74 -100.29
C ILE B 568 -37.00 -4.65 -101.51
N LEU B 569 -35.84 -4.65 -102.17
CA LEU B 569 -35.65 -5.39 -103.41
C LEU B 569 -34.47 -6.37 -103.29
N LYS B 570 -34.35 -7.23 -104.29
CA LYS B 570 -33.17 -8.08 -104.47
C LYS B 570 -32.24 -7.51 -105.53
N LEU B 571 -31.39 -6.55 -105.16
CA LEU B 571 -30.65 -5.59 -105.98
C LEU B 571 -29.98 -6.12 -107.26
N PRO B 572 -29.40 -7.34 -107.31
CA PRO B 572 -29.00 -7.84 -108.64
C PRO B 572 -30.15 -8.13 -109.57
N SER B 573 -31.17 -8.85 -109.11
CA SER B 573 -32.27 -9.24 -110.00
C SER B 573 -33.48 -8.33 -109.86
N PHE B 574 -33.50 -7.49 -108.81
CA PHE B 574 -34.61 -6.60 -108.46
C PHE B 574 -35.93 -7.34 -108.27
N GLU B 575 -35.91 -8.34 -107.39
CA GLU B 575 -37.11 -9.06 -107.00
C GLU B 575 -37.68 -8.44 -105.73
N LEU B 576 -38.99 -8.20 -105.73
CA LEU B 576 -39.65 -7.54 -104.60
C LEU B 576 -39.72 -8.47 -103.41
N LEU B 577 -39.04 -8.12 -102.32
CA LEU B 577 -39.06 -8.91 -101.10
C LEU B 577 -40.08 -8.40 -100.10
N HIS B 578 -40.21 -7.09 -99.95
CA HIS B 578 -41.19 -6.49 -99.05
C HIS B 578 -41.60 -5.14 -99.60
N LYS B 579 -42.90 -4.85 -99.57
CA LYS B 579 -43.46 -3.61 -100.09
C LYS B 579 -44.20 -2.89 -98.97
N GLU B 580 -43.64 -1.78 -98.50
CA GLU B 580 -44.28 -0.95 -97.48
C GLU B 580 -44.07 0.51 -97.82
N MET B 581 -45.15 1.28 -97.83
CA MET B 581 -45.10 2.71 -98.11
C MET B 581 -45.77 3.44 -96.96
N LEU B 582 -44.99 4.18 -96.18
CA LEU B 582 -45.52 4.85 -94.99
C LEU B 582 -46.33 6.09 -95.37
N GLY B 583 -45.69 7.05 -96.02
CA GLY B 583 -46.37 8.27 -96.42
C GLY B 583 -45.84 9.52 -95.75
N GLY B 584 -46.08 10.67 -96.36
CA GLY B 584 -45.64 11.93 -95.80
C GLY B 584 -44.65 12.66 -96.68
N GLU B 585 -44.52 13.98 -96.48
CA GLU B 585 -43.61 14.80 -97.27
C GLU B 585 -42.16 14.66 -96.84
N ILE B 586 -41.89 13.99 -95.72
CA ILE B 586 -40.52 13.79 -95.26
C ILE B 586 -39.82 12.77 -96.16
N ILE B 587 -38.64 13.13 -96.66
CA ILE B 587 -37.89 12.25 -97.53
C ILE B 587 -36.80 11.53 -96.73
N PRO B 588 -36.59 10.24 -96.94
CA PRO B 588 -35.46 9.58 -96.30
C PRO B 588 -34.22 9.59 -97.19
N ARG B 589 -33.09 9.96 -96.59
CA ARG B 589 -31.78 9.62 -97.17
C ARG B 589 -31.59 8.12 -96.94
N SER B 590 -31.86 7.38 -98.03
CA SER B 590 -32.73 6.21 -98.03
C SER B 590 -32.58 5.20 -96.90
N ILE B 591 -31.51 4.41 -96.90
CA ILE B 591 -31.39 3.24 -96.03
C ILE B 591 -29.90 2.98 -95.79
N LEU B 592 -29.52 2.78 -94.53
CA LEU B 592 -28.22 2.20 -94.19
C LEU B 592 -28.43 0.74 -93.81
N MET B 593 -27.79 -0.16 -94.55
CA MET B 593 -27.89 -1.61 -94.36
C MET B 593 -26.61 -2.09 -93.68
N THR B 594 -26.62 -2.17 -92.36
CA THR B 594 -25.45 -2.63 -91.63
C THR B 594 -25.86 -3.54 -90.48
N THR B 595 -25.26 -4.72 -90.41
CA THR B 595 -25.51 -5.66 -89.33
C THR B 595 -24.64 -5.31 -88.12
N PHE B 596 -25.29 -5.14 -86.97
CA PHE B 596 -24.58 -4.80 -85.73
C PHE B 596 -24.20 -6.05 -84.94
N GLU B 597 -23.54 -6.99 -85.61
CA GLU B 597 -22.92 -8.22 -85.11
C GLU B 597 -23.92 -9.27 -84.62
N SER B 598 -25.23 -8.97 -84.58
CA SER B 598 -26.21 -9.96 -84.18
C SER B 598 -27.44 -10.02 -85.07
N SER B 599 -27.80 -8.95 -85.78
CA SER B 599 -28.98 -8.93 -86.62
C SER B 599 -28.85 -7.78 -87.62
N HIS B 600 -29.33 -8.00 -88.83
CA HIS B 600 -29.30 -6.97 -89.86
C HIS B 600 -30.43 -5.97 -89.61
N TYR B 601 -30.09 -4.69 -89.59
CA TYR B 601 -31.04 -3.63 -89.36
C TYR B 601 -31.10 -2.71 -90.57
N LEU B 602 -32.25 -2.07 -90.76
CA LEU B 602 -32.41 -1.01 -91.75
C LEU B 602 -32.42 0.32 -91.04
N LEU B 603 -31.58 1.24 -91.47
CA LEU B 603 -31.40 2.53 -90.81
C LEU B 603 -31.77 3.62 -91.81
N CYS B 604 -32.96 4.20 -91.64
CA CYS B 604 -33.47 5.22 -92.55
C CYS B 604 -33.18 6.60 -92.00
N ALA B 605 -32.39 7.38 -92.73
CA ALA B 605 -32.08 8.75 -92.35
C ALA B 605 -33.14 9.66 -92.94
N LEU B 606 -34.17 9.94 -92.15
CA LEU B 606 -35.28 10.75 -92.62
C LEU B 606 -34.87 12.22 -92.68
N GLY B 607 -35.59 12.99 -93.48
CA GLY B 607 -35.29 14.40 -93.66
C GLY B 607 -35.82 15.27 -92.54
N ASP B 608 -35.16 16.43 -92.38
CA ASP B 608 -35.48 17.44 -91.36
C ASP B 608 -35.43 16.87 -89.95
N GLY B 609 -34.48 15.96 -89.71
CA GLY B 609 -34.22 15.47 -88.37
C GLY B 609 -35.19 14.44 -87.81
N ALA B 610 -35.23 13.25 -88.41
CA ALA B 610 -36.03 12.16 -87.88
C ALA B 610 -35.30 10.84 -88.13
N LEU B 611 -35.60 9.85 -87.29
CA LEU B 611 -34.91 8.57 -87.33
C LEU B 611 -35.88 7.45 -86.94
N PHE B 612 -35.86 6.36 -87.70
CA PHE B 612 -36.72 5.21 -87.46
C PHE B 612 -35.87 3.98 -87.15
N TYR B 613 -36.42 3.08 -86.34
CA TYR B 613 -35.81 1.78 -86.06
C TYR B 613 -36.52 0.73 -86.89
N PHE B 614 -35.82 0.20 -87.90
CA PHE B 614 -36.33 -0.86 -88.75
C PHE B 614 -35.42 -2.08 -88.63
N GLY B 615 -36.03 -3.26 -88.48
CA GLY B 615 -35.28 -4.50 -88.40
C GLY B 615 -35.71 -5.50 -89.45
N LEU B 616 -34.77 -5.95 -90.28
CA LEU B 616 -35.09 -6.76 -91.45
C LEU B 616 -34.30 -8.07 -91.44
N ASN B 617 -34.99 -9.18 -91.70
CA ASN B 617 -34.33 -10.43 -92.01
C ASN B 617 -33.98 -10.44 -93.49
N ILE B 618 -32.74 -10.87 -93.80
CA ILE B 618 -32.21 -10.72 -95.16
C ILE B 618 -32.76 -11.75 -96.14
N GLU B 619 -33.57 -12.71 -95.69
CA GLU B 619 -34.05 -13.78 -96.56
C GLU B 619 -35.57 -13.92 -96.59
N THR B 620 -36.29 -13.33 -95.65
CA THR B 620 -37.75 -13.44 -95.62
C THR B 620 -38.46 -12.14 -95.97
N GLY B 621 -38.10 -11.04 -95.31
CA GLY B 621 -38.70 -9.76 -95.61
C GLY B 621 -39.70 -9.30 -94.58
N LEU B 622 -39.42 -9.56 -93.30
CA LEU B 622 -40.29 -9.16 -92.20
C LEU B 622 -39.69 -7.98 -91.47
N LEU B 623 -40.51 -6.98 -91.17
CA LEU B 623 -40.09 -5.79 -90.46
C LEU B 623 -40.79 -5.70 -89.12
N SER B 624 -40.10 -5.10 -88.14
CA SER B 624 -40.62 -4.91 -86.80
C SER B 624 -41.24 -3.53 -86.67
N ASP B 625 -41.57 -3.14 -85.45
CA ASP B 625 -42.17 -1.83 -85.21
C ASP B 625 -41.13 -0.73 -85.32
N ARG B 626 -41.61 0.49 -85.54
CA ARG B 626 -40.76 1.66 -85.70
C ARG B 626 -40.63 2.42 -84.39
N LYS B 627 -39.68 3.35 -84.36
CA LYS B 627 -39.41 4.13 -83.15
C LYS B 627 -38.75 5.44 -83.56
N LYS B 628 -39.27 6.55 -83.03
CA LYS B 628 -38.79 7.88 -83.41
C LYS B 628 -37.64 8.29 -82.51
N VAL B 629 -36.53 8.72 -83.13
CA VAL B 629 -35.36 9.25 -82.43
C VAL B 629 -35.09 10.64 -82.98
N THR B 630 -35.01 11.62 -82.08
CA THR B 630 -34.78 13.00 -82.50
C THR B 630 -33.33 13.19 -82.90
N LEU B 631 -33.11 13.80 -84.06
CA LEU B 631 -31.77 14.13 -84.53
C LEU B 631 -31.54 15.63 -84.70
N GLY B 632 -32.48 16.34 -85.30
CA GLY B 632 -32.34 17.77 -85.51
C GLY B 632 -33.44 18.37 -86.37
N THR B 633 -33.09 19.33 -87.23
CA THR B 633 -34.04 19.96 -88.14
C THR B 633 -33.61 19.85 -89.60
N GLN B 634 -32.56 19.10 -89.90
CA GLN B 634 -32.02 18.98 -91.24
C GLN B 634 -31.97 17.50 -91.65
N PRO B 635 -31.99 17.20 -92.95
CA PRO B 635 -31.82 15.81 -93.38
C PRO B 635 -30.44 15.26 -93.03
N THR B 636 -30.42 14.02 -92.56
CA THR B 636 -29.25 13.38 -91.97
C THR B 636 -28.73 12.29 -92.89
N VAL B 637 -27.57 11.74 -92.53
CA VAL B 637 -26.89 10.71 -93.33
C VAL B 637 -26.42 9.61 -92.38
N LEU B 638 -26.67 8.35 -92.77
CA LEU B 638 -26.29 7.18 -91.98
C LEU B 638 -25.36 6.30 -92.81
N ARG B 639 -24.11 6.19 -92.40
CA ARG B 639 -23.10 5.44 -93.15
C ARG B 639 -22.38 4.47 -92.22
N THR B 640 -21.52 3.65 -92.83
CA THR B 640 -20.57 2.82 -92.10
C THR B 640 -19.31 2.73 -92.93
N PHE B 641 -18.21 2.32 -92.29
CA PHE B 641 -16.89 2.44 -92.87
C PHE B 641 -15.94 1.51 -92.14
N ARG B 642 -14.64 1.68 -92.41
CA ARG B 642 -13.56 0.96 -91.73
C ARG B 642 -12.59 2.02 -91.20
N SER B 643 -12.63 2.26 -89.88
CA SER B 643 -11.69 3.21 -89.28
C SER B 643 -10.29 2.64 -89.26
N LEU B 644 -10.06 1.59 -88.47
CA LEU B 644 -8.88 0.76 -88.62
C LEU B 644 -9.32 -0.68 -88.85
N SER B 645 -10.34 -1.09 -88.12
CA SER B 645 -10.95 -2.41 -88.26
C SER B 645 -12.36 -2.37 -87.66
N THR B 646 -12.93 -3.56 -87.49
CA THR B 646 -14.16 -3.88 -86.76
C THR B 646 -15.43 -3.21 -87.28
N THR B 647 -15.40 -2.59 -88.48
CA THR B 647 -16.57 -2.15 -89.24
C THR B 647 -17.44 -1.14 -88.47
N ASN B 648 -16.90 0.05 -88.23
CA ASN B 648 -17.57 1.05 -87.40
C ASN B 648 -18.70 1.69 -88.18
N VAL B 649 -19.73 2.14 -87.46
CA VAL B 649 -20.92 2.74 -88.02
C VAL B 649 -21.06 4.15 -87.44
N PHE B 650 -21.36 5.13 -88.29
CA PHE B 650 -21.44 6.52 -87.88
C PHE B 650 -22.76 7.13 -88.34
N ALA B 651 -23.26 8.08 -87.54
CA ALA B 651 -24.47 8.85 -87.85
C ALA B 651 -24.06 10.28 -88.15
N CYS B 652 -24.09 10.65 -89.43
CA CYS B 652 -23.84 12.02 -89.86
C CYS B 652 -25.12 12.80 -89.67
N SER B 653 -25.19 13.60 -88.61
CA SER B 653 -26.40 14.35 -88.32
C SER B 653 -26.03 15.64 -87.59
N ASP B 654 -27.05 16.45 -87.29
CA ASP B 654 -26.85 17.65 -86.48
C ASP B 654 -26.50 17.30 -85.03
N ARG B 655 -26.89 16.11 -84.58
CA ARG B 655 -26.49 15.57 -83.28
C ARG B 655 -25.68 14.31 -83.61
N PRO B 656 -24.42 14.45 -83.98
CA PRO B 656 -23.70 13.34 -84.63
C PRO B 656 -23.27 12.28 -83.62
N THR B 657 -23.66 11.04 -83.88
CA THR B 657 -23.43 9.94 -82.95
C THR B 657 -22.71 8.79 -83.64
N VAL B 658 -22.15 7.90 -82.82
CA VAL B 658 -21.58 6.64 -83.28
C VAL B 658 -22.52 5.53 -82.83
N ILE B 659 -23.14 4.86 -83.81
CA ILE B 659 -24.24 3.94 -83.53
C ILE B 659 -23.73 2.59 -83.04
N TYR B 660 -22.46 2.27 -83.32
CA TYR B 660 -22.02 0.88 -83.40
C TYR B 660 -22.01 0.18 -82.04
N SER B 661 -21.50 0.83 -81.01
CA SER B 661 -21.35 0.14 -79.74
C SER B 661 -21.41 1.14 -78.59
N SER B 662 -21.87 0.64 -77.44
CA SER B 662 -21.71 1.33 -76.16
C SER B 662 -21.69 0.24 -75.09
N ASN B 663 -20.47 -0.21 -74.75
CA ASN B 663 -20.21 -1.37 -73.90
C ASN B 663 -20.97 -2.61 -74.41
N HIS B 664 -20.84 -2.85 -75.72
CA HIS B 664 -21.52 -3.92 -76.46
C HIS B 664 -23.04 -3.83 -76.30
N LYS B 665 -23.57 -2.68 -76.69
CA LYS B 665 -25.00 -2.42 -76.62
C LYS B 665 -25.33 -1.31 -77.61
N LEU B 666 -26.48 -1.42 -78.27
CA LEU B 666 -26.92 -0.44 -79.27
C LEU B 666 -27.43 0.81 -78.54
N VAL B 667 -26.48 1.63 -78.09
CA VAL B 667 -26.77 2.91 -77.45
C VAL B 667 -25.89 3.95 -78.13
N PHE B 668 -26.47 5.09 -78.50
CA PHE B 668 -25.74 6.14 -79.18
C PHE B 668 -24.73 6.81 -78.27
N SER B 669 -23.63 7.26 -78.86
CA SER B 669 -22.64 8.08 -78.18
C SER B 669 -22.12 9.12 -79.15
N ASN B 670 -21.98 10.36 -78.68
CA ASN B 670 -21.75 11.51 -79.55
C ASN B 670 -20.31 11.52 -80.06
N VAL B 671 -19.95 12.61 -80.75
CA VAL B 671 -18.57 12.93 -81.07
C VAL B 671 -18.32 14.37 -80.66
N ASN B 672 -17.05 14.76 -80.71
CA ASN B 672 -16.68 16.14 -80.41
C ASN B 672 -16.66 16.99 -81.68
N LEU B 673 -17.75 16.94 -82.43
CA LEU B 673 -17.96 17.72 -83.64
C LEU B 673 -19.37 18.28 -83.60
N LYS B 674 -19.51 19.52 -84.06
CA LYS B 674 -20.79 20.22 -83.93
C LYS B 674 -21.83 19.72 -84.92
N GLU B 675 -21.42 19.48 -86.16
CA GLU B 675 -22.37 19.11 -87.21
C GLU B 675 -21.64 18.31 -88.29
N VAL B 676 -22.19 17.16 -88.64
CA VAL B 676 -21.60 16.28 -89.66
C VAL B 676 -22.63 16.00 -90.73
N ASN B 677 -22.28 16.28 -91.99
CA ASN B 677 -23.15 16.01 -93.13
C ASN B 677 -22.74 14.76 -93.90
N TYR B 678 -21.50 14.71 -94.37
CA TYR B 678 -21.00 13.61 -95.18
C TYR B 678 -19.73 13.05 -94.56
N MET B 679 -19.30 11.91 -95.10
CA MET B 679 -17.98 11.36 -94.81
C MET B 679 -17.30 10.96 -96.13
N CYS B 680 -15.96 10.92 -96.09
CA CYS B 680 -15.18 10.65 -97.29
C CYS B 680 -14.04 9.67 -97.00
N PRO B 681 -13.99 8.51 -97.65
CA PRO B 681 -12.90 7.56 -97.43
C PRO B 681 -11.60 7.94 -98.14
N LEU B 682 -10.78 8.79 -97.52
CA LEU B 682 -9.55 9.23 -98.15
C LEU B 682 -8.43 8.24 -97.85
N ASN B 683 -7.20 8.59 -98.27
CA ASN B 683 -5.98 7.85 -97.93
C ASN B 683 -4.94 8.89 -97.52
N SER B 684 -4.93 9.25 -96.24
CA SER B 684 -4.00 10.25 -95.74
C SER B 684 -2.63 9.62 -95.47
N ASP B 685 -1.58 10.39 -95.74
CA ASP B 685 -0.23 9.94 -95.46
C ASP B 685 0.16 10.10 -94.00
N GLY B 686 -0.65 10.83 -93.22
CA GLY B 686 -0.40 10.97 -91.79
C GLY B 686 -1.52 10.38 -90.95
N TYR B 687 -2.50 9.78 -91.61
CA TYR B 687 -3.64 9.15 -90.93
C TYR B 687 -4.02 7.89 -91.68
N PRO B 688 -3.60 6.72 -91.20
CA PRO B 688 -3.85 5.48 -91.94
C PRO B 688 -5.31 5.04 -91.82
N ASP B 689 -5.94 4.81 -92.98
CA ASP B 689 -7.30 4.29 -93.12
C ASP B 689 -8.37 5.20 -92.51
N SER B 690 -8.02 6.45 -92.24
CA SER B 690 -8.95 7.40 -91.65
C SER B 690 -9.92 7.91 -92.72
N LEU B 691 -10.92 8.66 -92.28
CA LEU B 691 -11.90 9.24 -93.18
C LEU B 691 -12.02 10.73 -92.92
N ALA B 692 -12.29 11.47 -93.99
CA ALA B 692 -12.59 12.89 -93.91
C ALA B 692 -14.10 13.09 -93.87
N LEU B 693 -14.52 14.22 -93.31
CA LEU B 693 -15.92 14.46 -93.02
C LEU B 693 -16.32 15.80 -93.65
N ALA B 694 -17.26 15.75 -94.59
CA ALA B 694 -17.73 16.95 -95.27
C ALA B 694 -18.95 17.51 -94.55
N ASN B 695 -18.99 18.83 -94.42
CA ASN B 695 -19.94 19.50 -93.54
C ASN B 695 -20.48 20.72 -94.28
N ASN B 696 -21.10 21.64 -93.54
CA ASN B 696 -21.18 23.04 -93.91
C ASN B 696 -19.98 23.84 -93.42
N SER B 697 -18.88 23.14 -93.14
CA SER B 697 -17.68 23.66 -92.52
C SER B 697 -16.50 22.85 -93.07
N THR B 698 -15.39 22.86 -92.34
CA THR B 698 -14.14 22.27 -92.81
C THR B 698 -14.23 20.73 -92.92
N LEU B 699 -13.16 20.17 -93.46
CA LEU B 699 -13.06 18.75 -93.78
C LEU B 699 -12.01 18.14 -92.85
N THR B 700 -12.41 17.13 -92.08
CA THR B 700 -11.60 16.62 -90.97
C THR B 700 -11.25 15.15 -91.19
N ILE B 701 -10.00 14.89 -91.61
CA ILE B 701 -9.50 13.53 -91.80
C ILE B 701 -9.24 12.96 -90.40
N GLY B 702 -10.16 12.13 -89.90
CA GLY B 702 -10.02 11.61 -88.55
C GLY B 702 -10.42 10.14 -88.48
N THR B 703 -9.86 9.47 -87.48
CA THR B 703 -10.18 8.09 -87.16
C THR B 703 -10.87 8.03 -85.81
N ILE B 704 -11.37 6.85 -85.47
CA ILE B 704 -12.15 6.62 -84.25
C ILE B 704 -11.47 5.54 -83.44
N ASP B 705 -11.24 5.82 -82.15
CA ASP B 705 -10.67 4.87 -81.20
C ASP B 705 -11.73 3.89 -80.68
N GLU B 706 -11.40 3.20 -79.58
CA GLU B 706 -12.33 2.25 -78.96
C GLU B 706 -13.59 2.96 -78.49
N ILE B 707 -14.72 2.54 -79.05
CA ILE B 707 -15.98 3.28 -78.92
C ILE B 707 -16.61 2.95 -77.56
N GLN B 708 -16.79 3.99 -76.74
CA GLN B 708 -17.49 3.86 -75.46
C GLN B 708 -18.01 5.23 -75.08
N LYS B 709 -18.92 5.25 -74.10
CA LYS B 709 -19.46 6.49 -73.58
C LYS B 709 -18.38 7.32 -72.90
N LEU B 710 -17.82 6.80 -71.82
CA LEU B 710 -16.90 7.56 -70.98
C LEU B 710 -15.48 7.19 -71.36
N HIS B 711 -14.93 7.93 -72.30
CA HIS B 711 -13.54 7.75 -72.69
C HIS B 711 -12.62 8.31 -71.62
N ILE B 712 -11.69 7.47 -71.14
CA ILE B 712 -10.89 7.77 -69.95
C ILE B 712 -9.42 7.80 -70.35
N ARG B 713 -8.71 8.84 -69.92
CA ARG B 713 -7.30 9.03 -70.26
C ARG B 713 -6.48 9.13 -68.98
N THR B 714 -5.38 8.40 -68.92
CA THR B 714 -4.62 8.22 -67.69
C THR B 714 -3.32 9.02 -67.73
N VAL B 715 -3.12 9.85 -66.72
CA VAL B 715 -1.88 10.60 -66.55
C VAL B 715 -1.26 10.12 -65.25
N PRO B 716 -0.36 9.12 -65.29
CA PRO B 716 0.18 8.57 -64.04
C PRO B 716 1.19 9.49 -63.39
N LEU B 717 1.18 9.51 -62.06
CA LEU B 717 2.10 10.34 -61.29
C LEU B 717 2.95 9.55 -60.30
N TYR B 718 2.60 8.29 -60.04
CA TYR B 718 3.33 7.36 -59.16
C TYR B 718 3.44 7.87 -57.72
N GLU B 719 2.47 8.67 -57.29
CA GLU B 719 2.30 9.08 -55.91
C GLU B 719 0.85 9.46 -55.73
N SER B 720 0.37 9.37 -54.50
CA SER B 720 -1.06 9.56 -54.21
C SER B 720 -1.47 11.00 -54.40
N PRO B 721 -2.37 11.32 -55.32
CA PRO B 721 -2.84 12.70 -55.44
C PRO B 721 -3.83 13.03 -54.33
N ARG B 722 -3.70 14.24 -53.79
CA ARG B 722 -4.59 14.64 -52.70
C ARG B 722 -5.79 15.43 -53.22
N LYS B 723 -5.55 16.57 -53.87
CA LYS B 723 -6.63 17.41 -54.35
C LYS B 723 -6.32 17.91 -55.74
N ILE B 724 -7.27 18.65 -56.32
CA ILE B 724 -7.14 19.22 -57.64
C ILE B 724 -7.89 20.54 -57.69
N CYS B 725 -7.24 21.56 -58.22
CA CYS B 725 -7.85 22.86 -58.47
C CYS B 725 -7.63 23.20 -59.94
N TYR B 726 -7.94 24.44 -60.31
CA TYR B 726 -7.78 24.86 -61.69
C TYR B 726 -7.57 26.36 -61.79
N GLN B 727 -6.61 26.76 -62.60
CA GLN B 727 -6.42 28.17 -62.94
C GLN B 727 -7.14 28.47 -64.24
N GLU B 728 -7.94 29.53 -64.23
CA GLU B 728 -8.58 29.95 -65.47
C GLU B 728 -7.70 30.90 -66.27
N VAL B 729 -7.01 31.80 -65.59
CA VAL B 729 -6.14 32.75 -66.29
C VAL B 729 -4.87 32.05 -66.75
N SER B 730 -4.09 31.55 -65.81
CA SER B 730 -2.98 30.69 -66.17
C SER B 730 -3.53 29.36 -66.66
N GLN B 731 -2.75 28.68 -67.51
CA GLN B 731 -3.16 27.37 -68.02
C GLN B 731 -2.39 26.29 -67.28
N CYS B 732 -2.80 26.02 -66.04
CA CYS B 732 -2.13 25.00 -65.25
C CYS B 732 -3.09 24.47 -64.19
N PHE B 733 -3.00 23.17 -63.93
CA PHE B 733 -3.70 22.56 -62.82
C PHE B 733 -2.96 22.85 -61.51
N GLY B 734 -3.48 22.28 -60.43
CA GLY B 734 -2.75 22.24 -59.18
C GLY B 734 -3.09 20.97 -58.44
N VAL B 735 -2.09 20.16 -58.14
CA VAL B 735 -2.32 18.86 -57.51
C VAL B 735 -1.46 18.78 -56.26
N LEU B 736 -2.11 18.64 -55.11
CA LEU B 736 -1.39 18.22 -53.91
C LEU B 736 -1.19 16.71 -53.97
N SER B 737 -0.03 16.25 -53.50
CA SER B 737 0.31 14.85 -53.64
C SER B 737 1.04 14.38 -52.39
N SER B 738 1.38 13.10 -52.36
CA SER B 738 1.96 12.48 -51.18
C SER B 738 2.97 11.44 -51.61
N ARG B 739 4.20 11.58 -51.12
CA ARG B 739 5.29 10.67 -51.47
C ARG B 739 5.77 9.96 -50.22
N ILE B 740 5.94 8.65 -50.31
CA ILE B 740 6.42 7.85 -49.19
C ILE B 740 7.94 7.77 -49.27
N GLU B 741 8.61 8.14 -48.18
CA GLU B 741 10.06 8.11 -48.11
C GLU B 741 10.50 7.46 -46.81
N VAL B 742 11.63 6.77 -46.87
CA VAL B 742 12.27 6.24 -45.69
C VAL B 742 13.44 7.14 -45.34
N GLN B 743 13.82 7.12 -44.06
CA GLN B 743 14.83 8.03 -43.52
C GLN B 743 16.21 7.40 -43.57
N ASP B 744 17.16 8.13 -44.14
CA ASP B 744 18.54 7.69 -44.18
C ASP B 744 19.22 8.04 -42.87
N THR B 745 20.31 7.32 -42.57
CA THR B 745 21.09 7.62 -41.37
C THR B 745 21.98 8.84 -41.58
N SER B 746 22.85 8.79 -42.59
CA SER B 746 23.73 9.93 -42.88
C SER B 746 22.95 11.07 -43.52
N GLY B 747 22.34 10.82 -44.67
CA GLY B 747 21.49 11.79 -45.31
C GLY B 747 20.14 11.91 -44.61
N GLY B 748 19.32 12.82 -45.11
CA GLY B 748 18.01 13.05 -44.52
C GLY B 748 17.04 11.91 -44.78
N THR B 749 16.57 11.78 -46.01
CA THR B 749 15.62 10.74 -46.41
C THR B 749 15.99 10.24 -47.80
N THR B 750 15.23 9.27 -48.28
CA THR B 750 15.30 8.82 -49.66
C THR B 750 13.96 8.25 -50.07
N ALA B 751 13.64 8.40 -51.35
CA ALA B 751 12.40 7.87 -51.89
C ALA B 751 12.57 6.41 -52.27
N LEU B 752 11.50 5.80 -52.76
CA LEU B 752 11.52 4.38 -53.12
C LEU B 752 11.40 4.13 -54.60
N ARG B 753 10.97 5.12 -55.39
CA ARG B 753 10.79 4.95 -56.82
C ARG B 753 10.79 6.32 -57.46
N PRO B 754 11.26 6.45 -58.68
CA PRO B 754 11.28 7.79 -59.33
C PRO B 754 9.89 8.20 -59.79
N SER B 755 9.12 8.76 -58.87
CA SER B 755 7.77 9.21 -59.17
C SER B 755 7.79 10.50 -59.97
N ALA B 756 6.61 11.04 -60.26
CA ALA B 756 6.49 12.30 -60.96
C ALA B 756 6.50 13.49 -60.03
N SER B 757 7.06 13.33 -58.84
CA SER B 757 7.30 14.45 -57.93
C SER B 757 8.69 15.01 -58.13
N THR B 758 9.71 14.15 -58.01
CA THR B 758 11.09 14.58 -58.20
C THR B 758 11.37 14.87 -59.66
N GLN B 759 10.89 14.01 -60.55
CA GLN B 759 11.09 14.17 -61.99
C GLN B 759 10.14 15.25 -62.50
N ALA B 760 10.52 16.50 -62.26
CA ALA B 760 9.76 17.62 -62.79
C ALA B 760 10.68 18.55 -63.57
N LEU B 761 10.15 19.68 -64.02
CA LEU B 761 10.97 20.65 -64.73
C LEU B 761 11.69 21.60 -63.80
N SER B 762 11.15 21.83 -62.61
CA SER B 762 11.78 22.67 -61.60
C SER B 762 11.19 22.29 -60.26
N SER B 763 11.99 22.47 -59.21
CA SER B 763 11.56 22.14 -57.86
C SER B 763 11.91 23.30 -56.94
N SER B 764 11.43 23.20 -55.71
CA SER B 764 11.70 24.22 -54.69
C SER B 764 11.53 23.56 -53.32
N VAL B 765 11.76 24.35 -52.27
CA VAL B 765 11.76 23.84 -50.91
C VAL B 765 11.16 24.90 -50.00
N SER B 766 10.46 24.45 -48.96
CA SER B 766 9.89 25.37 -48.00
C SER B 766 10.97 25.98 -47.13
N SER B 767 10.83 27.27 -46.83
CA SER B 767 11.83 27.99 -46.05
C SER B 767 11.14 28.83 -44.98
N SER B 768 11.91 29.73 -44.36
CA SER B 768 11.46 30.62 -43.28
C SER B 768 10.94 29.80 -42.09
N LYS B 769 11.88 29.11 -41.44
CA LYS B 769 11.56 28.11 -40.44
C LYS B 769 10.97 28.76 -39.21
N LEU B 770 9.63 28.80 -39.18
CA LEU B 770 8.86 29.46 -38.15
C LEU B 770 8.28 28.47 -37.14
N PHE B 771 8.61 27.19 -37.26
CA PHE B 771 8.31 26.16 -36.27
C PHE B 771 9.61 25.64 -35.66
N SER B 772 10.57 26.54 -35.44
CA SER B 772 11.90 26.13 -34.99
C SER B 772 12.00 26.00 -33.49
N SER B 773 11.14 26.71 -32.73
CA SER B 773 11.23 26.69 -31.28
C SER B 773 10.68 25.41 -30.66
N SER B 774 9.93 24.62 -31.40
CA SER B 774 9.36 23.39 -30.86
C SER B 774 10.36 22.24 -30.93
N THR B 775 10.48 21.52 -29.82
CA THR B 775 11.35 20.35 -29.73
C THR B 775 10.60 19.05 -30.02
N ALA B 776 9.42 19.14 -30.63
CA ALA B 776 8.59 17.98 -30.97
C ALA B 776 9.17 17.02 -32.02
N PRO B 777 9.90 17.48 -33.11
CA PRO B 777 10.53 16.47 -33.98
C PRO B 777 11.72 15.77 -33.34
N HIS B 778 11.45 14.76 -32.52
CA HIS B 778 12.50 13.95 -31.94
C HIS B 778 13.10 13.02 -32.99
N GLU B 779 14.28 12.50 -32.68
CA GLU B 779 14.99 11.64 -33.61
C GLU B 779 14.39 10.24 -33.62
N THR B 780 14.15 9.72 -34.82
CA THR B 780 13.60 8.38 -34.98
C THR B 780 14.71 7.35 -35.13
N SER B 781 14.40 6.10 -34.81
CA SER B 781 15.40 5.05 -34.86
C SER B 781 15.64 4.57 -36.30
N PHE B 782 14.61 4.06 -36.94
CA PHE B 782 14.70 3.55 -38.31
C PHE B 782 13.88 4.44 -39.24
N GLY B 783 14.07 4.21 -40.54
CA GLY B 783 13.32 4.95 -41.54
C GLY B 783 11.95 4.35 -41.77
N GLU B 784 11.03 4.59 -40.85
CA GLU B 784 9.74 3.89 -40.86
C GLU B 784 8.66 4.68 -41.59
N GLU B 785 8.96 5.03 -42.85
CA GLU B 785 8.01 5.49 -43.87
C GLU B 785 7.27 6.76 -43.43
N VAL B 786 8.03 7.83 -43.30
CA VAL B 786 7.40 9.15 -43.20
C VAL B 786 6.88 9.57 -44.56
N GLU B 787 6.01 10.59 -44.55
CA GLU B 787 5.39 11.08 -45.77
C GLU B 787 5.90 12.48 -46.07
N VAL B 788 6.12 12.76 -47.35
CA VAL B 788 6.54 14.09 -47.79
C VAL B 788 5.55 14.54 -48.85
N HIS B 789 4.94 15.70 -48.65
CA HIS B 789 3.95 16.21 -49.58
C HIS B 789 4.52 17.36 -50.39
N ASN B 790 3.92 17.61 -51.55
CA ASN B 790 4.30 18.71 -52.40
C ASN B 790 3.12 19.16 -53.25
N LEU B 791 3.31 20.25 -53.96
CA LEU B 791 2.29 20.88 -54.80
C LEU B 791 2.68 20.73 -56.26
N LEU B 792 2.05 19.77 -56.94
CA LEU B 792 2.32 19.56 -58.35
C LEU B 792 1.53 20.55 -59.18
N ILE B 793 2.20 21.28 -60.05
CA ILE B 793 1.58 22.19 -60.98
C ILE B 793 1.79 21.60 -62.37
N ILE B 794 0.69 21.19 -63.00
CA ILE B 794 0.73 20.34 -64.18
C ILE B 794 0.26 21.14 -65.38
N ASP B 795 0.94 20.95 -66.51
CA ASP B 795 0.66 21.68 -67.75
C ASP B 795 -0.74 21.37 -68.26
N GLN B 796 -1.27 22.29 -69.05
CA GLN B 796 -2.67 22.25 -69.45
C GLN B 796 -2.92 21.20 -70.52
N HIS B 797 -2.12 21.22 -71.58
CA HIS B 797 -2.34 20.35 -72.73
C HIS B 797 -1.40 19.15 -72.76
N THR B 798 -0.13 19.34 -72.46
CA THR B 798 0.81 18.22 -72.47
C THR B 798 0.74 17.39 -71.22
N PHE B 799 0.21 17.96 -70.13
CA PHE B 799 0.09 17.33 -68.81
C PHE B 799 1.44 16.91 -68.25
N GLU B 800 2.49 17.62 -68.65
CA GLU B 800 3.81 17.43 -68.05
C GLU B 800 3.86 18.19 -66.74
N VAL B 801 4.54 17.62 -65.75
CA VAL B 801 4.65 18.28 -64.45
C VAL B 801 5.57 19.48 -64.59
N LEU B 802 5.01 20.68 -64.45
CA LEU B 802 5.80 21.89 -64.63
C LEU B 802 6.68 22.18 -63.42
N HIS B 803 6.12 22.06 -62.22
CA HIS B 803 6.85 22.43 -61.02
C HIS B 803 6.26 21.73 -59.81
N ALA B 804 7.12 21.40 -58.86
CA ALA B 804 6.71 20.88 -57.57
C ALA B 804 7.35 21.71 -56.47
N HIS B 805 6.75 21.67 -55.28
CA HIS B 805 7.26 22.44 -54.15
C HIS B 805 7.17 21.61 -52.88
N GLN B 806 8.31 21.15 -52.38
CA GLN B 806 8.35 20.40 -51.14
C GLN B 806 8.06 21.30 -49.95
N PHE B 807 7.25 20.80 -49.02
CA PHE B 807 6.87 21.53 -47.83
C PHE B 807 7.87 21.24 -46.71
N LEU B 808 7.53 21.63 -45.48
CA LEU B 808 8.41 21.34 -44.36
C LEU B 808 8.35 19.87 -43.99
N GLN B 809 9.29 19.46 -43.16
CA GLN B 809 9.33 18.09 -42.67
C GLN B 809 8.12 17.84 -41.78
N ASN B 810 7.44 16.71 -42.02
CA ASN B 810 6.22 16.29 -41.33
C ASN B 810 5.10 17.32 -41.46
N GLU B 811 4.93 17.85 -42.68
CA GLU B 811 3.88 18.83 -42.95
C GLU B 811 2.95 18.28 -44.02
N TYR B 812 1.74 17.90 -43.63
CA TYR B 812 0.76 17.48 -44.61
C TYR B 812 0.05 18.69 -45.20
N ALA B 813 -0.64 18.47 -46.31
CA ALA B 813 -1.43 19.51 -46.96
C ALA B 813 -2.83 18.95 -47.16
N LEU B 814 -3.83 19.63 -46.60
CA LEU B 814 -5.16 19.04 -46.45
C LEU B 814 -6.26 19.77 -47.21
N SER B 815 -5.96 20.90 -47.84
CA SER B 815 -6.98 21.69 -48.51
C SER B 815 -6.32 22.56 -49.57
N LEU B 816 -7.01 22.74 -50.70
CA LEU B 816 -6.46 23.51 -51.82
C LEU B 816 -7.57 24.26 -52.52
N VAL B 817 -7.48 25.59 -52.54
CA VAL B 817 -8.34 26.43 -53.35
C VAL B 817 -7.47 27.45 -54.08
N SER B 818 -7.96 27.86 -55.25
CA SER B 818 -7.25 28.81 -56.11
C SER B 818 -8.26 29.84 -56.59
N CYS B 819 -8.21 31.03 -56.01
CA CYS B 819 -9.22 32.03 -56.26
C CYS B 819 -8.55 33.40 -56.28
N LYS B 820 -9.36 34.44 -56.25
CA LYS B 820 -8.88 35.80 -56.11
C LYS B 820 -9.43 36.39 -54.82
N LEU B 821 -8.58 37.09 -54.08
CA LEU B 821 -8.94 37.69 -52.80
C LEU B 821 -8.66 39.18 -52.85
N GLY B 822 -9.69 39.97 -52.59
CA GLY B 822 -9.51 41.39 -52.60
C GLY B 822 -9.40 41.92 -54.02
N LYS B 823 -9.06 43.20 -54.10
CA LYS B 823 -8.98 43.89 -55.37
C LYS B 823 -7.62 43.74 -56.04
N ASP B 824 -6.74 42.93 -55.47
CA ASP B 824 -5.46 42.59 -56.11
C ASP B 824 -5.75 41.76 -57.35
N PRO B 825 -5.34 42.20 -58.53
CA PRO B 825 -5.71 41.49 -59.77
C PRO B 825 -4.94 40.19 -60.04
N ASN B 826 -4.21 39.65 -59.06
CA ASN B 826 -3.60 38.35 -59.28
C ASN B 826 -4.59 37.23 -58.96
N THR B 827 -4.26 36.03 -59.41
CA THR B 827 -5.07 34.84 -59.16
C THR B 827 -4.14 33.78 -58.55
N TYR B 828 -4.37 33.45 -57.29
CA TYR B 828 -3.36 32.77 -56.48
C TYR B 828 -3.63 31.29 -56.35
N PHE B 829 -2.69 30.62 -55.70
CA PHE B 829 -2.90 29.31 -55.09
C PHE B 829 -2.87 29.48 -53.58
N ILE B 830 -3.80 28.84 -52.90
CA ILE B 830 -3.83 28.84 -51.44
C ILE B 830 -3.84 27.40 -50.99
N VAL B 831 -2.83 27.02 -50.20
CA VAL B 831 -2.65 25.65 -49.74
C VAL B 831 -2.73 25.64 -48.23
N GLY B 832 -3.74 24.95 -47.70
CA GLY B 832 -3.91 24.87 -46.26
C GLY B 832 -3.19 23.67 -45.70
N THR B 833 -2.13 23.90 -44.94
CA THR B 833 -1.26 22.83 -44.47
C THR B 833 -1.40 22.63 -42.98
N ALA B 834 -0.80 21.55 -42.51
CA ALA B 834 -0.83 21.20 -41.10
C ALA B 834 0.41 20.40 -40.75
N MET B 835 0.80 20.45 -39.48
CA MET B 835 2.01 19.80 -38.99
C MET B 835 1.61 18.57 -38.21
N VAL B 836 1.97 17.39 -38.70
CA VAL B 836 1.57 16.13 -38.10
C VAL B 836 2.76 15.50 -37.41
N TYR B 837 2.45 14.71 -36.39
CA TYR B 837 3.43 13.94 -35.66
C TYR B 837 2.71 12.67 -35.24
N PRO B 838 3.35 11.52 -35.34
CA PRO B 838 2.75 10.30 -34.80
C PRO B 838 2.89 10.30 -33.28
N GLU B 839 2.30 9.26 -32.67
CA GLU B 839 2.20 9.11 -31.20
C GLU B 839 1.58 10.36 -30.57
N GLU B 840 0.51 10.84 -31.18
CA GLU B 840 -0.02 12.15 -30.87
C GLU B 840 -1.49 12.17 -31.26
N ALA B 841 -2.27 12.99 -30.55
CA ALA B 841 -3.66 13.28 -30.86
C ALA B 841 -3.75 14.28 -32.01
N GLU B 842 -4.89 14.95 -32.10
CA GLU B 842 -5.12 16.01 -33.08
C GLU B 842 -3.98 17.06 -33.05
N PRO B 843 -3.56 17.56 -34.20
CA PRO B 843 -2.44 18.49 -34.23
C PRO B 843 -2.86 19.93 -33.99
N LYS B 844 -1.99 20.66 -33.30
CA LYS B 844 -2.17 22.09 -33.10
C LYS B 844 -0.88 22.79 -33.50
N GLN B 845 -0.69 22.92 -34.81
CA GLN B 845 0.29 23.74 -35.52
C GLN B 845 -0.26 23.92 -36.92
N GLY B 846 0.59 24.38 -37.84
CA GLY B 846 0.20 24.49 -39.23
C GLY B 846 0.17 25.93 -39.72
N ARG B 847 -0.04 26.07 -41.02
CA ARG B 847 0.01 27.38 -41.64
C ARG B 847 -0.78 27.35 -42.94
N ILE B 848 -1.11 28.53 -43.42
CA ILE B 848 -1.80 28.74 -44.70
C ILE B 848 -0.92 29.64 -45.54
N VAL B 849 -0.51 29.15 -46.71
CA VAL B 849 0.48 29.83 -47.54
C VAL B 849 -0.14 30.15 -48.89
N VAL B 850 0.00 31.40 -49.33
CA VAL B 850 -0.57 31.87 -50.59
C VAL B 850 0.52 31.84 -51.65
N PHE B 851 0.29 31.06 -52.71
CA PHE B 851 1.25 30.89 -53.80
C PHE B 851 0.75 31.58 -55.07
N GLN B 852 1.70 32.00 -55.92
CA GLN B 852 1.38 32.45 -57.26
C GLN B 852 2.41 31.89 -58.23
N TYR B 853 2.02 31.85 -59.50
CA TYR B 853 2.75 31.16 -60.57
C TYR B 853 3.00 32.10 -61.74
N SER B 854 3.61 33.24 -61.43
CA SER B 854 3.94 34.23 -62.45
C SER B 854 5.03 33.69 -63.37
N ASP B 855 4.66 33.43 -64.63
CA ASP B 855 5.58 33.17 -65.73
C ASP B 855 6.44 31.91 -65.51
N GLY B 856 5.77 30.80 -65.22
CA GLY B 856 6.47 29.54 -65.10
C GLY B 856 7.33 29.39 -63.87
N LYS B 857 7.05 30.18 -62.82
CA LYS B 857 7.84 30.13 -61.60
C LYS B 857 6.91 30.29 -60.42
N LEU B 858 6.82 29.25 -59.59
CA LEU B 858 5.96 29.29 -58.41
C LEU B 858 6.62 30.17 -57.35
N GLN B 859 5.82 31.04 -56.73
CA GLN B 859 6.35 32.02 -55.79
C GLN B 859 5.54 32.00 -54.51
N THR B 860 6.24 32.01 -53.37
CA THR B 860 5.61 32.11 -52.06
C THR B 860 5.44 33.59 -51.72
N VAL B 861 4.21 34.07 -51.78
CA VAL B 861 3.93 35.47 -51.50
C VAL B 861 3.77 35.68 -49.99
N ALA B 862 2.78 35.03 -49.39
CA ALA B 862 2.41 35.26 -48.00
C ALA B 862 2.38 33.94 -47.25
N GLU B 863 2.33 34.05 -45.92
CA GLU B 863 2.17 32.89 -45.06
C GLU B 863 1.57 33.36 -43.74
N LYS B 864 0.89 32.43 -43.05
CA LYS B 864 0.17 32.78 -41.83
C LYS B 864 0.13 31.56 -40.92
N GLU B 865 1.01 31.55 -39.92
CA GLU B 865 1.04 30.45 -38.96
C GLU B 865 -0.23 30.47 -38.12
N VAL B 866 -0.95 29.36 -38.13
CA VAL B 866 -2.22 29.24 -37.44
C VAL B 866 -2.18 28.01 -36.56
N LYS B 867 -2.52 28.17 -35.29
CA LYS B 867 -2.55 27.06 -34.36
C LYS B 867 -3.72 26.14 -34.65
N GLY B 868 -3.48 25.10 -35.44
CA GLY B 868 -4.50 24.12 -35.76
C GLY B 868 -4.49 23.68 -37.20
N ALA B 869 -4.96 22.45 -37.43
CA ALA B 869 -4.98 21.87 -38.77
C ALA B 869 -6.06 22.50 -39.63
N VAL B 870 -5.70 22.84 -40.87
CA VAL B 870 -6.59 23.54 -41.79
C VAL B 870 -7.19 22.48 -42.70
N TYR B 871 -8.45 22.14 -42.46
CA TYR B 871 -9.04 20.97 -43.10
C TYR B 871 -9.67 21.29 -44.45
N SER B 872 -10.48 22.34 -44.53
CA SER B 872 -11.18 22.65 -45.76
C SER B 872 -11.26 24.15 -45.94
N MET B 873 -11.08 24.59 -47.17
CA MET B 873 -11.15 25.98 -47.51
C MET B 873 -12.14 26.18 -48.64
N VAL B 874 -12.79 27.34 -48.64
CA VAL B 874 -13.61 27.81 -49.75
C VAL B 874 -13.38 29.31 -49.90
N GLU B 875 -13.56 29.79 -51.12
CA GLU B 875 -13.68 31.22 -51.34
C GLU B 875 -15.08 31.66 -50.93
N PHE B 876 -15.16 32.81 -50.27
CA PHE B 876 -16.43 33.34 -49.78
C PHE B 876 -16.44 34.85 -49.98
N ASN B 877 -17.00 35.27 -51.12
CA ASN B 877 -17.34 36.67 -51.41
C ASN B 877 -16.12 37.57 -51.37
N GLY B 878 -15.06 37.14 -52.04
CA GLY B 878 -13.83 37.87 -51.99
C GLY B 878 -13.02 37.66 -50.74
N LYS B 879 -13.45 36.77 -49.86
CA LYS B 879 -12.72 36.49 -48.63
C LYS B 879 -12.44 34.99 -48.56
N LEU B 880 -11.32 34.64 -47.94
CA LEU B 880 -10.93 33.25 -47.77
C LEU B 880 -11.53 32.70 -46.49
N LEU B 881 -12.43 31.73 -46.63
CA LEU B 881 -13.00 31.07 -45.47
C LEU B 881 -12.18 29.83 -45.17
N ALA B 882 -11.87 29.62 -43.89
CA ALA B 882 -11.06 28.49 -43.47
C ALA B 882 -11.83 27.63 -42.47
N SER B 883 -11.19 26.54 -42.03
CA SER B 883 -11.82 25.59 -41.12
C SER B 883 -10.69 24.91 -40.33
N ILE B 884 -10.45 25.38 -39.11
CA ILE B 884 -9.20 25.15 -38.40
C ILE B 884 -9.54 24.55 -37.04
N ASN B 885 -9.61 23.22 -36.96
CA ASN B 885 -9.85 22.45 -35.73
C ASN B 885 -11.12 22.91 -34.99
N SER B 886 -12.25 22.66 -35.64
CA SER B 886 -13.59 22.99 -35.15
C SER B 886 -13.78 24.48 -34.97
N THR B 887 -13.10 25.28 -35.79
CA THR B 887 -13.24 26.72 -35.76
C THR B 887 -13.27 27.25 -37.18
N VAL B 888 -14.31 28.00 -37.51
CA VAL B 888 -14.52 28.52 -38.86
C VAL B 888 -14.01 29.95 -38.89
N ARG B 889 -12.89 30.19 -39.55
CA ARG B 889 -12.16 31.44 -39.43
C ARG B 889 -12.15 32.17 -40.77
N LEU B 890 -12.85 33.29 -40.84
CA LEU B 890 -12.92 34.08 -42.06
C LEU B 890 -11.79 35.09 -42.09
N TYR B 891 -11.18 35.23 -43.26
CA TYR B 891 -10.03 36.09 -43.46
C TYR B 891 -10.40 37.29 -44.31
N GLU B 892 -9.40 38.10 -44.60
CA GLU B 892 -9.56 39.29 -45.42
C GLU B 892 -8.17 39.68 -45.92
N TRP B 893 -8.00 39.72 -47.23
CA TRP B 893 -6.69 39.97 -47.80
C TRP B 893 -6.38 41.46 -47.76
N THR B 894 -5.38 41.84 -46.97
CA THR B 894 -5.01 43.23 -46.92
C THR B 894 -4.14 43.59 -48.11
N THR B 895 -3.87 44.88 -48.25
CA THR B 895 -3.04 45.36 -49.35
C THR B 895 -1.58 44.96 -49.14
N GLU B 896 -1.17 44.82 -47.88
CA GLU B 896 0.21 44.56 -47.53
C GLU B 896 0.55 43.07 -47.51
N LYS B 897 -0.20 42.26 -48.26
CA LYS B 897 0.07 40.85 -48.53
C LYS B 897 0.03 40.01 -47.26
N GLU B 898 -0.98 40.26 -46.43
CA GLU B 898 -1.20 39.51 -45.20
C GLU B 898 -2.69 39.25 -45.07
N LEU B 899 -3.10 38.76 -43.90
CA LEU B 899 -4.49 38.42 -43.62
C LEU B 899 -4.88 38.93 -42.25
N ARG B 900 -6.14 39.34 -42.13
CA ARG B 900 -6.71 39.79 -40.87
C ARG B 900 -7.99 39.02 -40.60
N THR B 901 -8.08 38.42 -39.43
CA THR B 901 -9.22 37.57 -39.10
C THR B 901 -10.46 38.42 -38.91
N GLU B 902 -11.51 38.13 -39.68
CA GLU B 902 -12.72 38.92 -39.58
C GLU B 902 -13.62 38.43 -38.44
N CYS B 903 -13.88 37.13 -38.40
CA CYS B 903 -14.69 36.58 -37.33
C CYS B 903 -14.31 35.12 -37.10
N ASN B 904 -15.05 34.45 -36.22
CA ASN B 904 -14.84 33.06 -35.87
C ASN B 904 -16.17 32.42 -35.51
N HIS B 905 -16.19 31.10 -35.52
CA HIS B 905 -17.29 30.32 -34.99
C HIS B 905 -16.72 29.17 -34.19
N TYR B 906 -17.44 28.76 -33.14
CA TYR B 906 -16.88 27.77 -32.23
C TYR B 906 -17.77 26.58 -31.95
N ASN B 907 -19.05 26.61 -32.28
CA ASN B 907 -19.92 25.48 -31.96
C ASN B 907 -19.73 24.40 -33.03
N ASN B 908 -18.62 23.68 -32.91
CA ASN B 908 -18.23 22.64 -33.85
C ASN B 908 -17.50 21.54 -33.10
N ILE B 909 -17.74 20.30 -33.50
CA ILE B 909 -16.95 19.19 -32.96
C ILE B 909 -15.60 19.11 -33.68
N MET B 910 -15.64 19.00 -34.99
CA MET B 910 -14.45 19.12 -35.82
C MET B 910 -14.94 19.55 -37.20
N ALA B 911 -14.78 20.83 -37.52
CA ALA B 911 -15.29 21.39 -38.77
C ALA B 911 -14.41 20.92 -39.92
N LEU B 912 -14.87 19.89 -40.63
CA LEU B 912 -14.08 19.23 -41.65
C LEU B 912 -14.41 19.67 -43.06
N TYR B 913 -15.56 20.29 -43.29
CA TYR B 913 -16.00 20.59 -44.64
C TYR B 913 -16.56 22.00 -44.68
N LEU B 914 -16.48 22.62 -45.85
CA LEU B 914 -17.08 23.92 -46.10
C LEU B 914 -17.63 23.95 -47.52
N LYS B 915 -18.86 24.45 -47.66
CA LYS B 915 -19.47 24.68 -48.96
C LYS B 915 -20.28 25.97 -48.87
N THR B 916 -20.15 26.81 -49.89
CA THR B 916 -20.79 28.11 -49.88
C THR B 916 -21.59 28.35 -51.15
N LYS B 917 -22.62 29.19 -51.04
CA LYS B 917 -23.34 29.69 -52.21
C LYS B 917 -23.93 31.04 -51.83
N GLY B 918 -23.28 32.11 -52.27
CA GLY B 918 -23.75 33.45 -52.00
C GLY B 918 -23.25 33.98 -50.68
N ASP B 919 -24.11 33.97 -49.67
CA ASP B 919 -23.74 34.42 -48.33
C ASP B 919 -24.00 33.37 -47.27
N PHE B 920 -24.46 32.19 -47.65
CA PHE B 920 -24.69 31.12 -46.70
C PHE B 920 -23.47 30.20 -46.69
N ILE B 921 -23.26 29.53 -45.56
CA ILE B 921 -22.08 28.68 -45.36
C ILE B 921 -22.54 27.36 -44.78
N LEU B 922 -22.15 26.27 -45.43
CA LEU B 922 -22.52 24.92 -45.05
C LEU B 922 -21.31 24.22 -44.46
N VAL B 923 -21.46 23.69 -43.24
CA VAL B 923 -20.37 23.07 -42.51
C VAL B 923 -20.73 21.63 -42.21
N GLY B 924 -19.83 20.70 -42.53
CA GLY B 924 -20.03 19.31 -42.20
C GLY B 924 -19.18 18.88 -41.03
N ASP B 925 -19.83 18.56 -39.92
CA ASP B 925 -19.14 18.29 -38.68
C ASP B 925 -18.57 16.87 -38.68
N LEU B 926 -17.79 16.53 -37.66
CA LEU B 926 -17.23 15.18 -37.59
C LEU B 926 -18.31 14.16 -37.25
N MET B 927 -18.99 14.36 -36.13
CA MET B 927 -20.00 13.41 -35.70
C MET B 927 -21.42 13.91 -35.86
N ARG B 928 -21.64 15.22 -35.86
CA ARG B 928 -23.02 15.65 -35.68
C ARG B 928 -23.77 15.62 -37.01
N SER B 929 -23.57 16.63 -37.85
CA SER B 929 -24.38 16.73 -39.06
C SER B 929 -23.98 17.87 -39.98
N VAL B 930 -24.80 18.05 -41.01
CA VAL B 930 -25.03 19.30 -41.72
C VAL B 930 -25.18 20.43 -40.72
N LEU B 931 -24.48 21.53 -40.96
CA LEU B 931 -24.64 22.74 -40.16
C LEU B 931 -24.74 23.94 -41.10
N LEU B 932 -25.75 24.78 -40.89
CA LEU B 932 -25.96 25.98 -41.67
C LEU B 932 -25.58 27.20 -40.85
N LEU B 933 -24.68 28.02 -41.39
CA LEU B 933 -24.13 29.16 -40.70
C LEU B 933 -24.29 30.38 -41.59
N ALA B 934 -24.83 31.47 -41.03
CA ALA B 934 -25.06 32.66 -41.83
C ALA B 934 -23.79 33.49 -41.93
N TYR B 935 -23.91 34.60 -42.65
CA TYR B 935 -22.93 35.67 -42.59
C TYR B 935 -23.69 36.96 -42.80
N LYS B 936 -23.76 37.79 -41.77
CA LYS B 936 -24.37 39.09 -41.87
C LYS B 936 -23.27 40.12 -42.07
N PRO B 937 -23.11 40.67 -43.27
CA PRO B 937 -21.98 41.59 -43.50
C PRO B 937 -22.14 42.91 -42.79
N MET B 938 -23.37 43.34 -42.53
CA MET B 938 -23.60 44.54 -41.75
C MET B 938 -23.28 44.35 -40.29
N GLU B 939 -23.31 43.11 -39.80
CA GLU B 939 -22.98 42.83 -38.41
C GLU B 939 -21.50 42.52 -38.21
N GLY B 940 -20.78 42.16 -39.28
CA GLY B 940 -19.37 41.87 -39.19
C GLY B 940 -19.01 40.51 -38.62
N ASN B 941 -20.00 39.69 -38.29
CA ASN B 941 -19.75 38.39 -37.68
C ASN B 941 -20.56 37.30 -38.38
N PHE B 942 -20.56 36.10 -37.83
CA PHE B 942 -21.39 35.02 -38.33
C PHE B 942 -22.68 34.96 -37.52
N GLU B 943 -23.50 33.96 -37.81
CA GLU B 943 -24.76 33.74 -37.11
C GLU B 943 -25.23 32.33 -37.40
N GLU B 944 -25.68 31.64 -36.37
CA GLU B 944 -26.26 30.31 -36.55
C GLU B 944 -27.68 30.46 -37.03
N ILE B 945 -27.93 30.13 -38.29
CA ILE B 945 -29.31 30.01 -38.75
C ILE B 945 -29.96 28.77 -38.15
N ALA B 946 -29.39 27.61 -38.43
CA ALA B 946 -30.03 26.36 -38.04
C ALA B 946 -28.97 25.28 -37.95
N ARG B 947 -29.42 24.08 -37.56
CA ARG B 947 -28.52 22.98 -37.24
C ARG B 947 -29.34 21.70 -37.22
N ASP B 948 -28.85 20.66 -37.86
CA ASP B 948 -29.43 19.35 -37.68
C ASP B 948 -28.80 18.68 -36.48
N PHE B 949 -29.60 17.90 -35.77
CA PHE B 949 -29.17 17.34 -34.49
C PHE B 949 -28.79 15.88 -34.55
N ASN B 950 -29.24 15.16 -35.56
CA ASN B 950 -29.10 13.71 -35.62
C ASN B 950 -27.64 13.36 -35.93
N PRO B 951 -26.97 12.54 -35.09
CA PRO B 951 -25.53 12.33 -35.26
C PRO B 951 -25.13 11.47 -36.43
N ASN B 952 -24.98 12.06 -37.59
CA ASN B 952 -24.48 11.37 -38.76
C ASN B 952 -23.02 11.74 -38.99
N TRP B 953 -22.19 10.74 -39.18
CA TRP B 953 -20.76 10.93 -39.39
C TRP B 953 -20.53 11.38 -40.83
N MET B 954 -20.07 12.61 -41.03
CA MET B 954 -20.05 13.17 -42.37
C MET B 954 -18.92 12.58 -43.22
N SER B 955 -19.14 12.61 -44.52
CA SER B 955 -18.16 12.27 -45.53
C SER B 955 -17.99 13.35 -46.58
N ALA B 956 -19.08 14.02 -46.98
CA ALA B 956 -19.09 15.04 -48.03
C ALA B 956 -20.43 15.76 -48.00
N VAL B 957 -20.39 17.08 -48.16
CA VAL B 957 -21.58 17.91 -48.20
C VAL B 957 -21.57 18.77 -49.46
N GLU B 958 -22.76 19.22 -49.86
CA GLU B 958 -22.91 20.09 -51.02
C GLU B 958 -24.25 20.80 -50.95
N ILE B 959 -24.24 22.11 -51.14
CA ILE B 959 -25.46 22.90 -51.19
C ILE B 959 -26.12 22.68 -52.54
N LEU B 960 -27.43 22.41 -52.54
CA LEU B 960 -28.13 22.20 -53.80
C LEU B 960 -28.71 23.50 -54.37
N ASP B 961 -29.69 24.09 -53.68
CA ASP B 961 -30.44 25.18 -54.29
C ASP B 961 -30.78 26.29 -53.28
N ASP B 962 -29.91 26.53 -52.30
CA ASP B 962 -30.04 27.52 -51.23
C ASP B 962 -31.24 27.30 -50.33
N ASP B 963 -31.88 26.15 -50.42
CA ASP B 963 -32.91 25.68 -49.51
C ASP B 963 -32.64 24.27 -49.03
N ASN B 964 -32.06 23.43 -49.88
CA ASN B 964 -31.87 22.02 -49.60
C ASN B 964 -30.39 21.71 -49.60
N PHE B 965 -29.95 20.85 -48.68
CA PHE B 965 -28.55 20.61 -48.42
C PHE B 965 -28.31 19.11 -48.42
N LEU B 966 -27.40 18.64 -49.27
CA LEU B 966 -27.14 17.22 -49.42
C LEU B 966 -25.88 16.85 -48.64
N GLY B 967 -25.90 15.68 -48.01
CA GLY B 967 -24.77 15.23 -47.24
C GLY B 967 -24.52 13.74 -47.44
N ALA B 968 -23.28 13.34 -47.16
CA ALA B 968 -22.87 11.95 -47.24
C ALA B 968 -22.50 11.46 -45.85
N GLU B 969 -22.45 10.14 -45.69
CA GLU B 969 -22.28 9.54 -44.38
C GLU B 969 -21.34 8.36 -44.47
N ASN B 970 -20.64 8.07 -43.36
CA ASN B 970 -19.81 6.87 -43.27
C ASN B 970 -20.60 5.59 -43.38
N ALA B 971 -21.90 5.62 -43.11
CA ALA B 971 -22.74 4.45 -43.23
C ALA B 971 -23.25 4.24 -44.65
N PHE B 972 -22.60 4.86 -45.64
CA PHE B 972 -22.85 4.67 -47.07
C PHE B 972 -24.28 5.09 -47.44
N ASN B 973 -24.62 6.32 -47.10
CA ASN B 973 -26.00 6.80 -47.21
C ASN B 973 -26.01 8.25 -47.66
N LEU B 974 -27.17 8.68 -48.16
CA LEU B 974 -27.40 10.06 -48.58
C LEU B 974 -28.66 10.58 -47.93
N PHE B 975 -28.70 11.89 -47.71
CA PHE B 975 -29.86 12.54 -47.12
C PHE B 975 -29.85 14.03 -47.47
N VAL B 976 -31.03 14.62 -47.54
CA VAL B 976 -31.20 16.05 -47.81
C VAL B 976 -31.84 16.71 -46.60
N CYS B 977 -31.20 17.76 -46.09
CA CYS B 977 -31.76 18.59 -45.03
C CYS B 977 -32.34 19.86 -45.64
N GLN B 978 -33.29 20.46 -44.91
CA GLN B 978 -34.05 21.60 -45.44
C GLN B 978 -34.20 22.68 -44.38
N LYS B 979 -33.81 23.90 -44.74
CA LYS B 979 -34.09 25.08 -43.92
C LYS B 979 -35.60 25.27 -43.81
N ASP B 980 -36.08 25.43 -42.59
CA ASP B 980 -37.51 25.31 -42.34
C ASP B 980 -38.24 26.59 -42.74
N SER B 981 -39.54 26.46 -42.96
CA SER B 981 -40.38 27.54 -43.47
C SER B 981 -41.35 28.10 -42.44
N ALA B 982 -42.09 27.24 -41.75
CA ALA B 982 -43.06 27.68 -40.74
C ALA B 982 -42.34 28.01 -39.44
N ALA B 983 -41.65 29.16 -39.46
CA ALA B 983 -40.82 29.59 -38.34
C ALA B 983 -41.67 30.31 -37.28
N THR B 984 -42.59 29.53 -36.68
CA THR B 984 -43.52 30.09 -35.70
C THR B 984 -42.84 30.49 -34.41
N THR B 985 -41.66 29.95 -34.13
CA THR B 985 -40.90 30.34 -32.97
C THR B 985 -39.43 30.27 -33.34
N ASP B 986 -38.57 30.56 -32.37
CA ASP B 986 -37.15 30.48 -32.60
C ASP B 986 -36.61 29.07 -32.44
N GLU B 987 -37.36 28.18 -31.79
CA GLU B 987 -36.92 26.81 -31.63
C GLU B 987 -37.24 25.97 -32.86
N GLU B 988 -38.35 26.23 -33.51
CA GLU B 988 -38.72 25.49 -34.71
C GLU B 988 -38.05 26.01 -35.96
N ARG B 989 -37.12 26.96 -35.85
CA ARG B 989 -36.37 27.44 -36.99
C ARG B 989 -34.87 27.30 -36.80
N GLN B 990 -34.41 26.76 -35.67
CA GLN B 990 -33.02 26.40 -35.49
C GLN B 990 -32.81 24.91 -35.63
N HIS B 991 -33.83 24.19 -36.10
CA HIS B 991 -33.78 22.74 -36.23
C HIS B 991 -34.00 22.39 -37.70
N LEU B 992 -32.93 21.96 -38.37
CA LEU B 992 -33.04 21.47 -39.73
C LEU B 992 -33.82 20.17 -39.75
N GLN B 993 -34.58 19.98 -40.82
CA GLN B 993 -35.40 18.79 -40.98
C GLN B 993 -34.81 17.91 -42.09
N GLU B 994 -34.63 16.64 -41.79
CA GLU B 994 -34.11 15.69 -42.77
C GLU B 994 -35.24 15.31 -43.73
N VAL B 995 -35.14 15.78 -44.96
CA VAL B 995 -36.17 15.51 -45.95
C VAL B 995 -35.58 14.57 -47.00
N GLY B 996 -35.79 13.27 -46.82
CA GLY B 996 -35.27 12.31 -47.78
C GLY B 996 -34.10 11.48 -47.28
N LEU B 997 -34.17 10.18 -47.51
CA LEU B 997 -33.16 9.24 -47.05
C LEU B 997 -32.98 8.16 -48.11
N PHE B 998 -31.75 7.66 -48.23
CA PHE B 998 -31.40 6.82 -49.37
C PHE B 998 -30.08 6.12 -49.09
N HIS B 999 -30.02 4.83 -49.41
CA HIS B 999 -28.80 4.05 -49.23
C HIS B 999 -28.14 3.86 -50.58
N LEU B 1000 -27.39 4.87 -50.99
CA LEU B 1000 -26.41 4.72 -52.06
C LEU B 1000 -25.26 3.92 -51.49
N GLY B 1001 -25.24 2.62 -51.76
CA GLY B 1001 -24.34 1.73 -51.03
C GLY B 1001 -22.89 1.86 -51.41
N GLU B 1002 -22.32 3.03 -51.13
CA GLU B 1002 -21.01 3.42 -51.64
C GLU B 1002 -20.58 4.71 -50.95
N PHE B 1003 -19.28 4.83 -50.71
CA PHE B 1003 -18.74 5.88 -49.85
C PHE B 1003 -18.44 7.12 -50.69
N VAL B 1004 -19.16 8.20 -50.44
CA VAL B 1004 -19.04 9.41 -51.25
C VAL B 1004 -17.93 10.30 -50.73
N ASN B 1005 -16.90 10.53 -51.54
CA ASN B 1005 -15.83 11.44 -51.16
C ASN B 1005 -16.10 12.85 -51.62
N VAL B 1006 -16.43 13.04 -52.89
CA VAL B 1006 -16.43 14.36 -53.50
C VAL B 1006 -17.85 14.69 -53.92
N PHE B 1007 -18.17 15.97 -53.99
CA PHE B 1007 -19.29 16.46 -54.77
C PHE B 1007 -18.81 17.62 -55.63
N CYS B 1008 -19.45 17.80 -56.78
CA CYS B 1008 -19.12 18.93 -57.64
C CYS B 1008 -20.32 19.26 -58.50
N HIS B 1009 -20.31 20.48 -59.04
CA HIS B 1009 -21.36 20.92 -59.94
C HIS B 1009 -21.04 20.47 -61.35
N GLY B 1010 -21.78 20.99 -62.33
CA GLY B 1010 -21.38 20.83 -63.71
C GLY B 1010 -21.86 19.53 -64.34
N SER B 1011 -22.52 19.65 -65.48
CA SER B 1011 -22.95 18.47 -66.21
C SER B 1011 -21.81 17.95 -67.08
N LEU B 1012 -22.01 16.76 -67.64
CA LEU B 1012 -21.09 16.20 -68.61
C LEU B 1012 -21.66 16.22 -70.02
N VAL B 1013 -22.84 16.79 -70.23
CA VAL B 1013 -23.46 16.78 -71.54
C VAL B 1013 -23.49 18.20 -72.10
N MET B 1014 -23.93 18.33 -73.33
CA MET B 1014 -23.90 19.61 -74.02
C MET B 1014 -24.99 20.53 -73.53
N GLN B 1015 -24.65 21.81 -73.37
CA GLN B 1015 -25.63 22.84 -73.05
C GLN B 1015 -26.32 23.23 -74.35
N ASN B 1016 -27.55 22.76 -74.54
CA ASN B 1016 -28.28 22.95 -75.78
C ASN B 1016 -28.93 24.32 -75.91
N LEU B 1017 -28.76 25.20 -74.92
CA LEU B 1017 -29.34 26.54 -74.98
C LEU B 1017 -28.35 27.53 -75.59
N PRO B 1023 -37.67 18.90 -68.07
CA PRO B 1023 -36.43 18.25 -67.68
C PRO B 1023 -36.24 18.28 -66.17
N THR B 1024 -34.99 18.24 -65.74
CA THR B 1024 -34.64 18.37 -64.34
C THR B 1024 -34.01 19.75 -64.13
N GLN B 1025 -33.56 20.00 -62.91
CA GLN B 1025 -32.92 21.27 -62.57
C GLN B 1025 -31.62 20.97 -61.84
N GLY B 1026 -30.54 21.57 -62.31
CA GLY B 1026 -29.24 21.39 -61.67
C GLY B 1026 -28.61 20.04 -61.94
N SER B 1027 -27.36 19.88 -61.55
CA SER B 1027 -26.65 18.62 -61.76
C SER B 1027 -25.50 18.53 -60.78
N VAL B 1028 -25.53 17.51 -59.92
CA VAL B 1028 -24.45 17.27 -58.97
C VAL B 1028 -23.88 15.88 -59.24
N LEU B 1029 -22.62 15.83 -59.60
CA LEU B 1029 -21.86 14.60 -59.70
C LEU B 1029 -21.12 14.35 -58.40
N PHE B 1030 -20.78 13.08 -58.15
CA PHE B 1030 -20.05 12.75 -56.95
C PHE B 1030 -18.97 11.72 -57.25
N GLY B 1031 -17.97 11.69 -56.39
CA GLY B 1031 -16.82 10.82 -56.56
C GLY B 1031 -16.63 9.94 -55.34
N THR B 1032 -16.37 8.66 -55.59
CA THR B 1032 -16.45 7.65 -54.55
C THR B 1032 -15.15 6.87 -54.43
N VAL B 1033 -15.17 5.83 -53.60
CA VAL B 1033 -13.98 5.00 -53.35
C VAL B 1033 -13.95 3.76 -54.22
N ASN B 1034 -14.94 3.56 -55.09
CA ASN B 1034 -14.91 2.42 -55.99
C ASN B 1034 -14.99 2.84 -57.44
N GLY B 1035 -14.77 4.12 -57.73
CA GLY B 1035 -14.85 4.57 -59.10
C GLY B 1035 -16.25 4.68 -59.65
N MET B 1036 -17.23 4.91 -58.79
CA MET B 1036 -18.62 5.00 -59.20
C MET B 1036 -18.99 6.47 -59.22
N ILE B 1037 -19.01 7.06 -60.40
CA ILE B 1037 -19.56 8.39 -60.58
C ILE B 1037 -21.05 8.26 -60.82
N GLY B 1038 -21.84 9.08 -60.13
CA GLY B 1038 -23.25 9.17 -60.39
C GLY B 1038 -23.69 10.63 -60.39
N LEU B 1039 -24.92 10.84 -60.82
CA LEU B 1039 -25.45 12.19 -60.97
C LEU B 1039 -26.64 12.35 -60.05
N VAL B 1040 -26.67 13.44 -59.29
CA VAL B 1040 -27.77 13.79 -58.41
C VAL B 1040 -28.34 15.12 -58.89
N THR B 1041 -29.62 15.14 -59.22
CA THR B 1041 -30.24 16.34 -59.77
C THR B 1041 -31.63 16.50 -59.19
N SER B 1042 -32.19 17.71 -59.37
CA SER B 1042 -33.44 18.08 -58.74
C SER B 1042 -34.58 17.96 -59.74
N LEU B 1043 -35.66 17.32 -59.31
CA LEU B 1043 -36.83 17.09 -60.13
C LEU B 1043 -37.87 18.18 -59.91
N SER B 1044 -39.00 18.05 -60.61
CA SER B 1044 -40.20 18.83 -60.35
C SER B 1044 -41.22 17.94 -59.66
N GLU B 1045 -42.06 18.56 -58.83
CA GLU B 1045 -42.93 17.82 -57.91
C GLU B 1045 -43.98 16.99 -58.62
N SER B 1046 -44.27 17.29 -59.88
CA SER B 1046 -45.18 16.46 -60.64
C SER B 1046 -44.49 15.19 -61.11
N TRP B 1047 -43.28 15.33 -61.67
CA TRP B 1047 -42.55 14.17 -62.17
C TRP B 1047 -42.01 13.29 -61.05
N TYR B 1048 -41.98 13.78 -59.80
CA TYR B 1048 -41.64 12.90 -58.71
C TYR B 1048 -42.71 11.85 -58.50
N ASN B 1049 -43.97 12.27 -58.45
CA ASN B 1049 -45.05 11.32 -58.28
C ASN B 1049 -45.29 10.50 -59.55
N LEU B 1050 -44.87 11.01 -60.70
CA LEU B 1050 -44.91 10.22 -61.91
C LEU B 1050 -43.95 9.03 -61.82
N LEU B 1051 -42.70 9.30 -61.46
CA LEU B 1051 -41.69 8.26 -61.46
C LEU B 1051 -41.80 7.34 -60.27
N LEU B 1052 -42.19 7.86 -59.11
CA LEU B 1052 -42.26 7.02 -57.92
C LEU B 1052 -43.41 6.02 -58.02
N ASP B 1053 -44.46 6.38 -58.74
CA ASP B 1053 -45.49 5.39 -59.04
C ASP B 1053 -44.98 4.36 -60.03
N MET B 1054 -44.02 4.74 -60.88
CA MET B 1054 -43.46 3.76 -61.81
C MET B 1054 -42.56 2.77 -61.12
N GLN B 1055 -41.84 3.19 -60.07
CA GLN B 1055 -40.94 2.30 -59.36
C GLN B 1055 -41.69 1.18 -58.66
N ASN B 1056 -42.79 1.52 -58.00
CA ASN B 1056 -43.55 0.50 -57.29
C ASN B 1056 -44.28 -0.43 -58.24
N ARG B 1057 -44.51 0.00 -59.47
CA ARG B 1057 -44.94 -0.94 -60.49
C ARG B 1057 -43.75 -1.74 -61.03
N LEU B 1058 -42.60 -1.08 -61.23
CA LEU B 1058 -41.40 -1.79 -61.69
C LEU B 1058 -40.83 -2.72 -60.64
N ASN B 1059 -41.18 -2.55 -59.37
CA ASN B 1059 -40.70 -3.46 -58.34
C ASN B 1059 -41.50 -4.75 -58.26
N LYS B 1060 -42.40 -5.00 -59.19
CA LYS B 1060 -43.08 -6.29 -59.27
C LYS B 1060 -42.80 -7.00 -60.58
N VAL B 1061 -42.05 -6.39 -61.49
CA VAL B 1061 -41.84 -6.94 -62.81
C VAL B 1061 -40.46 -7.56 -62.90
N ILE B 1062 -39.42 -6.75 -62.70
CA ILE B 1062 -38.04 -7.23 -62.78
C ILE B 1062 -37.73 -7.99 -61.50
N LYS B 1063 -37.56 -9.30 -61.63
CA LYS B 1063 -37.12 -10.13 -60.53
C LYS B 1063 -35.60 -9.97 -60.39
N SER B 1064 -35.17 -9.28 -59.33
CA SER B 1064 -33.76 -9.05 -59.13
C SER B 1064 -33.06 -10.34 -58.71
N VAL B 1065 -31.78 -10.43 -59.06
CA VAL B 1065 -30.99 -11.61 -58.75
C VAL B 1065 -30.70 -11.64 -57.26
N GLY B 1066 -31.21 -12.66 -56.59
CA GLY B 1066 -31.06 -12.79 -55.15
C GLY B 1066 -32.35 -12.70 -54.39
N LYS B 1067 -33.44 -12.30 -55.05
CA LYS B 1067 -34.75 -12.05 -54.46
C LYS B 1067 -34.65 -11.04 -53.30
N ILE B 1068 -34.14 -9.87 -53.64
CA ILE B 1068 -33.95 -8.79 -52.67
C ILE B 1068 -34.91 -7.68 -53.04
N GLU B 1069 -35.68 -7.21 -52.07
CA GLU B 1069 -36.58 -6.10 -52.30
C GLU B 1069 -35.80 -4.81 -52.41
N HIS B 1070 -36.09 -4.03 -53.45
CA HIS B 1070 -35.40 -2.77 -53.68
C HIS B 1070 -35.71 -1.76 -52.59
N SER B 1071 -36.88 -1.84 -51.98
CA SER B 1071 -37.15 -1.02 -50.80
C SER B 1071 -36.26 -1.43 -49.64
N PHE B 1072 -35.90 -2.72 -49.56
CA PHE B 1072 -35.07 -3.17 -48.46
C PHE B 1072 -33.62 -2.78 -48.66
N TRP B 1073 -33.15 -2.70 -49.91
CA TRP B 1073 -31.74 -2.38 -50.08
C TRP B 1073 -31.47 -0.88 -49.95
N ARG B 1074 -32.34 -0.06 -50.52
CA ARG B 1074 -32.09 1.38 -50.50
C ARG B 1074 -32.46 2.06 -49.18
N SER B 1075 -32.91 1.29 -48.19
CA SER B 1075 -33.34 1.86 -46.92
C SER B 1075 -32.16 2.41 -46.13
N PHE B 1076 -32.36 3.57 -45.53
CA PHE B 1076 -31.34 4.27 -44.77
C PHE B 1076 -30.96 3.47 -43.54
N HIS B 1077 -29.70 3.07 -43.46
CA HIS B 1077 -29.29 2.04 -42.51
C HIS B 1077 -28.01 2.48 -41.81
N THR B 1078 -28.17 3.12 -40.68
CA THR B 1078 -27.06 3.41 -39.79
C THR B 1078 -26.92 2.26 -38.80
N GLU B 1079 -26.15 2.48 -37.73
CA GLU B 1079 -26.05 1.49 -36.67
C GLU B 1079 -27.30 1.44 -35.81
N ARG B 1080 -28.21 2.40 -35.94
CA ARG B 1080 -29.34 2.50 -35.02
C ARG B 1080 -30.68 2.78 -35.69
N LYS B 1081 -30.73 3.19 -36.95
CA LYS B 1081 -31.98 3.53 -37.61
C LYS B 1081 -32.10 2.72 -38.89
N THR B 1082 -33.32 2.27 -39.17
CA THR B 1082 -33.64 1.55 -40.39
C THR B 1082 -34.88 2.15 -41.03
N GLU B 1083 -34.91 3.48 -41.16
CA GLU B 1083 -36.06 4.14 -41.74
C GLU B 1083 -36.13 3.85 -43.24
N PRO B 1084 -37.31 3.58 -43.79
CA PRO B 1084 -37.42 3.30 -45.23
C PRO B 1084 -37.12 4.52 -46.07
N ALA B 1085 -36.64 4.26 -47.28
CA ALA B 1085 -36.08 5.30 -48.12
C ALA B 1085 -37.16 6.17 -48.73
N THR B 1086 -36.95 7.48 -48.69
CA THR B 1086 -37.91 8.41 -49.24
C THR B 1086 -37.18 9.57 -49.87
N GLY B 1087 -37.91 10.37 -50.62
CA GLY B 1087 -37.39 11.60 -51.18
C GLY B 1087 -36.63 11.50 -52.48
N PHE B 1088 -35.85 10.45 -52.66
CA PHE B 1088 -35.02 10.34 -53.85
C PHE B 1088 -35.64 9.36 -54.84
N ILE B 1089 -35.19 9.48 -56.08
CA ILE B 1089 -35.61 8.59 -57.15
C ILE B 1089 -34.39 7.81 -57.62
N ASP B 1090 -34.44 6.49 -57.49
CA ASP B 1090 -33.35 5.63 -57.92
C ASP B 1090 -33.46 5.44 -59.42
N GLY B 1091 -32.70 6.25 -60.16
CA GLY B 1091 -32.85 6.28 -61.60
C GLY B 1091 -32.34 5.05 -62.31
N ASP B 1092 -31.42 4.32 -61.69
CA ASP B 1092 -30.84 3.16 -62.35
C ASP B 1092 -31.82 2.01 -62.47
N LEU B 1093 -32.87 2.00 -61.64
CA LEU B 1093 -33.96 1.06 -61.82
C LEU B 1093 -34.88 1.53 -62.94
N ILE B 1094 -35.11 2.84 -63.04
CA ILE B 1094 -36.01 3.35 -64.07
C ILE B 1094 -35.34 3.31 -65.43
N GLU B 1095 -34.02 3.48 -65.48
CA GLU B 1095 -33.31 3.29 -66.75
C GLU B 1095 -33.35 1.86 -67.24
N SER B 1096 -33.61 0.90 -66.36
CA SER B 1096 -33.75 -0.48 -66.77
C SER B 1096 -35.09 -0.77 -67.41
N PHE B 1097 -36.01 0.20 -67.45
CA PHE B 1097 -37.27 0.01 -68.15
C PHE B 1097 -37.07 -0.07 -69.65
N LEU B 1098 -36.00 0.52 -70.17
CA LEU B 1098 -35.69 0.46 -71.59
C LEU B 1098 -35.35 -0.95 -72.06
N ASP B 1099 -34.87 -1.81 -71.18
CA ASP B 1099 -34.49 -3.15 -71.56
C ASP B 1099 -35.63 -4.15 -71.47
N ILE B 1100 -36.73 -3.80 -70.84
CA ILE B 1100 -37.83 -4.73 -70.63
C ILE B 1100 -38.60 -4.88 -71.93
N SER B 1101 -39.05 -6.08 -72.23
CA SER B 1101 -39.83 -6.32 -73.43
C SER B 1101 -41.26 -5.81 -73.27
N ARG B 1102 -41.89 -5.53 -74.42
CA ARG B 1102 -43.26 -5.00 -74.42
C ARG B 1102 -44.33 -5.92 -73.80
N PRO B 1103 -44.28 -7.26 -73.90
CA PRO B 1103 -45.23 -8.07 -73.12
C PRO B 1103 -45.08 -7.93 -71.61
N LYS B 1104 -43.95 -7.43 -71.11
CA LYS B 1104 -43.85 -7.09 -69.71
C LYS B 1104 -43.92 -5.60 -69.44
N MET B 1105 -43.63 -4.75 -70.44
CA MET B 1105 -43.80 -3.31 -70.24
C MET B 1105 -45.26 -2.92 -70.22
N GLN B 1106 -46.13 -3.71 -70.85
CA GLN B 1106 -47.56 -3.43 -70.82
C GLN B 1106 -48.12 -3.63 -69.42
N GLU B 1107 -47.54 -4.54 -68.64
CA GLU B 1107 -47.95 -4.71 -67.26
C GLU B 1107 -47.34 -3.65 -66.35
N VAL B 1108 -46.31 -2.95 -66.81
CA VAL B 1108 -45.86 -1.77 -66.10
C VAL B 1108 -46.86 -0.64 -66.28
N VAL B 1109 -47.39 -0.49 -67.49
CA VAL B 1109 -48.35 0.56 -67.79
C VAL B 1109 -49.73 0.08 -67.31
N ALA B 1110 -50.04 0.37 -66.06
CA ALA B 1110 -51.32 0.02 -65.48
C ALA B 1110 -52.27 1.21 -65.64
N ASN B 1111 -53.38 1.19 -64.92
CA ASN B 1111 -54.27 2.34 -64.91
C ASN B 1111 -53.63 3.46 -64.10
N LEU B 1112 -52.78 4.25 -64.76
CA LEU B 1112 -51.93 5.23 -64.09
C LEU B 1112 -52.22 6.63 -64.64
N GLN B 1113 -51.42 7.59 -64.21
CA GLN B 1113 -51.63 9.00 -64.49
C GLN B 1113 -50.61 9.52 -65.49
N TYR B 1114 -50.96 10.65 -66.11
CA TYR B 1114 -50.09 11.33 -67.06
C TYR B 1114 -50.54 12.78 -67.14
N ASP B 1115 -49.58 13.70 -67.12
CA ASP B 1115 -49.88 15.12 -66.96
C ASP B 1115 -49.94 15.87 -68.29
N ASP B 1116 -50.16 15.17 -69.41
CA ASP B 1116 -50.33 15.85 -70.69
C ASP B 1116 -51.20 14.99 -71.60
N GLY B 1119 -51.41 19.70 -65.08
CA GLY B 1119 -52.66 20.41 -65.24
C GLY B 1119 -53.77 19.53 -65.76
N MET B 1120 -53.52 18.87 -66.88
CA MET B 1120 -54.50 17.99 -67.50
C MET B 1120 -54.39 16.59 -66.90
N LYS B 1121 -55.06 15.61 -67.51
CA LYS B 1121 -55.08 14.25 -66.98
C LYS B 1121 -55.26 13.28 -68.14
N ARG B 1122 -54.49 12.19 -68.12
CA ARG B 1122 -54.60 11.15 -69.12
C ARG B 1122 -54.11 9.84 -68.52
N GLU B 1123 -54.72 8.74 -68.97
CA GLU B 1123 -54.21 7.42 -68.64
C GLU B 1123 -52.83 7.22 -69.24
N ALA B 1124 -52.02 6.39 -68.59
CA ALA B 1124 -50.67 6.15 -69.07
C ALA B 1124 -50.69 5.25 -70.29
N THR B 1125 -49.71 5.46 -71.17
CA THR B 1125 -49.55 4.63 -72.36
C THR B 1125 -48.09 4.21 -72.47
N ALA B 1126 -47.83 3.29 -73.41
CA ALA B 1126 -46.50 2.71 -73.54
C ALA B 1126 -45.52 3.69 -74.14
N ASP B 1127 -45.86 4.28 -75.27
CA ASP B 1127 -44.92 5.09 -76.05
C ASP B 1127 -44.56 6.41 -75.39
N ASP B 1128 -45.31 6.86 -74.40
CA ASP B 1128 -44.99 8.12 -73.76
C ASP B 1128 -44.21 7.96 -72.47
N LEU B 1129 -44.44 6.87 -71.74
CA LEU B 1129 -43.62 6.61 -70.56
C LEU B 1129 -42.19 6.29 -70.95
N ILE B 1130 -42.00 5.61 -72.08
CA ILE B 1130 -40.67 5.35 -72.58
C ILE B 1130 -40.03 6.62 -73.14
N LYS B 1131 -40.85 7.62 -73.47
CA LYS B 1131 -40.29 8.91 -73.86
C LYS B 1131 -39.75 9.66 -72.65
N VAL B 1132 -40.34 9.43 -71.48
CA VAL B 1132 -39.90 10.10 -70.26
C VAL B 1132 -38.51 9.62 -69.87
N VAL B 1133 -38.26 8.31 -69.99
CA VAL B 1133 -36.99 7.73 -69.59
C VAL B 1133 -35.87 8.22 -70.51
N GLU B 1134 -36.15 8.33 -71.80
CA GLU B 1134 -35.17 8.84 -72.74
C GLU B 1134 -34.88 10.31 -72.53
N GLU B 1135 -35.85 11.06 -71.97
CA GLU B 1135 -35.54 12.41 -71.56
C GLU B 1135 -34.64 12.43 -70.33
N LEU B 1136 -34.71 11.39 -69.51
CA LEU B 1136 -33.79 11.26 -68.38
C LEU B 1136 -32.46 10.66 -68.78
N THR B 1137 -32.47 9.73 -69.74
CA THR B 1137 -31.25 9.04 -70.14
C THR B 1137 -30.29 9.97 -70.86
N ARG B 1138 -30.80 11.03 -71.48
CA ARG B 1138 -29.91 12.00 -72.12
C ARG B 1138 -29.25 12.92 -71.14
N ILE B 1139 -29.62 12.90 -69.86
CA ILE B 1139 -28.82 13.58 -68.85
C ILE B 1139 -27.58 12.76 -68.54
N HIS B 1140 -27.77 11.51 -68.14
CA HIS B 1140 -26.81 10.42 -68.37
C HIS B 1140 -27.53 9.08 -68.22
N MET C 1 -41.86 19.38 -32.19
CA MET C 1 -43.29 19.15 -32.04
C MET C 1 -43.58 18.19 -30.90
N GLU C 2 -43.31 18.61 -29.67
CA GLU C 2 -43.69 17.84 -28.50
C GLU C 2 -44.76 18.60 -27.73
N GLN C 3 -45.87 17.94 -27.47
CA GLN C 3 -46.98 18.51 -26.73
C GLN C 3 -46.91 17.98 -25.30
N ALA C 4 -46.53 18.86 -24.37
CA ALA C 4 -46.49 18.50 -22.96
C ALA C 4 -47.91 18.19 -22.46
N PRO C 5 -48.10 17.12 -21.70
CA PRO C 5 -49.45 16.64 -21.43
C PRO C 5 -50.20 17.52 -20.44
N GLU C 6 -51.52 17.36 -20.46
CA GLU C 6 -52.38 18.17 -19.61
C GLU C 6 -52.28 17.70 -18.18
N ASP C 7 -52.06 18.64 -17.25
CA ASP C 7 -51.81 18.33 -15.86
C ASP C 7 -53.15 18.00 -15.18
N GLN C 8 -53.68 16.83 -15.49
CA GLN C 8 -54.88 16.33 -14.84
C GLN C 8 -54.55 15.35 -13.72
N GLY C 9 -53.38 15.52 -13.10
CA GLY C 9 -52.95 14.63 -12.05
C GLY C 9 -53.58 14.97 -10.72
N PRO C 10 -53.02 14.43 -9.63
CA PRO C 10 -53.56 14.73 -8.30
C PRO C 10 -53.25 16.16 -7.89
N GLN C 11 -54.28 17.00 -7.85
CA GLN C 11 -54.07 18.38 -7.47
C GLN C 11 -54.15 18.53 -5.96
N ARG C 12 -53.69 19.68 -5.49
CA ARG C 12 -53.48 19.95 -4.08
C ARG C 12 -54.06 21.31 -3.71
N GLU C 13 -55.33 21.53 -4.07
CA GLU C 13 -55.95 22.84 -3.83
C GLU C 13 -56.03 23.27 -2.38
N PRO C 14 -56.41 22.43 -1.38
CA PRO C 14 -56.27 22.97 -0.01
C PRO C 14 -54.83 22.90 0.50
N TYR C 15 -54.01 23.84 0.04
CA TYR C 15 -52.60 23.88 0.40
C TYR C 15 -52.39 24.17 1.88
N ASN C 16 -53.34 24.84 2.52
CA ASN C 16 -53.30 24.96 3.97
C ASN C 16 -53.73 23.68 4.67
N GLU C 17 -54.40 22.77 3.97
CA GLU C 17 -54.80 21.49 4.55
C GLU C 17 -53.93 20.33 4.10
N TRP C 18 -53.54 20.31 2.81
CA TRP C 18 -52.66 19.26 2.30
C TRP C 18 -51.29 19.29 2.97
N THR C 19 -50.83 20.49 3.35
CA THR C 19 -49.65 20.59 4.20
C THR C 19 -49.92 19.93 5.55
N LEU C 20 -51.06 20.26 6.15
CA LEU C 20 -51.42 19.65 7.43
C LEU C 20 -51.73 18.17 7.30
N GLU C 21 -52.12 17.71 6.11
CA GLU C 21 -52.26 16.28 5.89
C GLU C 21 -50.92 15.57 5.72
N LEU C 22 -49.82 16.31 5.61
CA LEU C 22 -48.53 15.72 5.32
C LEU C 22 -47.42 16.19 6.24
N LEU C 23 -47.56 17.34 6.89
CA LEU C 23 -46.53 17.78 7.83
C LEU C 23 -46.46 16.86 9.04
N GLU C 24 -47.60 16.30 9.44
CA GLU C 24 -47.56 15.22 10.42
C GLU C 24 -46.87 14.00 9.83
N GLU C 25 -47.11 13.71 8.54
CA GLU C 25 -46.50 12.56 7.89
C GLU C 25 -45.01 12.76 7.71
N LEU C 26 -44.56 13.99 7.52
CA LEU C 26 -43.12 14.27 7.52
C LEU C 26 -42.53 14.07 8.91
N LYS C 27 -43.32 14.29 9.95
CA LYS C 27 -42.90 13.92 11.28
C LYS C 27 -43.14 12.44 11.57
N SER C 28 -44.02 11.80 10.82
CA SER C 28 -44.36 10.42 11.08
C SER C 28 -43.36 9.45 10.49
N GLU C 29 -42.29 9.92 9.86
CA GLU C 29 -41.29 9.02 9.33
C GLU C 29 -39.91 9.39 9.83
N ALA C 30 -39.69 10.67 10.10
CA ALA C 30 -38.39 11.11 10.64
C ALA C 30 -38.18 10.62 12.06
N VAL C 31 -39.27 10.44 12.82
CA VAL C 31 -39.14 9.83 14.14
C VAL C 31 -38.91 8.34 14.00
N ARG C 32 -39.36 7.73 12.90
CA ARG C 32 -39.13 6.32 12.66
C ARG C 32 -37.74 6.03 12.15
N HIS C 33 -36.91 7.04 11.97
CA HIS C 33 -35.55 6.84 11.52
C HIS C 33 -34.52 7.66 12.27
N PHE C 34 -34.93 8.67 13.05
CA PHE C 34 -33.99 9.57 13.69
C PHE C 34 -34.46 9.89 15.09
N PRO C 35 -33.52 10.17 16.01
CA PRO C 35 -33.94 10.64 17.34
C PRO C 35 -34.50 12.04 17.27
N ARG C 36 -35.35 12.35 18.26
CA ARG C 36 -36.09 13.60 18.27
C ARG C 36 -35.26 14.80 18.72
N ILE C 37 -33.97 14.61 18.97
CA ILE C 37 -33.12 15.70 19.40
C ILE C 37 -32.96 16.73 18.29
N TRP C 38 -32.51 16.29 17.10
CA TRP C 38 -32.39 17.19 15.97
C TRP C 38 -33.75 17.66 15.46
N LEU C 39 -34.79 16.84 15.66
CA LEU C 39 -36.09 17.16 15.11
C LEU C 39 -36.71 18.38 15.78
N HIS C 40 -36.63 18.45 17.10
CA HIS C 40 -37.14 19.63 17.77
C HIS C 40 -36.18 20.80 17.65
N ASN C 41 -34.87 20.53 17.61
CA ASN C 41 -33.89 21.61 17.60
C ASN C 41 -33.86 22.33 16.26
N LEU C 42 -33.93 21.60 15.16
CA LEU C 42 -34.04 22.25 13.86
C LEU C 42 -35.40 22.89 13.69
N GLY C 43 -36.45 22.30 14.26
CA GLY C 43 -37.75 22.93 14.24
C GLY C 43 -37.80 24.19 15.07
N GLN C 44 -37.03 24.24 16.15
CA GLN C 44 -36.92 25.46 16.93
C GLN C 44 -36.06 26.49 16.21
N HIS C 45 -35.00 26.04 15.54
CA HIS C 45 -34.09 26.95 14.84
C HIS C 45 -34.78 27.66 13.69
N ILE C 46 -35.71 27.01 13.02
CA ILE C 46 -36.46 27.72 11.99
C ILE C 46 -37.57 28.56 12.61
N TYR C 47 -38.12 28.15 13.76
CA TYR C 47 -39.20 28.91 14.36
C TYR C 47 -38.68 30.17 15.03
N GLU C 48 -37.43 30.18 15.44
CA GLU C 48 -36.81 31.42 15.86
C GLU C 48 -36.44 32.32 14.68
N THR C 49 -36.45 31.77 13.45
CA THR C 49 -36.01 32.53 12.29
C THR C 49 -37.06 32.64 11.19
N TYR C 50 -38.14 31.87 11.24
CA TYR C 50 -39.20 32.02 10.24
C TYR C 50 -40.55 32.12 10.92
N GLY C 51 -40.66 31.53 12.10
CA GLY C 51 -41.84 31.71 12.92
C GLY C 51 -43.06 30.98 12.38
N ASP C 52 -44.23 31.51 12.75
CA ASP C 52 -45.53 30.97 12.36
C ASP C 52 -46.04 31.65 11.10
N THR C 53 -45.22 31.67 10.05
CA THR C 53 -45.46 32.54 8.90
C THR C 53 -45.58 31.79 7.57
N TRP C 54 -45.64 30.45 7.60
CA TRP C 54 -45.64 29.49 6.49
C TRP C 54 -44.30 29.42 5.77
N ALA C 55 -43.36 30.29 6.14
CA ALA C 55 -42.03 30.32 5.59
C ALA C 55 -41.08 29.41 6.36
N GLY C 56 -41.59 28.71 7.36
CA GLY C 56 -40.88 27.64 8.00
C GLY C 56 -41.70 26.38 7.86
N VAL C 57 -42.98 26.54 7.54
CA VAL C 57 -43.88 25.41 7.44
C VAL C 57 -43.59 24.61 6.19
N GLU C 58 -43.49 25.29 5.05
CA GLU C 58 -43.00 24.64 3.86
C GLU C 58 -41.51 24.38 3.96
N ALA C 59 -40.79 25.26 4.66
CA ALA C 59 -39.34 25.13 4.74
C ALA C 59 -38.89 23.97 5.61
N ILE C 60 -39.72 23.51 6.55
CA ILE C 60 -39.34 22.28 7.24
C ILE C 60 -39.65 21.10 6.34
N ILE C 61 -40.68 21.19 5.50
CA ILE C 61 -40.94 20.11 4.55
C ILE C 61 -39.91 20.16 3.44
N ARG C 62 -39.26 21.30 3.24
CA ARG C 62 -38.05 21.31 2.43
C ARG C 62 -36.95 20.51 3.12
N ILE C 63 -36.56 20.92 4.33
CA ILE C 63 -35.37 20.37 4.99
C ILE C 63 -35.57 18.91 5.38
N LEU C 64 -36.78 18.53 5.78
CA LEU C 64 -37.01 17.12 6.12
C LEU C 64 -36.99 16.23 4.88
N GLN C 65 -37.62 16.65 3.80
CA GLN C 65 -37.54 15.87 2.58
C GLN C 65 -36.17 15.96 1.91
N GLN C 66 -35.41 17.03 2.15
CA GLN C 66 -34.05 17.08 1.64
C GLN C 66 -33.12 16.15 2.42
N LEU C 67 -33.40 15.91 3.70
CA LEU C 67 -32.55 14.98 4.41
C LEU C 67 -33.02 13.54 4.25
N LEU C 68 -34.34 13.29 4.31
CA LEU C 68 -34.84 11.93 4.20
C LEU C 68 -34.62 11.33 2.82
N PHE C 69 -34.46 12.17 1.79
CA PHE C 69 -34.00 11.65 0.52
C PHE C 69 -32.55 11.21 0.61
N ILE C 70 -31.67 12.10 1.09
CA ILE C 70 -30.24 11.80 1.05
C ILE C 70 -29.88 10.79 2.12
N HIS C 71 -30.64 10.72 3.22
CA HIS C 71 -30.37 9.67 4.20
C HIS C 71 -30.85 8.31 3.73
N PHE C 72 -31.76 8.26 2.76
CA PHE C 72 -32.06 7.02 2.07
C PHE C 72 -31.26 6.88 0.78
N ARG C 73 -30.23 7.69 0.62
CA ARG C 73 -29.38 7.66 -0.56
C ARG C 73 -27.92 7.41 -0.24
N ILE C 74 -27.42 7.90 0.90
CA ILE C 74 -26.03 7.71 1.28
C ILE C 74 -25.75 6.24 1.56
N GLY C 75 -26.72 5.54 2.12
CA GLY C 75 -26.49 4.13 2.38
C GLY C 75 -26.64 3.75 3.85
N CYS C 76 -27.51 4.46 4.56
CA CYS C 76 -27.97 4.02 5.87
C CYS C 76 -29.36 3.44 5.71
N ARG C 77 -29.57 2.26 6.29
CA ARG C 77 -30.84 1.54 6.11
C ARG C 77 -32.01 2.29 6.74
N HIS C 78 -31.78 2.92 7.88
CA HIS C 78 -32.80 3.77 8.48
C HIS C 78 -32.35 5.21 8.60
N SER C 79 -31.20 5.46 9.21
CA SER C 79 -30.73 6.81 9.49
C SER C 79 -30.17 7.52 8.26
N PHE D 1 -56.54 54.54 23.43
CA PHE D 1 -56.11 53.89 24.65
C PHE D 1 -57.21 53.95 25.70
N GLY D 2 -57.32 52.89 26.50
CA GLY D 2 -58.34 52.81 27.53
C GLY D 2 -57.85 53.34 28.86
N GLU D 3 -58.60 54.31 29.41
CA GLU D 3 -58.16 55.02 30.60
C GLU D 3 -58.30 54.16 31.86
N SER D 4 -59.40 53.41 31.97
CA SER D 4 -59.66 52.58 33.14
C SER D 4 -58.65 51.44 33.28
N TRP D 5 -58.03 51.03 32.18
CA TRP D 5 -56.88 50.13 32.24
C TRP D 5 -55.74 50.74 33.05
N LYS D 6 -55.49 52.03 32.86
CA LYS D 6 -54.46 52.74 33.59
C LYS D 6 -55.04 53.41 34.85
N LYS D 7 -56.01 52.76 35.48
CA LYS D 7 -56.42 53.16 36.83
C LYS D 7 -55.25 53.06 37.80
N HIS D 8 -54.46 52.00 37.67
CA HIS D 8 -53.27 51.82 38.49
C HIS D 8 -52.05 51.43 37.68
N LEU D 9 -52.11 51.52 36.34
CA LEU D 9 -50.93 51.35 35.50
C LEU D 9 -50.15 52.63 35.33
N SER D 10 -50.29 53.59 36.23
CA SER D 10 -49.41 54.74 36.25
C SER D 10 -48.03 54.38 36.80
N GLY D 11 -47.87 53.19 37.36
CA GLY D 11 -46.57 52.67 37.73
C GLY D 11 -45.92 51.87 36.63
N GLU D 12 -46.26 52.22 35.38
CA GLU D 12 -45.62 51.65 34.20
C GLU D 12 -44.61 52.59 33.56
N PHE D 13 -44.70 53.89 33.86
CA PHE D 13 -43.85 54.88 33.21
C PHE D 13 -42.48 54.98 33.86
N GLY D 14 -42.44 55.33 35.15
CA GLY D 14 -41.22 55.81 35.78
C GLY D 14 -40.14 54.78 36.05
N LYS D 15 -39.66 54.14 35.01
CA LYS D 15 -38.62 53.14 35.04
C LYS D 15 -37.58 53.49 33.98
N PRO D 16 -36.34 53.05 34.14
CA PRO D 16 -35.28 53.46 33.18
C PRO D 16 -35.42 52.90 31.77
N TYR D 17 -36.36 51.99 31.51
CA TYR D 17 -36.48 51.38 30.19
C TYR D 17 -37.70 51.83 29.41
N PHE D 18 -38.57 52.66 29.99
CA PHE D 18 -39.79 53.00 29.27
C PHE D 18 -39.52 54.03 28.17
N ILE D 19 -38.74 55.06 28.48
CA ILE D 19 -38.35 56.04 27.47
C ILE D 19 -37.40 55.42 26.44
N LYS D 20 -36.72 54.34 26.82
CA LYS D 20 -35.99 53.51 25.86
C LYS D 20 -36.93 52.85 24.87
N LEU D 21 -38.18 52.61 25.26
CA LEU D 21 -39.13 51.91 24.40
C LEU D 21 -39.87 52.85 23.45
N MET D 22 -40.62 53.80 23.99
CA MET D 22 -41.52 54.60 23.17
C MET D 22 -40.82 55.67 22.34
N GLY D 23 -39.52 55.86 22.53
CA GLY D 23 -38.76 56.76 21.70
C GLY D 23 -37.99 56.05 20.61
N PHE D 24 -37.31 54.96 20.96
CA PHE D 24 -36.48 54.26 19.99
C PHE D 24 -37.32 53.48 19.00
N VAL D 25 -38.43 52.90 19.44
CA VAL D 25 -39.32 52.24 18.50
C VAL D 25 -40.01 53.30 17.63
N ALA D 26 -40.28 54.48 18.20
CA ALA D 26 -40.69 55.61 17.39
C ALA D 26 -39.55 56.07 16.48
N GLU D 27 -38.30 55.97 16.96
CA GLU D 27 -37.15 56.23 16.08
C GLU D 27 -37.04 55.14 15.02
N GLU D 28 -37.38 53.90 15.37
CA GLU D 28 -37.49 52.85 14.37
C GLU D 28 -38.67 53.10 13.44
N ARG D 29 -39.69 53.84 13.90
CA ARG D 29 -40.72 54.31 12.97
C ARG D 29 -40.26 55.51 12.17
N LYS D 30 -39.24 56.22 12.63
CA LYS D 30 -38.73 57.36 11.88
C LYS D 30 -37.61 56.98 10.92
N HIS D 31 -37.09 55.75 10.99
CA HIS D 31 -36.22 55.22 9.96
C HIS D 31 -36.86 54.05 9.23
N TYR D 32 -37.17 52.96 9.93
CA TYR D 32 -37.58 51.70 9.34
C TYR D 32 -39.10 51.57 9.39
N THR D 33 -39.58 50.38 9.06
CA THR D 33 -40.97 50.00 9.28
C THR D 33 -41.01 48.89 10.30
N VAL D 34 -41.35 49.22 11.55
CA VAL D 34 -41.90 48.23 12.46
C VAL D 34 -43.33 48.04 12.02
N TYR D 35 -43.79 46.80 12.00
CA TYR D 35 -45.02 46.52 11.27
C TYR D 35 -46.29 47.05 11.92
N PRO D 36 -46.65 46.75 13.18
CA PRO D 36 -47.93 47.23 13.66
C PRO D 36 -47.86 48.70 14.05
N PRO D 37 -48.79 49.50 13.55
CA PRO D 37 -48.75 50.95 13.82
C PRO D 37 -49.15 51.26 15.25
N PRO D 38 -49.06 52.52 15.69
CA PRO D 38 -49.59 52.85 17.02
C PRO D 38 -51.09 52.68 17.19
N HIS D 39 -51.89 52.73 16.10
CA HIS D 39 -53.33 52.53 16.22
C HIS D 39 -53.74 51.06 16.09
N GLN D 40 -52.80 50.13 16.29
CA GLN D 40 -53.12 48.73 16.43
C GLN D 40 -52.45 48.09 17.64
N VAL D 41 -51.51 48.80 18.28
CA VAL D 41 -50.95 48.35 19.55
C VAL D 41 -52.02 48.39 20.64
N PHE D 42 -52.90 49.37 20.59
CA PHE D 42 -53.83 49.66 21.68
C PHE D 42 -55.20 49.01 21.49
N THR D 43 -55.27 47.92 20.73
CA THR D 43 -56.57 47.30 20.47
C THR D 43 -57.02 46.45 21.65
N TRP D 44 -56.08 45.71 22.27
CA TRP D 44 -56.41 44.86 23.40
C TRP D 44 -56.79 45.67 24.63
N THR D 45 -56.24 46.87 24.77
CA THR D 45 -56.63 47.77 25.84
C THR D 45 -57.82 48.66 25.47
N GLN D 46 -58.47 48.38 24.35
CA GLN D 46 -59.64 49.14 23.94
C GLN D 46 -60.88 48.27 23.78
N MET D 47 -60.77 47.13 23.10
CA MET D 47 -61.95 46.35 22.73
C MET D 47 -62.55 45.66 23.95
N CYS D 48 -61.75 44.93 24.71
CA CYS D 48 -62.18 44.40 25.98
C CYS D 48 -61.81 45.35 27.10
N ASP D 49 -62.44 45.17 28.25
CA ASP D 49 -62.11 45.93 29.44
C ASP D 49 -61.13 45.14 30.30
N ILE D 50 -60.75 45.73 31.43
CA ILE D 50 -59.96 45.02 32.44
C ILE D 50 -60.84 44.36 33.48
N LYS D 51 -62.14 44.66 33.47
CA LYS D 51 -63.07 44.15 34.48
C LYS D 51 -63.51 42.72 34.23
N ASP D 52 -63.20 42.14 33.06
CA ASP D 52 -63.73 40.84 32.68
C ASP D 52 -62.66 39.87 32.16
N VAL D 53 -61.39 40.11 32.50
CA VAL D 53 -60.30 39.31 31.95
C VAL D 53 -60.24 37.98 32.69
N LYS D 54 -60.30 36.88 31.93
CA LYS D 54 -60.41 35.53 32.49
C LYS D 54 -59.44 34.52 31.91
N VAL D 55 -58.91 34.75 30.71
CA VAL D 55 -57.95 33.85 30.09
C VAL D 55 -56.72 34.65 29.70
N VAL D 56 -55.54 34.14 30.04
CA VAL D 56 -54.28 34.79 29.70
C VAL D 56 -53.55 33.91 28.71
N ILE D 57 -53.47 34.36 27.47
CA ILE D 57 -52.76 33.65 26.40
C ILE D 57 -51.72 34.59 25.81
N LEU D 58 -50.45 34.20 25.93
CA LEU D 58 -49.36 35.05 25.50
C LEU D 58 -49.12 34.92 24.00
N GLY D 59 -48.22 35.76 23.49
CA GLY D 59 -47.84 35.73 22.10
C GLY D 59 -46.40 36.13 21.88
N GLN D 60 -45.64 35.31 21.17
CA GLN D 60 -44.19 35.48 21.11
C GLN D 60 -43.79 36.56 20.11
N ASP D 61 -44.11 36.36 18.83
CA ASP D 61 -43.58 37.24 17.81
C ASP D 61 -44.69 37.68 16.85
N PRO D 62 -44.72 38.97 16.49
CA PRO D 62 -45.71 39.45 15.51
C PRO D 62 -45.45 38.96 14.09
N TYR D 63 -46.28 39.42 13.16
CA TYR D 63 -46.30 38.90 11.79
C TYR D 63 -45.68 39.93 10.86
N HIS D 64 -44.48 39.63 10.37
CA HIS D 64 -43.61 40.61 9.73
C HIS D 64 -44.06 41.02 8.34
N GLY D 65 -45.01 40.31 7.73
CA GLY D 65 -45.49 40.68 6.42
C GLY D 65 -46.38 41.90 6.47
N PRO D 66 -46.45 42.65 5.37
CA PRO D 66 -47.32 43.82 5.34
C PRO D 66 -48.78 43.42 5.21
N ASN D 67 -49.64 44.19 5.90
CA ASN D 67 -51.10 44.03 5.93
C ASN D 67 -51.51 42.64 6.43
N GLN D 68 -50.90 42.19 7.53
CA GLN D 68 -51.26 40.93 8.13
C GLN D 68 -51.84 41.08 9.54
N ALA D 69 -51.09 41.60 10.49
CA ALA D 69 -51.50 41.51 11.88
C ALA D 69 -52.18 42.79 12.35
N HIS D 70 -52.85 42.71 13.50
CA HIS D 70 -53.58 43.85 14.05
C HIS D 70 -53.44 43.96 15.57
N GLY D 71 -52.38 43.41 16.15
CA GLY D 71 -52.08 43.66 17.54
C GLY D 71 -52.31 42.52 18.52
N LEU D 72 -53.41 41.80 18.37
CA LEU D 72 -53.72 40.70 19.28
C LEU D 72 -52.80 39.51 18.98
N CYS D 73 -52.55 38.68 19.99
CA CYS D 73 -51.64 37.57 19.79
C CYS D 73 -52.34 36.46 19.02
N PHE D 74 -51.54 35.72 18.24
CA PHE D 74 -52.00 34.65 17.34
C PHE D 74 -53.08 35.12 16.38
N SER D 75 -53.03 36.40 15.98
CA SER D 75 -54.12 37.03 15.27
C SER D 75 -53.60 37.71 14.02
N VAL D 76 -54.51 37.89 13.07
CA VAL D 76 -54.14 38.37 11.74
C VAL D 76 -55.37 39.07 11.18
N GLN D 77 -55.22 39.81 10.09
CA GLN D 77 -56.36 40.54 9.53
C GLN D 77 -57.33 39.56 8.86
N ARG D 78 -58.59 39.99 8.70
CA ARG D 78 -59.61 39.14 8.12
C ARG D 78 -59.40 38.78 6.64
N PRO D 79 -58.97 39.68 5.73
CA PRO D 79 -58.69 39.20 4.36
C PRO D 79 -57.44 38.33 4.23
N VAL D 80 -56.61 38.27 5.26
CA VAL D 80 -55.45 37.36 5.24
C VAL D 80 -55.96 35.93 5.33
N PRO D 81 -55.44 34.98 4.54
CA PRO D 81 -55.73 33.57 4.78
C PRO D 81 -55.23 33.14 6.14
N PRO D 82 -55.98 32.30 6.85
CA PRO D 82 -55.78 32.14 8.31
C PRO D 82 -54.49 31.41 8.63
N PRO D 83 -53.83 31.76 9.74
CA PRO D 83 -52.51 31.20 10.06
C PRO D 83 -52.64 29.76 10.53
N PRO D 84 -51.58 28.95 10.35
CA PRO D 84 -51.73 27.49 10.52
C PRO D 84 -51.89 27.04 11.95
N SER D 85 -51.23 27.72 12.89
CA SER D 85 -51.39 27.32 14.27
C SER D 85 -52.75 27.73 14.80
N LEU D 86 -53.27 28.86 14.36
CA LEU D 86 -54.64 29.20 14.66
C LEU D 86 -55.59 28.27 13.92
N GLU D 87 -55.18 27.80 12.74
CA GLU D 87 -55.87 26.69 12.10
C GLU D 87 -55.64 25.37 12.82
N ASN D 88 -54.59 25.28 13.64
CA ASN D 88 -54.33 24.03 14.35
C ASN D 88 -55.08 23.94 15.66
N ILE D 89 -55.35 25.07 16.33
CA ILE D 89 -56.16 25.02 17.53
C ILE D 89 -57.63 24.80 17.21
N TYR D 90 -58.03 25.02 15.96
CA TYR D 90 -59.39 24.72 15.51
C TYR D 90 -59.68 23.22 15.52
N LYS D 91 -58.63 22.39 15.42
CA LYS D 91 -58.83 20.95 15.30
C LYS D 91 -59.34 20.35 16.60
N GLU D 92 -58.83 20.81 17.73
CA GLU D 92 -59.33 20.34 19.02
C GLU D 92 -60.70 20.91 19.35
N LEU D 93 -61.03 22.09 18.79
CA LEU D 93 -62.33 22.72 19.04
C LEU D 93 -63.47 21.91 18.44
N SER D 94 -63.24 21.22 17.33
CA SER D 94 -64.26 20.34 16.78
C SER D 94 -64.47 19.12 17.68
N THR D 95 -63.39 18.57 18.21
CA THR D 95 -63.46 17.35 19.00
C THR D 95 -63.98 17.57 20.41
N ASP D 96 -64.22 18.82 20.82
CA ASP D 96 -64.73 19.11 22.15
C ASP D 96 -66.03 19.90 22.13
N ILE D 97 -66.15 20.88 21.23
CA ILE D 97 -67.43 21.54 20.98
C ILE D 97 -68.18 20.72 19.94
N GLU D 98 -69.32 20.16 20.34
CA GLU D 98 -70.14 19.37 19.41
C GLU D 98 -70.80 20.25 18.36
N ASP D 99 -71.00 21.53 18.67
CA ASP D 99 -71.68 22.48 17.79
C ASP D 99 -70.68 23.32 17.01
N PHE D 100 -69.57 22.71 16.58
CA PHE D 100 -68.44 23.40 15.98
C PHE D 100 -68.80 24.18 14.72
N VAL D 101 -68.75 25.50 14.82
CA VAL D 101 -68.93 26.39 13.69
C VAL D 101 -67.55 26.83 13.21
N HIS D 102 -67.51 27.41 12.01
CA HIS D 102 -66.22 27.67 11.44
C HIS D 102 -66.01 29.18 11.28
N PRO D 103 -64.83 29.68 11.63
CA PRO D 103 -64.59 31.12 11.51
C PRO D 103 -64.43 31.59 10.06
N GLY D 104 -63.72 30.82 9.25
CA GLY D 104 -63.56 31.16 7.85
C GLY D 104 -62.59 32.27 7.56
N HIS D 105 -61.93 32.81 8.59
CA HIS D 105 -61.06 33.96 8.42
C HIS D 105 -60.07 33.98 9.57
N GLY D 106 -59.29 35.05 9.64
CA GLY D 106 -58.22 35.10 10.61
C GLY D 106 -58.31 36.23 11.62
N ASP D 107 -59.32 37.10 11.49
CA ASP D 107 -59.54 38.12 12.50
C ASP D 107 -60.16 37.49 13.73
N LEU D 108 -59.57 37.75 14.88
CA LEU D 108 -60.03 37.20 16.16
C LEU D 108 -60.90 38.18 16.92
N SER D 109 -61.72 38.94 16.20
CA SER D 109 -62.67 39.86 16.80
C SER D 109 -63.88 39.17 17.44
N GLY D 110 -63.92 37.83 17.49
CA GLY D 110 -65.02 37.11 18.08
C GLY D 110 -64.76 36.63 19.49
N TRP D 111 -63.54 36.13 19.75
CA TRP D 111 -63.19 35.69 21.10
C TRP D 111 -62.67 36.81 21.98
N ALA D 112 -62.39 37.99 21.42
CA ALA D 112 -61.82 39.08 22.20
C ALA D 112 -62.80 39.68 23.18
N LYS D 113 -64.11 39.53 22.93
CA LYS D 113 -65.13 40.01 23.84
C LYS D 113 -65.57 38.96 24.83
N GLN D 114 -64.74 37.96 25.09
CA GLN D 114 -65.09 36.88 26.00
C GLN D 114 -64.45 37.01 27.37
N GLY D 115 -63.20 37.44 27.43
CA GLY D 115 -62.43 37.28 28.63
C GLY D 115 -61.10 36.59 28.39
N VAL D 116 -60.56 36.76 27.20
CA VAL D 116 -59.24 36.22 26.85
C VAL D 116 -58.30 37.40 26.66
N LEU D 117 -57.12 37.32 27.28
CA LEU D 117 -56.11 38.37 27.16
C LEU D 117 -55.12 37.96 26.08
N LEU D 118 -55.51 38.21 24.84
CA LEU D 118 -54.69 37.84 23.69
C LEU D 118 -53.56 38.86 23.54
N LEU D 119 -52.52 38.68 24.36
CA LEU D 119 -51.44 39.63 24.45
C LEU D 119 -50.19 39.10 23.75
N ASN D 120 -49.65 39.87 22.82
CA ASN D 120 -48.29 39.62 22.35
C ASN D 120 -47.29 40.12 23.38
N ALA D 121 -46.21 39.35 23.56
CA ALA D 121 -45.17 39.75 24.52
C ALA D 121 -44.40 40.96 24.00
N VAL D 122 -43.76 40.81 22.85
CA VAL D 122 -43.20 41.95 22.12
C VAL D 122 -44.24 42.37 21.09
N LEU D 123 -44.77 43.58 21.25
CA LEU D 123 -45.93 43.99 20.45
C LEU D 123 -45.55 44.34 19.02
N THR D 124 -44.36 44.91 18.81
CA THR D 124 -43.94 45.36 17.49
C THR D 124 -42.62 44.72 17.11
N VAL D 125 -42.57 44.22 15.87
CA VAL D 125 -41.31 43.88 15.20
C VAL D 125 -41.32 44.50 13.82
N ARG D 126 -40.20 44.40 13.12
CA ARG D 126 -40.02 45.08 11.85
C ARG D 126 -40.81 44.40 10.74
N ALA D 127 -40.93 45.10 9.61
CA ALA D 127 -41.54 44.53 8.42
C ALA D 127 -40.55 43.60 7.74
N HIS D 128 -41.05 42.43 7.29
CA HIS D 128 -40.32 41.39 6.59
C HIS D 128 -39.19 40.76 7.41
N GLN D 129 -39.14 41.02 8.72
CA GLN D 129 -38.09 40.52 9.59
C GLN D 129 -38.71 40.08 10.90
N ALA D 130 -38.32 38.89 11.39
CA ALA D 130 -39.01 38.28 12.51
C ALA D 130 -38.52 38.83 13.85
N ASN D 131 -37.25 38.61 14.19
CA ASN D 131 -36.72 38.86 15.53
C ASN D 131 -35.48 39.74 15.47
N SER D 132 -35.59 40.87 14.76
CA SER D 132 -34.44 41.74 14.56
C SER D 132 -34.09 42.52 15.82
N HIS D 133 -35.11 42.98 16.56
CA HIS D 133 -34.89 43.89 17.68
C HIS D 133 -34.27 43.19 18.89
N LYS D 134 -33.66 44.00 19.76
CA LYS D 134 -33.18 43.58 21.06
C LYS D 134 -34.32 43.80 22.05
N GLU D 135 -34.09 43.56 23.35
CA GLU D 135 -35.08 43.85 24.39
C GLU D 135 -35.13 45.36 24.59
N ARG D 136 -35.90 46.02 23.73
CA ARG D 136 -36.03 47.47 23.75
C ARG D 136 -37.04 47.96 24.78
N GLY D 137 -37.72 47.06 25.47
CA GLY D 137 -38.61 47.46 26.53
C GLY D 137 -40.02 46.91 26.42
N TRP D 138 -40.28 46.09 25.40
CA TRP D 138 -41.61 45.49 25.28
C TRP D 138 -41.84 44.37 26.26
N GLU D 139 -40.77 43.76 26.77
CA GLU D 139 -40.91 42.59 27.62
C GLU D 139 -41.36 42.98 29.03
N GLN D 140 -40.53 43.77 29.72
CA GLN D 140 -40.78 44.09 31.13
C GLN D 140 -41.95 45.05 31.28
N PHE D 141 -42.32 45.76 30.21
CA PHE D 141 -43.57 46.51 30.21
C PHE D 141 -44.77 45.58 30.32
N THR D 142 -44.69 44.39 29.72
CA THR D 142 -45.71 43.37 29.87
C THR D 142 -45.53 42.53 31.12
N ASP D 143 -44.28 42.33 31.55
CA ASP D 143 -44.00 41.63 32.80
C ASP D 143 -44.53 42.41 34.00
N ALA D 144 -44.55 43.73 33.90
CA ALA D 144 -45.21 44.57 34.89
C ALA D 144 -46.72 44.65 34.68
N VAL D 145 -47.25 44.03 33.64
CA VAL D 145 -48.69 43.94 33.44
C VAL D 145 -49.23 42.58 33.84
N VAL D 146 -48.52 41.51 33.46
CA VAL D 146 -49.00 40.15 33.72
C VAL D 146 -49.04 39.87 35.22
N SER D 147 -47.92 40.07 35.91
CA SER D 147 -47.88 39.79 37.33
C SER D 147 -48.59 40.85 38.16
N TRP D 148 -48.90 42.00 37.56
CA TRP D 148 -49.76 42.98 38.23
C TRP D 148 -51.19 42.48 38.32
N LEU D 149 -51.64 41.73 37.31
CA LEU D 149 -52.99 41.17 37.33
C LEU D 149 -53.15 40.08 38.36
N ASN D 150 -52.05 39.53 38.88
CA ASN D 150 -52.08 38.64 40.03
C ASN D 150 -52.55 39.36 41.30
N GLN D 151 -52.54 40.70 41.32
CA GLN D 151 -53.01 41.44 42.47
C GLN D 151 -54.48 41.84 42.35
N ASN D 152 -54.81 42.62 41.33
CA ASN D 152 -56.10 43.32 41.33
C ASN D 152 -57.21 42.50 40.67
N SER D 153 -57.06 42.18 39.40
CA SER D 153 -58.07 41.39 38.72
C SER D 153 -57.93 39.92 39.15
N ASN D 154 -58.96 39.12 38.84
CA ASN D 154 -59.02 37.77 39.37
C ASN D 154 -59.80 36.89 38.41
N GLY D 155 -59.54 35.58 38.48
CA GLY D 155 -60.22 34.63 37.63
C GLY D 155 -59.46 34.24 36.39
N LEU D 156 -58.14 34.36 36.40
CA LEU D 156 -57.36 34.13 35.20
C LEU D 156 -57.14 32.64 34.97
N VAL D 157 -56.50 32.32 33.85
CA VAL D 157 -56.04 30.96 33.59
C VAL D 157 -54.80 31.09 32.70
N PHE D 158 -53.89 30.13 32.82
CA PHE D 158 -52.61 30.14 32.12
C PHE D 158 -52.50 28.88 31.26
N LEU D 159 -52.81 29.01 29.97
CA LEU D 159 -52.46 27.97 28.99
C LEU D 159 -51.14 28.33 28.31
N LEU D 160 -50.09 28.43 29.13
CA LEU D 160 -48.79 28.93 28.68
C LEU D 160 -48.09 27.83 27.89
N TRP D 161 -48.51 27.69 26.63
CA TRP D 161 -48.04 26.63 25.77
C TRP D 161 -46.79 27.09 25.04
N GLY D 162 -45.72 26.31 25.12
CA GLY D 162 -44.46 26.72 24.56
C GLY D 162 -43.56 27.30 25.62
N SER D 163 -42.25 27.05 25.50
CA SER D 163 -41.30 27.44 26.52
C SER D 163 -41.09 28.94 26.62
N TYR D 164 -41.50 29.71 25.60
CA TYR D 164 -41.41 31.16 25.70
C TYR D 164 -42.43 31.70 26.69
N ALA D 165 -43.61 31.09 26.76
CA ALA D 165 -44.61 31.51 27.72
C ALA D 165 -44.39 30.90 29.10
N GLN D 166 -43.55 29.88 29.21
CA GLN D 166 -43.32 29.24 30.50
C GLN D 166 -42.45 30.09 31.40
N LYS D 167 -41.52 30.84 30.81
CA LYS D 167 -40.59 31.64 31.61
C LYS D 167 -41.27 32.86 32.23
N LYS D 168 -42.32 33.37 31.58
CA LYS D 168 -42.86 34.67 31.98
C LYS D 168 -43.81 34.56 33.16
N GLY D 169 -44.76 33.61 33.12
CA GLY D 169 -45.83 33.61 34.10
C GLY D 169 -46.09 32.29 34.81
N SER D 170 -45.02 31.58 35.18
CA SER D 170 -45.19 30.26 35.76
C SER D 170 -45.57 30.31 37.23
N ALA D 171 -44.88 31.13 38.01
CA ALA D 171 -44.91 31.04 39.47
C ALA D 171 -46.12 31.70 40.11
N ILE D 172 -47.12 32.08 39.34
CA ILE D 172 -48.35 32.62 39.92
C ILE D 172 -49.14 31.46 40.53
N ASP D 173 -49.70 31.72 41.72
CA ASP D 173 -50.24 30.72 42.62
C ASP D 173 -51.35 29.87 42.00
N ARG D 174 -51.52 28.67 42.56
CA ARG D 174 -52.50 27.71 42.10
C ARG D 174 -53.70 27.59 43.04
N LYS D 175 -53.70 28.32 44.16
CA LYS D 175 -54.90 28.41 44.98
C LYS D 175 -55.92 29.35 44.35
N ARG D 176 -55.44 30.53 43.91
CA ARG D 176 -56.33 31.53 43.31
C ARG D 176 -56.60 31.24 41.84
N HIS D 177 -55.66 30.60 41.15
CA HIS D 177 -55.79 30.38 39.72
C HIS D 177 -55.45 28.93 39.35
N HIS D 178 -55.37 28.63 38.06
CA HIS D 178 -55.06 27.28 37.59
C HIS D 178 -54.14 27.38 36.38
N VAL D 179 -53.02 26.65 36.43
CA VAL D 179 -51.98 26.73 35.41
C VAL D 179 -51.83 25.35 34.79
N LEU D 180 -52.19 25.23 33.51
CA LEU D 180 -52.03 23.98 32.76
C LEU D 180 -51.32 24.27 31.46
N GLN D 181 -50.20 23.58 31.23
CA GLN D 181 -49.35 23.84 30.09
C GLN D 181 -49.14 22.55 29.31
N THR D 182 -48.94 22.69 28.00
CA THR D 182 -48.68 21.54 27.13
C THR D 182 -47.81 22.00 25.97
N ALA D 183 -47.72 21.15 24.94
CA ALA D 183 -46.91 21.44 23.78
C ALA D 183 -47.49 22.60 22.96
N HIS D 184 -46.70 23.05 21.99
CA HIS D 184 -47.03 24.26 21.26
C HIS D 184 -48.19 23.99 20.30
N PRO D 185 -49.03 24.98 20.03
CA PRO D 185 -50.10 24.79 19.03
C PRO D 185 -49.59 24.63 17.60
N SER D 186 -48.35 24.99 17.31
CA SER D 186 -47.80 24.79 15.98
C SER D 186 -47.59 23.31 15.69
N PRO D 187 -47.78 22.88 14.44
CA PRO D 187 -47.36 21.54 14.05
C PRO D 187 -45.87 21.38 13.80
N LEU D 188 -45.06 22.39 14.14
CA LEU D 188 -43.61 22.33 14.02
C LEU D 188 -42.95 21.97 15.35
N SER D 189 -43.66 21.23 16.19
CA SER D 189 -43.40 21.15 17.63
C SER D 189 -43.25 19.69 18.04
N VAL D 190 -42.28 19.01 17.42
CA VAL D 190 -42.06 17.56 17.34
C VAL D 190 -42.40 16.78 18.61
N TYR D 191 -41.92 17.25 19.76
CA TYR D 191 -42.34 16.68 21.04
C TYR D 191 -43.80 17.02 21.27
N ARG D 192 -44.65 16.00 21.23
CA ARG D 192 -46.09 16.19 21.15
C ARG D 192 -46.67 16.52 22.53
N GLY D 193 -48.00 16.46 22.63
CA GLY D 193 -48.72 16.80 23.84
C GLY D 193 -49.90 17.70 23.55
N PHE D 194 -49.73 18.60 22.59
CA PHE D 194 -50.84 19.43 22.12
C PHE D 194 -51.81 18.62 21.27
N PHE D 195 -51.33 17.56 20.62
CA PHE D 195 -52.10 16.85 19.60
C PHE D 195 -53.15 15.96 20.25
N GLY D 196 -54.16 16.61 20.79
CA GLY D 196 -55.27 15.96 21.48
C GLY D 196 -55.06 16.02 22.97
N CYS D 197 -55.62 17.04 23.62
CA CYS D 197 -55.47 17.19 25.06
C CYS D 197 -56.73 17.63 25.77
N ARG D 198 -57.69 18.24 25.08
CA ARG D 198 -58.94 18.77 25.63
C ARG D 198 -58.70 19.81 26.74
N HIS D 199 -57.74 20.71 26.48
CA HIS D 199 -57.59 21.90 27.32
C HIS D 199 -58.69 22.93 27.09
N PHE D 200 -59.32 22.93 25.91
CA PHE D 200 -60.26 23.99 25.55
C PHE D 200 -61.61 23.87 26.25
N SER D 201 -61.88 22.75 26.94
CA SER D 201 -63.00 22.73 27.86
C SER D 201 -62.73 23.63 29.05
N LYS D 202 -61.48 23.65 29.51
CA LYS D 202 -61.11 24.27 30.79
C LYS D 202 -61.04 25.79 30.74
N THR D 203 -61.53 26.41 29.66
CA THR D 203 -61.99 27.79 29.76
C THR D 203 -63.43 27.82 30.28
N ASN D 204 -64.28 26.94 29.75
CA ASN D 204 -65.65 26.83 30.24
C ASN D 204 -65.72 26.10 31.58
N GLU D 205 -64.76 25.22 31.87
CA GLU D 205 -64.82 24.31 32.99
C GLU D 205 -64.07 24.78 34.23
N LEU D 206 -62.90 25.40 34.08
CA LEU D 206 -62.21 25.93 35.25
C LEU D 206 -62.87 27.18 35.81
N LEU D 207 -63.72 27.86 35.04
CA LEU D 207 -64.55 28.91 35.60
C LEU D 207 -65.68 28.36 36.46
N GLN D 208 -65.97 27.07 36.38
CA GLN D 208 -66.89 26.47 37.35
C GLN D 208 -66.23 26.31 38.71
N LYS D 209 -64.90 26.36 38.78
CA LYS D 209 -64.19 26.47 40.05
C LYS D 209 -64.18 27.90 40.59
N SER D 210 -64.59 28.88 39.77
CA SER D 210 -64.67 30.28 40.19
C SER D 210 -66.10 30.79 40.22
N GLY D 211 -66.83 30.68 39.11
CA GLY D 211 -68.20 31.13 39.05
C GLY D 211 -68.41 32.51 38.47
N LYS D 212 -67.54 32.97 37.59
CA LYS D 212 -67.51 34.32 37.06
C LYS D 212 -68.28 34.39 35.73
N LYS D 213 -68.06 35.47 34.97
CA LYS D 213 -68.75 35.70 33.69
C LYS D 213 -68.45 34.57 32.70
N PRO D 214 -69.48 33.97 32.07
CA PRO D 214 -69.27 32.75 31.27
C PRO D 214 -68.58 32.97 29.93
N ILE D 215 -68.33 31.87 29.22
CA ILE D 215 -67.64 31.85 27.93
C ILE D 215 -68.44 30.99 26.96
N ASP D 216 -68.52 31.42 25.70
CA ASP D 216 -68.84 30.53 24.60
C ASP D 216 -67.72 30.64 23.56
N TRP D 217 -67.16 29.49 23.17
CA TRP D 217 -66.12 29.49 22.14
C TRP D 217 -66.66 29.89 20.77
N LYS D 218 -67.94 29.62 20.52
CA LYS D 218 -68.53 29.64 19.18
C LYS D 218 -68.86 31.04 18.67
N GLU D 219 -68.43 32.10 19.34
CA GLU D 219 -68.63 33.45 18.84
C GLU D 219 -67.63 33.69 17.72
N LEU D 220 -67.99 33.23 16.53
CA LEU D 220 -67.17 33.38 15.33
C LEU D 220 -68.07 33.61 14.12
N MET E 1 -46.87 -8.49 45.39
CA MET E 1 -47.27 -7.48 46.37
C MET E 1 -48.10 -8.12 47.49
N THR E 2 -48.10 -7.43 48.65
CA THR E 2 -48.72 -7.82 49.94
C THR E 2 -48.60 -9.32 50.24
N THR E 3 -47.39 -9.84 50.06
CA THR E 3 -47.10 -11.24 50.32
C THR E 3 -47.06 -11.49 51.82
N VAL E 4 -48.19 -11.89 52.38
CA VAL E 4 -48.31 -12.12 53.80
C VAL E 4 -48.18 -13.62 54.07
N VAL E 5 -47.99 -13.96 55.35
CA VAL E 5 -47.81 -15.36 55.75
C VAL E 5 -49.14 -15.92 56.23
N VAL E 6 -49.28 -17.23 56.12
CA VAL E 6 -50.45 -17.91 56.66
C VAL E 6 -50.28 -18.24 58.13
N HIS E 7 -49.05 -18.20 58.65
CA HIS E 7 -48.78 -18.42 60.05
C HIS E 7 -48.79 -17.07 60.78
N VAL E 8 -48.26 -17.06 62.01
CA VAL E 8 -48.11 -15.82 62.76
C VAL E 8 -47.06 -14.96 62.08
N ASP E 9 -47.31 -13.63 62.05
CA ASP E 9 -46.46 -12.70 61.34
C ASP E 9 -45.10 -12.61 62.03
N SER E 10 -44.08 -13.18 61.39
CA SER E 10 -42.73 -13.14 61.94
C SER E 10 -42.12 -11.75 61.84
N LYS E 11 -42.54 -10.95 60.85
CA LYS E 11 -42.04 -9.58 60.75
C LYS E 11 -42.59 -8.74 61.89
N ALA E 12 -43.85 -8.98 62.26
CA ALA E 12 -44.41 -8.35 63.45
C ALA E 12 -43.76 -8.91 64.71
N GLU E 13 -43.30 -10.16 64.66
CA GLU E 13 -42.49 -10.67 65.75
C GLU E 13 -41.10 -10.05 65.77
N LEU E 14 -40.63 -9.51 64.65
CA LEU E 14 -39.38 -8.77 64.62
C LEU E 14 -39.59 -7.29 64.91
N THR E 15 -40.69 -6.71 64.41
CA THR E 15 -40.99 -5.31 64.67
C THR E 15 -41.28 -5.07 66.14
N THR E 16 -41.87 -6.04 66.82
CA THR E 16 -42.08 -5.94 68.26
C THR E 16 -40.75 -6.03 69.01
N LEU E 17 -39.76 -6.69 68.42
CA LEU E 17 -38.41 -6.60 68.95
C LEU E 17 -37.82 -5.23 68.65
N LEU E 18 -38.18 -4.63 67.52
CA LEU E 18 -37.59 -3.36 67.10
C LEU E 18 -38.05 -2.18 67.94
N GLU E 19 -39.15 -2.32 68.67
CA GLU E 19 -39.62 -1.25 69.53
C GLU E 19 -39.11 -1.39 70.96
N GLN E 20 -38.18 -2.30 71.22
CA GLN E 20 -37.64 -2.50 72.56
C GLN E 20 -36.22 -1.97 72.68
N TRP E 21 -35.32 -2.39 71.80
CA TRP E 21 -33.94 -1.93 71.89
C TRP E 21 -33.80 -0.51 71.34
N GLU E 22 -34.60 -0.14 70.34
CA GLU E 22 -34.59 1.23 69.88
C GLU E 22 -35.19 2.17 70.91
N LYS E 23 -36.04 1.66 71.81
CA LYS E 23 -36.45 2.37 73.00
C LYS E 23 -35.57 2.07 74.21
N GLU E 24 -34.57 1.20 74.05
CA GLU E 24 -33.52 1.04 75.05
C GLU E 24 -32.43 2.07 74.77
N HIS E 25 -32.72 3.32 75.12
CA HIS E 25 -31.72 4.36 75.13
C HIS E 25 -31.15 4.52 76.54
N GLY E 26 -30.50 3.45 76.99
CA GLY E 26 -30.07 3.36 78.37
C GLY E 26 -31.21 3.28 79.35
N SER E 27 -32.23 2.47 79.07
CA SER E 27 -33.39 2.36 79.94
C SER E 27 -33.06 1.65 81.26
N GLY E 28 -31.99 0.87 81.30
CA GLY E 28 -31.54 0.26 82.53
C GLY E 28 -31.98 -1.18 82.70
N GLN E 29 -31.92 -1.95 81.62
CA GLN E 29 -32.27 -3.36 81.65
C GLN E 29 -31.18 -4.17 80.96
N ASP E 30 -31.33 -5.49 81.01
CA ASP E 30 -30.39 -6.42 80.39
C ASP E 30 -31.15 -7.26 79.37
N MET E 31 -30.80 -7.12 78.10
CA MET E 31 -31.54 -7.70 77.00
C MET E 31 -31.23 -9.17 76.75
N VAL E 32 -30.49 -9.82 77.64
CA VAL E 32 -30.07 -11.21 77.42
C VAL E 32 -31.17 -12.28 77.44
N PRO E 33 -32.36 -12.13 78.04
CA PRO E 33 -33.44 -13.06 77.70
C PRO E 33 -34.35 -12.59 76.57
N ILE E 34 -34.02 -11.51 75.89
CA ILE E 34 -34.88 -10.99 74.83
C ILE E 34 -34.11 -11.10 73.53
N LEU E 35 -32.79 -11.00 73.59
CA LEU E 35 -31.95 -11.15 72.42
C LEU E 35 -31.61 -12.59 72.10
N THR E 36 -32.10 -13.55 72.90
CA THR E 36 -32.10 -14.93 72.46
C THR E 36 -33.00 -15.11 71.25
N ARG E 37 -34.07 -14.31 71.15
CA ARG E 37 -34.94 -14.33 70.00
C ARG E 37 -34.22 -13.92 68.74
N MET E 38 -33.24 -13.01 68.84
CA MET E 38 -32.40 -12.66 67.71
C MET E 38 -31.58 -13.83 67.20
N SER E 39 -31.35 -14.84 68.04
CA SER E 39 -30.89 -16.14 67.57
C SER E 39 -32.02 -17.15 67.40
N GLN E 40 -33.16 -16.96 68.06
CA GLN E 40 -34.24 -17.93 67.98
C GLN E 40 -35.20 -17.64 66.83
N LEU E 41 -35.45 -16.37 66.52
CA LEU E 41 -36.34 -16.07 65.39
C LEU E 41 -35.68 -16.46 64.08
N ILE E 42 -34.39 -16.17 63.94
CA ILE E 42 -33.75 -16.42 62.66
C ILE E 42 -33.45 -17.90 62.46
N GLU E 43 -33.31 -18.68 63.53
CA GLU E 43 -33.12 -20.12 63.35
C GLU E 43 -34.46 -20.80 63.12
N LYS E 44 -35.54 -20.22 63.64
CA LYS E 44 -36.88 -20.57 63.18
C LYS E 44 -37.06 -20.17 61.72
N GLU E 45 -36.47 -19.04 61.34
CA GLU E 45 -36.41 -18.60 59.95
C GLU E 45 -35.44 -19.41 59.11
N THR E 46 -34.45 -20.03 59.75
CA THR E 46 -33.55 -20.94 59.04
C THR E 46 -34.18 -22.33 58.91
N GLU E 47 -34.99 -22.74 59.90
CA GLU E 47 -35.62 -24.05 59.89
C GLU E 47 -36.60 -24.21 58.73
N GLU E 48 -37.23 -23.12 58.30
CA GLU E 48 -38.10 -23.17 57.13
C GLU E 48 -37.38 -22.82 55.85
N TYR E 49 -36.15 -22.32 55.92
CA TYR E 49 -35.43 -21.97 54.71
C TYR E 49 -34.89 -23.20 53.97
N ARG E 50 -34.77 -24.33 54.65
CA ARG E 50 -34.35 -25.56 53.98
C ARG E 50 -35.46 -26.22 53.16
N LYS E 51 -36.64 -25.59 53.06
CA LYS E 51 -37.76 -26.24 52.39
C LYS E 51 -37.54 -26.27 50.87
N GLY E 52 -36.98 -25.22 50.30
CA GLY E 52 -36.82 -25.12 48.87
C GLY E 52 -35.60 -25.79 48.29
N ASP E 53 -34.83 -26.54 49.10
CA ASP E 53 -33.56 -27.18 48.76
C ASP E 53 -32.60 -26.18 48.14
N PRO E 54 -32.01 -25.29 48.93
CA PRO E 54 -31.24 -24.18 48.35
C PRO E 54 -29.92 -24.64 47.77
N ASP E 55 -29.40 -23.81 46.87
CA ASP E 55 -28.06 -24.02 46.37
C ASP E 55 -27.06 -23.39 47.34
N PRO E 56 -26.12 -24.17 47.89
CA PRO E 56 -25.28 -23.66 48.97
C PRO E 56 -24.20 -22.67 48.56
N PHE E 57 -24.14 -22.26 47.31
CA PHE E 57 -23.25 -21.18 46.89
C PHE E 57 -23.98 -19.86 46.87
N ASP E 58 -24.43 -19.44 48.05
CA ASP E 58 -25.14 -18.18 48.26
C ASP E 58 -24.44 -17.46 49.40
N ASP E 59 -23.37 -16.72 49.06
CA ASP E 59 -22.72 -15.85 50.02
C ASP E 59 -23.39 -14.48 50.10
N ARG E 60 -24.32 -14.19 49.18
CA ARG E 60 -25.11 -12.98 49.20
C ARG E 60 -26.33 -13.18 50.11
N HIS E 61 -27.27 -12.25 50.06
CA HIS E 61 -28.45 -12.36 50.87
C HIS E 61 -29.66 -12.74 50.02
N PRO E 62 -30.61 -13.51 50.58
CA PRO E 62 -31.88 -13.75 49.88
C PRO E 62 -32.75 -12.52 49.75
N GLY E 63 -32.49 -11.44 50.49
CA GLY E 63 -33.12 -10.17 50.19
C GLY E 63 -32.71 -9.64 48.82
N ARG E 64 -31.50 -9.98 48.38
CA ARG E 64 -31.08 -9.77 47.01
C ARG E 64 -31.48 -10.92 46.10
N ALA E 65 -31.60 -12.14 46.64
CA ALA E 65 -31.73 -13.34 45.83
C ALA E 65 -33.14 -13.91 45.81
N ASP E 66 -33.72 -14.23 46.97
CA ASP E 66 -34.95 -15.02 47.04
C ASP E 66 -36.02 -14.26 47.83
N PRO E 67 -36.89 -13.51 47.15
CA PRO E 67 -37.98 -12.82 47.87
C PRO E 67 -39.21 -13.68 48.11
N GLU E 68 -39.09 -15.00 47.98
CA GLU E 68 -40.24 -15.89 48.09
C GLU E 68 -40.50 -16.37 49.51
N CYS E 69 -39.48 -16.39 50.37
CA CYS E 69 -39.61 -16.92 51.71
C CYS E 69 -39.27 -15.83 52.73
N MET E 70 -39.45 -16.17 54.01
CA MET E 70 -39.37 -15.19 55.08
C MET E 70 -37.94 -14.86 55.50
N LEU E 71 -36.93 -15.46 54.85
CA LEU E 71 -35.55 -15.09 55.18
C LEU E 71 -35.21 -13.74 54.59
N GLY E 72 -35.35 -13.60 53.27
CA GLY E 72 -35.07 -12.35 52.59
C GLY E 72 -36.02 -11.22 52.95
N HIS E 73 -37.22 -11.56 53.43
CA HIS E 73 -38.11 -10.53 53.94
C HIS E 73 -37.57 -9.88 55.20
N LEU E 74 -36.76 -10.61 55.98
CA LEU E 74 -36.33 -10.12 57.27
C LEU E 74 -34.87 -9.75 57.35
N LEU E 75 -34.03 -10.26 56.44
CA LEU E 75 -32.62 -9.91 56.51
C LEU E 75 -32.36 -8.47 56.09
N ARG E 76 -33.21 -7.91 55.23
CA ARG E 76 -33.01 -6.53 54.81
C ARG E 76 -33.35 -5.52 55.89
N ILE E 77 -34.11 -5.92 56.89
CA ILE E 77 -34.54 -5.00 57.94
C ILE E 77 -33.37 -4.70 58.85
N LEU E 78 -32.86 -5.72 59.53
CA LEU E 78 -31.85 -5.54 60.55
C LEU E 78 -30.43 -5.57 60.00
N PHE E 79 -30.27 -5.64 58.68
CA PHE E 79 -29.00 -5.25 58.09
C PHE E 79 -28.97 -3.76 57.80
N LYS E 80 -30.13 -3.17 57.53
CA LYS E 80 -30.24 -1.74 57.26
C LYS E 80 -30.38 -1.01 58.59
N ASN E 81 -29.28 -1.03 59.35
CA ASN E 81 -29.27 -0.67 60.76
C ASN E 81 -29.23 0.82 61.02
N ASP E 82 -29.03 1.64 59.97
CA ASP E 82 -29.04 3.10 60.04
C ASP E 82 -27.98 3.66 60.97
N ASP E 83 -26.84 2.95 61.06
CA ASP E 83 -25.71 3.27 61.96
C ASP E 83 -26.14 3.37 63.41
N PHE E 84 -27.13 2.57 63.81
CA PHE E 84 -27.66 2.58 65.17
C PHE E 84 -27.43 1.25 65.86
N MET E 85 -27.76 0.14 65.21
CA MET E 85 -27.34 -1.17 65.67
C MET E 85 -25.83 -1.37 65.48
N ASN E 86 -25.21 -0.63 64.56
CA ASN E 86 -23.76 -0.68 64.38
C ASN E 86 -23.01 -0.12 65.57
N ALA E 87 -23.68 0.65 66.44
CA ALA E 87 -23.05 1.07 67.68
C ALA E 87 -22.91 -0.11 68.63
N LEU E 88 -23.81 -1.09 68.56
CA LEU E 88 -23.73 -2.25 69.45
C LEU E 88 -22.54 -3.14 69.10
N VAL E 89 -22.10 -3.09 67.85
CA VAL E 89 -20.80 -3.66 67.49
C VAL E 89 -19.69 -2.93 68.24
N ASN E 90 -19.78 -1.60 68.31
CA ASN E 90 -18.79 -0.83 69.07
C ASN E 90 -19.04 -0.92 70.57
N ALA E 91 -20.30 -0.97 71.00
CA ALA E 91 -20.59 -0.91 72.43
C ALA E 91 -20.26 -2.23 73.12
N TYR E 92 -20.82 -3.33 72.62
CA TYR E 92 -20.67 -4.62 73.30
C TYR E 92 -19.42 -5.38 72.84
N VAL E 93 -18.40 -4.66 72.38
CA VAL E 93 -17.06 -5.20 72.21
C VAL E 93 -16.04 -4.37 72.99
N MET E 94 -16.11 -3.04 72.87
CA MET E 94 -15.21 -2.16 73.63
C MET E 94 -15.55 -2.17 75.11
N THR E 95 -16.83 -2.36 75.45
CA THR E 95 -17.25 -2.34 76.84
C THR E 95 -17.84 -3.68 77.24
N SER E 96 -17.14 -4.77 76.92
CA SER E 96 -17.64 -6.12 77.19
C SER E 96 -16.56 -6.94 77.88
N ARG E 97 -16.83 -7.31 79.14
CA ARG E 97 -15.93 -8.18 79.89
C ARG E 97 -16.69 -9.34 80.54
N GLU E 98 -17.93 -9.08 80.94
CA GLU E 98 -18.70 -10.05 81.69
C GLU E 98 -19.37 -11.06 80.75
N PRO E 99 -19.63 -12.28 81.23
CA PRO E 99 -20.24 -13.30 80.37
C PRO E 99 -21.69 -13.00 79.98
N PRO E 100 -22.53 -12.36 80.81
CA PRO E 100 -23.76 -11.82 80.23
C PRO E 100 -23.51 -10.65 79.31
N LEU E 101 -22.45 -9.90 79.55
CA LEU E 101 -22.13 -8.72 78.76
C LEU E 101 -21.55 -9.09 77.40
N ASN E 102 -21.15 -10.34 77.22
CA ASN E 102 -20.83 -10.90 75.91
C ASN E 102 -21.96 -11.76 75.35
N THR E 103 -22.92 -12.14 76.18
CA THR E 103 -24.04 -12.98 75.72
C THR E 103 -24.90 -12.24 74.72
N ALA E 104 -25.09 -10.93 74.92
CA ALA E 104 -25.72 -10.08 73.94
C ALA E 104 -24.81 -9.71 72.78
N ALA E 105 -23.57 -10.21 72.76
CA ALA E 105 -22.61 -9.88 71.72
C ALA E 105 -22.23 -11.09 70.87
N CYS E 106 -21.76 -12.16 71.49
CA CYS E 106 -21.17 -13.26 70.72
C CYS E 106 -22.20 -14.17 70.06
N ARG E 107 -23.43 -14.22 70.58
CA ARG E 107 -24.48 -14.94 69.87
C ARG E 107 -24.90 -14.19 68.61
N LEU E 108 -24.69 -12.90 68.58
CA LEU E 108 -25.39 -12.01 67.67
C LEU E 108 -24.58 -11.64 66.43
N LEU E 109 -23.25 -11.73 66.49
CA LEU E 109 -22.47 -11.50 65.28
C LEU E 109 -22.63 -12.65 64.30
N LEU E 110 -22.80 -13.87 64.82
CA LEU E 110 -23.20 -14.97 63.97
C LEU E 110 -24.68 -14.95 63.62
N ASP E 111 -25.45 -14.06 64.25
CA ASP E 111 -26.79 -13.80 63.77
C ASP E 111 -26.79 -12.83 62.59
N ILE E 112 -25.67 -12.16 62.35
CA ILE E 112 -25.47 -11.37 61.15
C ILE E 112 -24.28 -11.93 60.40
N MET E 113 -24.11 -13.25 60.49
CA MET E 113 -23.01 -13.94 59.83
C MET E 113 -23.01 -13.80 58.29
N PRO E 114 -24.13 -13.90 57.56
CA PRO E 114 -24.06 -13.46 56.16
C PRO E 114 -23.90 -11.95 56.03
N GLY E 115 -24.45 -11.18 56.98
CA GLY E 115 -24.26 -9.74 56.95
C GLY E 115 -22.88 -9.27 57.35
N LEU E 116 -22.13 -10.11 58.04
CA LEU E 116 -20.74 -9.82 58.35
C LEU E 116 -19.93 -9.97 57.06
N GLU E 117 -19.76 -8.88 56.32
CA GLU E 117 -19.27 -9.04 54.96
C GLU E 117 -17.76 -9.18 54.87
N THR E 118 -17.04 -8.06 55.04
CA THR E 118 -15.58 -8.12 54.99
C THR E 118 -14.92 -7.44 56.18
N ALA E 119 -15.31 -6.19 56.44
CA ALA E 119 -14.41 -5.23 57.07
C ALA E 119 -14.65 -5.01 58.55
N VAL E 120 -15.73 -5.55 59.12
CA VAL E 120 -16.04 -5.31 60.52
C VAL E 120 -15.00 -5.99 61.41
N VAL E 121 -14.44 -7.10 60.95
CA VAL E 121 -13.27 -7.70 61.61
C VAL E 121 -11.96 -7.11 61.08
N PHE E 122 -12.01 -6.30 60.02
CA PHE E 122 -10.81 -5.80 59.36
C PHE E 122 -10.54 -4.32 59.62
N GLN E 123 -11.49 -3.60 60.22
CA GLN E 123 -11.40 -2.15 60.35
C GLN E 123 -10.39 -1.80 61.47
N GLU E 124 -10.26 -0.50 61.79
CA GLU E 124 -9.37 -0.05 62.86
C GLU E 124 -9.77 -0.62 64.22
N LYS E 125 -11.05 -0.91 64.41
CA LYS E 125 -11.50 -1.74 65.52
C LYS E 125 -11.10 -3.18 65.18
N GLU E 126 -9.84 -3.49 65.46
CA GLU E 126 -9.24 -4.77 65.09
C GLU E 126 -8.81 -5.57 66.30
N GLY E 127 -9.02 -5.06 67.51
CA GLY E 127 -8.73 -5.81 68.72
C GLY E 127 -9.56 -7.06 68.88
N ILE E 128 -10.74 -7.10 68.26
CA ILE E 128 -11.60 -8.28 68.28
C ILE E 128 -10.95 -9.46 67.56
N VAL E 129 -9.99 -9.20 66.67
CA VAL E 129 -9.16 -10.28 66.16
C VAL E 129 -8.30 -10.86 67.27
N GLU E 130 -7.62 -9.99 68.04
CA GLU E 130 -6.85 -10.47 69.19
C GLU E 130 -7.73 -10.88 70.36
N ASN E 131 -8.89 -10.25 70.51
CA ASN E 131 -9.74 -10.55 71.67
C ASN E 131 -10.36 -11.93 71.57
N LEU E 132 -10.56 -12.43 70.35
CA LEU E 132 -11.11 -13.77 70.18
C LEU E 132 -10.08 -14.85 70.50
N PHE E 133 -8.79 -14.53 70.48
CA PHE E 133 -7.81 -15.42 71.10
C PHE E 133 -8.04 -15.51 72.60
N LYS E 134 -8.30 -14.37 73.23
CA LYS E 134 -8.72 -14.39 74.63
C LYS E 134 -10.12 -14.97 74.78
N TRP E 135 -10.99 -14.76 73.79
CA TRP E 135 -12.33 -15.30 73.83
C TRP E 135 -12.42 -16.70 73.25
N ALA E 136 -11.30 -17.39 73.09
CA ALA E 136 -11.29 -18.82 72.89
C ALA E 136 -10.48 -19.55 73.94
N ARG E 137 -9.27 -19.06 74.23
CA ARG E 137 -8.42 -19.72 75.20
C ARG E 137 -8.87 -19.50 76.64
N GLU E 138 -9.68 -18.47 76.89
CA GLU E 138 -10.08 -18.13 78.26
C GLU E 138 -11.57 -17.95 78.44
N ALA E 139 -12.37 -18.07 77.37
CA ALA E 139 -13.79 -17.78 77.46
C ALA E 139 -14.53 -18.92 78.16
N ASP E 140 -15.81 -18.65 78.45
CA ASP E 140 -16.68 -19.65 79.03
C ASP E 140 -17.11 -20.63 77.95
N GLN E 141 -17.44 -21.84 78.37
CA GLN E 141 -17.80 -22.90 77.42
C GLN E 141 -19.12 -22.62 76.69
N PRO E 142 -20.19 -22.08 77.31
CA PRO E 142 -21.27 -21.55 76.47
C PRO E 142 -20.90 -20.30 75.70
N LEU E 143 -19.90 -19.55 76.14
CA LEU E 143 -19.41 -18.46 75.30
C LEU E 143 -18.58 -19.01 74.16
N ARG E 144 -17.71 -19.99 74.43
CA ARG E 144 -16.94 -20.68 73.41
C ARG E 144 -17.82 -21.46 72.44
N THR E 145 -19.04 -21.80 72.87
CA THR E 145 -20.02 -22.48 72.01
C THR E 145 -20.31 -21.69 70.74
N TYR E 146 -20.43 -20.37 70.84
CA TYR E 146 -20.58 -19.53 69.66
C TYR E 146 -19.37 -18.68 69.35
N SER E 147 -18.28 -18.78 70.14
CA SER E 147 -17.14 -17.90 69.92
C SER E 147 -16.30 -18.31 68.72
N THR E 148 -16.48 -19.50 68.19
CA THR E 148 -15.49 -20.03 67.26
C THR E 148 -15.64 -19.40 65.89
N GLY E 149 -16.86 -19.34 65.36
CA GLY E 149 -17.09 -18.81 64.04
C GLY E 149 -16.96 -17.32 63.91
N LEU E 150 -16.75 -16.60 65.02
CA LEU E 150 -16.68 -15.15 65.00
C LEU E 150 -15.44 -14.64 64.27
N LEU E 151 -14.39 -15.45 64.17
CA LEU E 151 -13.26 -15.15 63.29
C LEU E 151 -13.46 -15.69 61.88
N GLY E 152 -14.69 -16.07 61.52
CA GLY E 152 -14.93 -16.63 60.20
C GLY E 152 -14.72 -15.61 59.10
N GLY E 153 -15.22 -14.39 59.30
CA GLY E 153 -14.97 -13.31 58.36
C GLY E 153 -13.52 -12.87 58.32
N ALA E 154 -12.77 -13.13 59.39
CA ALA E 154 -11.33 -12.88 59.35
C ALA E 154 -10.63 -13.93 58.51
N MET E 155 -11.07 -15.19 58.59
CA MET E 155 -10.43 -16.26 57.83
C MET E 155 -10.93 -16.33 56.40
N GLU E 156 -12.15 -15.87 56.13
CA GLU E 156 -12.57 -15.68 54.74
C GLU E 156 -11.76 -14.57 54.07
N ASN E 157 -11.28 -13.62 54.85
CA ASN E 157 -10.37 -12.60 54.35
C ASN E 157 -9.00 -13.20 54.14
N GLN E 158 -8.33 -12.79 53.06
CA GLN E 158 -6.96 -13.20 52.82
C GLN E 158 -5.96 -12.34 53.58
N ASP E 159 -6.35 -11.11 53.91
CA ASP E 159 -5.40 -10.16 54.51
C ASP E 159 -5.15 -10.48 55.99
N ILE E 160 -6.20 -10.78 56.74
CA ILE E 160 -6.03 -11.21 58.13
C ILE E 160 -5.39 -12.59 58.16
N ALA E 161 -5.68 -13.43 57.17
CA ALA E 161 -4.96 -14.68 57.00
C ALA E 161 -3.51 -14.46 56.63
N ALA E 162 -3.17 -13.30 56.06
CA ALA E 162 -1.78 -12.90 55.87
C ALA E 162 -1.22 -12.09 57.03
N ASN E 163 -2.05 -11.30 57.71
CA ASN E 163 -1.59 -10.56 58.87
C ASN E 163 -1.43 -11.45 60.10
N TYR E 164 -2.08 -12.60 60.11
CA TYR E 164 -2.00 -13.55 61.22
C TYR E 164 -1.79 -14.96 60.69
N ARG E 165 -0.85 -15.09 59.75
CA ARG E 165 -0.52 -16.40 59.20
C ARG E 165 0.19 -17.30 60.21
N ASP E 166 0.82 -16.70 61.23
CA ASP E 166 1.47 -17.47 62.30
C ASP E 166 0.74 -17.35 63.63
N GLU E 167 0.02 -16.25 63.87
CA GLU E 167 -0.69 -16.11 65.13
C GLU E 167 -1.96 -16.96 65.16
N ASN E 168 -2.54 -17.26 63.98
CA ASN E 168 -3.64 -18.21 63.96
C ASN E 168 -3.14 -19.62 64.24
N SER E 169 -1.88 -19.90 63.93
CA SER E 169 -1.32 -21.22 64.15
C SER E 169 -1.17 -21.54 65.63
N GLN E 170 -1.18 -20.52 66.48
CA GLN E 170 -1.46 -20.75 67.90
C GLN E 170 -2.85 -21.34 68.07
N LEU E 171 -3.86 -20.65 67.54
CA LEU E 171 -5.26 -20.97 67.82
C LEU E 171 -5.69 -22.28 67.19
N VAL E 172 -5.07 -22.67 66.07
CA VAL E 172 -5.38 -23.95 65.45
C VAL E 172 -4.96 -25.09 66.35
N ALA E 173 -3.85 -24.92 67.10
CA ALA E 173 -3.46 -25.93 68.08
C ALA E 173 -4.45 -26.02 69.24
N ILE E 174 -5.08 -24.91 69.61
CA ILE E 174 -6.11 -24.96 70.65
C ILE E 174 -7.36 -25.66 70.13
N VAL E 175 -7.85 -25.25 68.96
CA VAL E 175 -9.15 -25.72 68.53
C VAL E 175 -9.12 -27.16 68.01
N LEU E 176 -7.96 -27.68 67.64
CA LEU E 176 -7.91 -29.06 67.18
C LEU E 176 -7.94 -30.03 68.34
N ARG E 177 -7.29 -29.69 69.46
CA ARG E 177 -7.30 -30.57 70.61
C ARG E 177 -8.70 -30.66 71.22
N ARG E 178 -9.42 -29.53 71.25
CA ARG E 178 -10.80 -29.57 71.71
C ARG E 178 -11.68 -30.32 70.73
N LEU E 179 -11.35 -30.27 69.43
CA LEU E 179 -12.12 -30.98 68.42
C LEU E 179 -11.99 -32.48 68.59
N ARG E 180 -10.82 -32.95 69.03
CA ARG E 180 -10.61 -34.38 69.19
C ARG E 180 -11.44 -34.95 70.33
N GLU E 181 -11.67 -34.15 71.37
CA GLU E 181 -12.35 -34.65 72.56
C GLU E 181 -13.81 -34.96 72.32
N LEU E 182 -14.41 -34.39 71.26
CA LEU E 182 -15.83 -34.60 70.98
C LEU E 182 -16.10 -36.04 70.59
N GLN E 183 -15.16 -36.65 69.86
CA GLN E 183 -15.27 -38.07 69.54
C GLN E 183 -15.07 -38.93 70.79
N LEU E 184 -14.29 -38.43 71.74
CA LEU E 184 -14.27 -39.07 73.05
C LEU E 184 -15.48 -38.67 73.87
N GLN E 185 -16.13 -37.55 73.56
CA GLN E 185 -17.37 -37.19 74.24
C GLN E 185 -18.57 -37.87 73.59
N GLU E 186 -18.85 -37.54 72.33
CA GLU E 186 -20.15 -37.85 71.74
C GLU E 186 -20.31 -39.32 71.40
N VAL E 187 -19.25 -39.96 70.88
CA VAL E 187 -19.35 -41.37 70.50
C VAL E 187 -19.43 -42.24 71.74
N ALA E 188 -18.65 -41.91 72.77
CA ALA E 188 -18.70 -42.66 74.02
C ALA E 188 -20.05 -42.49 74.72
N LEU E 189 -20.70 -41.34 74.56
CA LEU E 189 -22.08 -41.22 75.00
C LEU E 189 -23.00 -42.12 74.19
N ARG E 190 -22.76 -42.21 72.88
CA ARG E 190 -23.49 -43.19 72.08
C ARG E 190 -23.01 -44.60 72.35
N GLN E 191 -21.78 -44.77 72.83
CA GLN E 191 -21.29 -46.07 73.29
C GLN E 191 -21.70 -46.32 74.74
N GLU E 192 -23.01 -46.36 74.94
CA GLU E 192 -23.61 -46.70 76.23
C GLU E 192 -24.77 -47.68 76.12
N ASN E 193 -25.29 -47.93 74.92
CA ASN E 193 -26.42 -48.82 74.70
C ASN E 193 -26.14 -49.75 73.53
N LYS E 194 -24.93 -50.31 73.50
CA LYS E 194 -24.54 -51.23 72.45
C LYS E 194 -23.98 -52.54 73.02
N PRO E 323 -24.83 -29.84 71.15
CA PRO E 323 -23.53 -30.18 71.74
C PRO E 323 -22.44 -30.32 70.68
N ALA E 324 -22.75 -31.04 69.60
CA ALA E 324 -21.88 -31.08 68.44
C ALA E 324 -22.14 -29.90 67.52
N ILE E 325 -23.08 -29.03 67.86
CA ILE E 325 -23.25 -27.79 67.13
C ILE E 325 -22.06 -26.87 67.39
N GLU E 326 -21.37 -27.06 68.51
CA GLU E 326 -20.03 -26.51 68.66
C GLU E 326 -19.09 -27.09 67.61
N GLN E 327 -19.03 -28.44 67.58
CA GLN E 327 -18.22 -29.16 66.60
C GLN E 327 -18.63 -28.86 65.18
N ARG E 328 -19.92 -28.61 64.96
CA ARG E 328 -20.36 -28.02 63.70
C ARG E 328 -19.68 -26.69 63.46
N LEU E 329 -19.78 -25.78 64.42
CA LEU E 329 -19.22 -24.45 64.23
C LEU E 329 -17.71 -24.40 64.46
N ILE E 330 -17.12 -25.40 65.12
CA ILE E 330 -15.67 -25.43 65.21
C ILE E 330 -15.05 -25.67 63.84
N LEU E 331 -15.59 -26.64 63.10
CA LEU E 331 -15.14 -26.90 61.74
C LEU E 331 -15.44 -25.75 60.80
N GLN E 332 -16.40 -24.89 61.14
CA GLN E 332 -16.65 -23.71 60.33
C GLN E 332 -15.51 -22.71 60.42
N TYR E 333 -14.77 -22.72 61.53
CA TYR E 333 -13.57 -21.89 61.62
C TYR E 333 -12.48 -22.41 60.69
N LEU E 334 -12.21 -23.72 60.76
CA LEU E 334 -11.04 -24.29 60.12
C LEU E 334 -11.15 -24.35 58.61
N THR E 335 -12.36 -24.17 58.07
CA THR E 335 -12.58 -24.40 56.64
C THR E 335 -11.90 -23.39 55.72
N PRO E 336 -11.91 -22.07 55.95
CA PRO E 336 -11.13 -21.21 55.04
C PRO E 336 -9.63 -21.31 55.22
N LEU E 337 -9.12 -21.35 56.45
CA LEU E 337 -7.68 -21.30 56.62
C LEU E 337 -7.02 -22.66 56.54
N GLY E 338 -7.80 -23.72 56.33
CA GLY E 338 -7.20 -25.03 56.07
C GLY E 338 -6.55 -25.15 54.72
N GLU E 339 -6.92 -24.29 53.77
CA GLU E 339 -6.33 -24.31 52.44
C GLU E 339 -4.92 -23.72 52.43
N TYR E 340 -4.63 -22.78 53.32
CA TYR E 340 -3.39 -22.02 53.24
C TYR E 340 -2.19 -22.89 53.62
N GLN E 341 -1.01 -22.37 53.30
CA GLN E 341 0.24 -23.06 53.58
C GLN E 341 0.59 -22.92 55.06
N GLU E 342 1.58 -23.70 55.47
CA GLU E 342 2.25 -23.63 56.78
C GLU E 342 1.29 -23.93 57.93
N LEU E 343 0.17 -24.58 57.66
CA LEU E 343 -0.77 -24.97 58.70
C LEU E 343 -1.05 -26.45 58.51
N LEU E 344 -0.89 -26.89 57.26
CA LEU E 344 -0.73 -28.31 56.94
C LEU E 344 0.29 -29.07 57.80
N PRO E 345 1.44 -28.52 58.23
CA PRO E 345 2.31 -29.30 59.14
C PRO E 345 1.66 -29.69 60.45
N ILE E 346 0.99 -28.77 61.15
CA ILE E 346 0.32 -29.19 62.37
C ILE E 346 -0.98 -29.91 62.06
N PHE E 347 -1.53 -29.73 60.86
CA PHE E 347 -2.64 -30.57 60.42
C PHE E 347 -2.19 -32.02 60.28
N MET E 348 -1.03 -32.24 59.68
CA MET E 348 -0.52 -33.60 59.59
C MET E 348 0.11 -34.05 60.90
N GLN E 349 0.43 -33.13 61.80
CA GLN E 349 0.96 -33.53 63.09
C GLN E 349 -0.16 -33.97 64.03
N LEU E 350 -1.23 -33.19 64.10
CA LEU E 350 -2.28 -33.44 65.08
C LEU E 350 -3.36 -34.37 64.56
N GLY E 351 -3.10 -35.07 63.45
CA GLY E 351 -4.05 -36.05 62.94
C GLY E 351 -5.31 -35.46 62.35
N SER E 352 -5.20 -34.31 61.65
CA SER E 352 -6.35 -33.73 61.00
C SER E 352 -6.85 -34.57 59.85
N ARG E 353 -6.00 -35.41 59.28
CA ARG E 353 -6.46 -36.44 58.37
C ARG E 353 -7.43 -37.38 59.07
N GLU E 354 -7.02 -37.93 60.21
CA GLU E 354 -7.80 -38.96 60.89
C GLU E 354 -9.07 -38.38 61.50
N LEU E 355 -9.04 -37.12 61.94
CA LEU E 355 -10.25 -36.53 62.49
C LEU E 355 -11.26 -36.24 61.40
N MET E 356 -10.80 -35.78 60.23
CA MET E 356 -11.71 -35.58 59.12
C MET E 356 -12.12 -36.89 58.47
N MET E 357 -11.38 -37.97 58.71
CA MET E 357 -11.90 -39.30 58.40
C MET E 357 -13.13 -39.60 59.24
N PHE E 358 -13.14 -39.12 60.48
CA PHE E 358 -14.18 -39.53 61.41
C PHE E 358 -15.47 -38.79 61.16
N TYR E 359 -15.39 -37.58 60.65
CA TYR E 359 -16.52 -36.66 60.74
C TYR E 359 -17.46 -36.82 59.56
N ILE E 360 -17.12 -37.66 58.62
CA ILE E 360 -18.01 -37.99 57.52
C ILE E 360 -18.79 -39.21 57.98
N ASP E 361 -19.96 -39.43 57.39
CA ASP E 361 -20.89 -40.43 57.88
C ASP E 361 -20.39 -41.84 57.59
N LEU E 362 -20.32 -42.68 58.63
CA LEU E 362 -19.95 -44.09 58.50
C LEU E 362 -21.03 -44.88 59.23
N LYS E 363 -22.10 -45.20 58.49
CA LYS E 363 -23.26 -45.98 58.98
C LYS E 363 -23.85 -45.30 60.23
N GLN E 364 -23.98 -43.98 60.17
CA GLN E 364 -24.19 -43.19 61.37
C GLN E 364 -25.44 -42.34 61.20
N THR E 365 -26.09 -42.04 62.32
CA THR E 365 -27.27 -41.16 62.32
C THR E 365 -26.83 -39.78 62.79
N ASN E 366 -26.19 -39.04 61.88
CA ASN E 366 -25.88 -37.64 62.11
C ASN E 366 -26.96 -36.79 61.45
N ASP E 367 -26.71 -35.49 61.41
CA ASP E 367 -27.44 -34.63 60.49
C ASP E 367 -26.81 -34.69 59.11
N VAL E 368 -27.53 -34.18 58.12
CA VAL E 368 -26.91 -33.89 56.84
C VAL E 368 -26.02 -32.67 56.97
N LEU E 369 -26.36 -31.77 57.90
CA LEU E 369 -25.84 -30.42 57.86
C LEU E 369 -24.39 -30.34 58.31
N LEU E 370 -24.01 -31.08 59.35
CA LEU E 370 -22.64 -31.01 59.83
C LEU E 370 -21.69 -31.66 58.84
N THR E 371 -22.11 -32.78 58.24
CA THR E 371 -21.28 -33.49 57.27
C THR E 371 -21.03 -32.62 56.04
N PHE E 372 -22.07 -31.94 55.57
CA PHE E 372 -21.89 -31.03 54.45
C PHE E 372 -21.05 -29.82 54.84
N GLU E 373 -21.15 -29.38 56.09
CA GLU E 373 -20.25 -28.33 56.52
C GLU E 373 -18.89 -28.87 56.93
N ALA E 374 -18.69 -30.19 56.87
CA ALA E 374 -17.38 -30.77 57.06
C ALA E 374 -16.69 -31.11 55.76
N LEU E 375 -17.44 -31.51 54.74
CA LEU E 375 -16.86 -31.85 53.45
C LEU E 375 -16.22 -30.64 52.80
N LYS E 376 -16.75 -29.45 53.06
CA LYS E 376 -16.11 -28.23 52.58
C LYS E 376 -14.76 -28.03 53.26
N HIS E 377 -14.65 -28.42 54.53
CA HIS E 377 -13.34 -28.42 55.17
C HIS E 377 -12.44 -29.50 54.59
N LEU E 378 -13.02 -30.64 54.22
CA LEU E 378 -12.24 -31.73 53.65
C LEU E 378 -11.69 -31.34 52.29
N ALA E 379 -12.47 -30.58 51.52
CA ALA E 379 -12.04 -30.21 50.18
C ALA E 379 -10.89 -29.21 50.20
N SER E 380 -10.88 -28.31 51.19
CA SER E 380 -9.81 -27.32 51.26
C SER E 380 -8.50 -27.96 51.66
N LEU E 381 -8.53 -29.02 52.44
CA LEU E 381 -7.31 -29.75 52.75
C LEU E 381 -6.87 -30.62 51.59
N LEU E 382 -7.79 -31.02 50.71
CA LEU E 382 -7.44 -31.90 49.60
C LEU E 382 -6.67 -31.19 48.50
N LEU E 383 -6.49 -29.88 48.57
CA LEU E 383 -5.68 -29.20 47.58
C LEU E 383 -4.20 -29.57 47.72
N HIS E 384 -3.76 -29.84 48.94
CA HIS E 384 -2.40 -30.33 49.15
C HIS E 384 -2.34 -31.81 48.82
N ASN E 385 -1.41 -32.18 47.94
CA ASN E 385 -1.26 -33.57 47.51
C ASN E 385 -0.82 -34.47 48.65
N LYS E 386 0.00 -33.94 49.57
CA LYS E 386 0.52 -34.71 50.68
C LYS E 386 -0.61 -35.16 51.61
N PHE E 387 -1.60 -34.29 51.80
CA PHE E 387 -2.84 -34.72 52.43
C PHE E 387 -3.63 -35.64 51.51
N ALA E 388 -3.65 -35.32 50.22
CA ALA E 388 -4.57 -36.00 49.31
C ALA E 388 -4.09 -37.40 48.97
N THR E 389 -2.78 -37.63 49.02
CA THR E 389 -2.27 -38.95 48.69
C THR E 389 -2.63 -39.95 49.78
N GLU E 390 -2.40 -39.59 51.03
CA GLU E 390 -2.70 -40.49 52.13
C GLU E 390 -4.18 -40.58 52.41
N PHE E 391 -4.97 -39.62 51.93
CA PHE E 391 -6.42 -39.78 51.98
C PHE E 391 -6.87 -40.91 51.05
N VAL E 392 -6.27 -40.97 49.86
CA VAL E 392 -6.55 -42.09 48.97
C VAL E 392 -5.90 -43.36 49.50
N ALA E 393 -4.73 -43.24 50.12
CA ALA E 393 -3.96 -44.41 50.52
C ALA E 393 -4.62 -45.17 51.67
N HIS E 394 -5.31 -44.46 52.56
CA HIS E 394 -6.13 -45.15 53.55
C HIS E 394 -7.51 -45.46 53.03
N GLY E 395 -7.81 -45.12 51.79
CA GLY E 395 -9.07 -45.48 51.20
C GLY E 395 -10.18 -44.52 51.56
N GLY E 396 -9.91 -43.22 51.51
CA GLY E 396 -10.95 -42.25 51.82
C GLY E 396 -11.98 -42.08 50.74
N VAL E 397 -11.69 -42.50 49.52
CA VAL E 397 -12.63 -42.32 48.42
C VAL E 397 -13.80 -43.27 48.57
N GLN E 398 -13.53 -44.52 48.93
CA GLN E 398 -14.60 -45.49 49.15
C GLN E 398 -15.43 -45.12 50.36
N LYS E 399 -14.78 -44.51 51.36
CA LYS E 399 -15.51 -43.86 52.44
C LYS E 399 -16.40 -42.74 51.91
N LEU E 400 -15.84 -41.91 51.02
CA LEU E 400 -16.59 -40.80 50.46
C LEU E 400 -17.69 -41.27 49.53
N LEU E 401 -17.52 -42.44 48.92
CA LEU E 401 -18.54 -43.01 48.05
C LEU E 401 -19.45 -43.96 48.82
N GLU E 402 -20.08 -43.41 49.87
CA GLU E 402 -21.10 -44.12 50.62
C GLU E 402 -22.30 -43.24 50.88
N ILE E 403 -22.33 -42.03 50.34
CA ILE E 403 -23.35 -41.04 50.66
C ILE E 403 -24.67 -41.44 50.01
N PRO E 404 -25.80 -41.33 50.69
CA PRO E 404 -27.09 -41.53 50.01
C PRO E 404 -27.33 -40.45 48.97
N ARG E 405 -27.97 -40.86 47.87
CA ARG E 405 -27.90 -40.04 46.66
C ARG E 405 -28.77 -38.79 46.72
N PRO E 406 -30.07 -38.83 47.14
CA PRO E 406 -30.75 -37.54 47.36
C PRO E 406 -30.27 -36.90 48.65
N SER E 407 -29.44 -35.87 48.52
CA SER E 407 -28.78 -35.30 49.68
C SER E 407 -28.31 -33.89 49.37
N MET E 408 -28.45 -33.00 50.35
CA MET E 408 -27.78 -31.71 50.25
C MET E 408 -26.29 -31.83 50.49
N ALA E 409 -25.84 -32.91 51.13
CA ALA E 409 -24.42 -33.15 51.32
C ALA E 409 -23.75 -33.74 50.08
N ALA E 410 -24.52 -34.09 49.04
CA ALA E 410 -23.94 -34.55 47.80
C ALA E 410 -23.16 -33.44 47.08
N THR E 411 -23.47 -32.18 47.37
CA THR E 411 -22.78 -31.06 46.74
C THR E 411 -21.34 -30.98 47.20
N GLY E 412 -21.10 -31.27 48.48
CA GLY E 412 -19.72 -31.31 48.96
C GLY E 412 -18.94 -32.47 48.41
N VAL E 413 -19.59 -33.62 48.23
CA VAL E 413 -18.97 -34.76 47.56
C VAL E 413 -18.61 -34.37 46.13
N SER E 414 -19.49 -33.62 45.48
CA SER E 414 -19.20 -33.07 44.16
C SER E 414 -18.10 -32.03 44.20
N MET E 415 -17.88 -31.38 45.33
CA MET E 415 -16.72 -30.49 45.39
C MET E 415 -15.45 -31.30 45.58
N CYS E 416 -15.48 -32.29 46.47
CA CYS E 416 -14.25 -32.99 46.85
C CYS E 416 -13.70 -33.81 45.69
N LEU E 417 -14.58 -34.46 44.93
CA LEU E 417 -14.16 -35.23 43.77
C LEU E 417 -13.53 -34.34 42.71
N TYR E 418 -13.98 -33.10 42.58
CA TYR E 418 -13.33 -32.19 41.66
C TYR E 418 -12.01 -31.68 42.21
N TYR E 419 -11.95 -31.37 43.50
CA TYR E 419 -10.67 -30.96 44.06
C TYR E 419 -9.70 -32.13 44.20
N LEU E 420 -10.20 -33.37 44.22
CA LEU E 420 -9.31 -34.53 44.21
C LEU E 420 -8.59 -34.65 42.89
N SER E 421 -9.29 -34.39 41.80
CA SER E 421 -8.75 -34.56 40.46
C SER E 421 -8.12 -33.29 39.91
N TYR E 422 -8.01 -32.24 40.73
CA TYR E 422 -7.69 -30.92 40.18
C TYR E 422 -6.22 -30.81 39.80
N ASN E 423 -5.34 -30.93 40.79
CA ASN E 423 -3.92 -30.74 40.52
C ASN E 423 -3.12 -32.00 40.78
N GLN E 424 -3.35 -32.67 41.89
CA GLN E 424 -2.62 -33.88 42.22
C GLN E 424 -3.12 -35.05 41.36
N ASP E 425 -2.21 -35.97 41.08
CA ASP E 425 -2.58 -37.23 40.46
C ASP E 425 -2.84 -38.30 41.51
N ALA E 426 -3.70 -37.95 42.47
CA ALA E 426 -4.26 -38.99 43.33
C ALA E 426 -5.18 -39.88 42.53
N MET E 427 -5.81 -39.34 41.49
CA MET E 427 -6.64 -40.13 40.59
C MET E 427 -5.83 -41.16 39.81
N GLU E 428 -4.52 -40.96 39.68
CA GLU E 428 -3.67 -42.02 39.18
C GLU E 428 -3.70 -43.23 40.11
N ARG E 429 -3.82 -42.99 41.41
CA ARG E 429 -3.97 -44.12 42.34
C ARG E 429 -5.39 -44.66 42.36
N VAL E 430 -6.37 -43.89 41.87
CA VAL E 430 -7.76 -44.34 41.86
C VAL E 430 -8.02 -45.38 40.78
N CYS E 431 -7.06 -45.56 39.87
CA CYS E 431 -7.22 -46.52 38.78
C CYS E 431 -7.23 -47.96 39.29
N MET E 432 -6.15 -48.39 39.94
CA MET E 432 -5.99 -49.78 40.35
C MET E 432 -6.49 -49.97 41.78
N HIS E 433 -7.56 -50.75 41.93
CA HIS E 433 -8.28 -50.92 43.19
C HIS E 433 -9.09 -52.22 43.17
N PRO E 434 -9.81 -52.58 44.28
CA PRO E 434 -10.98 -53.46 44.13
C PRO E 434 -11.92 -52.95 43.06
N HIS E 435 -12.10 -53.75 42.00
CA HIS E 435 -12.48 -53.38 40.64
C HIS E 435 -13.57 -52.31 40.49
N ASN E 436 -14.58 -52.34 41.35
CA ASN E 436 -15.72 -51.46 41.23
C ASN E 436 -15.52 -50.07 41.82
N VAL E 437 -14.28 -49.63 42.05
CA VAL E 437 -14.08 -48.31 42.66
C VAL E 437 -14.36 -47.20 41.66
N LEU E 438 -13.70 -47.22 40.49
CA LEU E 438 -14.06 -46.28 39.44
C LEU E 438 -15.46 -46.54 38.92
N SER E 439 -15.90 -47.80 38.95
CA SER E 439 -17.28 -48.11 38.62
C SER E 439 -18.25 -47.53 39.64
N ASP E 440 -17.78 -47.22 40.85
CA ASP E 440 -18.56 -46.37 41.73
C ASP E 440 -18.39 -44.89 41.38
N VAL E 441 -17.21 -44.50 40.88
CA VAL E 441 -16.97 -43.09 40.57
C VAL E 441 -17.79 -42.65 39.37
N VAL E 442 -17.76 -43.45 38.30
CA VAL E 442 -18.46 -43.10 37.06
C VAL E 442 -19.97 -43.19 37.27
N ASN E 443 -20.43 -44.17 38.05
CA ASN E 443 -21.85 -44.26 38.35
C ASN E 443 -22.29 -43.12 39.26
N TYR E 444 -21.39 -42.58 40.07
CA TYR E 444 -21.79 -41.47 40.92
C TYR E 444 -21.82 -40.16 40.15
N THR E 445 -20.74 -39.84 39.43
CA THR E 445 -20.60 -38.51 38.88
C THR E 445 -21.54 -38.29 37.71
N LEU E 446 -21.87 -39.34 36.96
CA LEU E 446 -22.85 -39.19 35.90
C LEU E 446 -24.27 -39.00 36.42
N TRP E 447 -24.54 -39.40 37.67
CA TRP E 447 -25.86 -39.11 38.21
C TRP E 447 -25.98 -37.65 38.63
N LEU E 448 -24.98 -37.15 39.35
CA LEU E 448 -25.09 -35.83 39.94
C LEU E 448 -24.84 -34.72 38.93
N MET E 449 -24.39 -35.07 37.73
CA MET E 449 -24.54 -34.18 36.58
C MET E 449 -25.96 -34.24 36.03
N GLU E 450 -26.57 -35.42 36.07
CA GLU E 450 -27.87 -35.60 35.42
C GLU E 450 -29.00 -35.00 36.26
N CYS E 451 -28.98 -35.22 37.58
CA CYS E 451 -30.05 -34.73 38.45
C CYS E 451 -30.06 -33.21 38.52
N SER E 452 -28.90 -32.60 38.31
CA SER E 452 -28.73 -31.16 38.07
C SER E 452 -29.19 -30.31 39.25
N HIS E 453 -28.52 -30.51 40.39
CA HIS E 453 -28.57 -29.49 41.41
C HIS E 453 -27.85 -28.25 40.90
N ALA E 454 -28.24 -27.09 41.44
CA ALA E 454 -27.97 -25.78 40.81
C ALA E 454 -26.49 -25.46 40.67
N SER E 455 -25.63 -26.06 41.50
CA SER E 455 -24.20 -26.06 41.24
C SER E 455 -23.65 -27.47 41.14
N GLY E 456 -24.52 -28.48 41.09
CA GLY E 456 -24.06 -29.85 40.89
C GLY E 456 -23.55 -30.09 39.50
N CYS E 457 -24.07 -29.35 38.52
CA CYS E 457 -23.49 -29.38 37.19
C CYS E 457 -22.26 -28.50 37.07
N CYS E 458 -22.05 -27.59 38.01
CA CYS E 458 -20.91 -26.69 37.92
C CYS E 458 -19.61 -27.38 38.28
N HIS E 459 -19.68 -28.54 38.93
CA HIS E 459 -18.47 -29.28 39.30
C HIS E 459 -18.33 -30.59 38.56
N ALA E 460 -19.42 -31.35 38.39
CA ALA E 460 -19.32 -32.64 37.71
C ALA E 460 -18.99 -32.49 36.24
N THR E 461 -19.29 -31.35 35.65
CA THR E 461 -18.84 -31.07 34.29
C THR E 461 -17.35 -30.72 34.28
N MET E 462 -16.90 -29.98 35.30
CA MET E 462 -15.48 -29.67 35.42
C MET E 462 -14.68 -30.90 35.84
N PHE E 463 -15.33 -31.90 36.43
CA PHE E 463 -14.66 -33.14 36.81
C PHE E 463 -14.20 -33.90 35.59
N PHE E 464 -15.10 -34.14 34.64
CA PHE E 464 -14.75 -34.89 33.46
C PHE E 464 -13.85 -34.11 32.50
N SER E 465 -13.76 -32.79 32.65
CA SER E 465 -12.85 -32.02 31.82
C SER E 465 -11.40 -32.33 32.10
N ILE E 466 -11.09 -32.83 33.29
CA ILE E 466 -9.74 -33.24 33.63
C ILE E 466 -9.60 -34.76 33.55
N CYS E 467 -10.63 -35.49 33.96
CA CYS E 467 -10.54 -36.93 34.06
C CYS E 467 -10.72 -37.66 32.73
N PHE E 468 -10.92 -36.95 31.62
CA PHE E 468 -10.93 -37.63 30.33
C PHE E 468 -9.54 -37.98 29.84
N SER E 469 -8.49 -37.60 30.56
CA SER E 469 -7.15 -38.04 30.20
C SER E 469 -6.97 -39.52 30.44
N PHE E 470 -7.53 -40.03 31.54
CA PHE E 470 -7.39 -41.43 31.88
C PHE E 470 -8.31 -42.26 31.01
N ARG E 471 -7.74 -43.22 30.29
CA ARG E 471 -8.49 -43.99 29.31
C ARG E 471 -9.49 -44.94 29.94
N ALA E 472 -9.28 -45.32 31.21
CA ALA E 472 -10.26 -46.16 31.87
C ALA E 472 -11.53 -45.40 32.20
N VAL E 473 -11.42 -44.08 32.36
CA VAL E 473 -12.61 -43.26 32.57
C VAL E 473 -13.47 -43.26 31.33
N LEU E 474 -12.84 -43.09 30.17
CA LEU E 474 -13.56 -43.01 28.91
C LEU E 474 -14.19 -44.35 28.53
N GLU E 475 -13.55 -45.45 28.91
CA GLU E 475 -14.08 -46.77 28.56
C GLU E 475 -15.39 -47.03 29.29
N LEU E 476 -15.46 -46.66 30.56
CA LEU E 476 -16.70 -46.81 31.31
C LEU E 476 -17.75 -45.80 30.89
N PHE E 477 -17.32 -44.68 30.28
CA PHE E 477 -18.25 -43.63 29.91
C PHE E 477 -19.18 -44.10 28.79
N ASP E 478 -18.61 -44.75 27.77
CA ASP E 478 -19.43 -45.31 26.71
C ASP E 478 -20.17 -46.57 27.14
N ARG E 479 -19.71 -47.25 28.19
CA ARG E 479 -20.45 -48.38 28.72
C ARG E 479 -21.77 -47.95 29.35
N TYR E 480 -21.87 -46.72 29.81
CA TYR E 480 -23.12 -46.14 30.20
C TYR E 480 -23.60 -45.22 29.08
N ASP E 481 -24.66 -44.44 29.34
CA ASP E 481 -25.36 -43.74 28.27
C ASP E 481 -24.54 -42.58 27.70
N GLY E 482 -23.64 -42.02 28.49
CA GLY E 482 -22.63 -41.10 28.00
C GLY E 482 -23.14 -39.80 27.39
N LEU E 483 -22.99 -39.68 26.07
CA LEU E 483 -23.46 -38.48 25.39
C LEU E 483 -24.97 -38.43 25.30
N ARG E 484 -25.66 -39.57 25.43
CA ARG E 484 -27.10 -39.54 25.59
C ARG E 484 -27.48 -38.82 26.88
N ARG E 485 -26.66 -38.92 27.91
CA ARG E 485 -26.82 -38.08 29.09
C ARG E 485 -26.19 -36.71 28.93
N LEU E 486 -25.22 -36.57 28.03
CA LEU E 486 -24.48 -35.32 28.01
C LEU E 486 -25.05 -34.35 26.99
N VAL E 487 -25.41 -34.82 25.80
CA VAL E 487 -25.97 -33.93 24.79
C VAL E 487 -27.38 -33.49 25.19
N ASN E 488 -28.10 -34.36 25.92
CA ASN E 488 -29.42 -34.03 26.44
C ASN E 488 -29.37 -32.86 27.42
N LEU E 489 -28.22 -32.61 28.04
CA LEU E 489 -28.08 -31.42 28.87
C LEU E 489 -28.12 -30.16 28.03
N ILE E 490 -27.58 -30.19 26.82
CA ILE E 490 -27.61 -29.00 25.99
C ILE E 490 -28.99 -28.83 25.38
N SER E 491 -29.61 -29.93 24.95
CA SER E 491 -30.93 -29.87 24.35
C SER E 491 -32.04 -29.62 25.35
N THR E 492 -31.72 -29.57 26.65
CA THR E 492 -32.68 -29.14 27.64
C THR E 492 -32.72 -27.62 27.75
N LEU E 493 -31.61 -26.95 27.39
CA LEU E 493 -31.35 -25.57 27.83
C LEU E 493 -32.34 -24.58 27.24
N GLU E 494 -32.73 -23.62 28.07
CA GLU E 494 -33.79 -22.69 27.76
C GLU E 494 -33.32 -21.41 27.12
N ILE E 495 -32.02 -21.11 27.19
CA ILE E 495 -31.46 -20.06 26.36
C ILE E 495 -31.48 -20.51 24.90
N LEU E 496 -31.45 -21.81 24.66
CA LEU E 496 -31.40 -22.37 23.32
C LEU E 496 -32.79 -22.69 22.77
N ASN E 497 -33.75 -22.96 23.64
CA ASN E 497 -35.13 -23.16 23.20
C ASN E 497 -35.69 -21.81 22.77
N LEU E 498 -35.70 -21.58 21.46
CA LEU E 498 -36.19 -20.34 20.90
C LEU E 498 -37.69 -20.18 21.10
N GLU E 499 -38.40 -21.29 21.21
CA GLU E 499 -39.83 -21.29 21.48
C GLU E 499 -40.13 -20.92 22.93
N ASP E 500 -39.14 -21.01 23.82
CA ASP E 500 -39.35 -20.75 25.24
C ASP E 500 -38.33 -19.75 25.81
N GLN E 501 -37.57 -19.06 24.96
CA GLN E 501 -36.58 -18.11 25.45
C GLN E 501 -37.18 -16.80 25.93
N GLY E 502 -38.45 -16.54 25.61
CA GLY E 502 -39.09 -15.32 26.05
C GLY E 502 -40.10 -15.52 27.16
N ALA E 503 -39.84 -16.52 28.01
CA ALA E 503 -40.72 -16.83 29.15
C ALA E 503 -40.10 -16.50 30.48
N LEU E 504 -38.91 -17.01 30.77
CA LEU E 504 -38.19 -16.71 31.99
C LEU E 504 -37.14 -15.65 31.70
N LEU E 505 -37.06 -14.63 32.56
CA LEU E 505 -36.17 -13.51 32.31
C LEU E 505 -35.34 -13.09 33.51
N SER E 506 -35.48 -13.75 34.65
CA SER E 506 -34.71 -13.33 35.81
C SER E 506 -33.25 -13.77 35.66
N ASP E 507 -32.38 -13.07 36.39
CA ASP E 507 -30.94 -13.23 36.20
C ASP E 507 -30.41 -14.53 36.78
N ASP E 508 -31.18 -15.21 37.62
CA ASP E 508 -30.71 -16.47 38.19
C ASP E 508 -30.75 -17.59 37.17
N GLU E 509 -31.80 -17.64 36.34
CA GLU E 509 -31.93 -18.69 35.35
C GLU E 509 -31.32 -18.31 34.01
N ILE E 510 -30.50 -17.26 33.98
CA ILE E 510 -29.81 -16.82 32.77
C ILE E 510 -28.30 -16.81 32.96
N PHE E 511 -27.83 -16.16 34.03
CA PHE E 511 -26.40 -16.13 34.32
C PHE E 511 -25.85 -17.51 34.64
N ALA E 512 -26.65 -18.37 35.26
CA ALA E 512 -26.23 -19.74 35.46
C ALA E 512 -26.46 -20.57 34.21
N SER E 513 -27.48 -20.24 33.42
CA SER E 513 -27.78 -21.04 32.24
C SER E 513 -26.86 -20.70 31.09
N ARG E 514 -26.36 -19.47 31.02
CA ARG E 514 -25.32 -19.14 30.06
C ARG E 514 -23.94 -19.55 30.57
N GLN E 515 -23.86 -20.04 31.79
CA GLN E 515 -22.66 -20.71 32.31
C GLN E 515 -22.75 -22.21 32.17
N THR E 516 -23.95 -22.76 32.23
CA THR E 516 -24.15 -24.20 32.06
C THR E 516 -23.81 -24.64 30.65
N GLY E 517 -24.18 -23.82 29.66
CA GLY E 517 -23.77 -24.09 28.30
C GLY E 517 -22.30 -23.87 28.05
N LYS E 518 -21.64 -23.05 28.87
CA LYS E 518 -20.21 -22.82 28.68
C LYS E 518 -19.40 -24.05 29.02
N HIS E 519 -19.66 -24.63 30.19
CA HIS E 519 -18.83 -25.72 30.69
C HIS E 519 -19.08 -27.01 29.92
N THR E 520 -20.27 -27.18 29.36
CA THR E 520 -20.57 -28.40 28.64
C THR E 520 -19.95 -28.38 27.25
N CYS E 521 -19.70 -27.19 26.70
CA CYS E 521 -18.91 -27.13 25.48
C CYS E 521 -17.45 -27.49 25.73
N MET E 522 -16.95 -27.19 26.93
CA MET E 522 -15.58 -27.60 27.27
C MET E 522 -15.54 -29.09 27.61
N ALA E 523 -16.66 -29.64 28.07
CA ALA E 523 -16.71 -31.08 28.29
C ALA E 523 -16.76 -31.84 26.98
N LEU E 524 -17.49 -31.31 26.00
CA LEU E 524 -17.46 -31.90 24.68
C LEU E 524 -16.13 -31.68 23.98
N ARG E 525 -15.43 -30.59 24.32
CA ARG E 525 -14.10 -30.37 23.77
C ARG E 525 -13.13 -31.42 24.27
N LYS E 526 -13.02 -31.56 25.59
CA LYS E 526 -12.11 -32.52 26.17
C LYS E 526 -12.56 -33.97 25.98
N TYR E 527 -13.78 -34.19 25.50
CA TYR E 527 -14.16 -35.53 25.09
C TYR E 527 -13.52 -35.87 23.75
N PHE E 528 -13.77 -35.06 22.73
CA PHE E 528 -13.28 -35.36 21.40
C PHE E 528 -11.81 -35.02 21.21
N GLU E 529 -11.22 -34.24 22.11
CA GLU E 529 -9.77 -34.13 22.09
C GLU E 529 -9.10 -35.43 22.52
N ALA E 530 -9.80 -36.25 23.28
CA ALA E 530 -9.26 -37.52 23.74
C ALA E 530 -9.48 -38.63 22.72
N HIS E 531 -10.69 -38.72 22.17
CA HIS E 531 -10.98 -39.75 21.19
C HIS E 531 -10.29 -39.52 19.86
N LEU E 532 -9.85 -38.29 19.59
CA LEU E 532 -9.01 -38.05 18.43
C LEU E 532 -7.67 -38.76 18.58
N ALA E 533 -7.15 -38.84 19.79
CA ALA E 533 -5.91 -39.56 20.03
C ALA E 533 -6.14 -41.05 20.27
N ILE E 534 -7.36 -41.45 20.61
CA ILE E 534 -7.65 -42.88 20.74
C ILE E 534 -7.68 -43.53 19.37
N LYS E 535 -8.41 -42.95 18.43
CA LYS E 535 -8.52 -43.53 17.11
C LYS E 535 -7.30 -43.28 16.25
N LEU E 536 -6.46 -42.29 16.59
CA LEU E 536 -5.20 -42.14 15.89
C LEU E 536 -4.23 -43.27 16.25
N GLU E 537 -4.34 -43.79 17.47
CA GLU E 537 -3.62 -45.00 17.84
C GLU E 537 -4.14 -46.21 17.07
N GLN E 538 -5.43 -46.23 16.76
CA GLN E 538 -6.00 -47.32 15.98
C GLN E 538 -5.88 -47.11 14.49
N VAL E 539 -5.12 -46.11 14.06
CA VAL E 539 -4.77 -45.92 12.66
C VAL E 539 -3.28 -45.99 12.43
N LYS E 540 -2.48 -45.34 13.30
CA LYS E 540 -1.03 -45.46 13.22
C LYS E 540 -0.51 -46.84 13.58
N GLN E 541 -1.34 -47.71 14.15
CA GLN E 541 -0.95 -49.09 14.41
C GLN E 541 -1.68 -50.10 13.53
N SER E 542 -2.87 -49.77 13.05
CA SER E 542 -3.60 -50.71 12.21
C SER E 542 -3.20 -50.60 10.75
N LEU E 543 -2.79 -49.42 10.30
CA LEU E 543 -2.45 -49.19 8.90
C LEU E 543 -0.96 -49.24 8.64
N GLN E 544 -0.14 -48.72 9.57
CA GLN E 544 1.31 -48.75 9.38
C GLN E 544 1.85 -50.17 9.52
N ARG E 545 1.66 -50.77 10.69
CA ARG E 545 2.01 -52.16 11.01
C ARG E 545 3.51 -52.43 10.78
N THR E 546 4.29 -51.81 11.68
CA THR E 546 5.76 -51.82 11.88
C THR E 546 6.44 -50.89 10.85
N GLU E 547 5.72 -50.44 9.82
CA GLU E 547 6.25 -49.43 8.89
C GLU E 547 6.12 -48.08 9.59
N GLY E 548 7.13 -47.75 10.41
CA GLY E 548 7.11 -46.54 11.18
C GLY E 548 6.39 -46.64 12.51
N GLY E 549 6.33 -47.82 13.10
CA GLY E 549 5.64 -47.99 14.36
C GLY E 549 6.19 -49.17 15.14
N ILE E 550 5.96 -49.14 16.45
CA ILE E 550 6.39 -50.18 17.38
C ILE E 550 5.15 -50.74 18.06
N LEU E 551 5.01 -52.07 18.05
CA LEU E 551 3.83 -52.73 18.60
C LEU E 551 4.13 -53.14 20.04
N VAL E 552 4.02 -52.17 20.94
CA VAL E 552 4.10 -52.39 22.39
C VAL E 552 2.90 -51.69 23.00
N HIS E 553 2.00 -52.47 23.60
CA HIS E 553 0.76 -51.92 24.15
C HIS E 553 0.25 -52.82 25.27
N PRO E 554 0.70 -52.60 26.51
CA PRO E 554 0.19 -53.40 27.64
C PRO E 554 -1.04 -52.80 28.29
N GLN E 555 -1.67 -51.83 27.63
CA GLN E 555 -2.80 -51.01 28.07
C GLN E 555 -2.58 -50.35 29.43
N PRO E 556 -1.74 -49.32 29.54
CA PRO E 556 -1.60 -48.62 30.83
C PRO E 556 -2.57 -47.45 30.92
N PRO E 557 -2.93 -47.03 32.14
CA PRO E 557 -3.60 -45.74 32.29
C PRO E 557 -2.63 -44.59 32.07
N TYR E 558 -2.73 -43.92 30.91
CA TYR E 558 -1.75 -42.91 30.54
C TYR E 558 -2.47 -41.68 30.01
N LYS E 559 -1.93 -40.51 30.35
CA LYS E 559 -2.47 -39.23 29.91
C LYS E 559 -1.95 -38.92 28.52
N ALA E 560 -2.78 -39.12 27.50
CA ALA E 560 -2.37 -38.98 26.11
C ALA E 560 -3.41 -38.23 25.30
N CYS E 561 -3.88 -37.09 25.82
CA CYS E 561 -4.77 -36.22 25.08
C CYS E 561 -4.01 -35.17 24.27
N SER E 562 -2.69 -35.15 24.39
CA SER E 562 -1.69 -34.39 23.63
C SER E 562 -1.67 -32.89 23.95
N TYR E 563 -2.69 -32.41 24.67
CA TYR E 563 -2.67 -31.22 25.51
C TYR E 563 -2.30 -29.91 24.81
N THR E 564 -2.24 -29.88 23.48
CA THR E 564 -1.82 -28.65 22.81
C THR E 564 -2.68 -28.44 21.56
N HIS E 565 -3.73 -27.64 21.70
CA HIS E 565 -4.54 -27.25 20.55
C HIS E 565 -3.80 -26.29 19.64
N GLU E 566 -2.80 -25.59 20.15
CA GLU E 566 -2.05 -24.66 19.32
C GLU E 566 -1.17 -25.40 18.32
N GLN E 567 -0.62 -26.56 18.71
CA GLN E 567 0.28 -27.28 17.83
C GLN E 567 -0.25 -28.64 17.42
N ILE E 568 -0.52 -29.53 18.37
CA ILE E 568 -0.57 -30.96 18.08
C ILE E 568 -1.98 -31.52 18.08
N VAL E 569 -2.94 -30.88 18.75
CA VAL E 569 -4.32 -31.26 18.49
C VAL E 569 -4.72 -30.72 17.12
N GLU E 570 -4.11 -29.60 16.71
CA GLU E 570 -4.20 -29.16 15.32
C GLU E 570 -3.54 -30.17 14.39
N MET E 571 -2.39 -30.71 14.79
CA MET E 571 -1.63 -31.58 13.90
C MET E 571 -2.31 -32.93 13.71
N MET E 572 -3.02 -33.42 14.73
CA MET E 572 -3.71 -34.69 14.59
C MET E 572 -4.86 -34.61 13.62
N GLU E 573 -5.45 -33.42 13.46
CA GLU E 573 -6.50 -33.24 12.47
C GLU E 573 -5.96 -33.31 11.05
N PHE E 574 -4.67 -33.00 10.86
CA PHE E 574 -4.10 -33.09 9.52
C PHE E 574 -3.69 -34.52 9.20
N LEU E 575 -3.03 -35.19 10.14
CA LEU E 575 -2.50 -36.52 9.90
C LEU E 575 -3.57 -37.59 9.81
N ILE E 576 -4.82 -37.27 10.19
CA ILE E 576 -5.90 -38.24 10.04
C ILE E 576 -6.37 -38.31 8.59
N GLU E 577 -5.90 -37.42 7.72
CA GLU E 577 -6.31 -37.43 6.32
C GLU E 577 -5.59 -38.48 5.50
N TYR E 578 -4.70 -39.27 6.10
CA TYR E 578 -4.26 -40.54 5.54
C TYR E 578 -5.10 -41.70 6.06
N GLY E 579 -6.33 -41.43 6.47
CA GLY E 579 -7.15 -42.41 7.13
C GLY E 579 -7.73 -43.44 6.18
N PRO E 580 -8.75 -44.16 6.64
CA PRO E 580 -9.32 -45.24 5.82
C PRO E 580 -10.22 -44.76 4.71
N ALA E 581 -10.64 -43.49 4.74
CA ALA E 581 -11.63 -42.84 3.87
C ALA E 581 -13.03 -43.43 3.99
N GLN E 582 -13.24 -44.39 4.90
CA GLN E 582 -14.54 -44.93 5.26
C GLN E 582 -14.60 -44.99 6.78
N LEU E 583 -14.24 -43.88 7.41
CA LEU E 583 -14.04 -43.81 8.85
C LEU E 583 -15.35 -44.03 9.60
N TYR E 584 -15.27 -44.76 10.71
CA TYR E 584 -16.45 -45.18 11.46
C TYR E 584 -16.15 -45.12 12.95
N TRP E 585 -16.45 -43.98 13.55
CA TRP E 585 -16.35 -43.83 15.00
C TRP E 585 -17.67 -44.17 15.65
N GLU E 586 -17.60 -44.79 16.81
CA GLU E 586 -18.69 -44.64 17.77
C GLU E 586 -18.84 -43.20 18.27
N PRO E 587 -17.79 -42.41 18.53
CA PRO E 587 -18.03 -40.98 18.83
C PRO E 587 -18.60 -40.14 17.69
N ALA E 588 -18.70 -40.67 16.46
CA ALA E 588 -19.36 -39.93 15.38
C ALA E 588 -20.80 -40.37 15.19
N GLU E 589 -21.03 -41.68 15.08
CA GLU E 589 -22.36 -42.18 14.78
C GLU E 589 -23.33 -41.97 15.92
N VAL E 590 -22.84 -41.97 17.16
CA VAL E 590 -23.70 -41.62 18.28
C VAL E 590 -24.04 -40.14 18.22
N PHE E 591 -23.12 -39.31 17.72
CA PHE E 591 -23.38 -37.88 17.64
C PHE E 591 -24.38 -37.55 16.54
N LEU E 592 -24.20 -38.13 15.35
CA LEU E 592 -25.02 -37.75 14.21
C LEU E 592 -26.37 -38.44 14.18
N LYS E 593 -26.52 -39.59 14.83
CA LYS E 593 -27.86 -40.12 14.99
C LYS E 593 -28.67 -39.26 15.95
N LEU E 594 -28.00 -38.62 16.91
CA LEU E 594 -28.67 -37.58 17.67
C LEU E 594 -28.87 -36.32 16.84
N SER E 595 -28.00 -36.10 15.85
CA SER E 595 -28.06 -34.99 14.89
C SER E 595 -28.05 -33.65 15.62
N CYS E 596 -27.00 -33.43 16.39
CA CYS E 596 -26.90 -32.22 17.18
C CYS E 596 -25.71 -31.38 16.77
N VAL E 597 -25.17 -31.60 15.57
CA VAL E 597 -24.34 -30.58 14.97
C VAL E 597 -25.21 -29.39 14.59
N GLN E 598 -26.48 -29.65 14.28
CA GLN E 598 -27.45 -28.58 14.12
C GLN E 598 -27.66 -27.82 15.41
N LEU E 599 -27.68 -28.55 16.53
CA LEU E 599 -27.69 -27.91 17.84
C LEU E 599 -26.46 -27.05 18.04
N LEU E 600 -25.28 -27.61 17.76
CA LEU E 600 -24.04 -26.85 17.84
C LEU E 600 -24.02 -25.68 16.87
N LEU E 601 -24.70 -25.79 15.73
CA LEU E 601 -24.86 -24.61 14.89
C LEU E 601 -25.77 -23.58 15.55
N GLN E 602 -26.83 -24.04 16.21
CA GLN E 602 -27.72 -23.10 16.90
C GLN E 602 -27.05 -22.48 18.11
N LEU E 603 -26.09 -23.20 18.72
CA LEU E 603 -25.32 -22.61 19.82
C LEU E 603 -24.48 -21.44 19.35
N ILE E 604 -23.96 -21.53 18.12
CA ILE E 604 -23.18 -20.42 17.59
C ILE E 604 -24.08 -19.23 17.33
N SER E 605 -25.23 -19.46 16.71
CA SER E 605 -26.07 -18.38 16.23
C SER E 605 -26.71 -17.62 17.39
N ILE E 606 -27.13 -18.32 18.43
CA ILE E 606 -27.74 -17.67 19.57
C ILE E 606 -26.70 -16.88 20.35
N ALA E 607 -25.49 -17.41 20.44
CA ALA E 607 -24.43 -16.71 21.16
C ALA E 607 -23.77 -15.62 20.32
N CYS E 608 -24.25 -15.37 19.11
CA CYS E 608 -23.69 -14.27 18.32
C CYS E 608 -23.96 -12.93 18.96
N ASN E 609 -25.14 -12.76 19.56
CA ASN E 609 -25.56 -11.46 20.09
C ASN E 609 -26.15 -11.65 21.47
N TRP E 610 -25.29 -11.58 22.48
CA TRP E 610 -25.66 -11.33 23.86
C TRP E 610 -25.19 -9.97 24.34
N LYS E 611 -23.95 -9.62 23.96
CA LYS E 611 -23.35 -8.30 24.15
C LYS E 611 -23.27 -7.89 25.62
N THR E 612 -23.20 -8.88 26.51
CA THR E 612 -23.33 -8.63 27.94
C THR E 612 -22.34 -9.42 28.79
N TYR E 613 -21.34 -10.05 28.17
CA TYR E 613 -20.17 -10.63 28.83
C TYR E 613 -20.54 -11.77 29.79
N TYR E 614 -21.36 -12.69 29.30
CA TYR E 614 -21.61 -13.94 30.02
C TYR E 614 -20.61 -15.01 29.62
N ALA E 615 -19.33 -14.63 29.59
CA ALA E 615 -18.22 -15.37 29.00
C ALA E 615 -18.57 -15.94 27.63
N ARG E 616 -19.26 -15.15 26.81
CA ARG E 616 -19.73 -15.63 25.52
C ARG E 616 -18.61 -15.75 24.52
N ASN E 617 -17.47 -15.10 24.77
CA ASN E 617 -16.29 -15.29 23.97
C ASN E 617 -15.82 -16.73 24.05
N ASP E 618 -15.78 -17.29 25.26
CA ASP E 618 -15.36 -18.67 25.42
C ASP E 618 -16.42 -19.64 24.93
N THR E 619 -17.70 -19.28 25.09
CA THR E 619 -18.80 -20.21 24.84
C THR E 619 -18.88 -20.57 23.36
N VAL E 620 -18.49 -19.66 22.48
CA VAL E 620 -18.39 -19.99 21.07
C VAL E 620 -17.01 -20.55 20.73
N ARG E 621 -15.97 -20.19 21.48
CA ARG E 621 -14.63 -20.68 21.19
C ARG E 621 -14.52 -22.16 21.52
N PHE E 622 -15.17 -22.59 22.60
CA PHE E 622 -15.24 -24.03 22.84
C PHE E 622 -16.21 -24.70 21.88
N ALA E 623 -17.22 -23.97 21.41
CA ALA E 623 -18.20 -24.58 20.52
C ALA E 623 -17.63 -24.82 19.14
N LEU E 624 -16.74 -23.95 18.67
CA LEU E 624 -16.11 -24.18 17.38
C LEU E 624 -15.08 -25.29 17.46
N ASP E 625 -14.49 -25.51 18.63
CA ASP E 625 -13.50 -26.57 18.76
C ASP E 625 -14.16 -27.94 18.76
N VAL E 626 -15.41 -28.03 19.22
CA VAL E 626 -16.12 -29.29 19.14
C VAL E 626 -16.46 -29.61 17.69
N LEU E 627 -16.66 -28.57 16.88
CA LEU E 627 -16.95 -28.79 15.47
C LEU E 627 -15.74 -29.31 14.73
N ALA E 628 -14.59 -28.65 14.90
CA ALA E 628 -13.43 -28.89 14.06
C ALA E 628 -12.86 -30.28 14.26
N ILE E 629 -13.00 -30.84 15.45
CA ILE E 629 -12.54 -32.21 15.65
C ILE E 629 -13.51 -33.18 15.02
N LEU E 630 -14.79 -32.82 14.97
CA LEU E 630 -15.77 -33.72 14.37
C LEU E 630 -15.66 -33.76 12.85
N THR E 631 -15.21 -32.68 12.22
CA THR E 631 -15.26 -32.54 10.76
C THR E 631 -14.36 -33.50 10.00
N VAL E 632 -13.53 -34.29 10.68
CA VAL E 632 -12.72 -35.26 9.97
C VAL E 632 -13.55 -36.44 9.48
N VAL E 633 -14.75 -36.60 10.02
CA VAL E 633 -15.71 -37.56 9.45
C VAL E 633 -16.21 -36.99 8.13
N PRO E 634 -16.29 -37.80 7.06
CA PRO E 634 -16.83 -37.26 5.81
C PRO E 634 -18.33 -37.03 5.84
N LYS E 635 -19.08 -37.84 6.57
CA LYS E 635 -20.52 -37.68 6.60
C LYS E 635 -20.98 -36.48 7.41
N ILE E 636 -20.11 -35.87 8.20
CA ILE E 636 -20.53 -34.71 8.97
C ILE E 636 -20.19 -33.43 8.22
N GLN E 637 -19.27 -33.48 7.26
CA GLN E 637 -19.07 -32.33 6.38
C GLN E 637 -20.27 -32.15 5.48
N LEU E 638 -20.91 -33.25 5.09
CA LEU E 638 -22.13 -33.19 4.29
C LEU E 638 -23.26 -32.54 5.06
N GLN E 639 -23.28 -32.69 6.38
CA GLN E 639 -24.31 -32.05 7.18
C GLN E 639 -23.87 -30.71 7.73
N LEU E 640 -22.85 -30.11 7.16
CA LEU E 640 -22.59 -28.69 7.39
C LEU E 640 -23.36 -27.80 6.43
N ALA E 641 -24.20 -28.37 5.59
CA ALA E 641 -24.98 -27.57 4.64
C ALA E 641 -26.46 -27.93 4.67
N GLU E 642 -26.77 -29.19 4.94
CA GLU E 642 -28.12 -29.70 4.71
C GLU E 642 -29.11 -29.19 5.76
N SER E 643 -28.88 -29.52 7.02
CA SER E 643 -29.75 -29.06 8.09
C SER E 643 -29.53 -27.57 8.31
N VAL E 644 -30.62 -26.80 8.24
CA VAL E 644 -30.51 -25.34 8.14
C VAL E 644 -31.37 -24.63 9.18
N ASP E 645 -31.89 -25.36 10.16
CA ASP E 645 -32.89 -24.81 11.08
C ASP E 645 -32.21 -23.87 12.07
N VAL E 646 -32.19 -22.57 11.74
CA VAL E 646 -31.42 -21.60 12.49
C VAL E 646 -32.26 -20.40 12.90
N LEU E 647 -31.60 -19.41 13.50
CA LEU E 647 -32.21 -18.13 13.86
C LEU E 647 -31.09 -17.10 13.91
N ASP E 648 -31.44 -15.84 13.65
CA ASP E 648 -30.45 -14.78 13.47
C ASP E 648 -30.88 -13.54 14.25
N GLU E 649 -30.19 -12.43 13.96
CA GLU E 649 -30.32 -11.18 14.69
C GLU E 649 -31.55 -10.36 14.30
N ALA E 650 -32.43 -10.89 13.47
CA ALA E 650 -33.67 -10.20 13.15
C ALA E 650 -34.76 -10.47 14.18
N GLY E 651 -34.48 -11.25 15.22
CA GLY E 651 -35.52 -11.72 16.10
C GLY E 651 -36.50 -12.64 15.40
N SER E 652 -36.05 -13.38 14.40
CA SER E 652 -36.95 -14.10 13.51
C SER E 652 -36.35 -15.45 13.13
N THR E 653 -37.22 -16.44 13.00
CA THR E 653 -36.85 -17.75 12.50
C THR E 653 -36.48 -17.66 11.03
N VAL E 654 -35.24 -18.04 10.70
CA VAL E 654 -34.77 -18.06 9.32
C VAL E 654 -34.22 -19.46 9.05
N SER E 655 -33.67 -19.65 7.86
CA SER E 655 -33.01 -20.91 7.52
C SER E 655 -31.83 -20.63 6.62
N THR E 656 -30.64 -21.07 7.03
CA THR E 656 -29.45 -20.90 6.22
C THR E 656 -28.48 -22.03 6.51
N VAL E 657 -27.54 -22.24 5.58
CA VAL E 657 -26.60 -23.33 5.70
C VAL E 657 -25.60 -23.05 6.81
N GLY E 658 -24.91 -24.10 7.24
CA GLY E 658 -23.99 -23.96 8.35
C GLY E 658 -22.70 -23.26 7.99
N ILE E 659 -22.29 -23.34 6.72
CA ILE E 659 -21.02 -22.79 6.30
C ILE E 659 -21.04 -21.28 6.35
N SER E 660 -22.19 -20.67 6.10
CA SER E 660 -22.28 -19.22 6.12
C SER E 660 -22.13 -18.67 7.52
N ILE E 661 -22.51 -19.45 8.52
CA ILE E 661 -22.26 -19.05 9.90
C ILE E 661 -20.77 -19.09 10.18
N ILE E 662 -20.12 -20.19 9.79
CA ILE E 662 -18.69 -20.37 10.02
C ILE E 662 -17.89 -19.35 9.24
N LEU E 663 -18.28 -19.10 7.99
CA LEU E 663 -17.64 -18.04 7.22
C LEU E 663 -17.94 -16.67 7.79
N GLY E 664 -19.10 -16.51 8.44
CA GLY E 664 -19.38 -15.26 9.10
C GLY E 664 -18.52 -15.02 10.31
N VAL E 665 -18.19 -16.09 11.03
CA VAL E 665 -17.30 -15.96 12.18
C VAL E 665 -15.89 -15.62 11.71
N ALA E 666 -15.49 -16.14 10.54
CA ALA E 666 -14.15 -15.90 10.03
C ALA E 666 -13.94 -14.45 9.61
N GLU E 667 -14.99 -13.72 9.26
CA GLU E 667 -14.83 -12.36 8.76
C GLU E 667 -14.46 -11.40 9.88
N GLY E 668 -15.21 -11.43 10.96
CA GLY E 668 -15.17 -10.38 11.95
C GLY E 668 -16.41 -9.51 11.98
N GLU E 669 -17.45 -9.89 11.24
CA GLU E 669 -18.74 -9.19 11.33
C GLU E 669 -19.35 -9.38 12.71
N PHE E 670 -19.25 -10.58 13.26
CA PHE E 670 -19.55 -10.83 14.66
C PHE E 670 -18.24 -11.13 15.38
N PHE E 671 -18.27 -10.97 16.71
CA PHE E 671 -17.16 -11.30 17.62
C PHE E 671 -15.91 -10.50 17.26
N ILE E 672 -16.02 -9.19 17.47
CA ILE E 672 -15.27 -8.20 16.71
C ILE E 672 -13.78 -8.29 16.98
N HIS E 673 -13.38 -8.19 18.25
CA HIS E 673 -11.96 -8.16 18.58
C HIS E 673 -11.36 -9.55 18.77
N ASP E 674 -12.17 -10.60 18.62
CA ASP E 674 -11.73 -11.94 18.97
C ASP E 674 -10.79 -12.51 17.91
N ALA E 675 -9.77 -13.21 18.37
CA ALA E 675 -8.70 -13.65 17.50
C ALA E 675 -8.58 -15.15 17.39
N GLU E 676 -8.62 -15.87 18.52
CA GLU E 676 -8.54 -17.32 18.47
C GLU E 676 -9.81 -17.92 17.90
N ILE E 677 -10.92 -17.20 18.00
CA ILE E 677 -12.18 -17.67 17.45
C ILE E 677 -12.13 -17.64 15.92
N GLN E 678 -11.41 -16.69 15.35
CA GLN E 678 -11.20 -16.68 13.91
C GLN E 678 -10.36 -17.85 13.47
N LYS E 679 -9.27 -18.13 14.19
CA LYS E 679 -8.43 -19.28 13.87
C LYS E 679 -9.15 -20.58 14.19
N SER E 680 -10.06 -20.58 15.15
CA SER E 680 -10.89 -21.75 15.36
C SER E 680 -11.89 -21.92 14.25
N ALA E 681 -12.32 -20.81 13.64
CA ALA E 681 -13.28 -20.90 12.56
C ALA E 681 -12.63 -21.43 11.29
N LEU E 682 -11.41 -20.96 10.99
CA LEU E 682 -10.77 -21.31 9.73
C LEU E 682 -10.38 -22.77 9.67
N GLN E 683 -10.16 -23.41 10.82
CA GLN E 683 -9.87 -24.83 10.84
C GLN E 683 -11.05 -25.66 10.36
N ILE E 684 -12.28 -25.15 10.54
CA ILE E 684 -13.44 -25.90 10.10
C ILE E 684 -13.56 -25.85 8.59
N ILE E 685 -13.11 -24.74 7.99
CA ILE E 685 -13.10 -24.64 6.53
C ILE E 685 -12.06 -25.57 5.93
N ILE E 686 -10.84 -25.53 6.49
CA ILE E 686 -9.69 -26.27 5.95
C ILE E 686 -9.93 -27.77 5.99
N ASN E 687 -10.68 -28.25 6.98
CA ASN E 687 -11.03 -29.66 7.03
C ASN E 687 -11.99 -30.07 5.94
N CYS E 688 -12.65 -29.10 5.29
CA CYS E 688 -13.59 -29.41 4.25
C CYS E 688 -13.10 -29.12 2.84
N VAL E 689 -12.02 -28.34 2.69
CA VAL E 689 -11.59 -27.90 1.37
C VAL E 689 -10.18 -28.35 1.01
N CYS E 690 -9.36 -28.76 1.96
CA CYS E 690 -7.97 -29.15 1.68
C CYS E 690 -7.77 -30.64 1.97
N GLY E 691 -8.70 -31.46 1.50
CA GLY E 691 -8.70 -32.87 1.83
C GLY E 691 -7.77 -33.69 0.97
N PRO E 692 -8.09 -34.97 0.80
CA PRO E 692 -7.22 -35.85 0.01
C PRO E 692 -7.47 -35.69 -1.48
N ASP E 693 -6.60 -36.35 -2.26
CA ASP E 693 -6.81 -36.40 -3.70
C ASP E 693 -7.95 -37.34 -4.06
N ASN E 694 -8.14 -38.41 -3.28
CA ASN E 694 -9.23 -39.35 -3.51
C ASN E 694 -10.30 -39.16 -2.44
N LYS E 716 -14.53 -41.13 -7.51
CA LYS E 716 -15.81 -40.87 -8.17
C LYS E 716 -16.89 -40.52 -7.14
N SER E 717 -16.68 -40.96 -5.90
CA SER E 717 -17.62 -40.69 -4.82
C SER E 717 -17.01 -39.83 -3.73
N SER E 718 -15.84 -40.22 -3.21
CA SER E 718 -15.16 -39.40 -2.21
C SER E 718 -14.55 -38.15 -2.84
N GLU E 719 -14.13 -38.24 -4.10
CA GLU E 719 -13.78 -37.04 -4.85
C GLU E 719 -15.01 -36.18 -5.12
N HIS E 720 -16.17 -36.82 -5.33
CA HIS E 720 -17.41 -36.07 -5.44
C HIS E 720 -17.81 -35.46 -4.11
N THR E 721 -17.42 -36.08 -3.00
CA THR E 721 -17.74 -35.52 -1.69
C THR E 721 -16.91 -34.28 -1.42
N LEU E 722 -15.65 -34.28 -1.83
CA LEU E 722 -14.83 -33.09 -1.72
C LEU E 722 -15.29 -32.03 -2.71
N ALA E 723 -15.75 -32.44 -3.90
CA ALA E 723 -16.23 -31.49 -4.88
C ALA E 723 -17.57 -30.92 -4.47
N LYS E 724 -18.40 -31.70 -3.78
CA LYS E 724 -19.66 -31.15 -3.27
C LYS E 724 -19.40 -30.15 -2.17
N MET E 725 -18.37 -30.38 -1.37
CA MET E 725 -17.98 -29.37 -0.39
C MET E 725 -17.32 -28.18 -1.06
N TRP E 726 -16.64 -28.40 -2.18
CA TRP E 726 -16.17 -27.28 -2.99
C TRP E 726 -17.34 -26.46 -3.50
N ASN E 727 -18.42 -27.12 -3.90
CA ASN E 727 -19.55 -26.41 -4.47
C ASN E 727 -20.32 -25.64 -3.40
N VAL E 728 -20.34 -26.16 -2.18
CA VAL E 728 -21.06 -25.45 -1.12
C VAL E 728 -20.26 -24.27 -0.60
N VAL E 729 -18.95 -24.46 -0.38
CA VAL E 729 -18.10 -23.40 0.14
C VAL E 729 -17.96 -22.27 -0.87
N GLN E 730 -17.94 -22.60 -2.16
CA GLN E 730 -17.88 -21.54 -3.16
C GLN E 730 -19.20 -20.82 -3.31
N SER E 731 -20.32 -21.53 -3.14
CA SER E 731 -21.63 -20.91 -3.34
C SER E 731 -21.93 -19.88 -2.26
N ASN E 732 -21.49 -20.12 -1.04
CA ASN E 732 -21.87 -19.26 0.07
C ASN E 732 -20.85 -18.16 0.30
N ASN E 733 -20.47 -17.49 -0.79
CA ASN E 733 -19.61 -16.30 -0.80
C ASN E 733 -18.26 -16.56 -0.15
N GLY E 734 -17.71 -17.74 -0.41
CA GLY E 734 -16.50 -18.14 0.28
C GLY E 734 -15.28 -17.37 -0.16
N ILE E 735 -15.14 -17.14 -1.47
CA ILE E 735 -13.93 -16.58 -2.03
C ILE E 735 -13.77 -15.10 -1.66
N LYS E 736 -14.86 -14.43 -1.30
CA LYS E 736 -14.75 -13.07 -0.78
C LYS E 736 -14.10 -13.06 0.60
N VAL E 737 -14.44 -14.05 1.42
CA VAL E 737 -14.02 -14.05 2.82
C VAL E 737 -12.52 -14.32 2.91
N LEU E 738 -12.04 -15.31 2.17
CA LEU E 738 -10.65 -15.73 2.28
C LEU E 738 -9.70 -14.67 1.76
N LEU E 739 -10.11 -13.89 0.77
CA LEU E 739 -9.26 -12.80 0.32
C LEU E 739 -9.25 -11.66 1.32
N SER E 740 -10.31 -11.53 2.11
CA SER E 740 -10.31 -10.48 3.12
C SER E 740 -9.40 -10.83 4.28
N LEU E 741 -9.31 -12.11 4.60
CA LEU E 741 -8.41 -12.57 5.65
C LEU E 741 -6.98 -12.69 5.21
N LEU E 742 -6.71 -12.58 3.91
CA LEU E 742 -5.37 -12.70 3.39
C LEU E 742 -4.59 -11.40 3.50
N SER E 743 -5.22 -10.34 3.99
CA SER E 743 -4.56 -9.06 4.17
C SER E 743 -4.92 -8.44 5.50
N ILE E 744 -5.22 -9.28 6.50
CA ILE E 744 -5.62 -8.78 7.81
C ILE E 744 -4.42 -8.17 8.52
N LYS E 745 -4.65 -7.02 9.15
CA LYS E 745 -3.57 -6.30 9.81
C LYS E 745 -3.91 -5.79 11.20
N MET E 746 -5.15 -5.90 11.66
CA MET E 746 -5.51 -5.29 12.93
C MET E 746 -5.07 -6.12 14.14
N PRO E 747 -5.26 -7.47 14.20
CA PRO E 747 -4.62 -8.19 15.32
C PRO E 747 -3.16 -8.48 15.04
N ILE E 748 -2.29 -7.52 15.34
CA ILE E 748 -0.88 -7.59 14.95
C ILE E 748 -0.08 -8.68 15.64
N THR E 749 -0.63 -9.31 16.67
CA THR E 749 0.06 -10.43 17.28
C THR E 749 -0.02 -11.66 16.39
N ASP E 750 -1.23 -12.12 16.11
CA ASP E 750 -1.43 -13.30 15.30
C ASP E 750 -1.95 -12.96 13.90
N ALA E 751 -1.46 -11.85 13.35
CA ALA E 751 -1.76 -11.54 11.96
C ALA E 751 -1.10 -12.54 11.02
N ASP E 752 0.06 -13.06 11.41
CA ASP E 752 0.73 -14.07 10.59
C ASP E 752 -0.02 -15.38 10.62
N GLN E 753 -0.60 -15.74 11.75
CA GLN E 753 -1.27 -17.03 11.87
C GLN E 753 -2.62 -17.05 11.17
N ILE E 754 -3.28 -15.90 11.05
CA ILE E 754 -4.55 -15.87 10.35
C ILE E 754 -4.33 -15.93 8.85
N ARG E 755 -3.29 -15.27 8.36
CA ARG E 755 -3.03 -15.24 6.91
C ARG E 755 -2.59 -16.61 6.40
N ALA E 756 -1.76 -17.31 7.16
CA ALA E 756 -1.31 -18.63 6.73
C ALA E 756 -2.45 -19.63 6.78
N LEU E 757 -3.32 -19.52 7.77
CA LEU E 757 -4.49 -20.38 7.78
C LEU E 757 -5.53 -19.94 6.76
N ALA E 758 -5.48 -18.70 6.31
CA ALA E 758 -6.34 -18.29 5.21
C ALA E 758 -5.83 -18.85 3.89
N CYS E 759 -4.52 -18.71 3.65
CA CYS E 759 -3.96 -19.10 2.37
C CYS E 759 -3.94 -20.61 2.19
N LYS E 760 -3.91 -21.36 3.29
CA LYS E 760 -3.98 -22.81 3.19
C LYS E 760 -5.37 -23.25 2.76
N ALA E 761 -6.39 -22.45 3.05
CA ALA E 761 -7.73 -22.77 2.59
C ALA E 761 -7.89 -22.50 1.12
N LEU E 762 -7.18 -21.51 0.57
CA LEU E 762 -7.27 -21.22 -0.85
C LEU E 762 -6.64 -22.34 -1.67
N VAL E 763 -5.44 -22.76 -1.28
CA VAL E 763 -4.69 -23.80 -1.98
C VAL E 763 -5.48 -25.11 -2.02
N GLY E 764 -6.23 -25.39 -0.97
CA GLY E 764 -7.17 -26.50 -1.03
C GLY E 764 -8.31 -26.21 -1.98
N LEU E 765 -8.89 -25.02 -1.89
CA LEU E 765 -10.08 -24.73 -2.67
C LEU E 765 -9.77 -24.43 -4.12
N SER E 766 -8.54 -24.02 -4.43
CA SER E 766 -8.16 -23.77 -5.81
C SER E 766 -7.92 -25.05 -6.62
N ARG E 767 -8.27 -26.22 -6.10
CA ARG E 767 -8.33 -27.42 -6.92
C ARG E 767 -9.71 -27.62 -7.53
N SER E 768 -10.65 -26.76 -7.19
CA SER E 768 -11.94 -26.75 -7.87
C SER E 768 -11.81 -26.01 -9.20
N SER E 769 -12.38 -26.60 -10.24
CA SER E 769 -12.11 -26.15 -11.60
C SER E 769 -12.68 -24.76 -11.86
N THR E 770 -13.81 -24.44 -11.23
CA THR E 770 -14.40 -23.12 -11.41
C THR E 770 -13.57 -22.07 -10.71
N VAL E 771 -13.06 -22.40 -9.51
CA VAL E 771 -12.36 -21.43 -8.68
C VAL E 771 -10.98 -21.11 -9.25
N ARG E 772 -10.42 -22.01 -10.06
CA ARG E 772 -9.15 -21.74 -10.74
C ARG E 772 -9.27 -20.55 -11.67
N GLN E 773 -10.37 -20.46 -12.40
CA GLN E 773 -10.53 -19.34 -13.32
C GLN E 773 -10.86 -18.06 -12.57
N ILE E 774 -11.62 -18.17 -11.50
CA ILE E 774 -12.14 -16.99 -10.82
C ILE E 774 -11.04 -16.26 -10.09
N ILE E 775 -10.20 -17.01 -9.38
CA ILE E 775 -9.13 -16.36 -8.63
C ILE E 775 -8.01 -15.91 -9.56
N SER E 776 -7.98 -16.41 -10.80
CA SER E 776 -6.91 -16.06 -11.72
C SER E 776 -7.01 -14.64 -12.22
N LYS E 777 -8.20 -14.04 -12.20
CA LYS E 777 -8.37 -12.70 -12.74
C LYS E 777 -8.51 -11.62 -11.69
N LEU E 778 -8.62 -11.99 -10.41
CA LEU E 778 -8.84 -11.02 -9.36
C LEU E 778 -7.57 -10.22 -9.10
N PRO E 779 -7.67 -9.06 -8.43
CA PRO E 779 -6.47 -8.28 -8.13
C PRO E 779 -5.48 -8.93 -7.15
N LEU E 780 -5.78 -10.10 -6.60
CA LEU E 780 -4.74 -10.87 -5.92
C LEU E 780 -3.68 -11.33 -6.92
N PHE E 781 -4.10 -11.79 -8.09
CA PHE E 781 -3.17 -12.22 -9.13
C PHE E 781 -3.01 -11.18 -10.23
N SER E 782 -3.31 -9.92 -9.93
CA SER E 782 -2.85 -8.80 -10.75
C SER E 782 -1.56 -8.22 -10.19
N SER E 783 -1.53 -7.96 -8.90
CA SER E 783 -0.31 -7.65 -8.15
C SER E 783 -0.59 -7.97 -6.69
N CYS E 784 0.33 -7.55 -5.82
CA CYS E 784 0.19 -7.54 -4.36
C CYS E 784 0.15 -8.92 -3.71
N GLN E 785 0.13 -9.99 -4.50
CA GLN E 785 0.45 -11.31 -3.94
C GLN E 785 1.90 -11.36 -3.53
N ILE E 786 2.77 -10.78 -4.34
CA ILE E 786 4.19 -10.72 -3.99
C ILE E 786 4.41 -9.72 -2.86
N GLN E 787 3.62 -8.66 -2.82
CA GLN E 787 3.80 -7.65 -1.78
C GLN E 787 3.35 -8.12 -0.41
N GLN E 788 2.53 -9.17 -0.34
CA GLN E 788 2.26 -9.81 0.94
C GLN E 788 3.37 -10.76 1.35
N LEU E 789 4.37 -10.96 0.49
CA LEU E 789 5.47 -11.88 0.77
C LEU E 789 6.82 -11.19 0.79
N MET E 790 6.84 -9.86 0.70
CA MET E 790 8.09 -9.11 0.75
C MET E 790 8.18 -8.14 1.90
N LYS E 791 7.06 -7.76 2.51
CA LYS E 791 7.10 -6.75 3.57
C LYS E 791 7.63 -7.31 4.88
N GLU E 792 7.33 -8.59 5.17
CA GLU E 792 7.66 -9.31 6.41
C GLU E 792 7.18 -8.51 7.61
N PRO E 793 5.86 -8.48 7.86
CA PRO E 793 5.31 -7.47 8.79
C PRO E 793 5.71 -7.64 10.25
N VAL E 794 5.57 -8.84 10.81
CA VAL E 794 6.00 -9.10 12.18
C VAL E 794 7.32 -9.85 12.09
N LEU E 795 8.41 -9.18 12.48
CA LEU E 795 9.74 -9.75 12.34
C LEU E 795 10.06 -10.78 13.42
N GLN E 796 9.24 -10.88 14.47
CA GLN E 796 9.44 -11.89 15.48
C GLN E 796 9.01 -13.27 15.02
N ASP E 797 8.13 -13.34 14.04
CA ASP E 797 7.73 -14.60 13.42
C ASP E 797 8.32 -14.76 12.03
N LYS E 798 9.41 -14.04 11.74
CA LYS E 798 9.99 -14.03 10.41
C LYS E 798 10.62 -15.37 10.06
N ARG E 799 11.43 -15.91 10.96
CA ARG E 799 11.96 -17.26 10.82
C ARG E 799 11.04 -18.31 11.42
N SER E 800 9.86 -17.91 11.90
CA SER E 800 8.93 -18.82 12.54
C SER E 800 7.64 -18.99 11.75
N ASP E 801 6.92 -17.91 11.46
CA ASP E 801 5.58 -18.02 10.88
C ASP E 801 5.38 -17.21 9.61
N HIS E 802 6.18 -16.19 9.34
CA HIS E 802 6.06 -15.53 8.05
C HIS E 802 6.70 -16.36 6.95
N VAL E 803 7.72 -17.14 7.30
CA VAL E 803 8.38 -17.99 6.33
C VAL E 803 7.48 -19.14 5.91
N LYS E 804 6.53 -19.56 6.75
CA LYS E 804 5.60 -20.59 6.34
C LYS E 804 4.39 -20.02 5.61
N PHE E 805 4.12 -18.71 5.77
CA PHE E 805 3.12 -18.07 4.92
C PHE E 805 3.60 -18.00 3.48
N CYS E 806 4.90 -17.78 3.28
CA CYS E 806 5.47 -17.83 1.95
C CYS E 806 5.48 -19.25 1.39
N LYS E 807 5.45 -20.27 2.25
CA LYS E 807 5.43 -21.65 1.76
C LYS E 807 4.08 -22.01 1.18
N TYR E 808 3.00 -21.62 1.85
CA TYR E 808 1.68 -21.91 1.31
C TYR E 808 1.33 -21.01 0.14
N ALA E 809 1.90 -19.81 0.10
CA ALA E 809 1.56 -18.87 -0.96
C ALA E 809 2.25 -19.22 -2.27
N ALA E 810 3.43 -19.82 -2.21
CA ALA E 810 4.10 -20.24 -3.44
C ALA E 810 3.37 -21.41 -4.09
N GLU E 811 2.63 -22.19 -3.32
CA GLU E 811 1.88 -23.29 -3.89
C GLU E 811 0.60 -22.79 -4.56
N LEU E 812 0.09 -21.65 -4.12
CA LEU E 812 -1.08 -21.08 -4.78
C LEU E 812 -0.72 -20.48 -6.12
N ILE E 813 0.48 -19.90 -6.23
CA ILE E 813 0.95 -19.35 -7.50
C ILE E 813 1.18 -20.47 -8.51
N GLU E 814 1.64 -21.61 -8.02
CA GLU E 814 1.94 -22.75 -8.90
C GLU E 814 0.66 -23.37 -9.47
N ARG E 815 -0.42 -23.37 -8.70
CA ARG E 815 -1.58 -24.15 -9.12
C ARG E 815 -2.42 -23.43 -10.16
N VAL E 816 -2.54 -22.12 -10.05
CA VAL E 816 -3.47 -21.38 -10.91
C VAL E 816 -2.77 -20.90 -12.18
N SER E 817 -1.56 -21.37 -12.42
CA SER E 817 -0.77 -20.88 -13.54
C SER E 817 -0.13 -22.08 -14.25
N GLY E 818 0.83 -21.79 -15.10
CA GLY E 818 1.39 -22.77 -16.03
C GLY E 818 2.43 -23.73 -15.48
N LYS E 819 2.29 -24.11 -14.21
CA LYS E 819 2.99 -25.21 -13.54
C LYS E 819 4.52 -25.13 -13.56
N PRO E 820 5.14 -24.23 -12.79
CA PRO E 820 6.59 -24.37 -12.57
C PRO E 820 6.87 -25.53 -11.64
N LEU E 821 7.87 -26.34 -11.99
CA LEU E 821 8.15 -27.58 -11.26
C LEU E 821 9.17 -27.34 -10.14
N LEU E 822 8.78 -26.43 -9.22
CA LEU E 822 9.56 -26.03 -8.04
C LEU E 822 10.92 -25.45 -8.42
N ILE E 823 10.87 -24.40 -9.24
CA ILE E 823 12.04 -23.57 -9.56
C ILE E 823 11.70 -22.15 -9.17
N GLY E 824 12.58 -21.52 -8.37
CA GLY E 824 12.37 -20.14 -7.99
C GLY E 824 12.95 -19.20 -9.04
N THR E 825 12.10 -18.74 -9.94
CA THR E 825 12.47 -17.88 -11.06
C THR E 825 11.22 -17.14 -11.49
N ASP E 826 11.38 -15.84 -11.79
CA ASP E 826 10.42 -14.89 -12.40
C ASP E 826 8.96 -15.08 -11.94
N VAL E 827 8.79 -14.90 -10.63
CA VAL E 827 7.56 -15.26 -9.91
C VAL E 827 6.34 -14.43 -10.31
N SER E 828 6.53 -13.31 -11.01
CA SER E 828 5.41 -12.50 -11.48
C SER E 828 4.62 -13.25 -12.55
N LEU E 829 3.33 -12.93 -12.63
CA LEU E 829 2.42 -13.71 -13.48
C LEU E 829 2.64 -13.41 -14.96
N ALA E 830 2.99 -12.18 -15.30
CA ALA E 830 3.32 -11.85 -16.68
C ALA E 830 4.64 -12.50 -17.10
N ARG E 831 5.57 -12.59 -16.16
CA ARG E 831 6.84 -13.28 -16.41
C ARG E 831 6.74 -14.78 -16.27
N LEU E 832 5.62 -15.30 -15.78
CA LEU E 832 5.50 -16.75 -15.64
C LEU E 832 5.10 -17.40 -16.96
N GLN E 833 4.24 -16.74 -17.74
CA GLN E 833 3.86 -17.28 -19.03
C GLN E 833 4.96 -17.10 -20.07
N LYS E 834 5.92 -16.20 -19.84
CA LYS E 834 7.11 -16.16 -20.66
C LYS E 834 7.92 -17.43 -20.50
N ALA E 835 8.17 -17.83 -19.25
CA ALA E 835 9.06 -18.95 -18.97
C ALA E 835 8.46 -20.29 -19.35
N ASP E 836 7.14 -20.37 -19.52
CA ASP E 836 6.54 -21.61 -20.01
C ASP E 836 6.85 -21.80 -21.48
N VAL E 837 6.84 -20.71 -22.26
CA VAL E 837 7.00 -20.83 -23.70
C VAL E 837 8.48 -20.96 -24.06
N VAL E 838 9.35 -20.26 -23.32
CA VAL E 838 10.78 -20.32 -23.60
C VAL E 838 11.34 -21.70 -23.27
N ALA E 839 10.84 -22.33 -22.21
CA ALA E 839 11.34 -23.64 -21.83
C ALA E 839 10.81 -24.74 -22.73
N GLN E 840 9.59 -24.59 -23.25
CA GLN E 840 8.99 -25.62 -24.10
C GLN E 840 9.21 -25.37 -25.58
N SER E 841 10.02 -24.38 -25.95
CA SER E 841 10.30 -24.13 -27.35
C SER E 841 11.19 -25.23 -27.92
N ARG E 842 11.19 -25.34 -29.24
CA ARG E 842 11.97 -26.36 -29.94
C ARG E 842 13.10 -25.65 -30.68
N ILE E 843 14.21 -25.46 -29.98
CA ILE E 843 15.38 -24.80 -30.56
C ILE E 843 16.10 -25.78 -31.48
N SER E 844 16.32 -25.38 -32.72
CA SER E 844 17.11 -26.16 -33.65
C SER E 844 18.00 -25.23 -34.46
N PHE E 845 19.02 -25.82 -35.08
CA PHE E 845 20.06 -25.07 -35.78
C PHE E 845 20.82 -26.04 -36.66
N PRO E 846 21.30 -25.61 -37.81
CA PRO E 846 22.01 -26.54 -38.71
C PRO E 846 23.43 -26.81 -38.21
N GLU E 847 24.05 -27.83 -38.82
CA GLU E 847 25.41 -28.21 -38.43
C GLU E 847 26.45 -27.22 -38.91
N LYS E 848 26.17 -26.48 -39.96
CA LYS E 848 27.12 -25.55 -40.47
C LYS E 848 27.47 -24.41 -39.54
N GLU E 849 26.48 -23.94 -38.81
CA GLU E 849 26.67 -22.79 -37.96
C GLU E 849 27.58 -23.09 -36.78
N LEU E 850 27.82 -24.36 -36.48
CA LEU E 850 28.77 -24.75 -35.44
C LEU E 850 30.13 -25.11 -35.99
N LEU E 851 30.17 -25.85 -37.11
CA LEU E 851 31.44 -26.30 -37.65
C LEU E 851 32.29 -25.17 -38.20
N LEU E 852 31.66 -24.08 -38.64
CA LEU E 852 32.44 -22.91 -39.03
C LEU E 852 32.97 -22.20 -37.79
N LEU E 853 32.28 -22.32 -36.66
CA LEU E 853 32.81 -21.77 -35.42
C LEU E 853 33.88 -22.66 -34.82
N ILE E 854 33.76 -23.98 -35.00
CA ILE E 854 34.80 -24.90 -34.55
C ILE E 854 36.09 -24.65 -35.31
N ARG E 855 36.00 -24.53 -36.63
CA ARG E 855 37.17 -24.27 -37.46
C ARG E 855 37.78 -22.90 -37.16
N ASN E 856 36.93 -21.89 -36.96
CA ASN E 856 37.45 -20.57 -36.66
C ASN E 856 38.03 -20.50 -35.25
N HIS E 857 37.69 -21.44 -34.38
CA HIS E 857 38.37 -21.53 -33.10
C HIS E 857 39.73 -22.19 -33.24
N LEU E 858 39.79 -23.34 -33.93
CA LEU E 858 41.00 -24.15 -34.00
C LEU E 858 42.12 -23.46 -34.77
N ILE E 859 41.76 -22.66 -35.77
CA ILE E 859 42.77 -21.85 -36.44
C ILE E 859 43.25 -20.75 -35.50
N SER E 860 42.36 -20.24 -34.66
CA SER E 860 42.70 -19.10 -33.81
C SER E 860 43.64 -19.50 -32.69
N LYS E 861 43.36 -20.61 -32.01
CA LYS E 861 44.23 -21.05 -30.92
C LYS E 861 45.29 -22.02 -31.41
N GLY E 862 45.96 -21.69 -32.51
CA GLY E 862 47.20 -22.33 -32.92
C GLY E 862 47.11 -23.74 -33.48
N LEU E 863 46.05 -24.48 -33.13
CA LEU E 863 45.99 -25.91 -33.40
C LEU E 863 45.31 -26.11 -34.75
N GLY E 864 46.12 -25.98 -35.80
CA GLY E 864 45.59 -25.85 -37.14
C GLY E 864 45.66 -27.05 -38.07
N GLU E 865 46.39 -28.09 -37.67
CA GLU E 865 46.50 -29.24 -38.56
C GLU E 865 45.32 -30.20 -38.46
N THR E 866 44.18 -29.78 -37.92
CA THR E 866 42.91 -30.43 -38.19
C THR E 866 41.98 -29.56 -39.04
N ALA E 867 42.33 -28.29 -39.24
CA ALA E 867 41.45 -27.38 -39.97
C ALA E 867 41.41 -27.74 -41.45
N THR E 868 42.57 -27.93 -42.06
CA THR E 868 42.61 -28.46 -43.41
C THR E 868 42.20 -29.92 -43.48
N VAL E 869 42.15 -30.61 -42.34
CA VAL E 869 41.54 -31.92 -42.29
C VAL E 869 40.04 -31.80 -42.07
N LEU E 870 39.57 -30.69 -41.50
CA LEU E 870 38.14 -30.48 -41.38
C LEU E 870 37.50 -30.10 -42.71
N THR E 871 38.30 -29.65 -43.67
CA THR E 871 37.79 -29.41 -45.02
C THR E 871 37.41 -30.71 -45.71
N LYS E 872 38.04 -31.83 -45.32
CA LYS E 872 37.67 -33.13 -45.83
C LYS E 872 36.26 -33.54 -45.39
N GLU E 873 35.84 -33.12 -44.20
CA GLU E 873 34.54 -33.53 -43.69
C GLU E 873 33.41 -32.60 -44.13
N ALA E 874 33.74 -31.35 -44.40
CA ALA E 874 32.74 -30.38 -44.80
C ALA E 874 33.28 -29.23 -45.62
N ASP E 875 32.41 -28.57 -46.35
CA ASP E 875 32.80 -27.47 -47.19
C ASP E 875 33.31 -26.35 -46.37
N LEU E 876 34.33 -25.67 -46.86
CA LEU E 876 34.86 -24.57 -46.12
C LEU E 876 34.85 -23.33 -46.97
N PRO E 877 33.94 -22.42 -46.66
CA PRO E 877 33.73 -21.13 -47.31
C PRO E 877 34.89 -20.14 -47.16
N MET E 878 35.47 -20.07 -45.97
CA MET E 878 36.56 -19.15 -45.71
C MET E 878 37.86 -19.89 -45.48
N THR E 879 38.91 -19.47 -46.18
CA THR E 879 40.21 -20.13 -46.10
C THR E 879 40.64 -20.32 -44.64
N PRO E 1001 31.34 -10.81 -35.79
CA PRO E 1001 30.89 -12.15 -35.42
C PRO E 1001 31.51 -12.62 -34.12
N PRO E 1002 30.88 -13.57 -33.43
CA PRO E 1002 31.46 -14.12 -32.21
C PRO E 1002 32.31 -15.35 -32.51
N THR E 1003 33.14 -15.68 -31.52
CA THR E 1003 33.92 -16.92 -31.50
C THR E 1003 33.44 -17.79 -30.35
N LEU E 1004 33.85 -19.05 -30.38
CA LEU E 1004 33.49 -19.97 -29.29
C LEU E 1004 34.13 -19.58 -27.96
N ASP E 1005 35.21 -18.81 -27.99
CA ASP E 1005 35.72 -18.22 -26.75
C ASP E 1005 34.69 -17.28 -26.13
N SER E 1006 34.01 -16.50 -26.96
CA SER E 1006 33.00 -15.60 -26.43
C SER E 1006 31.71 -16.32 -26.09
N ILE E 1007 31.41 -17.43 -26.76
CA ILE E 1007 30.16 -18.13 -26.51
C ILE E 1007 30.23 -18.89 -25.20
N ILE E 1008 31.34 -19.58 -24.95
CA ILE E 1008 31.48 -20.34 -23.71
C ILE E 1008 31.67 -19.40 -22.52
N THR E 1009 32.24 -18.22 -22.75
CA THR E 1009 32.35 -17.21 -21.71
C THR E 1009 30.98 -16.72 -21.28
N GLU E 1010 30.12 -16.42 -22.24
CA GLU E 1010 28.78 -15.92 -21.92
C GLU E 1010 27.91 -17.03 -21.35
N TYR E 1011 28.18 -18.29 -21.71
CA TYR E 1011 27.41 -19.40 -21.16
C TYR E 1011 27.70 -19.59 -19.69
N LEU E 1012 28.96 -19.42 -19.28
CA LEU E 1012 29.31 -19.55 -17.87
C LEU E 1012 28.78 -18.39 -17.06
N ARG E 1013 28.81 -17.18 -17.63
CA ARG E 1013 28.37 -15.99 -16.92
C ARG E 1013 26.86 -16.01 -16.70
N GLU E 1014 26.10 -16.59 -17.63
CA GLU E 1014 24.67 -16.74 -17.40
C GLU E 1014 24.37 -17.83 -16.38
N GLN E 1015 25.31 -18.73 -16.13
CA GLN E 1015 25.18 -19.69 -15.05
C GLN E 1015 25.74 -19.12 -13.75
N HIS E 1016 26.69 -18.20 -13.85
CA HIS E 1016 27.23 -17.52 -12.67
C HIS E 1016 26.24 -16.54 -12.07
N ALA E 1017 25.25 -16.11 -12.84
CA ALA E 1017 24.23 -15.20 -12.33
C ALA E 1017 23.20 -15.87 -11.44
N ARG E 1018 23.25 -17.19 -11.30
CA ARG E 1018 22.43 -17.90 -10.33
C ARG E 1018 23.07 -17.98 -8.95
N CYS E 1019 24.31 -17.49 -8.81
CA CYS E 1019 25.02 -17.56 -7.55
C CYS E 1019 24.41 -16.62 -6.52
N LYS E 1020 23.79 -17.17 -5.49
CA LYS E 1020 23.62 -16.42 -4.25
C LYS E 1020 25.00 -16.21 -3.66
N ASN E 1021 25.31 -14.94 -3.37
CA ASN E 1021 26.62 -14.44 -2.95
C ASN E 1021 27.71 -14.77 -3.96
N PRO E 1022 27.74 -14.12 -5.13
CA PRO E 1022 28.81 -14.39 -6.10
C PRO E 1022 30.13 -13.77 -5.67
N VAL E 1023 31.17 -14.16 -6.39
CA VAL E 1023 32.53 -13.69 -6.13
C VAL E 1023 33.02 -12.87 -7.32
N ALA E 1024 34.23 -12.33 -7.23
CA ALA E 1024 34.79 -11.54 -8.30
C ALA E 1024 35.97 -12.24 -8.97
N THR E 1025 37.00 -12.62 -8.20
CA THR E 1025 38.10 -13.42 -8.73
C THR E 1025 37.73 -14.89 -8.55
N CYS E 1026 36.93 -15.38 -9.49
CA CYS E 1026 36.39 -16.71 -9.41
C CYS E 1026 37.48 -17.75 -9.72
N PRO E 1027 37.28 -18.99 -9.26
CA PRO E 1027 38.17 -20.08 -9.67
C PRO E 1027 37.98 -20.43 -11.14
N PRO E 1028 38.92 -21.13 -11.74
CA PRO E 1028 38.71 -21.62 -13.11
C PRO E 1028 37.56 -22.62 -13.16
N PHE E 1029 36.68 -22.41 -14.14
CA PHE E 1029 35.43 -23.13 -14.21
C PHE E 1029 35.65 -24.56 -14.70
N SER E 1030 34.59 -25.35 -14.65
CA SER E 1030 34.61 -26.72 -15.13
C SER E 1030 33.36 -26.94 -15.94
N LEU E 1031 33.52 -27.08 -17.25
CA LEU E 1031 32.39 -27.21 -18.16
C LEU E 1031 31.66 -28.53 -17.99
N PHE E 1032 32.29 -29.53 -17.40
CA PHE E 1032 31.70 -30.84 -17.27
C PHE E 1032 30.82 -30.96 -16.03
N THR E 1033 31.00 -30.08 -15.06
CA THR E 1033 30.25 -30.05 -13.83
C THR E 1033 29.41 -28.78 -13.76
N PRO E 1034 28.39 -28.72 -12.92
CA PRO E 1034 27.72 -27.45 -12.66
C PRO E 1034 28.63 -26.50 -11.90
N HIS E 1035 28.24 -25.23 -11.91
CA HIS E 1035 28.97 -24.17 -11.21
C HIS E 1035 28.09 -23.55 -10.14
N GLN E 1036 28.49 -23.71 -8.88
CA GLN E 1036 27.82 -23.08 -7.76
C GLN E 1036 28.86 -22.33 -6.95
N CYS E 1037 28.64 -21.04 -6.76
CA CYS E 1037 29.51 -20.24 -5.92
C CYS E 1037 29.38 -20.70 -4.47
N PRO E 1038 30.45 -20.58 -3.67
CA PRO E 1038 30.40 -21.11 -2.29
C PRO E 1038 29.46 -20.34 -1.39
N GLU E 1039 28.33 -20.96 -1.05
CA GLU E 1039 27.39 -20.35 -0.14
C GLU E 1039 27.95 -20.40 1.28
N PRO E 1040 27.54 -19.46 2.15
CA PRO E 1040 28.01 -19.51 3.54
C PRO E 1040 27.40 -20.66 4.32
N LYS E 1041 28.20 -21.66 4.65
CA LYS E 1041 27.83 -22.67 5.62
C LYS E 1041 28.55 -22.33 6.91
N GLN E 1042 27.80 -21.83 7.89
CA GLN E 1042 28.38 -21.25 9.10
C GLN E 1042 28.88 -22.37 10.00
N ARG E 1043 30.20 -22.40 10.21
CA ARG E 1043 30.81 -23.34 11.14
C ARG E 1043 31.28 -22.68 12.42
N ARG E 1044 31.81 -21.47 12.34
CA ARG E 1044 32.26 -20.77 13.53
C ARG E 1044 31.12 -20.13 14.31
N GLN E 1045 29.93 -20.05 13.72
CA GLN E 1045 28.79 -19.48 14.42
C GLN E 1045 28.27 -20.47 15.46
N ALA E 1046 27.89 -19.93 16.62
CA ALA E 1046 27.29 -20.73 17.67
C ALA E 1046 25.96 -21.30 17.19
N PRO E 1047 25.61 -22.51 17.62
CA PRO E 1047 24.37 -23.13 17.15
C PRO E 1047 23.13 -22.42 17.66
N ILE E 1048 22.03 -22.64 16.94
CA ILE E 1048 20.80 -21.91 17.19
C ILE E 1048 20.14 -22.40 18.47
N ASN E 1049 20.27 -23.68 18.78
CA ASN E 1049 19.71 -24.23 20.00
C ASN E 1049 20.50 -23.72 21.20
N PHE E 1050 19.84 -23.72 22.36
CA PHE E 1050 20.49 -23.27 23.59
C PHE E 1050 21.26 -24.38 24.28
N THR E 1051 20.74 -25.60 24.23
CA THR E 1051 21.48 -26.72 24.81
C THR E 1051 22.70 -27.07 23.98
N SER E 1052 22.64 -26.81 22.68
CA SER E 1052 23.83 -27.02 21.86
C SER E 1052 24.88 -25.96 22.12
N ARG E 1053 24.46 -24.75 22.49
CA ARG E 1053 25.42 -23.75 22.94
C ARG E 1053 25.95 -24.09 24.32
N LEU E 1054 25.13 -24.72 25.15
CA LEU E 1054 25.53 -25.01 26.53
C LEU E 1054 26.57 -26.12 26.56
N ASN E 1055 26.46 -27.10 25.68
CA ASN E 1055 27.49 -28.12 25.59
C ASN E 1055 28.76 -27.56 24.97
N ARG E 1056 28.61 -26.57 24.09
CA ARG E 1056 29.77 -26.06 23.38
C ARG E 1056 30.57 -25.09 24.22
N ARG E 1057 29.92 -24.33 25.11
CA ARG E 1057 30.64 -23.39 25.96
C ARG E 1057 31.47 -24.08 27.03
N ALA E 1058 31.24 -25.38 27.26
CA ALA E 1058 32.07 -26.16 28.18
C ALA E 1058 33.47 -26.43 27.64
N SER E 1059 33.70 -26.29 26.34
CA SER E 1059 35.03 -26.52 25.79
C SER E 1059 35.44 -25.42 24.82
N PHE E 1060 34.83 -24.25 24.93
CA PHE E 1060 35.07 -23.12 24.04
C PHE E 1060 34.88 -21.86 24.86
N PRO E 1061 35.43 -20.71 24.41
CA PRO E 1061 35.32 -19.50 25.25
C PRO E 1061 33.92 -18.93 25.36
N LYS E 1062 33.85 -17.72 25.95
CA LYS E 1062 32.75 -17.22 26.79
C LYS E 1062 31.33 -17.63 26.44
N TYR E 1063 30.95 -17.51 25.18
CA TYR E 1063 29.56 -17.72 24.81
C TYR E 1063 29.32 -19.00 24.02
N GLY E 1064 30.28 -19.44 23.23
CA GLY E 1064 30.15 -20.69 22.52
C GLY E 1064 30.59 -20.61 21.08
N GLY E 1065 30.39 -19.47 20.45
CA GLY E 1065 30.80 -19.30 19.07
C GLY E 1065 30.70 -17.85 18.67
N VAL E 1066 30.93 -17.61 17.38
CA VAL E 1066 30.74 -16.28 16.82
C VAL E 1066 29.26 -15.95 16.83
N ASP E 1067 28.91 -14.78 17.37
CA ASP E 1067 27.54 -14.36 17.67
C ASP E 1067 26.83 -15.38 18.55
N GLY E 1068 27.37 -15.55 19.76
CA GLY E 1068 26.79 -16.47 20.71
C GLY E 1068 26.02 -15.75 21.79
N GLY E 1069 26.50 -14.58 22.19
CA GLY E 1069 25.79 -13.78 23.15
C GLY E 1069 24.54 -13.13 22.59
N CYS E 1070 24.43 -13.03 21.27
CA CYS E 1070 23.22 -12.48 20.68
C CYS E 1070 22.06 -13.45 20.85
N PHE E 1071 22.29 -14.74 20.59
CA PHE E 1071 21.26 -15.74 20.82
C PHE E 1071 20.91 -15.85 22.29
N ASP E 1072 21.87 -15.56 23.18
CA ASP E 1072 21.57 -15.62 24.59
C ASP E 1072 20.70 -14.46 25.02
N ARG E 1073 20.69 -13.38 24.25
CA ARG E 1073 19.80 -12.26 24.52
C ARG E 1073 18.47 -12.39 23.81
N HIS E 1074 18.34 -13.26 22.81
CA HIS E 1074 17.03 -13.47 22.20
C HIS E 1074 16.13 -14.27 23.12
N LEU E 1075 16.66 -15.30 23.75
CA LEU E 1075 15.86 -16.14 24.62
C LEU E 1075 15.57 -15.48 25.96
N ILE E 1076 16.22 -14.38 26.27
CA ILE E 1076 16.20 -13.84 27.62
C ILE E 1076 15.53 -12.47 27.70
N PHE E 1077 15.26 -11.83 26.57
CA PHE E 1077 14.44 -10.63 26.58
C PHE E 1077 13.18 -10.79 25.75
N SER E 1078 12.82 -12.01 25.34
CA SER E 1078 11.59 -12.24 24.63
C SER E 1078 10.51 -12.85 25.51
N ARG E 1079 10.66 -12.72 26.82
CA ARG E 1079 9.68 -13.25 27.74
C ARG E 1079 9.65 -12.38 28.98
N PHE E 1080 8.44 -12.09 29.46
CA PHE E 1080 8.23 -11.24 30.62
C PHE E 1080 7.03 -11.78 31.39
N ARG E 1081 7.00 -11.48 32.68
CA ARG E 1081 5.93 -11.98 33.52
C ARG E 1081 5.64 -10.95 34.60
N PRO E 1082 4.37 -10.56 34.77
CA PRO E 1082 4.04 -9.55 35.78
C PRO E 1082 4.15 -10.12 37.18
N ILE E 1083 4.92 -9.46 38.03
CA ILE E 1083 5.11 -9.95 39.39
C ILE E 1083 4.12 -9.26 40.33
N SER E 1084 4.17 -7.93 40.36
CA SER E 1084 3.36 -7.16 41.29
C SER E 1084 2.77 -5.95 40.58
N VAL E 1085 1.56 -5.57 40.97
CA VAL E 1085 0.89 -4.37 40.47
C VAL E 1085 0.70 -3.42 41.63
N PHE E 1086 1.10 -2.18 41.44
CA PHE E 1086 1.10 -1.20 42.54
C PHE E 1086 -0.02 -0.19 42.30
N ARG E 1087 -1.12 -0.35 43.03
CA ARG E 1087 -2.21 0.60 42.94
C ARG E 1087 -1.96 1.80 43.83
N GLU E 1088 -2.98 2.65 43.94
CA GLU E 1088 -2.93 3.92 44.65
C GLU E 1088 -4.22 4.01 45.48
N ALA E 1089 -4.41 3.02 46.36
CA ALA E 1089 -5.67 2.88 47.09
C ALA E 1089 -5.88 3.97 48.14
N ASN E 1090 -6.04 5.21 47.68
CA ASN E 1090 -6.41 6.35 48.50
C ASN E 1090 -7.76 6.91 48.09
N GLU E 1091 -7.95 7.21 46.80
CA GLU E 1091 -9.23 7.62 46.27
C GLU E 1091 -9.72 6.58 45.26
N ASP E 1092 -9.43 5.30 45.56
CA ASP E 1092 -9.98 4.11 44.93
C ASP E 1092 -9.62 3.93 43.45
N GLU E 1093 -8.86 4.83 42.85
CA GLU E 1093 -8.41 4.68 41.48
C GLU E 1093 -7.07 5.37 41.35
N SER E 1094 -6.14 4.75 40.62
CA SER E 1094 -4.77 5.22 40.59
C SER E 1094 -4.62 6.41 39.66
N GLY E 1095 -3.67 7.27 39.99
CA GLY E 1095 -3.41 8.47 39.21
C GLY E 1095 -1.95 8.66 38.89
N PHE E 1096 -1.23 7.60 38.57
CA PHE E 1096 0.21 7.73 38.38
C PHE E 1096 0.53 8.31 36.99
N THR E 1097 1.64 9.04 36.92
CA THR E 1097 2.11 9.60 35.66
C THR E 1097 3.49 9.09 35.26
N CYS E 1098 4.48 9.20 36.13
CA CYS E 1098 5.87 8.92 35.78
C CYS E 1098 6.46 7.90 36.73
N CYS E 1099 7.35 7.05 36.21
CA CYS E 1099 7.94 5.96 36.98
C CYS E 1099 9.45 5.91 36.80
N ALA E 1100 10.13 5.52 37.87
CA ALA E 1100 11.57 5.29 37.88
C ALA E 1100 11.91 4.48 39.12
N PHE E 1101 13.11 3.92 39.13
CA PHE E 1101 13.65 3.25 40.31
C PHE E 1101 14.55 4.20 41.07
N SER E 1102 14.92 3.80 42.28
CA SER E 1102 15.81 4.60 43.10
C SER E 1102 17.25 4.31 42.71
N ALA E 1103 18.20 4.89 43.42
CA ALA E 1103 19.61 4.64 43.17
C ALA E 1103 20.12 3.38 43.87
N ARG E 1104 19.30 2.76 44.70
CA ARG E 1104 19.68 1.54 45.37
C ARG E 1104 18.71 0.41 45.06
N GLU E 1105 17.78 0.63 44.15
CA GLU E 1105 16.82 -0.33 43.62
C GLU E 1105 15.88 -0.91 44.68
N ARG E 1106 15.81 -0.32 45.88
CA ARG E 1106 14.83 -0.80 46.84
C ARG E 1106 13.47 -0.17 46.61
N PHE E 1107 13.44 1.15 46.52
CA PHE E 1107 12.21 1.85 46.26
C PHE E 1107 12.10 2.20 44.79
N LEU E 1108 10.87 2.40 44.33
CA LEU E 1108 10.61 2.83 42.96
C LEU E 1108 9.73 4.06 43.02
N MET E 1109 10.26 5.17 42.55
CA MET E 1109 9.66 6.49 42.76
C MET E 1109 8.57 6.70 41.71
N LEU E 1110 7.35 6.34 42.06
CA LEU E 1110 6.23 6.63 41.17
C LEU E 1110 5.86 8.11 41.27
N GLY E 1111 4.97 8.54 40.39
CA GLY E 1111 4.59 9.94 40.38
C GLY E 1111 3.14 10.17 40.03
N THR E 1112 2.41 10.84 40.93
CA THR E 1112 0.97 10.96 40.81
C THR E 1112 0.59 12.02 39.78
N CYS E 1113 -0.72 12.08 39.50
CA CYS E 1113 -1.25 13.19 38.72
C CYS E 1113 -1.27 14.47 39.53
N THR E 1114 -1.37 14.37 40.85
CA THR E 1114 -1.53 15.56 41.67
C THR E 1114 -0.24 16.37 41.82
N GLY E 1115 0.90 15.80 41.50
CA GLY E 1115 2.16 16.48 41.68
C GLY E 1115 2.99 16.01 42.86
N GLN E 1116 2.75 14.82 43.37
CA GLN E 1116 3.52 14.28 44.47
C GLN E 1116 4.10 12.91 44.08
N LEU E 1117 5.34 12.65 44.49
CA LEU E 1117 5.94 11.35 44.26
C LEU E 1117 5.83 10.51 45.52
N LYS E 1118 5.45 9.24 45.34
CA LYS E 1118 5.21 8.35 46.46
C LYS E 1118 6.12 7.14 46.36
N LEU E 1119 6.91 6.92 47.40
CA LEU E 1119 7.83 5.80 47.43
C LEU E 1119 7.08 4.51 47.66
N TYR E 1120 7.63 3.41 47.16
CA TYR E 1120 7.06 2.10 47.35
C TYR E 1120 8.18 1.08 47.45
N ASN E 1121 8.17 0.26 48.48
CA ASN E 1121 9.13 -0.83 48.58
C ASN E 1121 8.84 -1.86 47.52
N VAL E 1122 9.89 -2.31 46.83
CA VAL E 1122 9.70 -3.29 45.77
C VAL E 1122 9.40 -4.66 46.35
N PHE E 1123 9.78 -4.90 47.60
CA PHE E 1123 9.50 -6.16 48.26
C PHE E 1123 8.16 -6.12 48.99
N SER E 1124 7.91 -5.05 49.73
CA SER E 1124 6.69 -4.96 50.52
C SER E 1124 5.49 -4.63 49.64
N GLY E 1125 5.58 -3.51 48.93
CA GLY E 1125 4.44 -3.02 48.19
C GLY E 1125 3.65 -2.08 49.07
N GLN E 1126 4.36 -1.22 49.78
CA GLN E 1126 3.76 -0.36 50.78
C GLN E 1126 4.18 1.08 50.54
N GLU E 1127 3.21 1.99 50.68
CA GLU E 1127 3.51 3.41 50.72
C GLU E 1127 4.46 3.70 51.88
N GLU E 1128 5.54 4.37 51.59
CA GLU E 1128 6.53 4.61 52.63
C GLU E 1128 6.73 6.07 52.94
N ALA E 1129 6.86 6.93 51.93
CA ALA E 1129 7.05 8.36 52.18
C ALA E 1129 6.56 9.13 50.96
N SER E 1130 5.42 9.80 51.10
CA SER E 1130 4.99 10.72 50.06
C SER E 1130 5.74 12.03 50.20
N TYR E 1131 5.79 12.78 49.11
CA TYR E 1131 6.52 14.03 49.07
C TYR E 1131 5.75 15.04 48.24
N ASN E 1132 5.36 16.15 48.85
CA ASN E 1132 4.61 17.19 48.15
C ASN E 1132 5.56 17.94 47.22
N CYS E 1133 5.75 17.38 46.03
CA CYS E 1133 6.76 17.88 45.10
C CYS E 1133 6.27 19.05 44.26
N HIS E 1134 5.27 18.81 43.42
CA HIS E 1134 4.83 19.79 42.44
C HIS E 1134 3.35 20.08 42.57
N ASN E 1135 2.94 21.18 41.94
CA ASN E 1135 1.54 21.55 41.93
C ASN E 1135 0.80 20.82 40.81
N SER E 1136 1.39 20.77 39.62
CA SER E 1136 0.66 20.33 38.43
C SER E 1136 0.60 18.82 38.35
N ALA E 1137 1.74 18.17 38.12
CA ALA E 1137 1.90 16.72 37.97
C ALA E 1137 3.39 16.42 37.99
N ILE E 1138 3.75 15.19 37.65
CA ILE E 1138 5.15 14.80 37.43
C ILE E 1138 5.27 14.31 36.00
N THR E 1139 6.09 15.00 35.21
CA THR E 1139 6.33 14.56 33.84
C THR E 1139 7.56 13.65 33.75
N HIS E 1140 8.72 14.17 34.14
CA HIS E 1140 9.97 13.44 34.08
C HIS E 1140 10.52 13.31 35.48
N LEU E 1141 11.19 12.18 35.74
CA LEU E 1141 11.71 11.91 37.07
C LEU E 1141 12.89 10.97 36.93
N GLU E 1142 14.10 11.48 37.16
CA GLU E 1142 15.25 10.59 37.19
C GLU E 1142 16.13 10.91 38.40
N PRO E 1143 16.70 9.90 39.05
CA PRO E 1143 17.65 10.14 40.13
C PRO E 1143 19.08 10.19 39.62
N SER E 1144 20.02 10.39 40.53
CA SER E 1144 21.43 10.30 40.21
C SER E 1144 21.99 8.99 40.75
N ARG E 1145 23.15 8.61 40.24
CA ARG E 1145 23.70 7.30 40.58
C ARG E 1145 24.27 7.24 41.99
N ASP E 1146 24.79 8.36 42.49
CA ASP E 1146 25.31 8.37 43.86
C ASP E 1146 24.20 8.42 44.90
N GLY E 1147 22.96 8.68 44.51
CA GLY E 1147 21.87 8.69 45.44
C GLY E 1147 21.73 9.96 46.26
N SER E 1148 22.29 11.07 45.78
CA SER E 1148 22.22 12.32 46.51
C SER E 1148 21.27 13.34 45.88
N LEU E 1149 20.94 13.19 44.61
CA LEU E 1149 20.17 14.18 43.89
C LEU E 1149 18.95 13.53 43.24
N LEU E 1150 18.06 14.38 42.72
CA LEU E 1150 16.83 13.93 42.07
C LEU E 1150 16.30 15.05 41.21
N LEU E 1151 16.07 14.77 39.94
CA LEU E 1151 15.47 15.73 39.02
C LEU E 1151 14.03 15.34 38.72
N THR E 1152 13.11 16.28 38.94
CA THR E 1152 11.71 16.11 38.59
C THR E 1152 11.23 17.34 37.84
N SER E 1153 10.48 17.13 36.77
CA SER E 1153 9.91 18.22 36.00
C SER E 1153 8.40 18.09 35.96
N ALA E 1154 7.72 19.23 35.95
CA ALA E 1154 6.27 19.29 36.13
C ALA E 1154 5.58 19.60 34.80
N THR E 1155 4.28 19.79 34.86
CA THR E 1155 3.45 19.98 33.67
C THR E 1155 3.22 21.45 33.34
N TRP E 1156 2.66 22.21 34.29
CA TRP E 1156 2.45 23.63 34.06
C TRP E 1156 2.79 24.52 35.24
N SER E 1157 3.34 23.98 36.34
CA SER E 1157 3.64 24.77 37.53
C SER E 1157 4.68 25.83 37.23
N GLN E 1158 4.66 26.90 38.02
CA GLN E 1158 5.41 28.10 37.69
C GLN E 1158 6.92 27.88 37.84
N PRO E 1159 7.42 27.09 38.83
CA PRO E 1159 8.72 26.46 38.59
C PRO E 1159 8.52 25.13 37.88
N LEU E 1160 9.18 24.95 36.75
CA LEU E 1160 8.88 23.79 35.90
C LEU E 1160 9.69 22.56 36.26
N SER E 1161 10.92 22.72 36.74
CA SER E 1161 11.76 21.58 37.08
C SER E 1161 12.56 21.91 38.33
N ALA E 1162 12.75 20.93 39.19
CA ALA E 1162 13.36 21.14 40.48
C ALA E 1162 14.37 20.04 40.77
N LEU E 1163 15.61 20.44 41.00
CA LEU E 1163 16.63 19.54 41.55
C LEU E 1163 16.37 19.42 43.05
N TRP E 1164 15.76 18.32 43.45
CA TRP E 1164 15.50 18.08 44.86
C TRP E 1164 16.75 17.49 45.52
N GLY E 1165 16.60 17.03 46.76
CA GLY E 1165 17.67 16.35 47.46
C GLY E 1165 17.16 15.12 48.19
N MET E 1166 17.90 14.02 48.13
CA MET E 1166 17.40 12.74 48.62
C MET E 1166 18.37 12.03 49.55
N LYS E 1167 19.38 12.73 50.10
CA LYS E 1167 20.30 12.10 51.04
C LYS E 1167 19.58 11.70 52.32
N SER E 1168 19.18 12.70 53.11
CA SER E 1168 18.21 12.53 54.17
C SER E 1168 17.24 13.68 54.30
N VAL E 1169 17.55 14.85 53.72
CA VAL E 1169 16.75 16.05 53.84
C VAL E 1169 16.20 16.38 52.46
N PHE E 1170 14.90 16.65 52.38
CA PHE E 1170 14.18 16.79 51.12
C PHE E 1170 13.91 18.27 50.87
N ASP E 1171 14.63 18.86 49.93
CA ASP E 1171 14.50 20.28 49.68
C ASP E 1171 14.86 20.57 48.23
N MET E 1172 14.25 21.63 47.68
CA MET E 1172 14.63 22.13 46.37
C MET E 1172 15.99 22.79 46.48
N LYS E 1173 17.03 22.03 46.18
CA LYS E 1173 18.38 22.56 46.35
C LYS E 1173 18.78 23.52 45.24
N HIS E 1174 18.02 23.58 44.14
CA HIS E 1174 18.11 24.53 43.05
C HIS E 1174 16.80 24.47 42.27
N SER E 1175 16.37 25.61 41.76
CA SER E 1175 15.05 25.76 41.18
C SER E 1175 15.17 26.25 39.75
N PHE E 1176 14.29 25.76 38.87
CA PHE E 1176 14.19 26.25 37.52
C PHE E 1176 12.73 26.52 37.19
N THR E 1177 12.46 27.63 36.51
CA THR E 1177 11.12 28.00 36.13
C THR E 1177 10.88 27.89 34.64
N GLU E 1178 11.84 27.33 33.90
CA GLU E 1178 11.93 27.56 32.48
C GLU E 1178 11.77 26.29 31.65
N ASP E 1179 12.48 25.23 32.02
CA ASP E 1179 12.73 24.12 31.11
C ASP E 1179 11.69 23.03 31.28
N HIS E 1180 11.31 22.40 30.18
CA HIS E 1180 10.30 21.37 30.20
C HIS E 1180 10.87 19.98 30.44
N TYR E 1181 12.18 19.82 30.37
CA TYR E 1181 12.81 18.51 30.49
C TYR E 1181 14.25 18.74 30.90
N VAL E 1182 14.60 18.36 32.12
CA VAL E 1182 15.97 18.47 32.58
C VAL E 1182 16.61 17.09 32.57
N GLU E 1183 17.94 17.08 32.51
CA GLU E 1183 18.69 15.84 32.36
C GLU E 1183 20.09 16.07 32.91
N PHE E 1184 20.66 15.03 33.52
CA PHE E 1184 22.00 15.10 34.09
C PHE E 1184 23.06 15.07 32.99
N SER E 1185 24.31 15.06 33.42
CA SER E 1185 25.43 14.66 32.58
C SER E 1185 25.83 13.25 32.97
N LYS E 1186 26.24 12.45 31.98
CA LYS E 1186 26.25 11.00 32.14
C LYS E 1186 27.41 10.50 32.99
N HIS E 1187 28.64 10.70 32.54
CA HIS E 1187 29.79 10.14 33.24
C HIS E 1187 30.10 10.92 34.51
N SER E 1188 30.47 12.19 34.37
CA SER E 1188 30.69 13.06 35.51
C SER E 1188 29.41 13.85 35.73
N GLN E 1189 28.67 13.52 36.78
CA GLN E 1189 27.31 14.00 36.95
C GLN E 1189 27.21 15.40 37.51
N ASP E 1190 28.25 16.22 37.42
CA ASP E 1190 28.20 17.56 38.01
C ASP E 1190 27.44 18.58 37.15
N ARG E 1191 26.87 18.18 36.02
CA ARG E 1191 26.18 19.10 35.13
C ARG E 1191 24.75 18.63 34.92
N VAL E 1192 23.82 19.58 34.88
CA VAL E 1192 22.42 19.30 34.59
C VAL E 1192 22.00 20.18 33.43
N ILE E 1193 21.54 19.57 32.35
CA ILE E 1193 21.10 20.29 31.16
C ILE E 1193 19.58 20.25 31.12
N GLY E 1194 18.98 21.27 30.52
CA GLY E 1194 17.54 21.33 30.42
C GLY E 1194 17.15 22.17 29.22
N THR E 1195 15.95 21.92 28.70
CA THR E 1195 15.57 22.48 27.40
C THR E 1195 14.15 23.04 27.46
N LYS E 1196 14.02 24.33 27.13
CA LYS E 1196 12.73 24.93 26.87
C LYS E 1196 12.63 25.22 25.37
N GLY E 1197 11.61 24.64 24.73
CA GLY E 1197 11.35 24.87 23.33
C GLY E 1197 12.45 24.39 22.43
N ASP E 1198 13.21 25.34 21.88
CA ASP E 1198 14.42 25.06 21.13
C ASP E 1198 15.68 25.57 21.81
N ILE E 1199 15.56 26.06 23.04
CA ILE E 1199 16.70 26.64 23.77
C ILE E 1199 17.07 25.68 24.88
N ALA E 1200 18.35 25.27 24.91
CA ALA E 1200 18.85 24.32 25.90
C ALA E 1200 19.91 24.99 26.75
N HIS E 1201 19.78 24.85 28.07
CA HIS E 1201 20.65 25.53 29.03
C HIS E 1201 21.48 24.51 29.78
N ILE E 1202 22.77 24.79 29.92
CA ILE E 1202 23.68 23.96 30.71
C ILE E 1202 23.83 24.60 32.09
N TYR E 1203 23.51 23.84 33.13
CA TYR E 1203 23.61 24.33 34.51
C TYR E 1203 24.64 23.52 35.28
N ASP E 1204 25.21 24.16 36.30
CA ASP E 1204 25.99 23.46 37.31
C ASP E 1204 25.08 23.07 38.47
N ILE E 1205 25.57 22.20 39.33
CA ILE E 1205 24.81 21.77 40.50
C ILE E 1205 25.32 22.53 41.72
N GLN E 1206 26.60 22.90 41.67
CA GLN E 1206 27.22 23.56 42.83
C GLN E 1206 26.68 24.96 43.03
N THR E 1207 26.55 25.74 41.95
CA THR E 1207 26.02 27.09 42.06
C THR E 1207 24.76 27.32 41.25
N GLY E 1208 24.42 26.45 40.31
CA GLY E 1208 23.16 26.57 39.61
C GLY E 1208 23.06 27.67 38.60
N ASN E 1209 24.16 28.31 38.25
CA ASN E 1209 24.12 29.36 37.26
C ASN E 1209 24.01 28.76 35.86
N LYS E 1210 23.68 29.61 34.89
CA LYS E 1210 23.74 29.20 33.49
C LYS E 1210 25.20 29.08 33.10
N LEU E 1211 25.64 27.87 32.76
CA LEU E 1211 27.03 27.71 32.35
C LEU E 1211 27.22 28.19 30.91
N LEU E 1212 26.60 27.50 29.96
CA LEU E 1212 26.61 27.92 28.56
C LEU E 1212 25.28 27.54 27.94
N THR E 1213 24.55 28.53 27.45
CA THR E 1213 23.33 28.28 26.69
C THR E 1213 23.70 28.22 25.21
N LEU E 1214 23.35 27.12 24.56
CA LEU E 1214 23.70 26.88 23.18
C LEU E 1214 22.45 26.86 22.31
N PHE E 1215 22.48 27.64 21.23
CA PHE E 1215 21.43 27.73 20.23
C PHE E 1215 21.96 28.49 19.02
N ASN E 1216 21.60 28.01 17.83
CA ASN E 1216 21.92 28.69 16.58
C ASN E 1216 20.62 28.94 15.83
N PRO E 1217 20.22 30.20 15.63
CA PRO E 1217 18.96 30.47 14.95
C PRO E 1217 18.96 30.08 13.49
N ASP E 1218 20.13 30.02 12.86
CA ASP E 1218 20.26 29.69 11.45
C ASP E 1218 20.12 28.20 11.19
N LEU E 1219 20.03 27.37 12.22
CA LEU E 1219 20.30 25.95 12.01
C LEU E 1219 19.31 25.01 12.68
N ALA E 1220 18.36 25.49 13.47
CA ALA E 1220 17.53 24.59 14.26
C ALA E 1220 16.51 23.86 13.40
N ASN E 1221 16.13 22.67 13.84
CA ASN E 1221 15.12 21.90 13.15
C ASN E 1221 13.71 22.21 13.64
N ASN E 1222 13.59 22.76 14.85
CA ASN E 1222 12.31 23.03 15.52
C ASN E 1222 11.47 21.76 15.66
N TYR E 1223 12.02 20.80 16.39
CA TYR E 1223 11.25 19.62 16.70
C TYR E 1223 10.14 19.94 17.68
N LYS E 1224 9.14 19.06 17.73
CA LYS E 1224 8.03 19.27 18.64
C LYS E 1224 8.43 18.96 20.07
N ARG E 1225 9.18 17.89 20.27
CA ARG E 1225 9.65 17.49 21.59
C ARG E 1225 11.17 17.47 21.56
N ASN E 1226 11.77 18.63 21.82
CA ASN E 1226 13.22 18.72 21.90
C ASN E 1226 13.67 18.36 23.31
N CYS E 1227 14.69 17.51 23.40
CA CYS E 1227 15.23 17.07 24.68
C CYS E 1227 16.74 16.96 24.50
N ALA E 1228 17.48 17.98 24.91
CA ALA E 1228 18.93 17.96 24.75
C ALA E 1228 19.55 17.03 25.78
N THR E 1229 20.41 16.15 25.30
CA THR E 1229 21.06 15.15 26.12
C THR E 1229 22.57 15.27 25.96
N PHE E 1230 23.30 14.38 26.60
CA PHE E 1230 24.74 14.29 26.45
C PHE E 1230 25.14 12.94 25.90
N ASN E 1231 26.27 12.91 25.20
CA ASN E 1231 26.93 11.65 24.92
C ASN E 1231 27.56 11.11 26.19
N PRO E 1232 27.85 9.80 26.26
CA PRO E 1232 28.49 9.26 27.46
C PRO E 1232 29.92 9.72 27.69
N THR E 1233 30.55 10.39 26.73
CA THR E 1233 31.84 11.01 26.98
C THR E 1233 31.71 12.44 27.45
N ASP E 1234 30.48 12.93 27.62
CA ASP E 1234 30.16 14.28 28.13
C ASP E 1234 30.78 15.38 27.27
N ASP E 1235 30.69 15.23 25.95
CA ASP E 1235 31.28 16.20 25.04
C ASP E 1235 30.36 16.66 23.92
N LEU E 1236 29.23 16.00 23.68
CA LEU E 1236 28.36 16.33 22.57
C LEU E 1236 26.92 16.42 23.06
N VAL E 1237 26.16 17.36 22.50
CA VAL E 1237 24.79 17.63 22.90
C VAL E 1237 23.90 17.57 21.67
N LEU E 1238 22.77 16.87 21.77
CA LEU E 1238 21.78 16.83 20.70
C LEU E 1238 20.65 17.80 21.00
N ASN E 1239 20.87 19.07 20.66
CA ASN E 1239 19.83 20.07 20.68
C ASN E 1239 19.32 20.25 19.26
N ASP E 1240 18.02 20.05 19.06
CA ASP E 1240 17.32 20.26 17.78
C ASP E 1240 17.89 19.40 16.66
N GLY E 1241 18.47 18.26 16.99
CA GLY E 1241 19.14 17.46 16.00
C GLY E 1241 20.42 18.08 15.48
N VAL E 1242 21.07 18.92 16.27
CA VAL E 1242 22.35 19.51 15.93
C VAL E 1242 23.35 19.07 17.00
N LEU E 1243 24.53 18.60 16.59
CA LEU E 1243 25.57 18.32 17.55
C LEU E 1243 26.18 19.61 18.06
N TRP E 1244 26.80 19.54 19.22
CA TRP E 1244 27.41 20.72 19.82
C TRP E 1244 28.66 20.31 20.57
N ASP E 1245 29.82 20.78 20.11
CA ASP E 1245 31.07 20.57 20.81
C ASP E 1245 31.16 21.54 21.97
N VAL E 1246 31.20 21.00 23.19
CA VAL E 1246 31.06 21.82 24.38
C VAL E 1246 32.41 22.34 24.85
N ARG E 1247 33.44 22.16 24.03
CA ARG E 1247 34.74 22.72 24.39
C ARG E 1247 34.82 24.19 24.04
N SER E 1248 34.19 24.62 22.94
CA SER E 1248 34.33 25.99 22.48
C SER E 1248 33.02 26.61 22.00
N ALA E 1249 31.87 26.00 22.32
CA ALA E 1249 30.53 26.52 22.03
C ALA E 1249 30.30 26.74 20.54
N GLN E 1250 30.37 25.65 19.78
CA GLN E 1250 30.17 25.71 18.35
C GLN E 1250 29.24 24.59 17.93
N ALA E 1251 28.61 24.76 16.78
CA ALA E 1251 27.80 23.73 16.19
C ALA E 1251 28.63 22.88 15.24
N ILE E 1252 28.20 21.65 15.03
CA ILE E 1252 29.00 20.72 14.23
C ILE E 1252 28.26 20.33 12.97
N HIS E 1253 27.08 19.74 13.10
CA HIS E 1253 26.43 19.16 11.93
C HIS E 1253 24.94 19.07 12.19
N LYS E 1254 24.16 19.79 11.40
CA LYS E 1254 22.71 19.62 11.41
C LYS E 1254 22.36 18.29 10.77
N PHE E 1255 21.31 17.65 11.27
CA PHE E 1255 20.79 16.48 10.60
C PHE E 1255 19.59 16.86 9.74
N ASP E 1256 19.14 15.88 8.96
CA ASP E 1256 17.97 16.07 8.13
C ASP E 1256 16.73 15.66 8.91
N LYS E 1257 15.73 16.53 8.94
CA LYS E 1257 14.51 16.26 9.67
C LYS E 1257 13.65 15.29 8.89
N PHE E 1258 12.98 14.39 9.59
CA PHE E 1258 12.05 13.51 8.91
C PHE E 1258 10.72 13.28 9.63
N ASN E 1259 10.60 13.49 10.93
CA ASN E 1259 9.46 12.92 11.63
C ASN E 1259 8.75 13.86 12.59
N MET E 1260 9.07 15.15 12.58
CA MET E 1260 8.30 16.23 13.20
C MET E 1260 8.23 16.22 14.73
N ASN E 1261 8.72 15.18 15.40
CA ASN E 1261 8.53 15.10 16.84
C ASN E 1261 9.82 15.00 17.65
N ILE E 1262 10.71 14.08 17.29
CA ILE E 1262 11.72 13.55 18.21
C ILE E 1262 13.10 14.04 17.80
N SER E 1263 13.81 14.64 18.75
CA SER E 1263 15.07 15.31 18.47
C SER E 1263 16.28 14.38 18.53
N GLY E 1264 16.11 13.14 18.94
CA GLY E 1264 17.17 12.16 18.88
C GLY E 1264 17.73 11.82 20.26
N VAL E 1265 18.64 10.84 20.24
CA VAL E 1265 19.27 10.33 21.46
C VAL E 1265 20.62 9.75 21.05
N PHE E 1266 21.50 9.59 22.02
CA PHE E 1266 22.78 8.94 21.76
C PHE E 1266 22.69 7.45 22.01
N HIS E 1267 23.33 6.68 21.16
CA HIS E 1267 23.49 5.26 21.46
C HIS E 1267 24.66 5.10 22.44
N PRO E 1268 24.57 4.18 23.40
CA PRO E 1268 25.61 4.06 24.43
C PRO E 1268 26.98 3.64 23.94
N ASN E 1269 27.16 3.33 22.66
CA ASN E 1269 28.49 2.97 22.17
C ASN E 1269 29.38 4.17 21.93
N GLY E 1270 28.82 5.39 21.92
CA GLY E 1270 29.61 6.54 21.57
C GLY E 1270 30.03 6.58 20.12
N LEU E 1271 29.31 5.89 19.25
CA LEU E 1271 29.64 5.83 17.85
C LEU E 1271 28.53 6.34 16.96
N GLU E 1272 27.31 6.45 17.47
CA GLU E 1272 26.13 6.69 16.65
C GLU E 1272 25.26 7.78 17.27
N VAL E 1273 24.26 8.20 16.50
CA VAL E 1273 23.20 9.10 16.95
C VAL E 1273 21.89 8.52 16.44
N ILE E 1274 20.94 8.32 17.34
CA ILE E 1274 19.66 7.71 16.97
C ILE E 1274 18.62 8.82 16.93
N ILE E 1275 18.43 9.43 15.76
CA ILE E 1275 17.21 10.17 15.47
C ILE E 1275 16.12 9.16 15.14
N ASN E 1276 14.85 9.59 15.20
CA ASN E 1276 13.65 8.77 15.43
C ASN E 1276 13.65 7.39 14.78
N THR E 1277 13.95 7.33 13.50
CA THR E 1277 14.11 6.04 12.85
C THR E 1277 15.33 6.02 11.94
N GLU E 1278 16.20 7.01 12.04
CA GLU E 1278 17.39 7.12 11.21
C GLU E 1278 18.63 7.03 12.09
N ILE E 1279 19.53 6.11 11.74
CA ILE E 1279 20.70 5.79 12.54
C ILE E 1279 21.91 6.41 11.87
N TRP E 1280 22.58 7.31 12.57
CA TRP E 1280 23.62 8.15 11.99
C TRP E 1280 24.98 7.78 12.56
N ASP E 1281 26.00 8.45 12.05
CA ASP E 1281 27.37 8.29 12.53
C ASP E 1281 27.85 9.58 13.18
N LEU E 1282 28.78 9.43 14.11
CA LEU E 1282 29.33 10.58 14.82
C LEU E 1282 30.56 11.18 14.17
N ARG E 1283 31.25 10.47 13.31
CA ARG E 1283 32.46 11.02 12.72
C ARG E 1283 32.43 11.10 11.21
N THR E 1284 31.63 10.28 10.55
CA THR E 1284 31.45 10.38 9.11
C THR E 1284 30.13 11.01 8.73
N PHE E 1285 29.16 11.02 9.65
CA PHE E 1285 27.83 11.62 9.48
C PHE E 1285 27.09 11.01 8.30
N HIS E 1286 27.18 9.69 8.18
CA HIS E 1286 26.49 8.97 7.14
C HIS E 1286 25.33 8.18 7.73
N LEU E 1287 24.24 8.11 6.99
CA LEU E 1287 23.09 7.33 7.42
C LEU E 1287 23.41 5.85 7.27
N LEU E 1288 23.71 5.20 8.39
CA LEU E 1288 24.04 3.78 8.33
C LEU E 1288 22.82 2.93 8.05
N HIS E 1289 21.68 3.29 8.65
CA HIS E 1289 20.63 2.30 8.80
C HIS E 1289 19.32 3.03 9.02
N THR E 1290 18.21 2.31 8.83
CA THR E 1290 16.88 2.89 9.03
C THR E 1290 15.96 1.78 9.49
N VAL E 1291 15.54 1.82 10.75
CA VAL E 1291 14.69 0.80 11.33
C VAL E 1291 13.27 1.35 11.38
N PRO E 1292 12.35 0.86 10.55
CA PRO E 1292 11.00 1.43 10.53
C PRO E 1292 10.13 1.01 11.70
N ALA E 1293 10.59 0.10 12.56
CA ALA E 1293 9.86 -0.24 13.76
C ALA E 1293 10.14 0.72 14.91
N LEU E 1294 11.07 1.66 14.71
CA LEU E 1294 11.33 2.77 15.62
C LEU E 1294 10.45 3.97 15.35
N ASP E 1295 9.30 3.78 14.71
CA ASP E 1295 8.44 4.89 14.31
C ASP E 1295 7.81 5.49 15.55
N GLN E 1296 8.40 6.60 16.01
CA GLN E 1296 7.90 7.43 17.10
C GLN E 1296 7.71 6.64 18.40
N CYS E 1297 8.82 6.13 18.91
CA CYS E 1297 8.86 5.44 20.18
C CYS E 1297 9.96 6.04 21.03
N ARG E 1298 9.70 6.17 22.33
CA ARG E 1298 10.75 6.62 23.22
C ARG E 1298 11.61 5.43 23.61
N VAL E 1299 12.92 5.64 23.62
CA VAL E 1299 13.88 4.54 23.74
C VAL E 1299 14.54 4.58 25.12
N VAL E 1300 14.74 3.40 25.68
CA VAL E 1300 15.41 3.20 26.95
C VAL E 1300 16.40 2.07 26.76
N PHE E 1301 17.66 2.32 27.10
CA PHE E 1301 18.68 1.28 27.00
C PHE E 1301 18.89 0.59 28.34
N ASN E 1302 19.52 -0.58 28.27
CA ASN E 1302 20.02 -1.25 29.45
C ASN E 1302 21.19 -0.45 30.02
N HIS E 1303 21.53 -0.72 31.28
CA HIS E 1303 22.66 -0.04 31.91
C HIS E 1303 23.98 -0.42 31.24
N THR E 1304 24.10 -1.69 30.84
CA THR E 1304 25.23 -2.12 30.04
C THR E 1304 25.13 -1.61 28.61
N GLY E 1305 23.95 -1.21 28.17
CA GLY E 1305 23.77 -0.69 26.83
C GLY E 1305 23.75 -1.80 25.81
N THR E 1306 23.12 -2.92 26.15
CA THR E 1306 23.12 -4.06 25.25
C THR E 1306 21.78 -4.32 24.61
N VAL E 1307 20.68 -3.76 25.13
CA VAL E 1307 19.37 -3.86 24.51
C VAL E 1307 18.67 -2.50 24.56
N MET E 1308 17.80 -2.28 23.59
CA MET E 1308 16.99 -1.08 23.48
C MET E 1308 15.54 -1.44 23.76
N TYR E 1309 14.86 -0.63 24.56
CA TYR E 1309 13.44 -0.83 24.82
C TYR E 1309 12.62 0.18 24.02
N GLY E 1310 11.43 -0.24 23.63
CA GLY E 1310 10.58 0.62 22.82
C GLY E 1310 9.13 0.65 23.25
N ALA E 1311 8.61 1.85 23.46
CA ALA E 1311 7.22 2.07 23.85
C ALA E 1311 6.61 3.09 22.92
N MET E 1312 5.48 2.73 22.32
CA MET E 1312 4.85 3.57 21.31
C MET E 1312 4.25 4.83 21.91
N LEU E 1313 4.39 5.94 21.22
CA LEU E 1313 3.85 7.23 21.64
C LEU E 1313 2.89 7.78 20.60
N GLN E 1314 2.00 6.93 20.10
CA GLN E 1314 1.05 7.32 19.07
C GLN E 1314 -0.02 8.28 19.59
N SER E 1328 -6.47 9.16 21.08
CA SER E 1328 -5.33 8.45 20.49
C SER E 1328 -4.66 7.55 21.52
N PRO E 1329 -4.48 6.27 21.18
CA PRO E 1329 -3.83 5.35 22.12
C PRO E 1329 -2.34 5.58 22.19
N PHE E 1330 -1.71 4.94 23.19
CA PHE E 1330 -0.27 5.07 23.42
C PHE E 1330 0.25 3.73 23.90
N GLY E 1331 1.05 3.06 23.08
CA GLY E 1331 1.70 1.84 23.53
C GLY E 1331 0.79 0.64 23.70
N SER E 1332 0.33 0.06 22.61
CA SER E 1332 -0.45 -1.16 22.68
C SER E 1332 0.40 -2.41 22.90
N SER E 1333 1.72 -2.27 22.97
CA SER E 1333 2.64 -3.39 23.15
C SER E 1333 4.00 -2.84 23.57
N PHE E 1334 4.97 -3.73 23.72
CA PHE E 1334 6.35 -3.33 23.88
C PHE E 1334 7.11 -3.51 22.58
N ARG E 1335 8.42 -3.27 22.66
CA ARG E 1335 9.29 -3.36 21.50
C ARG E 1335 10.70 -3.58 22.02
N THR E 1336 11.21 -4.80 21.89
CA THR E 1336 12.52 -5.16 22.41
C THR E 1336 13.52 -5.21 21.26
N PHE E 1337 14.56 -4.40 21.36
CA PHE E 1337 15.56 -4.29 20.31
C PHE E 1337 16.94 -4.68 20.82
N ASN E 1338 17.82 -4.96 19.85
CA ASN E 1338 19.23 -5.22 20.11
C ASN E 1338 20.01 -3.93 19.89
N ALA E 1339 21.10 -3.79 20.62
CA ALA E 1339 21.88 -2.56 20.55
C ALA E 1339 23.00 -2.62 19.53
N THR E 1340 23.26 -3.78 18.95
CA THR E 1340 24.36 -3.92 18.00
C THR E 1340 23.89 -3.88 16.55
N ASP E 1341 22.89 -4.70 16.21
CA ASP E 1341 22.41 -4.76 14.85
C ASP E 1341 20.97 -4.31 14.69
N TYR E 1342 20.33 -3.89 15.79
CA TYR E 1342 18.98 -3.34 15.82
C TYR E 1342 17.94 -4.35 15.35
N LYS E 1343 18.21 -5.63 15.53
CA LYS E 1343 17.24 -6.63 15.17
C LYS E 1343 16.15 -6.70 16.23
N PRO E 1344 14.87 -6.73 15.85
CA PRO E 1344 13.78 -6.83 16.83
C PRO E 1344 13.75 -8.19 17.52
N ILE E 1345 13.80 -8.17 18.85
CA ILE E 1345 13.70 -9.39 19.64
C ILE E 1345 12.26 -9.75 19.94
N ALA E 1346 11.48 -8.83 20.51
CA ALA E 1346 10.13 -9.17 20.91
C ALA E 1346 9.25 -7.94 20.94
N THR E 1347 7.97 -8.17 20.67
CA THR E 1347 6.90 -7.21 20.87
C THR E 1347 5.88 -7.92 21.75
N ILE E 1348 6.02 -7.79 23.05
CA ILE E 1348 5.06 -8.44 23.94
C ILE E 1348 3.82 -7.55 24.03
N ASP E 1349 2.65 -8.19 23.98
CA ASP E 1349 1.38 -7.48 23.86
C ASP E 1349 0.88 -7.15 25.26
N VAL E 1350 0.96 -5.89 25.63
CA VAL E 1350 0.34 -5.40 26.85
C VAL E 1350 -0.95 -4.71 26.42
N LYS E 1351 -2.08 -5.31 26.80
CA LYS E 1351 -3.39 -4.91 26.27
C LYS E 1351 -3.78 -3.49 26.65
N ARG E 1352 -3.25 -2.95 27.73
CA ARG E 1352 -3.57 -1.60 28.13
C ARG E 1352 -2.67 -0.62 27.40
N ASN E 1353 -2.66 0.64 27.83
CA ASN E 1353 -1.95 1.70 27.14
C ASN E 1353 -0.71 2.08 27.95
N ILE E 1354 0.46 1.94 27.34
CA ILE E 1354 1.71 2.20 28.03
C ILE E 1354 1.96 3.71 28.02
N PHE E 1355 2.22 4.26 29.21
CA PHE E 1355 2.47 5.69 29.31
C PHE E 1355 3.90 6.02 29.68
N ASP E 1356 4.60 5.14 30.38
CA ASP E 1356 5.97 5.40 30.77
C ASP E 1356 6.66 4.06 30.99
N LEU E 1357 8.00 4.09 30.97
CA LEU E 1357 8.76 2.85 31.05
C LEU E 1357 10.14 3.14 31.61
N CYS E 1358 10.49 2.48 32.70
CA CYS E 1358 11.83 2.53 33.24
C CYS E 1358 12.25 1.14 33.66
N THR E 1359 13.56 0.87 33.60
CA THR E 1359 14.12 -0.45 33.88
C THR E 1359 15.21 -0.34 34.95
N ASP E 1360 15.60 -1.50 35.46
CA ASP E 1360 16.59 -1.58 36.53
C ASP E 1360 17.97 -1.23 36.02
N THR E 1361 18.86 -0.94 36.97
CA THR E 1361 20.28 -0.98 36.68
C THR E 1361 20.77 -2.42 36.69
N LYS E 1362 20.16 -3.26 37.52
CA LYS E 1362 20.55 -4.66 37.65
C LYS E 1362 19.55 -5.60 36.98
N ASP E 1363 18.93 -5.15 35.89
CA ASP E 1363 18.33 -5.98 34.83
C ASP E 1363 17.36 -7.05 35.35
N CYS E 1364 16.41 -6.64 36.17
CA CYS E 1364 15.45 -7.60 36.72
C CYS E 1364 13.99 -7.17 36.65
N TYR E 1365 13.69 -5.88 36.56
CA TYR E 1365 12.30 -5.44 36.57
C TYR E 1365 12.09 -4.36 35.53
N LEU E 1366 10.84 -4.22 35.09
CA LEU E 1366 10.42 -3.13 34.23
C LEU E 1366 9.32 -2.34 34.95
N ALA E 1367 9.57 -1.05 35.15
CA ALA E 1367 8.57 -0.16 35.72
C ALA E 1367 7.67 0.32 34.60
N VAL E 1368 6.41 -0.08 34.62
CA VAL E 1368 5.49 0.13 33.51
C VAL E 1368 4.26 0.84 34.02
N ILE E 1369 4.05 2.08 33.57
CA ILE E 1369 2.84 2.83 33.87
C ILE E 1369 1.81 2.50 32.79
N GLU E 1370 0.78 1.76 33.17
CA GLU E 1370 -0.27 1.39 32.23
C GLU E 1370 -1.61 1.93 32.71
N ASN E 1371 -2.50 2.21 31.76
CA ASN E 1371 -3.77 2.87 32.04
C ASN E 1371 -4.90 1.86 31.96
N GLN E 1372 -5.73 1.81 32.99
CA GLN E 1372 -6.87 0.91 32.99
C GLN E 1372 -8.03 1.54 32.22
N GLY E 1373 -9.10 0.78 32.07
CA GLY E 1373 -10.27 1.22 31.32
C GLY E 1373 -9.99 1.33 29.84
N SER E 1374 -10.90 2.02 29.15
CA SER E 1374 -10.72 2.35 27.75
C SER E 1374 -9.90 3.63 27.61
N MET E 1375 -9.79 4.13 26.39
CA MET E 1375 -9.13 5.42 26.18
C MET E 1375 -10.06 6.53 26.64
N ASP E 1376 -9.99 6.86 27.93
CA ASP E 1376 -10.89 7.82 28.55
C ASP E 1376 -10.04 8.95 29.12
N ALA E 1377 -10.15 10.14 28.52
CA ALA E 1377 -9.51 11.33 29.06
C ALA E 1377 -10.24 11.90 30.27
N LEU E 1378 -11.47 11.46 30.51
CA LEU E 1378 -12.23 11.90 31.68
C LEU E 1378 -11.98 11.03 32.90
N ASN E 1379 -11.63 9.76 32.70
CA ASN E 1379 -11.35 8.86 33.81
C ASN E 1379 -10.08 8.08 33.48
N MET E 1380 -9.03 8.30 34.26
CA MET E 1380 -7.74 7.67 34.05
C MET E 1380 -7.35 6.90 35.30
N ASP E 1381 -7.26 5.58 35.19
CA ASP E 1381 -6.82 4.71 36.29
C ASP E 1381 -5.47 4.15 35.86
N THR E 1382 -4.41 4.89 36.15
CA THR E 1382 -3.08 4.58 35.63
C THR E 1382 -2.26 3.94 36.73
N VAL E 1383 -2.04 2.63 36.62
CA VAL E 1383 -1.37 1.84 37.64
C VAL E 1383 0.06 1.57 37.19
N CYS E 1384 0.86 1.05 38.12
CA CYS E 1384 2.22 0.60 37.83
C CYS E 1384 2.27 -0.92 37.98
N ARG E 1385 2.76 -1.60 36.95
CA ARG E 1385 2.83 -3.05 36.92
C ARG E 1385 4.28 -3.47 36.69
N LEU E 1386 4.85 -4.18 37.65
CA LEU E 1386 6.24 -4.65 37.56
C LEU E 1386 6.30 -5.98 36.85
N TYR E 1387 7.11 -6.05 35.80
CA TYR E 1387 7.41 -7.28 35.11
C TYR E 1387 8.72 -7.86 35.63
N GLU E 1388 8.97 -9.12 35.29
CA GLU E 1388 10.27 -9.74 35.56
C GLU E 1388 10.94 -10.06 34.24
N VAL E 1389 12.23 -9.74 34.15
CA VAL E 1389 12.97 -9.96 32.91
C VAL E 1389 13.23 -11.45 32.75
N GLY E 1390 12.81 -11.99 31.63
CA GLY E 1390 13.30 -13.29 31.23
C GLY E 1390 12.60 -14.49 31.83
N ARG E 1391 11.35 -14.34 32.27
CA ARG E 1391 10.61 -15.46 32.83
C ARG E 1391 9.32 -15.64 32.04
N GLN E 1392 9.03 -16.89 31.67
CA GLN E 1392 7.80 -17.20 30.99
C GLN E 1392 6.61 -17.07 31.93
N ARG E 1393 5.46 -16.72 31.37
CA ARG E 1393 4.23 -16.57 32.13
C ARG E 1393 3.71 -17.92 32.61
N MET F 1 33.29 -12.54 58.64
CA MET F 1 32.96 -12.80 57.24
C MET F 1 33.63 -14.08 56.74
N SER F 2 33.34 -14.47 55.51
CA SER F 2 33.94 -15.65 54.91
C SER F 2 35.33 -15.30 54.41
N TYR F 3 36.30 -16.16 54.71
CA TYR F 3 37.67 -15.95 54.26
C TYR F 3 38.19 -17.24 53.64
N ASN F 4 38.72 -17.13 52.42
CA ASN F 4 39.08 -18.31 51.66
C ASN F 4 40.45 -18.16 51.04
N TYR F 5 40.96 -19.28 50.52
CA TYR F 5 42.36 -19.41 50.14
C TYR F 5 42.45 -20.18 48.83
N VAL F 6 43.08 -19.56 47.81
CA VAL F 6 43.09 -20.08 46.46
C VAL F 6 44.53 -20.28 46.02
N VAL F 7 44.88 -21.50 45.61
CA VAL F 7 46.18 -21.81 45.03
C VAL F 7 45.98 -22.48 43.68
N THR F 8 47.09 -22.89 43.06
CA THR F 8 47.08 -23.58 41.77
C THR F 8 47.67 -24.98 41.97
N ALA F 9 46.84 -26.01 41.81
CA ALA F 9 47.36 -27.37 41.90
C ALA F 9 48.13 -27.73 40.65
N GLN F 10 47.47 -27.74 39.50
CA GLN F 10 48.13 -27.98 38.22
C GLN F 10 48.20 -26.68 37.44
N LYS F 11 49.40 -26.33 37.00
CA LYS F 11 49.61 -25.17 36.17
C LYS F 11 48.91 -25.36 34.83
N PRO F 12 48.39 -24.30 34.22
CA PRO F 12 47.55 -24.47 33.02
C PRO F 12 48.36 -24.96 31.82
N THR F 13 47.82 -25.96 31.14
CA THR F 13 48.57 -26.67 30.11
C THR F 13 48.17 -26.34 28.68
N ALA F 14 46.92 -25.94 28.43
CA ALA F 14 46.47 -25.69 27.08
C ALA F 14 47.08 -24.40 26.54
N VAL F 15 47.50 -24.43 25.29
CA VAL F 15 48.36 -23.39 24.74
C VAL F 15 47.54 -22.40 23.94
N ASN F 16 48.03 -21.16 23.87
CA ASN F 16 47.36 -20.06 23.18
C ASN F 16 48.45 -19.22 22.52
N GLY F 17 48.74 -19.51 21.26
CA GLY F 17 49.70 -18.70 20.54
C GLY F 17 51.13 -19.14 20.76
N CYS F 18 51.88 -19.27 19.68
CA CYS F 18 53.24 -19.77 19.73
C CYS F 18 54.07 -18.97 18.74
N VAL F 19 55.19 -18.43 19.18
CA VAL F 19 56.00 -17.53 18.38
C VAL F 19 57.44 -18.01 18.39
N THR F 20 58.05 -18.11 17.23
CA THR F 20 59.46 -18.42 17.11
C THR F 20 60.25 -17.15 16.84
N GLY F 21 61.57 -17.29 16.90
CA GLY F 21 62.44 -16.16 16.67
C GLY F 21 63.80 -16.30 17.31
N HIS F 22 64.30 -15.24 17.90
CA HIS F 22 65.64 -15.22 18.48
C HIS F 22 65.65 -14.47 19.82
N PHE F 23 64.68 -14.80 20.69
CA PHE F 23 64.41 -13.99 21.88
C PHE F 23 65.53 -14.06 22.92
N THR F 24 66.18 -15.21 23.05
CA THR F 24 67.21 -15.36 24.08
C THR F 24 68.51 -14.68 23.67
N SER F 25 69.11 -15.13 22.58
CA SER F 25 70.40 -14.58 22.16
C SER F 25 70.39 -14.20 20.69
N ALA F 26 71.56 -13.85 20.16
CA ALA F 26 71.62 -13.39 18.78
C ALA F 26 71.47 -14.53 17.79
N GLU F 27 72.13 -15.65 18.04
CA GLU F 27 72.21 -16.71 17.04
C GLU F 27 71.61 -18.02 17.54
N ASP F 28 70.45 -17.98 18.17
CA ASP F 28 69.86 -19.20 18.71
C ASP F 28 68.35 -19.13 18.55
N LEU F 29 67.81 -20.01 17.71
CA LEU F 29 66.38 -20.11 17.51
C LEU F 29 65.71 -20.65 18.76
N ASN F 30 64.52 -20.15 19.07
CA ASN F 30 63.80 -20.56 20.27
C ASN F 30 62.31 -20.46 20.02
N LEU F 31 61.55 -20.90 21.02
CA LEU F 31 60.10 -20.99 20.94
C LEU F 31 59.50 -20.35 22.18
N LEU F 32 58.46 -19.56 21.99
CA LEU F 32 57.83 -18.82 23.09
C LEU F 32 56.38 -19.24 23.20
N ILE F 33 56.11 -20.29 23.97
CA ILE F 33 54.76 -20.79 24.15
C ILE F 33 54.12 -20.08 25.34
N ALA F 34 53.02 -19.36 25.07
CA ALA F 34 52.17 -18.87 26.12
C ALA F 34 50.95 -19.77 26.21
N LYS F 35 50.57 -20.13 27.44
CA LYS F 35 49.52 -21.13 27.62
C LYS F 35 48.23 -20.51 28.17
N ASN F 36 48.23 -20.03 29.41
CA ASN F 36 47.13 -19.19 29.86
C ASN F 36 47.69 -17.89 30.41
N THR F 37 48.54 -18.04 31.42
CA THR F 37 49.25 -16.93 32.01
C THR F 37 50.75 -17.15 32.01
N ARG F 38 51.21 -18.38 31.80
CA ARG F 38 52.64 -18.66 31.76
C ARG F 38 53.22 -18.35 30.40
N LEU F 39 54.49 -17.98 30.39
CA LEU F 39 55.25 -17.72 29.17
C LEU F 39 56.47 -18.62 29.20
N GLU F 40 56.42 -19.74 28.51
CA GLU F 40 57.54 -20.67 28.49
C GLU F 40 58.51 -20.28 27.38
N ILE F 41 59.79 -20.36 27.69
CA ILE F 41 60.85 -19.98 26.78
C ILE F 41 61.71 -21.22 26.57
N TYR F 42 61.46 -21.93 25.47
CA TYR F 42 62.24 -23.11 25.15
C TYR F 42 63.44 -22.70 24.30
N VAL F 43 64.12 -23.68 23.72
CA VAL F 43 65.13 -23.43 22.70
C VAL F 43 65.11 -24.62 21.76
N VAL F 44 65.44 -24.38 20.49
CA VAL F 44 65.36 -25.41 19.46
C VAL F 44 66.72 -26.08 19.37
N THR F 45 66.78 -27.35 19.76
CA THR F 45 68.01 -28.12 19.77
C THR F 45 67.92 -29.23 18.74
N ALA F 46 69.04 -29.94 18.58
CA ALA F 46 69.11 -31.03 17.62
C ALA F 46 68.36 -32.25 18.09
N GLU F 47 68.04 -32.34 19.38
CA GLU F 47 67.32 -33.49 19.91
C GLU F 47 65.85 -33.21 20.17
N GLY F 48 65.46 -31.94 20.25
CA GLY F 48 64.09 -31.60 20.60
C GLY F 48 63.99 -30.23 21.23
N LEU F 49 63.39 -30.16 22.41
CA LEU F 49 63.19 -28.90 23.12
C LEU F 49 63.98 -28.90 24.42
N ARG F 50 64.29 -27.70 24.89
CA ARG F 50 65.06 -27.52 26.11
C ARG F 50 64.67 -26.22 26.79
N PRO F 51 64.05 -26.28 27.96
CA PRO F 51 63.53 -25.07 28.59
C PRO F 51 64.63 -24.18 29.14
N VAL F 52 64.32 -22.89 29.23
CA VAL F 52 65.29 -21.90 29.67
C VAL F 52 64.76 -21.18 30.90
N LYS F 53 63.63 -20.50 30.75
CA LYS F 53 63.03 -19.77 31.88
C LYS F 53 61.54 -19.65 31.68
N GLU F 54 60.77 -20.11 32.65
CA GLU F 54 59.32 -19.99 32.63
C GLU F 54 58.92 -18.80 33.51
N VAL F 55 58.08 -17.93 32.96
CA VAL F 55 57.68 -16.69 33.61
C VAL F 55 56.16 -16.63 33.65
N GLY F 56 55.60 -16.50 34.85
CA GLY F 56 54.17 -16.28 35.01
C GLY F 56 53.85 -14.81 35.07
N MET F 57 52.93 -14.36 34.23
CA MET F 57 52.52 -12.96 34.19
C MET F 57 51.11 -12.79 34.69
N TYR F 58 50.78 -11.55 35.06
CA TYR F 58 49.48 -11.24 35.64
C TYR F 58 48.53 -10.87 34.51
N GLY F 59 47.94 -11.88 33.90
CA GLY F 59 46.95 -11.67 32.86
C GLY F 59 46.97 -12.80 31.85
N LYS F 60 45.88 -12.91 31.09
CA LYS F 60 45.81 -13.85 29.99
C LYS F 60 46.57 -13.26 28.81
N ILE F 61 47.64 -13.93 28.38
CA ILE F 61 48.37 -13.45 27.23
C ILE F 61 47.51 -13.69 26.00
N ALA F 62 47.01 -12.61 25.40
CA ALA F 62 46.11 -12.69 24.26
C ALA F 62 46.83 -12.52 22.94
N VAL F 63 47.72 -11.55 22.83
CA VAL F 63 48.46 -11.30 21.60
C VAL F 63 49.94 -11.15 21.95
N MET F 64 50.77 -12.01 21.37
CA MET F 64 52.21 -11.86 21.50
C MET F 64 52.87 -12.06 20.14
N GLU F 65 53.96 -11.33 19.93
CA GLU F 65 54.70 -11.43 18.67
C GLU F 65 56.07 -10.83 18.88
N LEU F 66 57.10 -11.50 18.39
CA LEU F 66 58.44 -10.97 18.46
C LEU F 66 58.66 -9.93 17.37
N PHE F 67 59.62 -9.05 17.62
CA PHE F 67 60.00 -8.03 16.65
C PHE F 67 61.41 -7.56 16.98
N ARG F 68 62.20 -7.32 15.94
CA ARG F 68 63.56 -6.79 16.12
C ARG F 68 63.61 -5.37 15.59
N PRO F 69 63.54 -4.36 16.45
CA PRO F 69 63.60 -2.98 15.97
C PRO F 69 65.00 -2.62 15.50
N LYS F 70 65.06 -1.66 14.58
CA LYS F 70 66.31 -1.26 13.94
C LYS F 70 67.21 -0.58 14.96
N GLY F 71 68.27 -1.26 15.36
CA GLY F 71 69.17 -0.77 16.38
C GLY F 71 69.48 -1.76 17.47
N GLU F 72 68.90 -2.95 17.44
CA GLU F 72 69.19 -3.99 18.41
C GLU F 72 69.51 -5.27 17.65
N SER F 73 70.61 -5.93 18.05
CA SER F 73 70.96 -7.22 17.47
C SER F 73 69.93 -8.28 17.85
N LYS F 74 69.63 -8.38 19.15
CA LYS F 74 68.55 -9.22 19.61
C LYS F 74 67.21 -8.54 19.36
N ASP F 75 66.13 -9.20 19.73
CA ASP F 75 64.79 -8.72 19.46
C ASP F 75 64.03 -8.46 20.77
N LEU F 76 62.80 -8.01 20.63
CA LEU F 76 61.94 -7.64 21.74
C LEU F 76 60.61 -8.38 21.62
N LEU F 77 59.82 -8.34 22.68
CA LEU F 77 58.56 -9.07 22.73
C LEU F 77 57.45 -8.20 23.29
N PHE F 78 56.36 -8.08 22.54
CA PHE F 78 55.17 -7.35 22.96
C PHE F 78 54.13 -8.35 23.42
N ILE F 79 53.53 -8.10 24.59
CA ILE F 79 52.47 -8.94 25.13
C ILE F 79 51.34 -8.05 25.61
N LEU F 80 50.13 -8.34 25.18
CA LEU F 80 48.93 -7.63 25.61
C LEU F 80 48.05 -8.59 26.39
N THR F 81 47.68 -8.19 27.61
CA THR F 81 46.89 -9.06 28.46
C THR F 81 45.40 -8.94 28.14
N ALA F 82 44.59 -9.72 28.85
CA ALA F 82 43.16 -9.68 28.62
C ALA F 82 42.52 -8.44 29.22
N LYS F 83 43.14 -7.86 30.26
CA LYS F 83 42.72 -6.58 30.79
C LYS F 83 43.47 -5.42 30.16
N TYR F 84 43.90 -5.59 28.91
CA TYR F 84 44.37 -4.54 28.02
C TYR F 84 45.65 -3.90 28.51
N ASN F 85 46.43 -4.61 29.31
CA ASN F 85 47.65 -4.05 29.89
C ASN F 85 48.83 -4.48 29.03
N ALA F 86 49.34 -3.55 28.23
CA ALA F 86 50.38 -3.85 27.26
C ALA F 86 51.77 -3.70 27.86
N CYS F 87 52.71 -4.49 27.34
CA CYS F 87 54.08 -4.44 27.82
C CYS F 87 55.03 -4.81 26.68
N ILE F 88 56.27 -4.34 26.80
CA ILE F 88 57.34 -4.66 25.87
C ILE F 88 58.54 -5.14 26.68
N LEU F 89 58.99 -6.36 26.41
CA LEU F 89 59.95 -7.05 27.25
C LEU F 89 61.30 -7.18 26.56
N GLU F 90 62.28 -7.66 27.32
CA GLU F 90 63.60 -7.95 26.79
C GLU F 90 64.29 -8.96 27.69
N TYR F 91 64.75 -10.05 27.10
CA TYR F 91 65.58 -11.01 27.81
C TYR F 91 66.93 -10.39 28.11
N LYS F 92 67.43 -10.59 29.33
CA LYS F 92 68.79 -10.17 29.68
C LYS F 92 69.44 -11.21 30.57
N GLN F 93 70.63 -11.66 30.18
CA GLN F 93 71.30 -12.77 30.83
C GLN F 93 72.68 -12.32 31.30
N SER F 94 73.02 -12.68 32.54
CA SER F 94 74.35 -12.39 33.08
C SER F 94 74.71 -13.51 34.03
N GLY F 95 75.40 -14.52 33.50
CA GLY F 95 75.78 -15.66 34.32
C GLY F 95 74.56 -16.47 34.70
N GLU F 96 74.44 -16.77 35.99
CA GLU F 96 73.26 -17.44 36.50
C GLU F 96 72.07 -16.50 36.63
N SER F 97 72.30 -15.19 36.61
CA SER F 97 71.21 -14.22 36.68
C SER F 97 70.54 -14.14 35.32
N ILE F 98 69.31 -14.62 35.24
CA ILE F 98 68.52 -14.62 34.01
C ILE F 98 67.23 -13.88 34.30
N ASP F 99 67.07 -12.70 33.71
CA ASP F 99 66.01 -11.78 34.09
C ASP F 99 65.29 -11.27 32.85
N ILE F 100 64.02 -10.94 33.02
CA ILE F 100 63.19 -10.33 32.00
C ILE F 100 62.92 -8.90 32.41
N ILE F 101 63.20 -7.94 31.54
CA ILE F 101 63.11 -6.53 31.86
C ILE F 101 62.04 -5.90 30.99
N THR F 102 61.05 -5.27 31.62
CA THR F 102 60.05 -4.54 30.87
C THR F 102 60.65 -3.22 30.38
N ARG F 103 60.52 -2.96 29.09
CA ARG F 103 61.07 -1.73 28.52
C ARG F 103 60.02 -0.62 28.45
N ALA F 104 58.75 -0.96 28.23
CA ALA F 104 57.68 0.01 28.26
C ALA F 104 56.39 -0.71 28.63
N HIS F 105 55.48 0.04 29.21
CA HIS F 105 54.19 -0.53 29.61
C HIS F 105 53.14 0.57 29.54
N GLY F 106 51.99 0.33 30.17
CA GLY F 106 50.94 1.31 30.18
C GLY F 106 49.62 0.73 29.75
N ASN F 107 48.57 0.93 30.55
CA ASN F 107 47.27 0.38 30.20
C ASN F 107 46.67 1.16 29.05
N VAL F 108 46.16 0.44 28.06
CA VAL F 108 45.58 1.04 26.87
C VAL F 108 44.15 0.52 26.77
N GLN F 109 43.22 1.29 27.32
CA GLN F 109 41.80 0.98 27.19
C GLN F 109 41.03 2.28 27.01
N ASP F 110 40.02 2.23 26.16
CA ASP F 110 39.12 3.36 26.01
C ASP F 110 38.05 3.28 27.08
N ARG F 111 37.47 4.43 27.41
CA ARG F 111 36.41 4.46 28.40
C ARG F 111 35.13 3.80 27.88
N ILE F 112 34.87 3.95 26.59
CA ILE F 112 33.62 3.54 25.99
C ILE F 112 33.89 2.61 24.82
N GLY F 113 33.00 1.65 24.60
CA GLY F 113 33.07 0.84 23.40
C GLY F 113 32.79 -0.63 23.55
N ARG F 114 32.10 -1.21 22.57
CA ARG F 114 31.92 -2.65 22.50
C ARG F 114 33.27 -3.29 22.19
N PRO F 115 33.69 -4.32 22.92
CA PRO F 115 35.02 -4.89 22.69
C PRO F 115 35.23 -5.50 21.31
N SER F 116 34.56 -6.60 20.99
CA SER F 116 34.86 -7.31 19.76
C SER F 116 33.84 -8.43 19.57
N GLU F 117 33.95 -9.07 18.44
CA GLU F 117 33.32 -10.32 18.07
C GLU F 117 34.35 -11.33 17.57
N THR F 118 35.38 -10.86 16.87
CA THR F 118 36.49 -11.71 16.47
C THR F 118 37.62 -11.72 17.49
N GLY F 119 37.38 -11.22 18.69
CA GLY F 119 38.41 -11.17 19.69
C GLY F 119 39.42 -10.07 19.41
N ILE F 120 40.59 -10.22 20.03
CA ILE F 120 41.65 -9.23 19.97
C ILE F 120 42.65 -9.65 18.91
N ILE F 121 42.98 -8.73 18.01
CA ILE F 121 43.93 -8.99 16.94
C ILE F 121 45.06 -7.98 17.07
N GLY F 122 46.30 -8.46 17.02
CA GLY F 122 47.43 -7.57 17.07
C GLY F 122 48.47 -7.93 16.05
N ILE F 123 48.96 -6.96 15.29
CA ILE F 123 49.87 -7.21 14.19
C ILE F 123 51.05 -6.26 14.32
N ILE F 124 52.23 -6.77 14.15
CA ILE F 124 53.44 -5.97 14.12
C ILE F 124 53.75 -5.63 12.67
N ASP F 125 54.17 -4.39 12.44
CA ASP F 125 54.61 -3.98 11.12
C ASP F 125 55.91 -4.70 10.74
N PRO F 126 56.09 -5.06 9.48
CA PRO F 126 57.34 -5.75 9.09
C PRO F 126 58.55 -4.85 9.13
N GLU F 127 58.39 -3.55 8.91
CA GLU F 127 59.53 -2.65 8.95
C GLU F 127 59.84 -2.17 10.36
N CYS F 128 59.08 -2.65 11.36
CA CYS F 128 59.23 -2.33 12.79
C CYS F 128 59.14 -0.82 13.02
N ARG F 129 57.98 -0.26 12.66
CA ARG F 129 57.71 1.14 12.84
C ARG F 129 56.48 1.42 13.68
N MET F 130 55.53 0.51 13.74
CA MET F 130 54.33 0.70 14.55
C MET F 130 53.80 -0.66 14.98
N ILE F 131 52.85 -0.62 15.91
CA ILE F 131 52.24 -1.80 16.50
C ILE F 131 50.75 -1.58 16.45
N GLY F 132 50.05 -2.35 15.65
CA GLY F 132 48.63 -2.17 15.50
C GLY F 132 47.83 -3.10 16.38
N LEU F 133 46.61 -2.67 16.70
CA LEU F 133 45.74 -3.44 17.58
C LEU F 133 44.29 -3.20 17.16
N ARG F 134 43.51 -4.26 17.15
CA ARG F 134 42.06 -4.18 16.98
C ARG F 134 41.46 -4.52 18.32
N LEU F 135 40.90 -3.52 18.99
CA LEU F 135 40.49 -3.72 20.38
C LEU F 135 39.02 -3.42 20.65
N TYR F 136 38.44 -2.36 20.06
CA TYR F 136 37.16 -1.87 20.55
C TYR F 136 36.13 -1.60 19.45
N ASP F 137 36.18 -2.34 18.35
CA ASP F 137 35.08 -2.47 17.37
C ASP F 137 34.67 -1.12 16.77
N GLY F 138 35.60 -0.56 16.01
CA GLY F 138 35.34 0.72 15.40
C GLY F 138 36.55 1.62 15.53
N LEU F 139 37.62 1.08 16.09
CA LEU F 139 38.86 1.81 16.23
C LEU F 139 40.02 0.89 15.84
N PHE F 140 41.16 1.50 15.58
CA PHE F 140 42.38 0.79 15.25
C PHE F 140 43.50 1.47 16.04
N LYS F 141 43.79 0.93 17.23
CA LYS F 141 44.80 1.54 18.09
C LYS F 141 46.18 1.33 17.51
N VAL F 142 46.96 2.40 17.46
CA VAL F 142 48.31 2.38 16.91
C VAL F 142 49.27 2.81 18.01
N ILE F 143 50.26 1.97 18.30
CA ILE F 143 51.29 2.26 19.27
C ILE F 143 52.56 2.60 18.51
N PRO F 144 52.98 3.86 18.46
CA PRO F 144 54.16 4.22 17.67
C PRO F 144 55.45 3.72 18.29
N LEU F 145 56.03 2.70 17.68
CA LEU F 145 57.18 2.00 18.24
C LEU F 145 58.42 2.87 18.08
N ASP F 146 58.92 3.37 19.20
CA ASP F 146 60.12 4.20 19.23
C ASP F 146 60.67 4.10 20.64
N ARG F 147 61.83 4.73 20.87
CA ARG F 147 62.35 4.84 22.23
C ARG F 147 61.69 5.95 23.02
N ASP F 148 60.79 6.70 22.39
CA ASP F 148 60.09 7.80 23.05
C ASP F 148 59.11 7.30 24.11
N ASN F 149 58.64 6.07 23.99
CA ASN F 149 57.65 5.52 24.91
C ASN F 149 58.35 4.93 26.12
N LYS F 150 58.58 5.76 27.14
CA LYS F 150 58.85 5.17 28.46
C LYS F 150 57.57 4.59 29.04
N GLU F 151 56.42 5.15 28.67
CA GLU F 151 55.14 4.51 28.76
C GLU F 151 54.50 4.61 27.38
N LEU F 152 53.66 3.63 27.05
CA LEU F 152 53.21 3.47 25.68
C LEU F 152 52.18 4.52 25.30
N LYS F 153 52.52 5.36 24.33
CA LYS F 153 51.54 6.28 23.77
C LYS F 153 50.59 5.52 22.85
N ALA F 154 49.45 6.14 22.54
CA ALA F 154 48.43 5.46 21.77
C ALA F 154 47.64 6.45 20.93
N PHE F 155 47.27 6.00 19.74
CA PHE F 155 46.34 6.71 18.86
C PHE F 155 45.08 5.88 18.75
N ASN F 156 44.00 6.49 18.30
CA ASN F 156 42.79 5.75 17.95
C ASN F 156 42.31 6.29 16.61
N ILE F 157 42.83 5.73 15.53
CA ILE F 157 42.45 6.11 14.19
C ILE F 157 41.20 5.33 13.84
N ARG F 158 40.15 6.05 13.46
CA ARG F 158 38.83 5.44 13.34
C ARG F 158 38.72 4.58 12.09
N LEU F 159 38.36 3.33 12.30
CA LEU F 159 37.93 2.48 11.19
C LEU F 159 36.52 2.88 10.82
N GLU F 160 36.33 3.38 9.60
CA GLU F 160 34.99 3.65 9.11
C GLU F 160 34.20 2.37 8.90
N GLU F 161 34.89 1.25 8.72
CA GLU F 161 34.26 -0.05 8.56
C GLU F 161 34.16 -0.74 9.92
N LEU F 162 32.97 -1.23 10.25
CA LEU F 162 32.69 -1.65 11.62
C LEU F 162 33.18 -3.08 11.89
N HIS F 163 32.62 -4.06 11.18
CA HIS F 163 32.79 -5.47 11.51
C HIS F 163 33.95 -6.05 10.71
N VAL F 164 35.15 -5.93 11.24
CA VAL F 164 36.37 -6.38 10.58
C VAL F 164 36.67 -7.79 11.02
N ILE F 165 36.94 -8.67 10.05
CA ILE F 165 37.14 -10.09 10.35
C ILE F 165 38.60 -10.38 10.68
N ASP F 166 39.50 -10.10 9.75
CA ASP F 166 40.92 -10.26 10.01
C ASP F 166 41.67 -9.09 9.39
N VAL F 167 42.90 -8.91 9.83
CA VAL F 167 43.69 -7.76 9.47
C VAL F 167 45.18 -8.09 9.61
N LYS F 168 45.97 -7.73 8.60
CA LYS F 168 47.41 -7.92 8.64
C LYS F 168 48.09 -6.69 8.07
N PHE F 169 49.38 -6.56 8.34
CA PHE F 169 50.22 -5.63 7.61
C PHE F 169 50.80 -6.33 6.39
N LEU F 170 50.72 -5.66 5.25
CA LEU F 170 51.36 -6.19 4.05
C LEU F 170 52.86 -5.91 4.11
N TYR F 171 53.62 -6.70 3.35
CA TYR F 171 55.07 -6.63 3.44
C TYR F 171 55.60 -5.45 2.63
N GLY F 172 56.90 -5.46 2.37
CA GLY F 172 57.67 -4.29 1.96
C GLY F 172 57.20 -3.59 0.71
N CYS F 173 56.59 -2.43 0.91
CA CYS F 173 56.08 -1.62 -0.18
C CYS F 173 56.28 -0.13 0.09
N GLN F 174 57.34 0.21 0.84
CA GLN F 174 57.91 1.54 1.07
C GLN F 174 57.02 2.37 2.00
N ALA F 175 55.85 1.87 2.36
CA ALA F 175 54.99 2.57 3.27
C ALA F 175 54.21 1.52 4.04
N PRO F 176 54.08 1.66 5.36
CA PRO F 176 53.34 0.67 6.15
C PRO F 176 51.85 0.71 5.85
N THR F 177 51.33 -0.39 5.34
CA THR F 177 49.95 -0.45 4.88
C THR F 177 49.24 -1.62 5.52
N ILE F 178 47.91 -1.59 5.43
CA ILE F 178 47.05 -2.50 6.16
C ILE F 178 46.11 -3.18 5.17
N CYS F 179 45.89 -4.48 5.35
CA CYS F 179 44.85 -5.21 4.66
C CYS F 179 43.73 -5.55 5.64
N PHE F 180 42.52 -5.70 5.11
CA PHE F 180 41.32 -6.07 5.87
C PHE F 180 40.69 -7.32 5.29
N VAL F 181 39.66 -7.81 5.98
CA VAL F 181 38.55 -8.56 5.39
C VAL F 181 37.32 -7.99 6.05
N TYR F 182 36.58 -7.14 5.35
CA TYR F 182 35.47 -6.42 5.94
C TYR F 182 34.14 -6.98 5.46
N GLN F 183 33.24 -7.22 6.40
CA GLN F 183 31.88 -7.65 6.11
C GLN F 183 30.99 -6.43 5.89
N ASP F 184 30.69 -6.14 4.62
CA ASP F 184 29.69 -5.13 4.26
C ASP F 184 28.31 -5.53 4.77
N PRO F 185 27.37 -4.58 4.84
CA PRO F 185 25.98 -4.98 5.04
C PRO F 185 25.43 -5.77 3.87
N GLN F 186 25.88 -5.49 2.66
CA GLN F 186 25.51 -6.22 1.46
C GLN F 186 26.79 -6.74 0.84
N GLY F 187 27.15 -7.97 1.20
CA GLY F 187 28.37 -8.59 0.72
C GLY F 187 29.50 -8.47 1.72
N ARG F 188 30.72 -8.70 1.21
CA ARG F 188 31.94 -8.54 1.98
C ARG F 188 33.11 -8.42 1.02
N HIS F 189 34.17 -7.74 1.46
CA HIS F 189 35.24 -7.40 0.55
C HIS F 189 36.54 -7.28 1.31
N VAL F 190 37.56 -6.79 0.64
CA VAL F 190 38.90 -6.61 1.19
C VAL F 190 39.39 -5.22 0.78
N LYS F 191 39.49 -4.31 1.74
CA LYS F 191 39.93 -2.96 1.49
C LYS F 191 41.29 -2.75 2.14
N THR F 192 42.02 -1.73 1.69
CA THR F 192 43.31 -1.37 2.24
C THR F 192 43.34 0.10 2.64
N TYR F 193 44.36 0.47 3.40
CA TYR F 193 44.59 1.84 3.83
C TYR F 193 46.09 2.08 3.96
N GLU F 194 46.45 3.19 4.58
CA GLU F 194 47.85 3.57 4.77
C GLU F 194 47.93 4.55 5.93
N VAL F 195 48.65 4.18 6.99
CA VAL F 195 48.68 4.98 8.21
C VAL F 195 49.78 6.01 8.12
N SER F 196 49.43 7.28 8.37
CA SER F 196 50.40 8.37 8.50
C SER F 196 50.51 8.68 9.98
N LEU F 197 51.65 8.30 10.57
CA LEU F 197 51.87 8.54 11.99
C LEU F 197 51.98 10.03 12.31
N ARG F 198 52.54 10.81 11.39
CA ARG F 198 52.69 12.24 11.60
C ARG F 198 51.36 12.98 11.49
N GLU F 199 50.33 12.35 10.94
CA GLU F 199 49.05 13.01 10.75
C GLU F 199 47.88 12.25 11.35
N LYS F 200 48.12 11.08 11.94
CA LYS F 200 47.11 10.29 12.68
C LYS F 200 45.92 9.89 11.80
N GLU F 201 46.15 9.67 10.51
CA GLU F 201 45.03 9.54 9.60
C GLU F 201 45.37 8.57 8.47
N PHE F 202 44.35 7.86 8.00
CA PHE F 202 44.49 6.97 6.86
C PHE F 202 44.71 7.74 5.57
N ASN F 203 45.72 7.36 4.81
CA ASN F 203 45.92 7.87 3.46
C ASN F 203 45.22 6.88 2.49
N LYS F 204 45.48 7.00 1.19
CA LYS F 204 44.77 6.18 0.21
C LYS F 204 45.41 4.80 0.07
N GLY F 205 44.57 3.76 0.08
CA GLY F 205 45.04 2.41 -0.05
C GLY F 205 45.11 1.96 -1.51
N PRO F 206 46.00 1.00 -1.81
CA PRO F 206 46.23 0.62 -3.20
C PRO F 206 45.40 -0.51 -3.76
N TRP F 207 44.63 -1.24 -2.97
CA TRP F 207 43.86 -2.37 -3.48
C TRP F 207 42.38 -2.11 -3.27
N LYS F 208 41.55 -2.80 -4.04
CA LYS F 208 40.12 -2.58 -3.97
C LYS F 208 39.34 -3.83 -3.58
N GLN F 209 39.51 -4.93 -4.34
CA GLN F 209 38.96 -6.27 -4.10
C GLN F 209 37.49 -6.27 -3.68
N GLU F 210 36.63 -5.83 -4.60
CA GLU F 210 35.28 -5.40 -4.23
C GLU F 210 34.37 -6.53 -3.74
N ASN F 211 34.71 -7.78 -4.01
CA ASN F 211 33.87 -8.88 -3.56
C ASN F 211 34.73 -10.13 -3.47
N VAL F 212 34.92 -10.64 -2.26
CA VAL F 212 35.66 -11.88 -2.03
C VAL F 212 34.67 -12.91 -1.51
N GLU F 213 35.18 -14.10 -1.22
CA GLU F 213 34.35 -15.24 -0.84
C GLU F 213 33.53 -14.93 0.40
N ALA F 214 32.32 -15.48 0.44
CA ALA F 214 31.34 -15.12 1.46
C ALA F 214 31.68 -15.62 2.85
N GLU F 215 32.70 -16.45 3.00
CA GLU F 215 33.21 -16.86 4.31
C GLU F 215 34.73 -16.76 4.35
N ALA F 216 35.26 -15.62 3.90
CA ALA F 216 36.68 -15.36 4.01
C ALA F 216 37.05 -15.16 5.47
N SER F 217 38.11 -15.83 5.90
CA SER F 217 38.42 -15.92 7.32
C SER F 217 39.78 -15.38 7.73
N MET F 218 40.78 -15.36 6.84
CA MET F 218 42.09 -14.87 7.26
C MET F 218 42.86 -14.27 6.11
N VAL F 219 43.88 -13.50 6.48
CA VAL F 219 44.80 -12.85 5.55
C VAL F 219 46.19 -13.39 5.86
N ILE F 220 46.90 -13.80 4.81
CA ILE F 220 48.26 -14.29 4.95
C ILE F 220 49.11 -13.44 4.02
N ALA F 221 49.83 -12.49 4.57
CA ALA F 221 50.66 -11.65 3.73
C ALA F 221 51.92 -12.39 3.30
N VAL F 222 52.24 -12.29 2.02
CA VAL F 222 53.39 -12.99 1.46
C VAL F 222 54.54 -12.00 1.36
N PRO F 223 55.80 -12.44 1.53
CA PRO F 223 56.87 -11.48 1.79
C PRO F 223 57.50 -10.82 0.58
N GLU F 224 58.60 -10.11 0.86
CA GLU F 224 59.40 -9.18 0.04
C GLU F 224 59.73 -9.54 -1.41
N PRO F 225 59.94 -10.82 -1.82
CA PRO F 225 60.12 -11.05 -3.25
C PRO F 225 58.88 -10.78 -4.08
N PHE F 226 57.74 -11.36 -3.70
CA PHE F 226 56.54 -11.30 -4.52
C PHE F 226 55.32 -10.95 -3.66
N GLY F 227 55.46 -9.90 -2.84
CA GLY F 227 54.46 -9.42 -1.90
C GLY F 227 53.02 -9.26 -2.36
N GLY F 228 52.09 -9.37 -1.42
CA GLY F 228 50.69 -9.53 -1.75
C GLY F 228 49.92 -10.05 -0.55
N ALA F 229 48.83 -10.77 -0.83
CA ALA F 229 48.01 -11.31 0.25
C ALA F 229 47.26 -12.53 -0.24
N ILE F 230 47.13 -13.51 0.63
CA ILE F 230 46.36 -14.72 0.36
C ILE F 230 45.16 -14.72 1.30
N ILE F 231 43.97 -14.84 0.74
CA ILE F 231 42.74 -14.78 1.51
C ILE F 231 42.16 -16.20 1.55
N ILE F 232 42.44 -16.91 2.63
CA ILE F 232 41.87 -18.24 2.81
C ILE F 232 40.40 -18.09 3.19
N GLY F 233 39.54 -18.84 2.52
CA GLY F 233 38.14 -18.81 2.86
C GLY F 233 37.68 -20.18 3.29
N GLN F 234 36.37 -20.39 3.32
CA GLN F 234 35.85 -21.70 3.69
C GLN F 234 36.07 -22.71 2.58
N GLU F 235 35.92 -22.30 1.32
CA GLU F 235 35.92 -23.23 0.20
C GLU F 235 36.96 -22.90 -0.87
N SER F 236 37.71 -21.80 -0.73
CA SER F 236 38.61 -21.42 -1.80
C SER F 236 39.76 -20.59 -1.25
N ILE F 237 40.82 -20.52 -2.03
CA ILE F 237 42.03 -19.78 -1.73
C ILE F 237 42.26 -18.80 -2.86
N THR F 238 42.46 -17.53 -2.53
CA THR F 238 42.73 -16.53 -3.56
C THR F 238 44.14 -15.99 -3.41
N TYR F 239 44.47 -15.02 -4.25
CA TYR F 239 45.70 -14.25 -4.13
C TYR F 239 45.48 -12.92 -4.83
N HIS F 240 46.05 -11.85 -4.27
CA HIS F 240 45.93 -10.54 -4.87
C HIS F 240 47.22 -9.77 -4.64
N ASN F 241 47.69 -9.05 -5.65
CA ASN F 241 48.83 -8.15 -5.49
C ASN F 241 48.59 -6.84 -6.21
N GLY F 242 47.36 -6.38 -6.19
CA GLY F 242 46.98 -5.16 -6.91
C GLY F 242 46.46 -5.39 -8.31
N ASP F 243 47.21 -6.13 -9.12
CA ASP F 243 46.79 -6.41 -10.48
C ASP F 243 46.51 -7.89 -10.69
N LYS F 244 47.47 -8.77 -10.41
CA LYS F 244 47.28 -10.18 -10.74
C LYS F 244 46.42 -10.86 -9.68
N TYR F 245 46.01 -12.08 -9.98
CA TYR F 245 45.08 -12.84 -9.16
C TYR F 245 45.12 -14.29 -9.58
N LEU F 246 45.09 -15.19 -8.61
CA LEU F 246 44.83 -16.61 -8.85
C LEU F 246 43.73 -17.04 -7.91
N ALA F 247 43.22 -18.24 -8.14
CA ALA F 247 42.18 -18.80 -7.30
C ALA F 247 42.17 -20.30 -7.49
N ILE F 248 42.20 -21.04 -6.39
CA ILE F 248 41.96 -22.47 -6.44
C ILE F 248 40.88 -22.80 -5.43
N ALA F 249 40.10 -23.83 -5.75
CA ALA F 249 39.18 -24.44 -4.80
C ALA F 249 39.43 -25.94 -4.84
N PRO F 250 40.53 -26.40 -4.25
CA PRO F 250 40.89 -27.81 -4.39
C PRO F 250 39.97 -28.69 -3.58
N PRO F 251 39.79 -29.96 -3.97
CA PRO F 251 38.83 -30.82 -3.27
C PRO F 251 39.30 -31.28 -1.91
N ILE F 252 40.54 -30.98 -1.52
CA ILE F 252 41.00 -31.35 -0.19
C ILE F 252 40.42 -30.41 0.86
N ILE F 253 40.44 -29.12 0.60
CA ILE F 253 39.94 -28.13 1.56
C ILE F 253 38.45 -27.97 1.26
N LYS F 254 37.67 -28.91 1.78
CA LYS F 254 36.22 -28.82 1.59
C LYS F 254 35.47 -29.06 2.90
N GLN F 255 36.03 -29.87 3.78
CA GLN F 255 35.29 -30.44 4.89
C GLN F 255 35.66 -29.82 6.23
N SER F 256 36.59 -28.88 6.27
CA SER F 256 37.05 -28.34 7.52
C SER F 256 37.57 -26.92 7.30
N THR F 257 37.51 -26.12 8.36
CA THR F 257 37.87 -24.72 8.27
C THR F 257 39.34 -24.55 8.63
N ILE F 258 40.08 -23.89 7.74
CA ILE F 258 41.48 -23.55 8.03
C ILE F 258 41.51 -22.48 9.11
N VAL F 259 42.30 -22.73 10.16
CA VAL F 259 42.27 -21.87 11.34
C VAL F 259 43.65 -21.33 11.69
N CYS F 260 44.71 -22.02 11.29
CA CYS F 260 46.06 -21.60 11.64
C CYS F 260 46.97 -21.67 10.42
N HIS F 261 48.09 -20.97 10.51
CA HIS F 261 49.02 -20.87 9.40
C HIS F 261 50.37 -20.40 9.91
N ASN F 262 51.41 -20.69 9.13
CA ASN F 262 52.73 -20.15 9.40
C ASN F 262 53.52 -20.09 8.10
N ARG F 263 54.60 -19.32 8.13
CA ARG F 263 55.46 -19.11 6.98
C ARG F 263 56.66 -20.04 7.11
N VAL F 264 56.69 -21.08 6.27
CA VAL F 264 57.72 -22.11 6.39
C VAL F 264 59.05 -21.58 5.87
N ASP F 265 59.09 -21.20 4.70
CA ASP F 265 60.30 -20.73 4.06
C ASP F 265 60.41 -19.22 4.20
N PRO F 266 61.61 -18.66 4.30
CA PRO F 266 61.74 -17.22 4.56
C PRO F 266 61.36 -16.34 3.39
N ASN F 267 61.40 -16.84 2.15
CA ASN F 267 60.89 -16.09 1.01
C ASN F 267 59.45 -16.46 0.66
N GLY F 268 58.70 -16.99 1.62
CA GLY F 268 57.31 -17.32 1.42
C GLY F 268 57.06 -18.43 0.45
N SER F 269 58.01 -19.35 0.29
CA SER F 269 57.87 -20.39 -0.72
C SER F 269 56.85 -21.44 -0.31
N ARG F 270 56.66 -21.65 0.98
CA ARG F 270 55.74 -22.67 1.47
C ARG F 270 54.96 -22.12 2.66
N TYR F 271 53.84 -22.77 2.94
CA TYR F 271 52.94 -22.35 4.01
C TYR F 271 52.18 -23.55 4.52
N LEU F 272 52.28 -23.83 5.83
CA LEU F 272 51.46 -24.88 6.40
C LEU F 272 50.10 -24.33 6.80
N LEU F 273 49.11 -25.22 6.87
CA LEU F 273 47.75 -24.83 7.17
C LEU F 273 47.09 -25.98 7.93
N GLY F 274 46.53 -25.68 9.08
CA GLY F 274 45.84 -26.71 9.86
C GLY F 274 44.35 -26.45 9.89
N ASP F 275 43.58 -27.43 10.37
CA ASP F 275 42.14 -27.26 10.38
C ASP F 275 41.50 -27.74 11.67
N MET F 276 40.17 -27.83 11.67
CA MET F 276 39.42 -28.22 12.86
C MET F 276 39.15 -29.70 12.92
N GLU F 277 39.83 -30.50 12.11
CA GLU F 277 39.67 -31.94 12.15
C GLU F 277 40.97 -32.67 12.42
N GLY F 278 42.11 -32.02 12.26
CA GLY F 278 43.38 -32.60 12.60
C GLY F 278 44.39 -32.54 11.47
N ARG F 279 43.92 -32.16 10.29
CA ARG F 279 44.74 -32.27 9.09
C ARG F 279 45.75 -31.14 9.01
N LEU F 280 46.95 -31.48 8.58
CA LEU F 280 47.91 -30.48 8.13
C LEU F 280 47.98 -30.49 6.62
N PHE F 281 47.99 -29.30 6.03
CA PHE F 281 48.13 -29.13 4.60
C PHE F 281 49.46 -28.45 4.33
N MET F 282 49.74 -28.15 3.06
CA MET F 282 50.87 -27.29 2.74
C MET F 282 50.54 -26.52 1.47
N LEU F 283 50.38 -25.21 1.60
CA LEU F 283 50.10 -24.35 0.46
C LEU F 283 51.42 -24.03 -0.21
N LEU F 284 51.76 -24.79 -1.24
CA LEU F 284 52.97 -24.52 -2.00
C LEU F 284 52.76 -23.33 -2.92
N LEU F 285 53.84 -22.58 -3.15
CA LEU F 285 53.81 -21.49 -4.12
C LEU F 285 54.87 -21.75 -5.17
N GLU F 286 54.50 -21.59 -6.44
CA GLU F 286 55.41 -21.79 -7.57
C GLU F 286 56.00 -20.45 -7.95
N LYS F 287 57.25 -20.23 -7.60
CA LYS F 287 57.93 -18.98 -7.90
C LYS F 287 58.28 -18.92 -9.38
N GLU F 288 57.77 -17.91 -10.08
CA GLU F 288 57.98 -17.75 -11.51
C GLU F 288 58.95 -16.59 -11.74
N GLU F 289 60.19 -16.91 -12.09
CA GLU F 289 61.18 -15.91 -12.49
C GLU F 289 60.86 -15.49 -13.92
N GLN F 290 59.92 -14.56 -14.03
CA GLN F 290 59.39 -14.19 -15.35
C GLN F 290 60.41 -13.38 -16.15
N MET F 291 61.06 -12.40 -15.52
CA MET F 291 62.00 -11.54 -16.21
C MET F 291 63.35 -11.55 -15.51
N ASP F 292 64.22 -10.61 -15.89
CA ASP F 292 65.56 -10.55 -15.32
C ASP F 292 65.57 -10.16 -13.84
N GLY F 293 64.54 -9.46 -13.38
CA GLY F 293 64.44 -9.14 -11.97
C GLY F 293 63.06 -9.37 -11.40
N THR F 294 62.10 -9.67 -12.27
CA THR F 294 60.71 -9.82 -11.86
C THR F 294 60.50 -11.19 -11.23
N VAL F 295 59.88 -11.21 -10.06
CA VAL F 295 59.48 -12.43 -9.39
C VAL F 295 57.97 -12.39 -9.21
N THR F 296 57.26 -13.32 -9.85
CA THR F 296 55.81 -13.34 -9.80
C THR F 296 55.32 -14.73 -9.47
N LEU F 297 54.05 -14.83 -9.13
CA LEU F 297 53.44 -16.08 -8.72
C LEU F 297 52.85 -16.78 -9.93
N LYS F 298 52.88 -18.10 -9.90
CA LYS F 298 52.42 -18.86 -11.05
C LYS F 298 51.36 -19.90 -10.71
N ASP F 299 51.45 -20.54 -9.56
CA ASP F 299 50.56 -21.67 -9.30
C ASP F 299 50.32 -21.76 -7.80
N LEU F 300 49.23 -22.43 -7.44
CA LEU F 300 48.79 -22.59 -6.06
C LEU F 300 48.49 -24.06 -5.84
N ARG F 301 49.28 -24.72 -5.00
CA ARG F 301 49.11 -26.14 -4.75
C ARG F 301 48.71 -26.39 -3.31
N VAL F 302 47.87 -27.40 -3.11
CA VAL F 302 47.46 -27.83 -1.78
C VAL F 302 47.77 -29.31 -1.66
N GLU F 303 48.64 -29.66 -0.71
CA GLU F 303 49.06 -31.04 -0.51
C GLU F 303 48.69 -31.48 0.90
N LEU F 304 47.90 -32.55 0.98
CA LEU F 304 47.59 -33.14 2.27
C LEU F 304 48.84 -33.74 2.90
N LEU F 305 49.02 -33.51 4.20
CA LEU F 305 50.19 -34.01 4.89
C LEU F 305 49.89 -34.96 6.04
N GLY F 306 48.66 -35.03 6.51
CA GLY F 306 48.30 -36.03 7.49
C GLY F 306 47.62 -35.43 8.71
N GLU F 307 47.27 -36.31 9.65
CA GLU F 307 46.47 -35.97 10.81
C GLU F 307 47.34 -35.76 12.03
N THR F 308 47.16 -34.62 12.69
CA THR F 308 47.73 -34.32 13.99
C THR F 308 46.58 -34.06 14.96
N SER F 309 46.92 -33.59 16.15
CA SER F 309 45.89 -33.08 17.04
C SER F 309 45.37 -31.74 16.52
N ILE F 310 44.23 -31.32 17.05
CA ILE F 310 43.53 -30.13 16.57
C ILE F 310 44.35 -28.91 16.96
N ALA F 311 44.98 -28.29 15.99
CA ALA F 311 45.97 -27.26 16.27
C ALA F 311 45.34 -25.90 16.49
N GLU F 312 45.98 -25.13 17.36
CA GLU F 312 45.81 -23.69 17.44
C GLU F 312 47.12 -22.94 17.30
N CYS F 313 48.22 -23.53 17.71
CA CYS F 313 49.54 -23.07 17.31
C CYS F 313 49.95 -23.80 16.04
N LEU F 314 50.88 -23.18 15.31
CA LEU F 314 51.52 -23.82 14.17
C LEU F 314 52.84 -23.09 13.96
N THR F 315 53.94 -23.72 14.33
CA THR F 315 55.26 -23.11 14.20
C THR F 315 56.23 -24.11 13.58
N TYR F 316 56.82 -23.73 12.46
CA TYR F 316 57.90 -24.49 11.85
C TYR F 316 59.21 -24.06 12.49
N LEU F 317 59.98 -25.03 12.99
CA LEU F 317 61.18 -24.64 13.70
C LEU F 317 62.41 -24.65 12.80
N ASP F 318 62.84 -25.85 12.41
CA ASP F 318 64.06 -26.07 11.63
C ASP F 318 64.15 -27.56 11.35
N ASN F 319 64.84 -27.93 10.27
CA ASN F 319 65.16 -29.32 9.91
C ASN F 319 63.90 -30.17 9.74
N GLY F 320 62.82 -29.54 9.30
CA GLY F 320 61.58 -30.26 9.12
C GLY F 320 60.91 -30.64 10.42
N VAL F 321 60.99 -29.79 11.43
CA VAL F 321 60.36 -30.04 12.73
C VAL F 321 59.30 -28.96 12.94
N VAL F 322 58.05 -29.39 13.09
CA VAL F 322 56.92 -28.50 13.25
C VAL F 322 56.32 -28.72 14.63
N PHE F 323 56.07 -27.65 15.36
CA PHE F 323 55.37 -27.76 16.63
C PHE F 323 53.89 -27.55 16.43
N VAL F 324 53.08 -28.47 16.96
CA VAL F 324 51.64 -28.38 16.90
C VAL F 324 51.12 -28.15 18.33
N GLY F 325 50.49 -27.01 18.55
CA GLY F 325 49.93 -26.69 19.85
C GLY F 325 48.41 -26.81 19.81
N SER F 326 47.87 -27.51 20.80
CA SER F 326 46.46 -27.87 20.82
C SER F 326 45.80 -27.38 22.09
N ARG F 327 44.78 -26.53 21.94
CA ARG F 327 43.88 -26.26 23.06
C ARG F 327 43.10 -27.50 23.42
N LEU F 328 42.70 -28.27 22.44
CA LEU F 328 41.71 -29.30 22.64
C LEU F 328 42.33 -30.64 23.01
N GLY F 329 43.65 -30.69 23.19
CA GLY F 329 44.26 -31.89 23.73
C GLY F 329 45.50 -32.37 23.02
N ASP F 330 46.53 -32.70 23.81
CA ASP F 330 47.75 -33.39 23.38
C ASP F 330 48.50 -32.59 22.31
N SER F 331 49.02 -31.44 22.74
CA SER F 331 49.95 -30.69 21.90
C SER F 331 51.20 -31.53 21.67
N GLN F 332 51.62 -31.63 20.41
CA GLN F 332 52.68 -32.55 20.05
C GLN F 332 53.66 -31.89 19.09
N LEU F 333 54.88 -32.40 19.10
CA LEU F 333 55.94 -31.95 18.22
C LEU F 333 56.08 -32.98 17.10
N VAL F 334 56.01 -32.54 15.84
CA VAL F 334 55.97 -33.47 14.72
C VAL F 334 57.07 -33.13 13.73
N LYS F 335 57.38 -34.11 12.89
CA LYS F 335 58.46 -34.02 11.91
C LYS F 335 57.91 -34.29 10.51
N LEU F 336 58.27 -33.44 9.56
CA LEU F 336 57.84 -33.59 8.18
C LEU F 336 58.93 -34.29 7.36
N ASN F 337 58.51 -35.31 6.61
CA ASN F 337 59.44 -36.11 5.84
C ASN F 337 59.77 -35.46 4.51
N VAL F 338 60.46 -36.20 3.64
CA VAL F 338 60.60 -35.87 2.23
C VAL F 338 59.81 -36.84 1.37
N ASP F 339 60.07 -38.14 1.51
CA ASP F 339 59.25 -39.16 0.91
C ASP F 339 57.98 -39.36 1.75
N SER F 340 57.15 -40.31 1.33
CA SER F 340 55.88 -40.56 1.99
C SER F 340 55.94 -41.87 2.77
N ASN F 341 54.89 -42.10 3.55
CA ASN F 341 54.71 -43.37 4.24
C ASN F 341 53.67 -44.20 3.50
N GLU F 342 53.21 -45.27 4.15
CA GLU F 342 52.18 -46.14 3.60
C GLU F 342 50.84 -45.43 3.43
N GLN F 343 50.61 -44.33 4.16
CA GLN F 343 49.39 -43.57 4.06
C GLN F 343 49.59 -42.25 3.33
N GLY F 344 50.78 -41.97 2.83
CA GLY F 344 51.06 -40.72 2.18
C GLY F 344 51.37 -39.56 3.12
N SER F 345 51.29 -39.78 4.42
CA SER F 345 51.59 -38.72 5.37
C SER F 345 53.08 -38.46 5.44
N TYR F 346 53.45 -37.21 5.64
CA TYR F 346 54.83 -36.88 5.92
C TYR F 346 55.06 -36.62 7.39
N VAL F 347 53.99 -36.62 8.19
CA VAL F 347 54.04 -36.20 9.58
C VAL F 347 54.55 -37.35 10.42
N VAL F 348 55.75 -37.19 10.99
CA VAL F 348 56.31 -38.17 11.90
C VAL F 348 56.01 -37.73 13.31
N ALA F 349 55.42 -38.62 14.09
CA ALA F 349 55.15 -38.34 15.49
C ALA F 349 56.45 -38.38 16.30
N MET F 350 56.65 -37.35 17.11
CA MET F 350 57.76 -37.29 18.05
C MET F 350 57.13 -37.10 19.43
N GLU F 351 57.93 -36.66 20.40
CA GLU F 351 57.46 -36.51 21.79
C GLU F 351 56.29 -35.55 21.88
N THR F 352 55.31 -35.93 22.71
CA THR F 352 54.08 -35.19 22.88
C THR F 352 54.17 -34.36 24.14
N PHE F 353 53.07 -33.71 24.51
CA PHE F 353 52.98 -32.94 25.74
C PHE F 353 51.58 -33.12 26.32
N THR F 354 51.51 -33.51 27.59
CA THR F 354 50.24 -33.83 28.21
C THR F 354 49.44 -32.57 28.47
N ASN F 355 48.20 -32.54 27.99
CA ASN F 355 47.29 -31.44 28.21
C ASN F 355 46.06 -31.98 28.93
N LEU F 356 45.69 -31.35 30.04
CA LEU F 356 44.44 -31.68 30.70
C LEU F 356 43.24 -31.09 29.99
N GLY F 357 43.46 -30.28 28.95
CA GLY F 357 42.43 -29.87 28.02
C GLY F 357 41.31 -29.08 28.66
N PRO F 358 40.20 -28.99 27.97
CA PRO F 358 39.00 -28.54 28.65
C PRO F 358 38.45 -29.62 29.57
N ILE F 359 38.67 -29.45 30.87
CA ILE F 359 38.04 -30.32 31.86
C ILE F 359 36.56 -29.97 31.94
N VAL F 360 35.71 -30.96 31.74
CA VAL F 360 34.28 -30.73 31.75
C VAL F 360 33.57 -31.40 32.91
N ASP F 361 34.20 -32.37 33.56
CA ASP F 361 33.66 -32.98 34.76
C ASP F 361 34.80 -33.67 35.49
N MET F 362 34.67 -33.78 36.81
CA MET F 362 35.64 -34.47 37.63
C MET F 362 34.93 -35.35 38.64
N CYS F 363 35.71 -36.21 39.30
CA CYS F 363 35.28 -36.90 40.52
C CYS F 363 36.52 -37.29 41.30
N VAL F 364 36.52 -37.01 42.59
CA VAL F 364 37.61 -37.43 43.46
C VAL F 364 37.27 -38.81 43.99
N VAL F 365 38.16 -39.77 43.76
CA VAL F 365 37.85 -41.17 44.03
C VAL F 365 39.14 -41.85 44.49
N ASP F 366 38.99 -42.81 45.39
CA ASP F 366 40.10 -43.61 45.87
C ASP F 366 39.89 -45.05 45.42
N LEU F 367 40.95 -45.67 44.90
CA LEU F 367 40.87 -47.03 44.44
C LEU F 367 41.79 -47.98 45.21
N GLU F 368 42.48 -47.49 46.23
CA GLU F 368 43.31 -48.34 47.08
C GLU F 368 42.96 -48.19 48.56
N ARG F 369 41.83 -47.54 48.87
CA ARG F 369 41.30 -47.33 50.22
C ARG F 369 42.28 -46.59 51.13
N GLN F 370 43.18 -45.81 50.55
CA GLN F 370 44.25 -45.15 51.29
C GLN F 370 43.75 -43.81 51.82
N GLY F 371 44.67 -42.98 52.30
CA GLY F 371 44.38 -41.61 52.63
C GLY F 371 44.57 -40.66 51.48
N GLN F 372 45.08 -41.15 50.35
CA GLN F 372 45.36 -40.34 49.19
C GLN F 372 44.34 -40.65 48.09
N GLY F 373 43.77 -39.61 47.51
CA GLY F 373 42.75 -39.77 46.50
C GLY F 373 43.27 -39.53 45.10
N GLN F 374 42.55 -40.07 44.13
CA GLN F 374 42.85 -39.89 42.71
C GLN F 374 41.76 -39.03 42.10
N LEU F 375 42.07 -38.41 40.97
CA LEU F 375 41.14 -37.48 40.33
C LEU F 375 41.06 -37.82 38.85
N VAL F 376 39.87 -38.19 38.40
CA VAL F 376 39.63 -38.58 37.02
C VAL F 376 38.93 -37.42 36.34
N THR F 377 39.61 -36.78 35.38
CA THR F 377 39.12 -35.58 34.72
C THR F 377 38.78 -35.89 33.28
N CYS F 378 37.56 -35.55 32.87
CA CYS F 378 37.15 -35.72 31.47
C CYS F 378 37.83 -34.64 30.64
N SER F 379 38.98 -34.98 30.08
CA SER F 379 39.81 -34.05 29.35
C SER F 379 39.52 -34.09 27.86
N GLY F 380 39.94 -33.03 27.17
CA GLY F 380 39.98 -33.06 25.73
C GLY F 380 38.68 -32.68 25.04
N ALA F 381 38.66 -32.98 23.75
CA ALA F 381 37.57 -32.59 22.85
C ALA F 381 37.47 -33.65 21.75
N PHE F 382 36.92 -33.23 20.60
CA PHE F 382 36.25 -34.05 19.58
C PHE F 382 36.87 -35.41 19.29
N LYS F 383 38.16 -35.45 18.97
CA LYS F 383 38.84 -36.71 18.86
C LYS F 383 39.92 -36.88 19.92
N GLU F 384 40.26 -35.83 20.64
CA GLU F 384 41.22 -35.89 21.72
C GLU F 384 40.55 -36.15 23.06
N GLY F 385 39.38 -36.78 23.06
CA GLY F 385 38.70 -37.07 24.31
C GLY F 385 39.41 -38.17 25.06
N SER F 386 39.66 -37.93 26.35
CA SER F 386 40.45 -38.85 27.14
C SER F 386 40.19 -38.60 28.62
N LEU F 387 40.00 -39.66 29.37
CA LEU F 387 40.03 -39.56 30.82
C LEU F 387 41.48 -39.49 31.29
N ARG F 388 41.74 -38.62 32.24
CA ARG F 388 43.09 -38.47 32.77
C ARG F 388 43.06 -38.60 34.29
N ILE F 389 43.95 -39.43 34.81
CA ILE F 389 43.96 -39.82 36.22
C ILE F 389 45.15 -39.15 36.88
N ILE F 390 44.89 -38.39 37.94
CA ILE F 390 45.87 -37.49 38.51
C ILE F 390 46.14 -37.90 39.94
N ARG F 391 47.41 -38.15 40.26
CA ARG F 391 47.84 -38.60 41.58
C ARG F 391 49.02 -37.76 42.04
N ASN F 392 49.10 -37.53 43.34
CA ASN F 392 50.32 -36.97 43.88
C ASN F 392 51.37 -38.07 44.06
N GLY F 393 52.59 -37.64 44.34
CA GLY F 393 53.64 -38.57 44.74
C GLY F 393 54.23 -39.34 43.59
N ILE F 394 54.80 -40.49 43.93
CA ILE F 394 55.49 -41.37 42.98
C ILE F 394 54.84 -42.74 43.04
N GLY F 395 54.37 -43.23 41.90
CA GLY F 395 53.63 -44.47 41.81
C GLY F 395 54.45 -45.73 41.59
N ILE F 396 55.12 -46.21 42.64
CA ILE F 396 55.73 -47.53 42.59
C ILE F 396 54.62 -48.53 42.86
N HIS F 397 54.08 -49.15 41.81
CA HIS F 397 53.04 -50.14 41.94
C HIS F 397 53.36 -51.48 41.31
N GLU F 398 54.26 -51.53 40.33
CA GLU F 398 54.78 -52.79 39.82
C GLU F 398 55.90 -53.22 40.75
N HIS F 399 55.52 -53.88 41.84
CA HIS F 399 56.47 -54.29 42.87
C HIS F 399 56.30 -55.76 43.20
N ALA F 400 57.42 -56.44 43.42
CA ALA F 400 57.39 -57.83 43.86
C ALA F 400 57.12 -57.89 45.35
N SER F 401 56.40 -58.93 45.78
CA SER F 401 56.03 -59.09 47.19
C SER F 401 56.89 -60.20 47.80
N ILE F 402 57.73 -59.82 48.77
CA ILE F 402 58.65 -60.73 49.44
C ILE F 402 58.43 -60.60 50.93
N ASP F 403 58.24 -61.73 51.61
CA ASP F 403 57.99 -61.75 53.05
C ASP F 403 59.34 -61.74 53.78
N LEU F 404 59.91 -60.55 53.92
CA LEU F 404 61.11 -60.34 54.73
C LEU F 404 60.95 -59.07 55.55
N PRO F 405 60.35 -59.16 56.74
CA PRO F 405 60.21 -57.96 57.57
C PRO F 405 61.41 -57.72 58.47
N GLY F 406 61.80 -56.45 58.56
CA GLY F 406 62.86 -56.04 59.47
C GLY F 406 64.25 -56.53 59.10
N ILE F 407 64.52 -56.73 57.83
CA ILE F 407 65.82 -57.22 57.39
C ILE F 407 66.76 -56.02 57.24
N LYS F 408 68.05 -56.26 57.46
CA LYS F 408 69.03 -55.17 57.53
C LYS F 408 69.65 -54.83 56.18
N GLY F 409 69.75 -55.79 55.27
CA GLY F 409 70.34 -55.49 53.97
C GLY F 409 70.51 -56.70 53.07
N LEU F 410 70.46 -56.47 51.77
CA LEU F 410 70.64 -57.51 50.76
C LEU F 410 71.73 -57.05 49.80
N TRP F 411 72.80 -57.84 49.70
CA TRP F 411 73.98 -57.41 48.96
C TRP F 411 74.37 -58.44 47.92
N PRO F 412 74.77 -58.00 46.72
CA PRO F 412 74.86 -58.92 45.58
C PRO F 412 76.07 -59.84 45.63
N LEU F 413 75.98 -60.91 44.86
CA LEU F 413 77.07 -61.86 44.67
C LEU F 413 77.00 -62.37 43.23
N ARG F 414 78.11 -62.27 42.50
CA ARG F 414 78.12 -62.60 41.08
C ARG F 414 79.37 -63.41 40.74
N SER F 415 79.32 -64.02 39.55
CA SER F 415 80.49 -64.65 38.94
C SER F 415 80.68 -64.27 37.48
N ASP F 416 79.65 -63.77 36.81
CA ASP F 416 79.79 -63.27 35.44
C ASP F 416 80.45 -61.89 35.49
N PRO F 417 81.64 -61.73 34.89
CA PRO F 417 82.41 -60.49 35.13
C PRO F 417 81.84 -59.25 34.45
N ASN F 418 81.43 -59.36 33.19
CA ASN F 418 81.09 -58.19 32.39
C ASN F 418 79.58 -57.93 32.36
N ARG F 419 78.77 -58.80 32.95
CA ARG F 419 77.33 -58.67 32.89
C ARG F 419 76.73 -58.74 34.29
N GLU F 420 75.45 -58.40 34.38
CA GLU F 420 74.66 -58.51 35.60
C GLU F 420 73.99 -59.87 35.71
N THR F 421 74.35 -60.82 34.83
CA THR F 421 73.66 -62.11 34.76
C THR F 421 74.00 -62.97 35.95
N ASP F 422 72.97 -63.63 36.50
CA ASP F 422 73.05 -64.59 37.61
C ASP F 422 73.63 -63.94 38.88
N ASP F 423 72.88 -62.97 39.39
CA ASP F 423 73.24 -62.25 40.60
C ASP F 423 72.50 -62.88 41.79
N THR F 424 73.25 -63.51 42.69
CA THR F 424 72.71 -63.99 43.94
C THR F 424 72.94 -62.95 45.04
N LEU F 425 72.20 -63.10 46.13
CA LEU F 425 72.14 -62.07 47.16
C LEU F 425 72.61 -62.61 48.50
N VAL F 426 72.61 -61.74 49.50
CA VAL F 426 73.03 -62.07 50.86
C VAL F 426 71.89 -61.72 51.82
N LEU F 427 71.46 -62.70 52.61
CA LEU F 427 70.52 -62.44 53.70
C LEU F 427 71.32 -62.25 54.99
N SER F 428 71.18 -61.08 55.60
CA SER F 428 71.98 -60.71 56.76
C SER F 428 71.06 -60.21 57.87
N PHE F 429 70.80 -61.07 58.85
CA PHE F 429 70.04 -60.71 60.03
C PHE F 429 71.00 -60.19 61.11
N VAL F 430 70.50 -60.01 62.33
CA VAL F 430 71.37 -59.74 63.47
C VAL F 430 71.42 -61.02 64.30
N GLY F 431 72.45 -61.84 64.07
CA GLY F 431 72.57 -63.13 64.70
C GLY F 431 72.39 -64.30 63.74
N GLN F 432 71.81 -64.06 62.56
CA GLN F 432 71.63 -65.10 61.55
C GLN F 432 72.09 -64.56 60.20
N THR F 433 72.34 -65.49 59.27
CA THR F 433 72.83 -65.15 57.95
C THR F 433 72.48 -66.27 56.97
N ARG F 434 72.03 -65.88 55.78
CA ARG F 434 71.67 -66.82 54.72
C ARG F 434 72.05 -66.21 53.36
N VAL F 435 71.70 -66.93 52.29
CA VAL F 435 71.96 -66.52 50.92
C VAL F 435 70.65 -66.64 50.14
N LEU F 436 70.28 -65.58 49.42
CA LEU F 436 69.01 -65.52 48.71
C LEU F 436 69.23 -65.58 47.20
N MET F 437 68.28 -66.21 46.50
CA MET F 437 68.19 -66.15 45.05
C MET F 437 66.91 -65.42 44.66
N LEU F 438 66.83 -65.03 43.39
CA LEU F 438 65.69 -64.26 42.88
C LEU F 438 65.13 -64.94 41.63
N ASN F 439 63.91 -65.45 41.73
CA ASN F 439 63.15 -65.89 40.55
C ASN F 439 62.15 -64.81 40.14
N GLY F 440 62.68 -63.64 39.78
CA GLY F 440 61.85 -62.52 39.43
C GLY F 440 61.09 -61.97 40.61
N GLU F 441 59.78 -62.23 40.66
CA GLU F 441 58.97 -61.82 41.81
C GLU F 441 59.08 -62.78 42.98
N GLU F 442 59.62 -63.97 42.77
CA GLU F 442 59.76 -64.98 43.81
C GLU F 442 61.22 -65.12 44.21
N VAL F 443 61.44 -65.73 45.39
CA VAL F 443 62.75 -65.86 45.98
C VAL F 443 63.03 -67.31 46.34
N GLU F 444 64.32 -67.63 46.45
CA GLU F 444 64.78 -68.93 46.93
C GLU F 444 65.98 -68.72 47.84
N GLU F 445 66.15 -69.63 48.80
CA GLU F 445 67.25 -69.58 49.76
C GLU F 445 68.12 -70.81 49.60
N THR F 446 69.43 -70.60 49.62
CA THR F 446 70.41 -71.68 49.43
C THR F 446 71.70 -71.30 50.15
N GLU F 447 72.76 -72.07 49.89
CA GLU F 447 74.09 -71.80 50.43
C GLU F 447 75.09 -71.89 49.29
N LEU F 448 75.78 -70.77 49.00
CA LEU F 448 76.64 -70.68 47.84
C LEU F 448 78.11 -70.47 48.18
N MET F 449 78.43 -69.45 48.98
CA MET F 449 79.83 -69.08 49.19
C MET F 449 80.52 -69.97 50.21
N GLY F 450 80.04 -69.96 51.44
CA GLY F 450 80.70 -70.65 52.54
C GLY F 450 81.50 -69.76 53.46
N PHE F 451 81.79 -68.52 53.04
CA PHE F 451 82.47 -67.58 53.92
C PHE F 451 81.53 -67.09 55.01
N VAL F 452 80.41 -66.49 54.62
CA VAL F 452 79.57 -65.73 55.52
C VAL F 452 78.28 -66.48 55.80
N ASP F 453 78.32 -67.80 55.67
CA ASP F 453 77.20 -68.65 56.06
C ASP F 453 77.18 -68.94 57.55
N ASP F 454 78.11 -68.36 58.33
CA ASP F 454 78.16 -68.53 59.77
C ASP F 454 77.92 -67.24 60.54
N GLN F 455 78.39 -66.10 60.01
CA GLN F 455 78.28 -64.83 60.71
C GLN F 455 77.70 -63.78 59.77
N GLN F 456 77.17 -62.72 60.38
CA GLN F 456 76.42 -61.69 59.67
C GLN F 456 77.33 -60.81 58.82
N THR F 457 76.72 -60.13 57.86
CA THR F 457 77.37 -59.11 57.05
C THR F 457 76.61 -57.80 57.20
N PHE F 458 77.27 -56.71 56.84
CA PHE F 458 76.61 -55.41 56.79
C PHE F 458 76.70 -54.76 55.42
N PHE F 459 77.87 -54.74 54.79
CA PHE F 459 78.07 -54.03 53.53
C PHE F 459 78.96 -54.86 52.63
N CYS F 460 78.44 -55.24 51.46
CA CYS F 460 79.19 -56.03 50.48
C CYS F 460 78.87 -55.47 49.08
N GLY F 461 79.79 -54.69 48.53
CA GLY F 461 79.58 -53.99 47.28
C GLY F 461 80.02 -54.77 46.06
N ASN F 462 80.25 -54.04 44.98
CA ASN F 462 80.69 -54.61 43.70
C ASN F 462 81.95 -53.87 43.28
N VAL F 463 83.11 -54.52 43.45
CA VAL F 463 84.39 -53.90 43.15
C VAL F 463 84.55 -53.76 41.64
N ALA F 464 85.05 -52.59 41.21
CA ALA F 464 85.28 -52.34 39.78
C ALA F 464 86.41 -53.17 39.20
N HIS F 465 87.25 -53.78 40.04
CA HIS F 465 88.24 -54.75 39.61
C HIS F 465 87.70 -56.17 39.56
N GLN F 466 86.36 -56.31 39.45
CA GLN F 466 85.65 -57.60 39.32
C GLN F 466 85.91 -58.50 40.52
N GLN F 467 85.77 -57.92 41.72
CA GLN F 467 85.94 -58.62 42.99
C GLN F 467 84.81 -58.20 43.91
N LEU F 468 84.92 -58.53 45.20
CA LEU F 468 83.89 -58.18 46.16
C LEU F 468 84.55 -58.08 47.54
N ILE F 469 83.85 -57.41 48.46
CA ILE F 469 84.35 -57.15 49.80
C ILE F 469 83.46 -57.88 50.80
N GLN F 470 84.08 -58.66 51.69
CA GLN F 470 83.36 -59.40 52.71
C GLN F 470 83.77 -58.90 54.09
N ILE F 471 82.79 -58.50 54.89
CA ILE F 471 82.99 -57.97 56.23
C ILE F 471 82.24 -58.88 57.17
N THR F 472 82.95 -59.70 57.94
CA THR F 472 82.32 -60.80 58.67
C THR F 472 82.30 -60.59 60.17
N SER F 473 83.47 -60.52 60.83
CA SER F 473 83.50 -60.18 62.26
C SER F 473 84.38 -58.97 62.54
N ALA F 474 85.66 -59.02 62.16
CA ALA F 474 86.59 -57.94 62.45
C ALA F 474 87.58 -57.72 61.31
N SER F 475 87.35 -58.29 60.13
CA SER F 475 88.34 -58.28 59.07
C SER F 475 87.64 -58.16 57.72
N VAL F 476 88.37 -57.63 56.75
CA VAL F 476 87.88 -57.50 55.38
C VAL F 476 88.72 -58.39 54.48
N ARG F 477 88.13 -58.81 53.36
CA ARG F 477 88.82 -59.67 52.43
C ARG F 477 88.27 -59.45 51.03
N LEU F 478 89.12 -59.70 50.04
CA LEU F 478 88.71 -59.66 48.65
C LEU F 478 88.13 -61.01 48.24
N VAL F 479 87.46 -61.03 47.08
CA VAL F 479 86.71 -62.18 46.62
C VAL F 479 87.15 -62.52 45.20
N SER F 480 87.49 -63.79 44.97
CA SER F 480 87.85 -64.30 43.65
C SER F 480 86.58 -64.70 42.89
N GLN F 481 86.72 -65.48 41.83
CA GLN F 481 85.57 -65.92 41.03
C GLN F 481 84.81 -67.00 41.80
N GLU F 482 83.99 -66.53 42.77
CA GLU F 482 83.24 -67.30 43.76
C GLU F 482 84.09 -68.36 44.47
N PRO F 483 85.00 -67.95 45.36
CA PRO F 483 85.87 -68.95 46.00
C PRO F 483 85.24 -69.54 47.26
N LYS F 484 85.99 -70.42 47.91
CA LYS F 484 85.71 -70.82 49.29
C LYS F 484 86.86 -70.48 50.21
N ALA F 485 87.98 -69.99 49.68
CA ALA F 485 89.12 -69.56 50.47
C ALA F 485 89.37 -68.08 50.21
N LEU F 486 90.02 -67.44 51.17
CA LEU F 486 90.18 -65.98 51.15
C LEU F 486 91.22 -65.56 50.13
N VAL F 487 90.99 -64.37 49.56
CA VAL F 487 92.02 -63.72 48.74
C VAL F 487 93.09 -63.11 49.63
N SER F 488 92.68 -62.17 50.49
CA SER F 488 93.59 -61.57 51.46
C SER F 488 92.73 -61.05 52.61
N GLU F 489 92.66 -61.82 53.69
CA GLU F 489 91.90 -61.41 54.87
C GLU F 489 92.77 -60.47 55.69
N TRP F 490 92.63 -59.17 55.44
CA TRP F 490 93.34 -58.18 56.23
C TRP F 490 92.66 -58.08 57.59
N LYS F 491 93.31 -58.61 58.62
CA LYS F 491 92.73 -58.58 59.95
C LYS F 491 92.93 -57.21 60.60
N GLU F 492 92.26 -57.02 61.72
CA GLU F 492 92.40 -55.79 62.49
C GLU F 492 93.35 -56.02 63.66
N PRO F 493 94.32 -55.14 63.89
CA PRO F 493 95.22 -55.32 65.05
C PRO F 493 94.66 -54.76 66.35
N GLN F 494 93.38 -55.01 66.63
CA GLN F 494 92.74 -54.60 67.87
C GLN F 494 91.92 -55.69 68.54
N ALA F 495 91.51 -56.74 67.80
CA ALA F 495 90.68 -57.85 68.29
C ALA F 495 89.37 -57.36 68.91
N LYS F 496 88.70 -56.47 68.20
CA LYS F 496 87.44 -55.89 68.66
C LYS F 496 86.38 -56.06 67.57
N ASN F 497 85.11 -56.04 67.99
CA ASN F 497 84.00 -56.19 67.07
C ASN F 497 83.76 -54.90 66.30
N ILE F 498 83.40 -55.04 65.02
CA ILE F 498 83.09 -53.88 64.19
C ILE F 498 81.73 -53.34 64.58
N SER F 499 81.67 -52.05 64.91
CA SER F 499 80.39 -51.41 65.17
C SER F 499 79.63 -51.16 63.88
N VAL F 500 80.18 -50.31 63.01
CA VAL F 500 79.61 -50.02 61.70
C VAL F 500 80.75 -49.99 60.69
N ALA F 501 80.64 -50.81 59.64
CA ALA F 501 81.55 -50.78 58.51
C ALA F 501 80.83 -50.17 57.30
N SER F 502 81.53 -50.15 56.17
CA SER F 502 81.01 -49.71 54.87
C SER F 502 82.02 -50.12 53.81
N CYS F 503 81.58 -50.08 52.54
CA CYS F 503 82.41 -50.51 51.44
C CYS F 503 82.04 -49.75 50.18
N ASN F 504 82.87 -49.89 49.15
CA ASN F 504 82.66 -49.27 47.85
C ASN F 504 83.31 -50.16 46.80
N SER F 505 83.57 -49.61 45.62
CA SER F 505 84.24 -50.37 44.57
C SER F 505 85.75 -50.18 44.55
N SER F 506 86.28 -49.23 45.33
CA SER F 506 87.72 -49.00 45.34
C SER F 506 88.27 -48.70 46.74
N GLN F 507 87.46 -48.84 47.79
CA GLN F 507 87.85 -48.38 49.12
C GLN F 507 86.98 -49.06 50.16
N VAL F 508 87.56 -49.30 51.33
CA VAL F 508 86.88 -49.91 52.47
C VAL F 508 86.99 -48.97 53.66
N VAL F 509 85.85 -48.67 54.29
CA VAL F 509 85.79 -47.77 55.44
C VAL F 509 85.10 -48.52 56.57
N VAL F 510 85.86 -48.82 57.63
CA VAL F 510 85.38 -49.61 58.76
C VAL F 510 85.60 -48.80 60.04
N ALA F 511 84.55 -48.64 60.84
CA ALA F 511 84.63 -47.96 62.13
C ALA F 511 84.50 -48.99 63.25
N VAL F 512 85.54 -49.12 64.05
CA VAL F 512 85.56 -50.00 65.21
C VAL F 512 85.73 -49.11 66.42
N GLY F 513 84.63 -48.82 67.12
CA GLY F 513 84.66 -47.85 68.19
C GLY F 513 84.83 -46.45 67.66
N ARG F 514 86.01 -45.86 67.87
CA ARG F 514 86.35 -44.59 67.26
C ARG F 514 87.42 -44.69 66.18
N ALA F 515 88.12 -45.81 66.10
CA ALA F 515 89.14 -46.01 65.08
C ALA F 515 88.49 -46.25 63.73
N LEU F 516 88.99 -45.59 62.69
CA LEU F 516 88.39 -45.63 61.36
C LEU F 516 89.46 -46.06 60.35
N TYR F 517 89.21 -47.17 59.68
CA TYR F 517 90.21 -47.83 58.84
C TYR F 517 90.01 -47.50 57.36
N TYR F 518 91.08 -47.72 56.59
CA TYR F 518 91.09 -47.47 55.15
C TYR F 518 91.86 -48.58 54.45
N LEU F 519 91.32 -49.06 53.33
CA LEU F 519 91.95 -50.10 52.53
C LEU F 519 92.03 -49.63 51.08
N GLN F 520 93.20 -49.73 50.47
CA GLN F 520 93.38 -49.40 49.06
C GLN F 520 93.27 -50.69 48.25
N ILE F 521 92.19 -50.80 47.48
CA ILE F 521 91.90 -52.04 46.75
C ILE F 521 92.82 -52.08 45.52
N HIS F 522 93.87 -52.86 45.63
CA HIS F 522 94.72 -53.32 44.54
C HIS F 522 94.19 -54.65 44.04
N PRO F 523 94.58 -55.11 42.82
CA PRO F 523 94.16 -56.45 42.39
C PRO F 523 94.74 -57.56 43.24
N GLN F 524 93.84 -58.20 44.00
CA GLN F 524 94.15 -59.26 44.98
C GLN F 524 95.19 -58.79 46.01
N GLU F 525 94.98 -57.58 46.52
CA GLU F 525 95.85 -57.00 47.53
C GLU F 525 95.12 -55.89 48.25
N LEU F 526 95.09 -55.95 49.58
CA LEU F 526 94.50 -54.92 50.44
C LEU F 526 95.62 -54.21 51.19
N ARG F 527 96.10 -53.11 50.63
CA ARG F 527 97.19 -52.34 51.20
C ARG F 527 96.64 -51.27 52.15
N GLN F 528 97.25 -51.17 53.33
CA GLN F 528 96.89 -50.13 54.29
C GLN F 528 97.56 -48.81 53.93
N ILE F 529 96.77 -47.74 53.86
CA ILE F 529 97.29 -46.43 53.53
C ILE F 529 97.13 -45.48 54.71
N SER F 530 95.89 -45.24 55.14
CA SER F 530 95.60 -44.22 56.13
C SER F 530 94.65 -44.78 57.19
N HIS F 531 94.42 -43.96 58.22
CA HIS F 531 93.64 -44.30 59.40
C HIS F 531 93.38 -43.02 60.17
N THR F 532 92.22 -42.97 60.82
CA THR F 532 91.91 -41.83 61.68
C THR F 532 91.07 -42.29 62.86
N GLU F 533 90.95 -41.41 63.85
CA GLU F 533 90.16 -41.66 65.05
C GLU F 533 89.25 -40.47 65.30
N MET F 534 88.06 -40.76 65.83
CA MET F 534 87.09 -39.72 66.14
C MET F 534 87.09 -39.42 67.62
N GLU F 535 86.55 -38.26 67.98
CA GLU F 535 86.49 -37.85 69.38
C GLU F 535 85.42 -38.60 70.16
N HIS F 536 84.45 -39.20 69.48
CA HIS F 536 83.48 -40.09 70.09
C HIS F 536 83.42 -41.38 69.28
N GLU F 537 82.61 -42.33 69.74
CA GLU F 537 82.38 -43.54 68.97
C GLU F 537 81.50 -43.24 67.77
N VAL F 538 81.76 -43.93 66.66
CA VAL F 538 81.11 -43.62 65.39
C VAL F 538 79.71 -44.23 65.38
N ALA F 539 78.71 -43.42 65.03
CA ALA F 539 77.34 -43.90 64.96
C ALA F 539 77.10 -44.75 63.71
N CYS F 540 77.40 -44.20 62.53
CA CYS F 540 77.17 -44.92 61.27
C CYS F 540 78.16 -44.43 60.23
N LEU F 541 78.12 -45.07 59.07
CA LEU F 541 79.01 -44.74 57.95
C LEU F 541 78.24 -44.83 56.64
N ASP F 542 78.56 -43.93 55.71
CA ASP F 542 77.96 -43.88 54.39
C ASP F 542 79.04 -43.56 53.36
N ILE F 543 78.98 -44.25 52.22
CA ILE F 543 79.88 -44.01 51.09
C ILE F 543 79.04 -43.77 49.85
N THR F 544 79.34 -42.69 49.12
CA THR F 544 78.64 -42.37 47.89
C THR F 544 79.59 -42.37 46.69
N PRO F 545 79.17 -42.93 45.55
CA PRO F 545 80.01 -42.89 44.34
C PRO F 545 80.01 -41.52 43.67
N LEU F 546 80.93 -40.64 44.11
CA LEU F 546 80.88 -39.24 43.71
C LEU F 546 81.26 -39.04 42.25
N GLY F 547 82.38 -39.63 41.82
CA GLY F 547 82.87 -39.32 40.49
C GLY F 547 83.71 -40.41 39.86
N ASP F 548 83.87 -40.29 38.54
CA ASP F 548 84.79 -41.03 37.67
C ASP F 548 84.46 -42.52 37.51
N SER F 549 83.33 -42.99 38.08
CA SER F 549 82.83 -44.36 37.96
C SER F 549 83.84 -45.40 38.46
N ASN F 550 84.64 -45.01 39.46
CA ASN F 550 85.64 -45.90 40.05
C ASN F 550 85.35 -46.15 41.51
N GLY F 551 84.51 -45.32 42.15
CA GLY F 551 84.27 -45.43 43.56
C GLY F 551 85.08 -44.49 44.42
N LEU F 552 85.84 -43.58 43.81
CA LEU F 552 86.66 -42.65 44.57
C LEU F 552 85.82 -41.51 45.11
N SER F 553 85.87 -41.31 46.42
CA SER F 553 85.10 -40.27 47.08
C SER F 553 86.03 -39.38 47.91
N PRO F 554 86.27 -38.13 47.48
CA PRO F 554 87.15 -37.25 48.25
C PRO F 554 86.54 -36.72 49.55
N LEU F 555 85.28 -37.00 49.84
CA LEU F 555 84.63 -36.55 51.06
C LEU F 555 84.18 -37.77 51.87
N CYS F 556 83.83 -37.52 53.13
CA CYS F 556 83.50 -38.59 54.06
C CYS F 556 82.23 -38.26 54.82
N ALA F 557 81.71 -39.25 55.53
CA ALA F 557 80.53 -39.12 56.37
C ALA F 557 80.88 -39.53 57.79
N ILE F 558 80.73 -38.60 58.74
CA ILE F 558 81.06 -38.84 60.13
C ILE F 558 79.82 -38.61 60.98
N GLY F 559 79.38 -39.65 61.67
CA GLY F 559 78.30 -39.51 62.64
C GLY F 559 78.69 -40.19 63.94
N LEU F 560 78.43 -39.51 65.05
CA LEU F 560 78.86 -39.96 66.36
C LEU F 560 77.68 -40.26 67.25
N TRP F 561 77.90 -41.10 68.25
CA TRP F 561 76.85 -41.52 69.17
C TRP F 561 76.50 -40.38 70.13
N THR F 562 75.19 -40.12 70.26
CA THR F 562 74.60 -39.11 71.16
C THR F 562 75.16 -37.71 70.92
N ASP F 563 75.52 -37.39 69.68
CA ASP F 563 76.10 -36.10 69.34
C ASP F 563 75.96 -35.89 67.84
N ILE F 564 75.35 -34.78 67.44
CA ILE F 564 75.24 -34.45 66.03
C ILE F 564 76.62 -34.05 65.50
N SER F 565 77.14 -34.84 64.58
CA SER F 565 78.50 -34.67 64.06
C SER F 565 78.44 -34.21 62.62
N ALA F 566 78.89 -32.98 62.37
CA ALA F 566 79.05 -32.45 61.02
C ALA F 566 80.50 -32.43 60.59
N ARG F 567 81.30 -33.39 61.06
CA ARG F 567 82.72 -33.43 60.75
C ARG F 567 82.92 -33.95 59.33
N ILE F 568 83.77 -33.26 58.57
CA ILE F 568 83.98 -33.52 57.15
C ILE F 568 85.46 -33.84 56.95
N LEU F 569 85.73 -34.98 56.29
CA LEU F 569 87.09 -35.47 56.10
C LEU F 569 87.39 -35.68 54.63
N LYS F 570 88.67 -35.92 54.33
CA LYS F 570 89.13 -36.36 53.01
C LYS F 570 89.37 -37.87 52.99
N LEU F 571 88.30 -38.67 52.83
CA LEU F 571 88.16 -40.11 53.09
C LEU F 571 89.32 -41.03 52.69
N PRO F 572 90.04 -40.83 51.57
CA PRO F 572 91.26 -41.63 51.38
C PRO F 572 92.36 -41.29 52.38
N SER F 573 92.68 -40.00 52.56
CA SER F 573 93.81 -39.64 53.42
C SER F 573 93.35 -39.23 54.81
N PHE F 574 92.04 -39.00 54.99
CA PHE F 574 91.42 -38.53 56.23
C PHE F 574 92.01 -37.20 56.71
N GLU F 575 91.99 -36.21 55.82
CA GLU F 575 92.39 -34.85 56.16
C GLU F 575 91.15 -34.05 56.56
N LEU F 576 91.25 -33.32 57.66
CA LEU F 576 90.12 -32.56 58.19
C LEU F 576 89.85 -31.34 57.31
N LEU F 577 88.69 -31.32 56.67
CA LEU F 577 88.28 -30.20 55.82
C LEU F 577 87.42 -29.20 56.57
N HIS F 578 86.49 -29.68 57.39
CA HIS F 578 85.63 -28.81 58.19
C HIS F 578 85.25 -29.54 59.47
N LYS F 579 85.29 -28.82 60.60
CA LYS F 579 84.99 -29.38 61.90
C LYS F 579 83.84 -28.59 62.52
N GLU F 580 82.67 -29.21 62.61
CA GLU F 580 81.51 -28.61 63.25
C GLU F 580 80.79 -29.66 64.07
N MET F 581 80.49 -29.35 65.33
CA MET F 581 79.78 -30.25 66.22
C MET F 581 78.59 -29.50 66.79
N LEU F 582 77.38 -29.91 66.39
CA LEU F 582 76.17 -29.19 66.80
C LEU F 582 75.82 -29.50 68.26
N GLY F 583 75.56 -30.76 68.56
CA GLY F 583 75.21 -31.16 69.91
C GLY F 583 73.81 -31.71 70.04
N GLY F 584 73.56 -32.49 71.10
CA GLY F 584 72.25 -33.06 71.33
C GLY F 584 72.25 -34.56 71.31
N GLU F 585 71.23 -35.17 71.92
CA GLU F 585 71.11 -36.63 71.99
C GLU F 585 70.60 -37.24 70.69
N ILE F 586 70.16 -36.43 69.74
CA ILE F 586 69.68 -36.94 68.46
C ILE F 586 70.86 -37.41 67.63
N ILE F 587 70.77 -38.65 67.13
CA ILE F 587 71.85 -39.21 66.32
C ILE F 587 71.50 -39.09 64.84
N PRO F 588 72.44 -38.71 63.99
CA PRO F 588 72.18 -38.74 62.55
C PRO F 588 72.59 -40.06 61.92
N ARG F 589 71.69 -40.62 61.11
CA ARG F 589 72.08 -41.62 60.12
C ARG F 589 72.84 -40.88 59.03
N SER F 590 74.17 -40.99 59.13
CA SER F 590 75.09 -39.86 59.08
C SER F 590 74.87 -38.79 58.01
N ILE F 591 75.17 -39.10 56.75
CA ILE F 591 75.25 -38.08 55.70
C ILE F 591 74.96 -38.76 54.36
N LEU F 592 74.09 -38.17 53.57
CA LEU F 592 73.94 -38.52 52.15
C LEU F 592 74.64 -37.45 51.32
N MET F 593 75.65 -37.86 50.55
CA MET F 593 76.45 -36.97 49.71
C MET F 593 76.01 -37.16 48.26
N THR F 594 75.07 -36.33 47.80
CA THR F 594 74.61 -36.43 46.43
C THR F 594 74.42 -35.04 45.84
N THR F 595 75.01 -34.81 44.67
CA THR F 595 74.86 -33.54 43.95
C THR F 595 73.57 -33.56 43.14
N PHE F 596 72.72 -32.55 43.35
CA PHE F 596 71.45 -32.43 42.64
C PHE F 596 71.59 -31.60 41.36
N GLU F 597 72.56 -31.98 40.53
CA GLU F 597 72.87 -31.47 39.19
C GLU F 597 73.36 -30.02 39.15
N SER F 598 73.40 -29.31 40.28
CA SER F 598 73.93 -27.95 40.30
C SER F 598 74.87 -27.65 41.47
N SER F 599 74.77 -28.37 42.58
CA SER F 599 75.60 -28.11 43.75
C SER F 599 75.58 -29.35 44.64
N HIS F 600 76.72 -29.65 45.25
CA HIS F 600 76.83 -30.78 46.17
C HIS F 600 76.21 -30.39 47.51
N TYR F 601 75.31 -31.23 48.01
CA TYR F 601 74.64 -31.01 49.28
C TYR F 601 74.97 -32.13 50.24
N LEU F 602 74.92 -31.82 51.53
CA LEU F 602 75.01 -32.82 52.58
C LEU F 602 73.62 -33.04 53.16
N LEU F 603 73.18 -34.29 53.21
CA LEU F 603 71.83 -34.65 53.64
C LEU F 603 71.95 -35.53 54.87
N CYS F 604 71.68 -34.95 56.03
CA CYS F 604 71.81 -35.67 57.30
C CYS F 604 70.45 -36.20 57.74
N ALA F 605 70.34 -37.52 57.84
CA ALA F 605 69.11 -38.17 58.30
C ALA F 605 69.18 -38.28 59.81
N LEU F 606 68.61 -37.29 60.48
CA LEU F 606 68.64 -37.25 61.94
C LEU F 606 67.66 -38.27 62.52
N GLY F 607 67.91 -38.66 63.77
CA GLY F 607 67.09 -39.65 64.43
C GLY F 607 65.80 -39.07 64.98
N ASP F 608 64.82 -39.97 65.13
CA ASP F 608 63.47 -39.66 65.64
C ASP F 608 62.78 -38.57 64.81
N GLY F 609 63.00 -38.59 63.50
CA GLY F 609 62.27 -37.74 62.58
C GLY F 609 62.70 -36.28 62.53
N ALA F 610 63.91 -36.02 62.05
CA ALA F 610 64.38 -34.66 61.82
C ALA F 610 65.27 -34.63 60.59
N LEU F 611 65.34 -33.46 59.96
CA LEU F 611 66.06 -33.30 58.70
C LEU F 611 66.67 -31.91 58.63
N PHE F 612 67.93 -31.83 58.22
CA PHE F 612 68.66 -30.57 58.09
C PHE F 612 69.04 -30.33 56.64
N TYR F 613 69.13 -29.05 56.26
CA TYR F 613 69.63 -28.64 54.95
C TYR F 613 71.07 -28.16 55.12
N PHE F 614 72.02 -28.95 54.62
CA PHE F 614 73.43 -28.61 54.64
C PHE F 614 73.95 -28.52 53.20
N GLY F 615 74.71 -27.46 52.91
CA GLY F 615 75.30 -27.29 51.60
C GLY F 615 76.81 -27.16 51.66
N LEU F 616 77.54 -28.03 50.96
CA LEU F 616 78.98 -28.12 51.08
C LEU F 616 79.66 -27.97 49.73
N ASN F 617 80.70 -27.13 49.67
CA ASN F 617 81.60 -27.13 48.53
C ASN F 617 82.63 -28.23 48.74
N ILE F 618 82.91 -28.98 47.68
CA ILE F 618 83.72 -30.20 47.80
C ILE F 618 85.22 -29.93 47.90
N GLU F 619 85.65 -28.67 47.78
CA GLU F 619 87.08 -28.35 47.79
C GLU F 619 87.49 -27.33 48.85
N THR F 620 86.55 -26.59 49.44
CA THR F 620 86.87 -25.58 50.43
C THR F 620 86.43 -25.97 51.84
N GLY F 621 85.18 -26.36 52.02
CA GLY F 621 84.69 -26.77 53.32
C GLY F 621 83.81 -25.75 54.01
N LEU F 622 82.98 -25.05 53.24
CA LEU F 622 82.09 -24.04 53.77
C LEU F 622 80.66 -24.56 53.78
N LEU F 623 79.96 -24.35 54.89
CA LEU F 623 78.59 -24.79 55.06
C LEU F 623 77.66 -23.59 55.21
N SER F 624 76.43 -23.75 54.74
CA SER F 624 75.41 -22.71 54.81
C SER F 624 74.54 -22.93 56.05
N ASP F 625 73.45 -22.17 56.13
CA ASP F 625 72.55 -22.29 57.27
C ASP F 625 71.72 -23.56 57.18
N ARG F 626 71.20 -23.98 58.33
CA ARG F 626 70.40 -25.20 58.44
C ARG F 626 68.91 -24.88 58.38
N LYS F 627 68.11 -25.92 58.21
CA LYS F 627 66.66 -25.77 58.09
C LYS F 627 66.00 -27.08 58.50
N LYS F 628 65.00 -26.97 59.38
CA LYS F 628 64.33 -28.16 59.92
C LYS F 628 63.17 -28.57 59.03
N VAL F 629 63.15 -29.86 58.66
CA VAL F 629 62.07 -30.45 57.88
C VAL F 629 61.53 -31.64 58.68
N THR F 630 60.22 -31.64 58.91
CA THR F 630 59.60 -32.70 59.69
C THR F 630 59.48 -33.97 58.84
N LEU F 631 59.91 -35.09 59.40
CA LEU F 631 59.80 -36.39 58.76
C LEU F 631 58.92 -37.37 59.53
N GLY F 632 59.09 -37.47 60.85
CA GLY F 632 58.30 -38.39 61.65
C GLY F 632 58.77 -38.47 63.09
N THR F 633 58.72 -39.68 63.67
CA THR F 633 59.18 -39.91 65.04
C THR F 633 60.25 -40.99 65.12
N GLN F 634 60.75 -41.49 63.98
CA GLN F 634 61.73 -42.55 63.93
C GLN F 634 62.96 -42.11 63.16
N PRO F 635 64.13 -42.72 63.41
CA PRO F 635 65.31 -42.41 62.60
C PRO F 635 65.13 -42.81 61.15
N THR F 636 65.57 -41.93 60.25
CA THR F 636 65.32 -42.03 58.82
C THR F 636 66.60 -42.36 58.07
N VAL F 637 66.47 -42.64 56.77
CA VAL F 637 67.58 -43.04 55.91
C VAL F 637 67.50 -42.23 54.61
N LEU F 638 68.64 -41.68 54.17
CA LEU F 638 68.73 -40.89 52.96
C LEU F 638 69.74 -41.54 52.01
N ARG F 639 69.26 -42.06 50.89
CA ARG F 639 70.10 -42.78 49.93
C ARG F 639 69.90 -42.22 48.53
N THR F 640 70.71 -42.72 47.60
CA THR F 640 70.51 -42.50 46.18
C THR F 640 70.95 -43.75 45.45
N PHE F 641 70.52 -43.87 44.19
CA PHE F 641 70.62 -45.14 43.47
C PHE F 641 70.50 -44.86 41.98
N ARG F 642 70.33 -45.93 41.20
CA ARG F 642 70.08 -45.88 39.76
C ARG F 642 68.82 -46.70 39.49
N SER F 643 67.70 -46.02 39.25
CA SER F 643 66.47 -46.72 38.92
C SER F 643 66.55 -47.35 37.53
N LEU F 644 66.59 -46.51 36.51
CA LEU F 644 67.01 -46.96 35.18
C LEU F 644 68.18 -46.10 34.72
N SER F 645 68.09 -44.80 35.01
CA SER F 645 69.17 -43.86 34.73
C SER F 645 68.97 -42.62 35.60
N THR F 646 69.72 -41.56 35.27
CA THR F 646 69.61 -40.19 35.77
C THR F 646 69.82 -40.01 37.28
N THR F 647 70.30 -41.04 38.00
CA THR F 647 70.81 -40.96 39.37
C THR F 647 69.76 -40.43 40.35
N ASN F 648 68.71 -41.23 40.59
CA ASN F 648 67.59 -40.80 41.41
C ASN F 648 67.98 -40.84 42.88
N VAL F 649 67.35 -39.97 43.67
CA VAL F 649 67.60 -39.83 45.10
C VAL F 649 66.30 -40.09 45.84
N PHE F 650 66.36 -40.89 46.91
CA PHE F 650 65.18 -41.26 47.66
C PHE F 650 65.38 -40.99 49.16
N ALA F 651 64.28 -40.66 49.83
CA ALA F 651 64.25 -40.45 51.28
C ALA F 651 63.47 -41.60 51.91
N CYS F 652 64.19 -42.51 52.57
CA CYS F 652 63.58 -43.59 53.32
C CYS F 652 63.19 -43.04 54.67
N SER F 653 61.91 -42.76 54.87
CA SER F 653 61.44 -42.18 56.11
C SER F 653 60.00 -42.61 56.37
N ASP F 654 59.45 -42.18 57.50
CA ASP F 654 58.04 -42.42 57.80
C ASP F 654 57.13 -41.63 56.89
N ARG F 655 57.62 -40.53 56.32
CA ARG F 655 56.94 -39.74 55.29
C ARG F 655 57.82 -39.84 54.06
N PRO F 656 57.78 -40.95 53.33
CA PRO F 656 58.83 -41.24 52.33
C PRO F 656 58.67 -40.40 51.07
N THR F 657 59.73 -39.70 50.71
CA THR F 657 59.71 -38.75 49.59
C THR F 657 60.82 -39.06 48.60
N VAL F 658 60.67 -38.50 47.41
CA VAL F 658 61.71 -38.52 46.38
C VAL F 658 62.28 -37.11 46.28
N ILE F 659 63.55 -36.97 46.66
CA ILE F 659 64.14 -35.65 46.83
C ILE F 659 64.54 -35.02 45.51
N TYR F 660 64.72 -35.84 44.46
CA TYR F 660 65.59 -35.49 43.35
C TYR F 660 65.03 -34.36 42.49
N SER F 661 63.74 -34.39 42.17
CA SER F 661 63.21 -33.39 41.25
C SER F 661 61.72 -33.18 41.51
N SER F 662 61.29 -31.95 41.20
CA SER F 662 59.86 -31.64 41.08
C SER F 662 59.75 -30.49 40.08
N ASN F 663 59.56 -30.85 38.81
CA ASN F 663 59.63 -29.94 37.65
C ASN F 663 60.94 -29.16 37.65
N HIS F 664 62.04 -29.89 37.83
CA HIS F 664 63.41 -29.36 37.94
C HIS F 664 63.54 -28.35 39.06
N LYS F 665 63.19 -28.80 40.27
CA LYS F 665 63.23 -27.96 41.46
C LYS F 665 63.33 -28.89 42.67
N LEU F 666 64.11 -28.47 43.68
CA LEU F 666 64.30 -29.26 44.89
C LEU F 666 63.07 -29.12 45.77
N VAL F 667 62.02 -29.87 45.41
CA VAL F 667 60.78 -29.93 46.18
C VAL F 667 60.44 -31.41 46.35
N PHE F 668 60.10 -31.80 47.58
CA PHE F 668 59.79 -33.19 47.87
C PHE F 668 58.49 -33.63 47.23
N SER F 669 58.42 -34.91 46.88
CA SER F 669 57.21 -35.54 46.40
C SER F 669 57.16 -36.96 46.93
N ASN F 670 56.00 -37.37 47.41
CA ASN F 670 55.85 -38.60 48.19
C ASN F 670 55.95 -39.84 47.30
N VAL F 671 55.70 -41.00 47.89
CA VAL F 671 55.45 -42.23 47.15
C VAL F 671 54.18 -42.85 47.69
N ASN F 672 53.73 -43.90 47.00
CA ASN F 672 52.54 -44.64 47.44
C ASN F 672 52.93 -45.81 48.33
N LEU F 673 53.74 -45.51 49.35
CA LEU F 673 54.17 -46.48 50.35
C LEU F 673 54.06 -45.83 51.72
N LYS F 674 53.63 -46.62 52.71
CA LYS F 674 53.33 -46.06 54.02
C LYS F 674 54.59 -45.74 54.81
N GLU F 675 55.59 -46.62 54.76
CA GLU F 675 56.79 -46.45 55.58
C GLU F 675 57.96 -47.16 54.91
N VAL F 676 59.07 -46.45 54.75
CA VAL F 676 60.27 -47.00 54.11
C VAL F 676 61.45 -46.82 55.06
N ASN F 677 62.14 -47.93 55.35
CA ASN F 677 63.32 -47.91 56.21
C ASN F 677 64.61 -48.03 55.40
N TYR F 678 64.75 -49.08 54.60
CA TYR F 678 65.97 -49.33 53.85
C TYR F 678 65.63 -49.51 52.38
N MET F 679 66.67 -49.54 51.54
CA MET F 679 66.55 -49.95 50.15
C MET F 679 67.65 -50.96 49.83
N CYS F 680 67.40 -51.78 48.80
CA CYS F 680 68.31 -52.85 48.44
C CYS F 680 68.49 -52.95 46.93
N PRO F 681 69.73 -52.79 46.42
CA PRO F 681 69.96 -52.89 44.98
C PRO F 681 69.99 -54.33 44.46
N LEU F 682 68.83 -54.91 44.16
CA LEU F 682 68.78 -56.28 43.70
C LEU F 682 68.97 -56.35 42.19
N ASN F 683 68.82 -57.55 41.63
CA ASN F 683 68.81 -57.77 40.17
C ASN F 683 67.63 -58.71 39.89
N SER F 684 66.46 -58.13 39.67
CA SER F 684 65.27 -58.92 39.42
C SER F 684 65.20 -59.33 37.96
N ASP F 685 64.71 -60.55 37.71
CA ASP F 685 64.53 -61.03 36.35
C ASP F 685 63.25 -60.50 35.70
N GLY F 686 62.37 -59.88 36.47
CA GLY F 686 61.18 -59.27 35.92
C GLY F 686 61.14 -57.76 36.13
N TYR F 687 62.21 -57.22 36.73
CA TYR F 687 62.31 -55.79 36.98
C TYR F 687 63.77 -55.36 36.76
N PRO F 688 64.07 -54.78 35.60
CA PRO F 688 65.47 -54.44 35.29
C PRO F 688 65.94 -53.22 36.06
N ASP F 689 67.07 -53.39 36.77
CA ASP F 689 67.79 -52.35 37.52
C ASP F 689 66.95 -51.74 38.65
N SER F 690 65.88 -52.42 39.06
CA SER F 690 65.02 -51.95 40.12
C SER F 690 65.66 -52.20 41.47
N LEU F 691 65.04 -51.66 42.51
CA LEU F 691 65.54 -51.85 43.87
C LEU F 691 64.40 -52.35 44.77
N ALA F 692 64.77 -53.17 45.74
CA ALA F 692 63.87 -53.62 46.78
C ALA F 692 64.00 -52.73 48.00
N LEU F 693 62.94 -52.69 48.80
CA LEU F 693 62.83 -51.74 49.89
C LEU F 693 62.52 -52.50 51.17
N ALA F 694 63.44 -52.44 52.14
CA ALA F 694 63.26 -53.12 53.42
C ALA F 694 62.60 -52.18 54.42
N ASN F 695 61.67 -52.73 55.19
CA ASN F 695 60.77 -51.93 56.02
C ASN F 695 60.64 -52.62 57.37
N ASN F 696 59.61 -52.23 58.13
CA ASN F 696 59.00 -53.08 59.15
C ASN F 696 57.90 -53.95 58.56
N SER F 697 57.93 -54.16 57.25
CA SER F 697 56.90 -54.82 56.46
C SER F 697 57.59 -55.50 55.29
N THR F 698 56.84 -55.78 54.23
CA THR F 698 57.33 -56.58 53.11
C THR F 698 58.41 -55.83 52.30
N LEU F 699 58.97 -56.56 51.35
CA LEU F 699 60.10 -56.12 50.54
C LEU F 699 59.59 -55.94 49.11
N THR F 700 59.75 -54.74 48.56
CA THR F 700 59.10 -54.36 47.31
C THR F 700 60.14 -54.00 46.25
N ILE F 701 60.37 -54.91 45.30
CA ILE F 701 61.29 -54.67 44.19
C ILE F 701 60.57 -53.74 43.21
N GLY F 702 60.91 -52.46 43.24
CA GLY F 702 60.21 -51.49 42.41
C GLY F 702 61.18 -50.47 41.81
N THR F 703 60.75 -49.92 40.69
CA THR F 703 61.47 -48.84 40.01
C THR F 703 60.63 -47.57 40.06
N ILE F 704 61.24 -46.47 39.63
CA ILE F 704 60.62 -45.15 39.68
C ILE F 704 60.59 -44.56 38.28
N ASP F 705 59.41 -44.10 37.87
CA ASP F 705 59.20 -43.44 36.59
C ASP F 705 59.64 -41.97 36.62
N GLU F 706 59.22 -41.20 35.62
CA GLU F 706 59.53 -39.77 35.55
C GLU F 706 58.98 -39.03 36.76
N ILE F 707 59.89 -38.43 37.53
CA ILE F 707 59.54 -37.90 38.85
C ILE F 707 58.87 -36.54 38.69
N GLN F 708 57.64 -36.43 39.18
CA GLN F 708 56.90 -35.18 39.22
C GLN F 708 55.84 -35.29 40.30
N LYS F 709 55.28 -34.14 40.67
CA LYS F 709 54.20 -34.09 41.64
C LYS F 709 52.96 -34.79 41.12
N LEU F 710 52.38 -34.27 40.04
CA LEU F 710 51.09 -34.72 39.54
C LEU F 710 51.34 -35.67 38.39
N HIS F 711 51.44 -36.96 38.72
CA HIS F 711 51.59 -37.98 37.71
C HIS F 711 50.26 -38.21 37.01
N ILE F 712 50.25 -38.12 35.68
CA ILE F 712 49.04 -38.08 34.88
C ILE F 712 49.03 -39.27 33.94
N ARG F 713 47.91 -39.99 33.88
CA ARG F 713 47.77 -41.18 33.07
C ARG F 713 46.59 -41.00 32.11
N THR F 714 46.80 -41.32 30.84
CA THR F 714 45.86 -40.99 29.78
C THR F 714 45.13 -42.24 29.30
N VAL F 715 43.80 -42.18 29.32
CA VAL F 715 42.95 -43.24 28.78
C VAL F 715 42.18 -42.65 27.62
N PRO F 716 42.66 -42.75 26.39
CA PRO F 716 42.00 -42.08 25.27
C PRO F 716 40.73 -42.81 24.85
N LEU F 717 39.73 -42.03 24.45
CA LEU F 717 38.45 -42.56 24.02
C LEU F 717 38.06 -42.14 22.61
N TYR F 718 38.74 -41.15 22.03
CA TYR F 718 38.54 -40.65 20.66
C TYR F 718 37.13 -40.11 20.42
N GLU F 719 36.48 -39.63 21.48
CA GLU F 719 35.23 -38.90 21.40
C GLU F 719 35.13 -38.05 22.66
N SER F 720 34.35 -36.97 22.57
CA SER F 720 34.31 -35.98 23.64
C SER F 720 33.58 -36.54 24.86
N PRO F 721 34.25 -36.65 26.01
CA PRO F 721 33.54 -37.11 27.21
C PRO F 721 32.70 -35.98 27.79
N ARG F 722 31.50 -36.32 28.23
CA ARG F 722 30.60 -35.32 28.79
C ARG F 722 30.71 -35.24 30.31
N LYS F 723 30.41 -36.33 31.01
CA LYS F 723 30.44 -36.33 32.47
C LYS F 723 31.09 -37.60 32.97
N ILE F 724 31.23 -37.69 34.29
CA ILE F 724 31.83 -38.83 34.96
C ILE F 724 31.17 -39.03 36.31
N CYS F 725 30.77 -40.26 36.60
CA CYS F 725 30.25 -40.65 37.89
C CYS F 725 31.07 -41.83 38.40
N TYR F 726 30.61 -42.46 39.47
CA TYR F 726 31.34 -43.57 40.05
C TYR F 726 30.40 -44.49 40.81
N GLN F 727 30.57 -45.80 40.59
CA GLN F 727 29.88 -46.81 41.38
C GLN F 727 30.79 -47.25 42.51
N GLU F 728 30.26 -47.26 43.72
CA GLU F 728 31.03 -47.78 44.84
C GLU F 728 30.85 -49.28 45.00
N VAL F 729 29.63 -49.77 44.82
CA VAL F 729 29.37 -51.21 44.94
C VAL F 729 29.92 -51.96 43.74
N SER F 730 29.39 -51.66 42.56
CA SER F 730 30.00 -52.15 41.34
C SER F 730 31.33 -51.43 41.11
N GLN F 731 32.24 -52.10 40.41
CA GLN F 731 33.53 -51.51 40.11
C GLN F 731 33.54 -51.04 38.66
N CYS F 732 32.87 -49.91 38.41
CA CYS F 732 32.81 -49.36 37.06
C CYS F 732 32.53 -47.87 37.12
N PHE F 733 33.16 -47.13 36.21
CA PHE F 733 32.86 -45.73 36.01
C PHE F 733 31.57 -45.57 35.23
N GLY F 734 31.23 -44.33 34.92
CA GLY F 734 30.18 -44.04 33.97
C GLY F 734 30.51 -42.76 33.24
N VAL F 735 30.62 -42.82 31.93
CA VAL F 735 31.02 -41.67 31.13
C VAL F 735 29.97 -41.45 30.05
N LEU F 736 29.34 -40.28 30.07
CA LEU F 736 28.59 -39.84 28.91
C LEU F 736 29.55 -39.26 27.89
N SER F 737 29.28 -39.50 26.62
CA SER F 737 30.22 -39.12 25.58
C SER F 737 29.45 -38.61 24.37
N SER F 738 30.19 -38.19 23.34
CA SER F 738 29.60 -37.56 22.17
C SER F 738 30.39 -37.94 20.94
N ARG F 739 29.71 -38.52 19.95
CA ARG F 739 30.32 -38.99 18.73
C ARG F 739 29.77 -38.20 17.55
N ILE F 740 30.64 -37.73 16.67
CA ILE F 740 30.24 -36.99 15.49
C ILE F 740 30.05 -37.97 14.35
N GLU F 741 28.87 -37.94 13.72
CA GLU F 741 28.55 -38.81 12.61
C GLU F 741 27.92 -38.01 11.48
N VAL F 742 28.19 -38.43 10.26
CA VAL F 742 27.54 -37.89 9.09
C VAL F 742 26.47 -38.87 8.64
N GLN F 743 25.46 -38.36 7.94
CA GLN F 743 24.28 -39.13 7.56
C GLN F 743 24.46 -39.73 6.19
N ASP F 744 24.24 -41.04 6.09
CA ASP F 744 24.28 -41.73 4.82
C ASP F 744 22.94 -41.57 4.09
N THR F 745 22.98 -41.74 2.77
CA THR F 745 21.74 -41.68 2.00
C THR F 745 20.95 -42.98 2.11
N SER F 746 21.56 -44.10 1.76
CA SER F 746 20.88 -45.39 1.88
C SER F 746 20.76 -45.83 3.33
N GLY F 747 21.90 -45.99 4.00
CA GLY F 747 21.91 -46.30 5.42
C GLY F 747 21.57 -45.08 6.26
N GLY F 748 21.52 -45.30 7.57
CA GLY F 748 21.19 -44.22 8.47
C GLY F 748 22.30 -43.19 8.61
N THR F 749 23.39 -43.55 9.28
CA THR F 749 24.54 -42.67 9.48
C THR F 749 25.81 -43.48 9.36
N THR F 750 26.94 -42.79 9.51
CA THR F 750 28.24 -43.44 9.62
C THR F 750 29.18 -42.54 10.42
N ALA F 751 30.08 -43.16 11.15
CA ALA F 751 31.06 -42.43 11.93
C ALA F 751 32.25 -42.04 11.05
N LEU F 752 33.22 -41.35 11.64
CA LEU F 752 34.39 -40.88 10.92
C LEU F 752 35.68 -41.56 11.32
N ARG F 753 35.70 -42.21 12.47
CA ARG F 753 36.91 -42.87 12.97
C ARG F 753 36.50 -43.92 13.98
N PRO F 754 37.24 -45.02 14.09
CA PRO F 754 36.85 -46.04 15.07
C PRO F 754 37.21 -45.64 16.49
N SER F 755 36.31 -44.87 17.11
CA SER F 755 36.51 -44.39 18.47
C SER F 755 36.26 -45.52 19.47
N ALA F 756 36.37 -45.19 20.75
CA ALA F 756 36.10 -46.16 21.81
C ALA F 756 34.64 -46.19 22.20
N SER F 757 33.75 -45.78 21.32
CA SER F 757 32.32 -45.93 21.51
C SER F 757 31.83 -47.23 20.87
N THR F 758 32.10 -47.39 19.58
CA THR F 758 31.69 -48.59 18.87
C THR F 758 32.55 -49.78 19.29
N GLN F 759 33.86 -49.58 19.42
CA GLN F 759 34.78 -50.63 19.83
C GLN F 759 34.65 -50.85 21.33
N ALA F 760 33.60 -51.57 21.72
CA ALA F 760 33.42 -51.94 23.11
C ALA F 760 33.22 -53.44 23.21
N LEU F 761 32.93 -53.93 24.42
CA LEU F 761 32.68 -55.35 24.61
C LEU F 761 31.24 -55.72 24.35
N SER F 762 30.31 -54.79 24.51
CA SER F 762 28.91 -55.01 24.21
C SER F 762 28.26 -53.64 23.99
N SER F 763 27.22 -53.63 23.17
CA SER F 763 26.51 -52.40 22.87
C SER F 763 25.01 -52.65 23.00
N SER F 764 24.25 -51.56 22.91
CA SER F 764 22.80 -51.63 22.98
C SER F 764 22.23 -50.40 22.29
N VAL F 765 20.91 -50.31 22.25
CA VAL F 765 20.22 -49.26 21.52
C VAL F 765 18.98 -48.86 22.31
N SER F 766 18.63 -47.58 22.23
CA SER F 766 17.44 -47.09 22.90
C SER F 766 16.19 -47.57 22.16
N SER F 767 15.17 -47.93 22.93
CA SER F 767 13.94 -48.47 22.37
C SER F 767 12.74 -47.81 23.02
N SER F 768 11.55 -48.38 22.81
CA SER F 768 10.26 -47.88 23.32
C SER F 768 10.01 -46.44 22.85
N LYS F 769 9.79 -46.33 21.53
CA LYS F 769 9.74 -45.05 20.86
C LYS F 769 8.53 -44.25 21.29
N LEU F 770 8.74 -43.41 22.30
CA LEU F 770 7.70 -42.62 22.93
C LEU F 770 7.69 -41.17 22.46
N PHE F 771 8.55 -40.83 21.50
CA PHE F 771 8.52 -39.55 20.80
C PHE F 771 8.15 -39.76 19.33
N SER F 772 7.23 -40.69 19.08
CA SER F 772 6.91 -41.08 17.71
C SER F 772 5.84 -40.19 17.09
N SER F 773 5.00 -39.55 17.90
CA SER F 773 3.92 -38.74 17.36
C SER F 773 4.38 -37.39 16.81
N SER F 774 5.59 -36.96 17.14
CA SER F 774 6.09 -35.67 16.67
C SER F 774 6.67 -35.79 15.27
N THR F 775 6.30 -34.87 14.40
CA THR F 775 6.82 -34.80 13.04
C THR F 775 8.01 -33.85 12.92
N ALA F 776 8.63 -33.49 14.04
CA ALA F 776 9.79 -32.59 14.08
C ALA F 776 11.06 -33.12 13.41
N PRO F 777 11.44 -34.45 13.50
CA PRO F 777 12.61 -34.87 12.70
C PRO F 777 12.35 -34.92 11.21
N HIS F 778 12.45 -33.76 10.56
CA HIS F 778 12.33 -33.70 9.11
C HIS F 778 13.60 -34.24 8.45
N GLU F 779 13.47 -34.57 7.17
CA GLU F 779 14.58 -35.16 6.42
C GLU F 779 15.60 -34.08 6.05
N THR F 780 16.87 -34.38 6.30
CA THR F 780 17.95 -33.47 5.97
C THR F 780 18.51 -33.78 4.58
N SER F 781 19.14 -32.77 3.97
CA SER F 781 19.67 -32.93 2.62
C SER F 781 20.98 -33.69 2.63
N PHE F 782 21.99 -33.16 3.29
CA PHE F 782 23.31 -33.77 3.36
C PHE F 782 23.59 -34.23 4.79
N GLY F 783 24.66 -35.01 4.93
CA GLY F 783 25.07 -35.48 6.23
C GLY F 783 25.90 -34.44 6.97
N GLU F 784 25.24 -33.43 7.50
CA GLU F 784 25.94 -32.27 8.05
C GLU F 784 26.19 -32.39 9.55
N GLU F 785 26.84 -33.50 9.93
CA GLU F 785 27.49 -33.71 11.23
C GLU F 785 26.49 -33.60 12.39
N VAL F 786 25.56 -34.54 12.42
CA VAL F 786 24.75 -34.72 13.63
C VAL F 786 25.60 -35.39 14.70
N GLU F 787 25.11 -35.33 15.94
CA GLU F 787 25.81 -35.89 17.08
C GLU F 787 25.04 -37.08 17.62
N VAL F 788 25.76 -38.12 18.03
CA VAL F 788 25.16 -39.29 18.65
C VAL F 788 25.86 -39.50 19.98
N HIS F 789 25.08 -39.56 21.05
CA HIS F 789 25.63 -39.72 22.39
C HIS F 789 25.38 -41.14 22.90
N ASN F 790 26.21 -41.55 23.86
CA ASN F 790 26.05 -42.84 24.50
C ASN F 790 26.62 -42.79 25.92
N LEU F 791 26.42 -43.88 26.64
CA LEU F 791 26.83 -44.03 28.03
C LEU F 791 27.94 -45.06 28.12
N LEU F 792 29.17 -44.59 28.23
CA LEU F 792 30.31 -45.49 28.36
C LEU F 792 30.44 -45.96 29.80
N ILE F 793 30.49 -47.27 29.99
CA ILE F 793 30.72 -47.86 31.30
C ILE F 793 32.09 -48.52 31.24
N ILE F 794 33.03 -47.99 32.01
CA ILE F 794 34.45 -48.28 31.85
C ILE F 794 34.91 -49.09 33.05
N ASP F 795 35.76 -50.10 32.79
CA ASP F 795 36.25 -51.01 33.82
C ASP F 795 37.09 -50.25 34.84
N GLN F 796 37.20 -50.84 36.03
CA GLN F 796 37.79 -50.15 37.17
C GLN F 796 39.31 -50.11 37.10
N HIS F 797 39.93 -51.26 36.83
CA HIS F 797 41.38 -51.37 36.85
C HIS F 797 41.99 -51.39 35.46
N THR F 798 41.40 -52.13 34.52
CA THR F 798 41.94 -52.20 33.17
C THR F 798 41.57 -50.99 32.34
N PHE F 799 40.49 -50.29 32.72
CA PHE F 799 39.94 -49.13 32.02
C PHE F 799 39.52 -49.47 30.59
N GLU F 800 39.17 -50.73 30.35
CA GLU F 800 38.59 -51.13 29.08
C GLU F 800 37.11 -50.77 29.08
N VAL F 801 36.61 -50.34 27.92
CA VAL F 801 35.21 -49.95 27.81
C VAL F 801 34.36 -51.22 27.87
N LEU F 802 33.60 -51.37 28.96
CA LEU F 802 32.81 -52.58 29.13
C LEU F 802 31.55 -52.56 28.27
N HIS F 803 30.84 -51.44 28.25
CA HIS F 803 29.57 -51.39 27.54
C HIS F 803 29.24 -49.95 27.18
N ALA F 804 28.58 -49.78 26.04
CA ALA F 804 28.03 -48.49 25.64
C ALA F 804 26.56 -48.66 25.30
N HIS F 805 25.82 -47.56 25.34
CA HIS F 805 24.38 -47.59 25.06
C HIS F 805 24.00 -46.38 24.23
N GLN F 806 23.70 -46.60 22.95
CA GLN F 806 23.26 -45.52 22.10
C GLN F 806 21.85 -45.07 22.46
N PHE F 807 21.64 -43.76 22.46
CA PHE F 807 20.36 -43.17 22.80
C PHE F 807 19.52 -43.00 21.54
N LEU F 808 18.42 -42.26 21.62
CA LEU F 808 17.60 -42.03 20.45
C LEU F 808 18.29 -41.05 19.51
N GLN F 809 17.74 -40.96 18.30
CA GLN F 809 18.26 -40.02 17.31
C GLN F 809 17.98 -38.60 17.77
N ASN F 810 19.02 -37.75 17.68
CA ASN F 810 19.01 -36.35 18.13
C ASN F 810 18.67 -36.22 19.62
N GLU F 811 19.26 -37.08 20.44
CA GLU F 811 19.04 -37.05 21.88
C GLU F 811 20.36 -36.82 22.59
N TYR F 812 20.55 -35.62 23.14
CA TYR F 812 21.74 -35.37 23.93
C TYR F 812 21.54 -35.86 25.35
N ALA F 813 22.64 -35.97 26.09
CA ALA F 813 22.60 -36.33 27.50
C ALA F 813 23.38 -35.28 28.27
N LEU F 814 22.74 -34.65 29.24
CA LEU F 814 23.24 -33.43 29.83
C LEU F 814 23.56 -33.52 31.31
N SER F 815 23.25 -34.64 31.96
CA SER F 815 23.43 -34.77 33.40
C SER F 815 23.53 -36.24 33.75
N LEU F 816 24.38 -36.55 34.73
CA LEU F 816 24.61 -37.94 35.13
C LEU F 816 24.88 -38.00 36.63
N VAL F 817 24.02 -38.73 37.34
CA VAL F 817 24.24 -39.07 38.74
C VAL F 817 23.97 -40.55 38.93
N SER F 818 24.66 -41.14 39.90
CA SER F 818 24.56 -42.56 40.20
C SER F 818 24.45 -42.69 41.72
N CYS F 819 23.24 -42.98 42.20
CA CYS F 819 22.98 -42.96 43.62
C CYS F 819 21.99 -44.07 43.93
N LYS F 820 21.45 -44.05 45.15
CA LYS F 820 20.38 -44.94 45.55
C LYS F 820 19.16 -44.10 45.88
N LEU F 821 17.99 -44.56 45.44
CA LEU F 821 16.73 -43.86 45.66
C LEU F 821 15.75 -44.80 46.34
N GLY F 822 15.25 -44.38 47.49
CA GLY F 822 14.31 -45.21 48.20
C GLY F 822 15.01 -46.36 48.89
N LYS F 823 14.17 -47.26 49.41
CA LYS F 823 14.67 -48.40 50.16
C LYS F 823 15.00 -49.60 49.28
N ASP F 824 14.93 -49.42 47.96
CA ASP F 824 15.36 -50.45 47.02
C ASP F 824 16.87 -50.59 47.13
N PRO F 825 17.40 -51.78 47.46
CA PRO F 825 18.84 -51.92 47.71
C PRO F 825 19.72 -51.93 46.47
N ASN F 826 19.22 -51.57 45.30
CA ASN F 826 20.08 -51.44 44.14
C ASN F 826 20.75 -50.07 44.11
N THR F 827 21.80 -49.96 43.30
CA THR F 827 22.53 -48.71 43.11
C THR F 827 22.58 -48.43 41.62
N TYR F 828 21.90 -47.38 41.19
CA TYR F 828 21.54 -47.22 39.79
C TYR F 828 22.44 -46.24 39.06
N PHE F 829 22.22 -46.13 37.76
CA PHE F 829 22.64 -45.00 36.96
C PHE F 829 21.41 -44.21 36.56
N ILE F 830 21.48 -42.89 36.64
CA ILE F 830 20.41 -42.01 36.21
C ILE F 830 20.99 -41.04 35.21
N VAL F 831 20.46 -41.04 34.00
CA VAL F 831 20.97 -40.21 32.91
C VAL F 831 19.86 -39.25 32.49
N GLY F 832 20.10 -37.96 32.66
CA GLY F 832 19.13 -36.96 32.28
C GLY F 832 19.34 -36.50 30.86
N THR F 833 18.43 -36.85 29.97
CA THR F 833 18.60 -36.62 28.54
C THR F 833 17.63 -35.55 28.06
N ALA F 834 17.87 -35.12 26.81
CA ALA F 834 17.05 -34.09 26.18
C ALA F 834 17.08 -34.30 24.68
N MET F 835 16.02 -33.82 24.01
CA MET F 835 15.85 -33.99 22.58
C MET F 835 16.13 -32.66 21.90
N VAL F 836 17.17 -32.62 21.10
CA VAL F 836 17.62 -31.39 20.47
C VAL F 836 17.28 -31.43 18.99
N TYR F 837 17.09 -30.24 18.42
CA TYR F 837 16.85 -30.08 17.01
C TYR F 837 17.49 -28.75 16.66
N PRO F 838 18.18 -28.65 15.54
CA PRO F 838 18.68 -27.34 15.09
C PRO F 838 17.53 -26.53 14.51
N GLU F 839 17.84 -25.28 14.14
CA GLU F 839 16.88 -24.28 13.67
C GLU F 839 15.72 -24.13 14.65
N GLU F 840 16.08 -24.04 15.93
CA GLU F 840 15.11 -24.15 17.00
C GLU F 840 15.67 -23.44 18.22
N ALA F 841 14.76 -22.94 19.06
CA ALA F 841 15.07 -22.37 20.36
C ALA F 841 15.30 -23.48 21.38
N GLU F 842 15.17 -23.13 22.66
CA GLU F 842 15.25 -24.08 23.76
C GLU F 842 14.35 -25.29 23.52
N PRO F 843 14.80 -26.49 23.89
CA PRO F 843 14.00 -27.69 23.61
C PRO F 843 12.98 -27.98 24.68
N LYS F 844 11.83 -28.49 24.25
CA LYS F 844 10.80 -28.95 25.18
C LYS F 844 10.41 -30.36 24.75
N GLN F 845 11.26 -31.32 25.11
CA GLN F 845 11.06 -32.77 25.08
C GLN F 845 12.10 -33.34 26.04
N GLY F 846 12.33 -34.64 25.99
CA GLY F 846 13.37 -35.27 26.77
C GLY F 846 12.80 -36.24 27.80
N ARG F 847 13.73 -36.94 28.44
CA ARG F 847 13.34 -37.99 29.38
C ARG F 847 14.47 -38.22 30.37
N ILE F 848 14.13 -38.89 31.46
CA ILE F 848 15.07 -39.29 32.49
C ILE F 848 14.95 -40.79 32.64
N VAL F 849 16.05 -41.51 32.43
CA VAL F 849 16.05 -42.96 32.35
C VAL F 849 16.97 -43.52 33.44
N VAL F 850 16.47 -44.48 34.20
CA VAL F 850 17.21 -45.09 35.30
C VAL F 850 17.80 -46.40 34.82
N PHE F 851 19.13 -46.50 34.86
CA PHE F 851 19.87 -47.67 34.40
C PHE F 851 20.46 -48.44 35.57
N GLN F 852 20.64 -49.75 35.39
CA GLN F 852 21.42 -50.56 36.32
C GLN F 852 22.28 -51.52 35.53
N TYR F 853 23.33 -52.00 36.20
CA TYR F 853 24.44 -52.76 35.59
C TYR F 853 24.65 -54.07 36.33
N SER F 854 23.57 -54.84 36.46
CA SER F 854 23.63 -56.14 37.12
C SER F 854 24.45 -57.11 36.28
N ASP F 855 25.62 -57.49 36.80
CA ASP F 855 26.44 -58.61 36.31
C ASP F 855 26.90 -58.41 34.87
N GLY F 856 27.54 -57.28 34.61
CA GLY F 856 28.12 -57.03 33.31
C GLY F 856 27.13 -56.78 32.20
N LYS F 857 25.91 -56.37 32.54
CA LYS F 857 24.87 -56.13 31.53
C LYS F 857 24.08 -54.91 31.94
N LEU F 858 24.15 -53.86 31.14
CA LEU F 858 23.41 -52.64 31.42
C LEU F 858 21.94 -52.85 31.12
N GLN F 859 21.06 -52.42 32.03
CA GLN F 859 19.64 -52.68 31.90
C GLN F 859 18.85 -51.39 32.09
N THR F 860 17.87 -51.17 31.21
CA THR F 860 16.95 -50.05 31.33
C THR F 860 15.79 -50.46 32.22
N VAL F 861 15.77 -49.94 33.44
CA VAL F 861 14.70 -50.27 34.38
C VAL F 861 13.48 -49.39 34.15
N ALA F 862 13.65 -48.08 34.30
CA ALA F 862 12.54 -47.14 34.27
C ALA F 862 12.83 -46.02 33.28
N GLU F 863 11.79 -45.26 32.96
CA GLU F 863 11.91 -44.08 32.12
C GLU F 863 10.76 -43.14 32.42
N LYS F 864 10.97 -41.86 32.16
CA LYS F 864 9.97 -40.84 32.52
C LYS F 864 10.10 -39.68 31.53
N GLU F 865 9.19 -39.65 30.55
CA GLU F 865 9.16 -38.57 29.58
C GLU F 865 8.78 -37.27 30.26
N VAL F 866 9.64 -36.27 30.16
CA VAL F 866 9.45 -34.98 30.81
C VAL F 866 9.58 -33.89 29.76
N LYS F 867 8.59 -33.01 29.71
CA LYS F 867 8.62 -31.89 28.78
C LYS F 867 9.66 -30.87 29.20
N GLY F 868 10.86 -30.97 28.66
CA GLY F 868 11.92 -30.02 28.94
C GLY F 868 13.28 -30.65 29.13
N ALA F 869 14.32 -29.90 28.83
CA ALA F 869 15.69 -30.39 28.92
C ALA F 869 16.14 -30.52 30.36
N VAL F 870 16.76 -31.63 30.69
CA VAL F 870 17.18 -31.94 32.06
C VAL F 870 18.65 -31.58 32.17
N TYR F 871 18.93 -30.46 32.83
CA TYR F 871 20.27 -29.88 32.79
C TYR F 871 21.19 -30.44 33.86
N SER F 872 20.73 -30.48 35.11
CA SER F 872 21.59 -30.90 36.20
C SER F 872 20.77 -31.70 37.20
N MET F 873 21.37 -32.76 37.72
CA MET F 873 20.74 -33.60 38.71
C MET F 873 21.64 -33.73 39.92
N VAL F 874 21.02 -33.87 41.08
CA VAL F 874 21.70 -34.24 42.32
C VAL F 874 20.81 -35.21 43.07
N GLU F 875 21.44 -36.04 43.89
CA GLU F 875 20.70 -36.80 44.89
C GLU F 875 20.39 -35.87 46.05
N PHE F 876 19.17 -36.00 46.59
CA PHE F 876 18.71 -35.15 47.69
C PHE F 876 17.90 -36.00 48.65
N ASN F 877 18.58 -36.52 49.68
CA ASN F 877 17.98 -37.15 50.85
C ASN F 877 17.12 -38.36 50.46
N GLY F 878 17.69 -39.22 49.64
CA GLY F 878 16.96 -40.35 49.13
C GLY F 878 16.00 -40.03 48.02
N LYS F 879 16.00 -38.79 47.53
CA LYS F 879 15.14 -38.39 46.43
C LYS F 879 15.98 -37.80 45.31
N LEU F 880 15.53 -37.99 44.08
CA LEU F 880 16.22 -37.45 42.91
C LEU F 880 15.74 -36.04 42.63
N LEU F 881 16.64 -35.07 42.76
CA LEU F 881 16.31 -33.70 42.43
C LEU F 881 16.73 -33.43 40.99
N ALA F 882 15.85 -32.79 40.23
CA ALA F 882 16.11 -32.49 38.83
C ALA F 882 16.06 -31.00 38.58
N SER F 883 16.32 -30.62 37.33
CA SER F 883 16.37 -29.21 36.94
C SER F 883 16.01 -29.14 35.46
N ILE F 884 14.75 -28.79 35.17
CA ILE F 884 14.13 -29.07 33.87
C ILE F 884 13.57 -27.74 33.34
N ASN F 885 14.38 -27.00 32.58
CA ASN F 885 14.01 -25.74 31.92
C ASN F 885 13.41 -24.73 32.89
N SER F 886 14.27 -24.26 33.80
CA SER F 886 13.95 -23.28 34.82
C SER F 886 12.88 -23.78 35.79
N THR F 887 12.85 -25.09 36.01
CA THR F 887 11.93 -25.69 36.96
C THR F 887 12.66 -26.76 37.75
N VAL F 888 12.63 -26.66 39.07
CA VAL F 888 13.33 -27.57 39.96
C VAL F 888 12.34 -28.62 40.43
N ARG F 889 12.47 -29.85 39.96
CA ARG F 889 11.43 -30.86 40.11
C ARG F 889 11.95 -32.01 40.96
N LEU F 890 11.42 -32.15 42.16
CA LEU F 890 11.84 -33.21 43.07
C LEU F 890 10.99 -34.45 42.83
N TYR F 891 11.66 -35.60 42.85
CA TYR F 891 11.03 -36.88 42.56
C TYR F 891 10.96 -37.73 43.81
N GLU F 892 10.46 -38.94 43.63
CA GLU F 892 10.34 -39.91 44.72
C GLU F 892 10.20 -41.28 44.08
N TRP F 893 11.11 -42.19 44.39
CA TRP F 893 11.12 -43.49 43.74
C TRP F 893 10.07 -44.39 44.38
N THR F 894 9.05 -44.75 43.61
CA THR F 894 8.05 -45.64 44.15
C THR F 894 8.53 -47.08 44.09
N THR F 895 7.76 -47.97 44.70
CA THR F 895 8.11 -49.38 44.71
C THR F 895 7.93 -49.99 43.33
N GLU F 896 7.00 -49.45 42.54
CA GLU F 896 6.64 -50.00 41.24
C GLU F 896 7.52 -49.48 40.11
N LYS F 897 8.75 -49.04 40.44
CA LYS F 897 9.79 -48.69 39.48
C LYS F 897 9.39 -47.49 38.62
N GLU F 898 8.83 -46.47 39.24
CA GLU F 898 8.42 -45.25 38.58
C GLU F 898 8.79 -44.07 39.49
N LEU F 899 8.31 -42.90 39.13
CA LEU F 899 8.59 -41.67 39.87
C LEU F 899 7.32 -40.86 40.03
N ARG F 900 7.20 -40.18 41.16
CA ARG F 900 6.08 -39.29 41.45
C ARG F 900 6.63 -37.94 41.86
N THR F 901 6.16 -36.89 41.20
CA THR F 901 6.69 -35.55 41.44
C THR F 901 6.25 -35.06 42.81
N GLU F 902 7.20 -34.70 43.66
CA GLU F 902 6.84 -34.24 44.99
C GLU F 902 6.50 -32.76 45.01
N CYS F 903 7.35 -31.92 44.42
CA CYS F 903 7.06 -30.51 44.35
C CYS F 903 7.75 -29.91 43.14
N ASN F 904 7.67 -28.58 43.02
CA ASN F 904 8.27 -27.83 41.92
C ASN F 904 8.67 -26.45 42.42
N HIS F 905 9.52 -25.80 41.65
CA HIS F 905 9.84 -24.39 41.84
C HIS F 905 9.87 -23.72 40.49
N TYR F 906 9.50 -22.44 40.44
CA TYR F 906 9.35 -21.78 39.16
C TYR F 906 10.07 -20.46 39.03
N ASN F 907 10.55 -19.84 40.10
CA ASN F 907 11.20 -18.54 39.98
C ASN F 907 12.65 -18.77 39.54
N ASN F 908 12.82 -19.06 38.25
CA ASN F 908 14.10 -19.35 37.66
C ASN F 908 14.11 -18.84 36.23
N ILE F 909 15.25 -18.31 35.78
CA ILE F 909 15.41 -17.97 34.37
C ILE F 909 15.72 -19.21 33.56
N MET F 910 16.79 -19.91 33.94
CA MET F 910 17.10 -21.23 33.39
C MET F 910 17.94 -21.93 34.46
N ALA F 911 17.31 -22.85 35.18
CA ALA F 911 17.99 -23.53 36.29
C ALA F 911 18.97 -24.54 35.72
N LEU F 912 20.25 -24.16 35.69
CA LEU F 912 21.28 -24.95 35.03
C LEU F 912 22.12 -25.78 35.98
N TYR F 913 22.10 -25.49 37.28
CA TYR F 913 22.99 -26.14 38.22
C TYR F 913 22.23 -26.51 39.47
N LEU F 914 22.69 -27.55 40.14
CA LEU F 914 22.15 -27.95 41.43
C LEU F 914 23.29 -28.44 42.32
N LYS F 915 23.31 -27.99 43.56
CA LYS F 915 24.24 -28.47 44.57
C LYS F 915 23.52 -28.53 45.90
N THR F 916 23.71 -29.62 46.63
CA THR F 916 22.99 -29.84 47.87
C THR F 916 23.94 -30.20 49.01
N LYS F 917 23.52 -29.88 50.23
CA LYS F 917 24.20 -30.35 51.44
C LYS F 917 23.16 -30.41 52.55
N GLY F 918 22.68 -31.62 52.84
CA GLY F 918 21.70 -31.81 53.89
C GLY F 918 20.29 -31.62 53.40
N ASP F 919 19.71 -30.46 53.72
CA ASP F 919 18.36 -30.14 53.29
C ASP F 919 18.30 -28.82 52.52
N PHE F 920 19.42 -28.17 52.29
CA PHE F 920 19.46 -26.94 51.52
C PHE F 920 19.80 -27.26 50.08
N ILE F 921 19.35 -26.41 49.16
CA ILE F 921 19.51 -26.63 47.73
C ILE F 921 20.03 -25.35 47.10
N LEU F 922 21.13 -25.45 46.37
CA LEU F 922 21.78 -24.32 45.73
C LEU F 922 21.56 -24.41 44.23
N VAL F 923 21.02 -23.34 43.64
CA VAL F 923 20.66 -23.31 42.24
C VAL F 923 21.44 -22.18 41.57
N GLY F 924 22.10 -22.51 40.46
CA GLY F 924 22.78 -21.51 39.67
C GLY F 924 22.02 -21.15 38.41
N ASP F 925 21.53 -19.92 38.35
CA ASP F 925 20.65 -19.49 37.28
C ASP F 925 21.47 -19.16 36.03
N LEU F 926 20.78 -18.89 34.93
CA LEU F 926 21.48 -18.55 33.70
C LEU F 926 22.08 -17.16 33.77
N MET F 927 21.26 -16.16 34.05
CA MET F 927 21.74 -14.79 34.09
C MET F 927 21.81 -14.21 35.50
N ARG F 928 21.01 -14.71 36.43
CA ARG F 928 20.87 -13.94 37.65
C ARG F 928 22.01 -14.23 38.61
N SER F 929 21.96 -15.35 39.34
CA SER F 929 22.95 -15.59 40.38
C SER F 929 22.83 -16.94 41.04
N VAL F 930 23.63 -17.10 42.09
CA VAL F 930 23.40 -17.99 43.22
C VAL F 930 21.96 -17.87 43.69
N LEU F 931 21.29 -19.00 43.89
CA LEU F 931 19.96 -19.02 44.48
C LEU F 931 19.90 -20.09 45.55
N LEU F 932 19.41 -19.72 46.73
CA LEU F 932 19.25 -20.65 47.84
C LEU F 932 17.79 -21.00 48.01
N LEU F 933 17.50 -22.30 48.01
CA LEU F 933 16.14 -22.81 48.06
C LEU F 933 16.05 -23.83 49.18
N ALA F 934 15.05 -23.69 50.04
CA ALA F 934 14.92 -24.60 51.16
C ALA F 934 14.21 -25.87 50.75
N TYR F 935 14.06 -26.75 51.72
CA TYR F 935 13.13 -27.87 51.60
C TYR F 935 12.60 -28.15 53.00
N LYS F 936 11.32 -27.90 53.21
CA LYS F 936 10.68 -28.20 54.46
C LYS F 936 9.97 -29.53 54.32
N PRO F 937 10.46 -30.61 54.91
CA PRO F 937 9.84 -31.92 54.68
C PRO F 937 8.49 -32.05 55.36
N MET F 938 8.26 -31.31 56.44
CA MET F 938 6.95 -31.30 57.08
C MET F 938 5.93 -30.54 56.25
N GLU F 939 6.36 -29.63 55.39
CA GLU F 939 5.45 -28.90 54.53
C GLU F 939 5.22 -29.57 53.19
N GLY F 940 6.10 -30.48 52.79
CA GLY F 940 5.95 -31.19 51.55
C GLY F 940 6.33 -30.42 50.30
N ASN F 941 6.79 -29.19 50.44
CA ASN F 941 7.13 -28.36 49.29
C ASN F 941 8.50 -27.72 49.47
N PHE F 942 8.87 -26.81 48.58
CA PHE F 942 10.09 -26.04 48.73
C PHE F 942 9.78 -24.69 49.38
N GLU F 943 10.80 -23.86 49.50
CA GLU F 943 10.66 -22.53 50.08
C GLU F 943 11.87 -21.70 49.69
N GLU F 944 11.64 -20.46 49.29
CA GLU F 944 12.73 -19.55 48.99
C GLU F 944 13.27 -19.00 50.30
N ILE F 945 14.47 -19.42 50.68
CA ILE F 945 15.14 -18.74 51.78
C ILE F 945 15.62 -17.37 51.34
N ALA F 946 16.46 -17.32 50.32
CA ALA F 946 17.10 -16.08 49.94
C ALA F 946 17.52 -16.17 48.48
N ARG F 947 18.09 -15.07 47.98
CA ARG F 947 18.39 -14.92 46.57
C ARG F 947 19.35 -13.76 46.42
N ASP F 948 20.39 -13.95 45.63
CA ASP F 948 21.22 -12.81 45.24
C ASP F 948 20.63 -12.19 43.98
N PHE F 949 20.75 -10.87 43.89
CA PHE F 949 20.08 -10.12 42.85
C PHE F 949 21.00 -9.68 41.71
N ASN F 950 22.30 -9.63 41.95
CA ASN F 950 23.24 -9.05 41.00
C ASN F 950 23.42 -9.99 39.82
N PRO F 951 23.19 -9.53 38.57
CA PRO F 951 23.17 -10.45 37.42
C PRO F 951 24.52 -10.98 36.99
N ASN F 952 24.97 -12.05 37.60
CA ASN F 952 26.19 -12.72 37.19
C ASN F 952 25.83 -13.97 36.40
N TRP F 953 26.46 -14.13 35.25
CA TRP F 953 26.20 -15.26 34.37
C TRP F 953 26.95 -16.48 34.92
N MET F 954 26.22 -17.49 35.37
CA MET F 954 26.85 -18.58 36.11
C MET F 954 27.64 -19.51 35.20
N SER F 955 28.63 -20.15 35.79
CA SER F 955 29.42 -21.22 35.18
C SER F 955 29.48 -22.47 36.04
N ALA F 956 29.54 -22.33 37.36
CA ALA F 956 29.67 -23.43 38.30
C ALA F 956 29.44 -22.92 39.70
N VAL F 957 28.70 -23.69 40.51
CA VAL F 957 28.44 -23.35 41.90
C VAL F 957 28.81 -24.52 42.79
N GLU F 958 29.06 -24.22 44.07
CA GLU F 958 29.39 -25.23 45.07
C GLU F 958 29.13 -24.68 46.46
N ILE F 959 28.43 -25.44 47.28
CA ILE F 959 28.20 -25.07 48.68
C ILE F 959 29.47 -25.33 49.46
N LEU F 960 29.90 -24.35 50.27
CA LEU F 960 31.10 -24.56 51.07
C LEU F 960 30.81 -25.15 52.44
N ASP F 961 30.11 -24.41 53.30
CA ASP F 961 30.00 -24.82 54.70
C ASP F 961 28.61 -24.55 55.29
N ASP F 962 27.56 -24.65 54.47
CA ASP F 962 26.15 -24.42 54.80
C ASP F 962 25.86 -23.00 55.28
N ASP F 963 26.79 -22.09 55.11
CA ASP F 963 26.60 -20.66 55.32
C ASP F 963 27.10 -19.86 54.12
N ASN F 964 28.16 -20.32 53.47
CA ASN F 964 28.81 -19.58 52.40
C ASN F 964 28.73 -20.39 51.12
N PHE F 965 28.51 -19.70 50.01
CA PHE F 965 28.22 -20.33 48.73
C PHE F 965 29.13 -19.75 47.67
N LEU F 966 29.89 -20.60 47.00
CA LEU F 966 30.85 -20.17 46.00
C LEU F 966 30.27 -20.34 44.60
N GLY F 967 30.55 -19.38 43.73
CA GLY F 967 30.06 -19.43 42.38
C GLY F 967 31.12 -18.98 41.38
N ALA F 968 30.94 -19.42 40.14
CA ALA F 968 31.79 -19.04 39.03
C ALA F 968 31.01 -18.21 38.03
N GLU F 969 31.73 -17.51 37.16
CA GLU F 969 31.11 -16.55 36.27
C GLU F 969 31.75 -16.63 34.89
N ASN F 970 30.98 -16.28 33.86
CA ASN F 970 31.52 -16.18 32.51
C ASN F 970 32.58 -15.10 32.37
N ALA F 971 32.60 -14.13 33.27
CA ALA F 971 33.61 -13.08 33.23
C ALA F 971 34.89 -13.49 33.94
N PHE F 972 35.10 -14.80 34.13
CA PHE F 972 36.34 -15.38 34.67
C PHE F 972 36.62 -14.89 36.08
N ASN F 973 35.64 -15.08 36.97
CA ASN F 973 35.68 -14.49 38.30
C ASN F 973 35.09 -15.45 39.31
N LEU F 974 35.41 -15.23 40.58
CA LEU F 974 34.88 -15.99 41.69
C LEU F 974 34.30 -15.06 42.74
N PHE F 975 33.31 -15.55 43.48
CA PHE F 975 32.68 -14.77 44.54
C PHE F 975 31.98 -15.72 45.50
N VAL F 976 31.88 -15.28 46.77
CA VAL F 976 31.20 -16.03 47.82
C VAL F 976 30.00 -15.23 48.30
N CYS F 977 28.82 -15.85 48.27
CA CYS F 977 27.62 -15.29 48.84
C CYS F 977 27.36 -15.88 50.22
N GLN F 978 26.61 -15.15 51.06
CA GLN F 978 26.43 -15.53 52.45
C GLN F 978 24.98 -15.33 52.87
N LYS F 979 24.38 -16.40 53.41
CA LYS F 979 23.08 -16.31 54.05
C LYS F 979 23.16 -15.37 55.25
N ASP F 980 22.23 -14.42 55.32
CA ASP F 980 22.41 -13.30 56.22
C ASP F 980 22.02 -13.69 57.65
N SER F 981 22.53 -12.92 58.61
CA SER F 981 22.37 -13.21 60.02
C SER F 981 21.43 -12.26 60.75
N ALA F 982 21.61 -10.95 60.58
CA ALA F 982 20.78 -9.96 61.24
C ALA F 982 19.45 -9.81 60.48
N ALA F 983 18.60 -10.81 60.66
CA ALA F 983 17.32 -10.91 59.95
C ALA F 983 16.25 -10.08 60.66
N THR F 984 16.47 -8.77 60.69
CA THR F 984 15.58 -7.87 61.40
C THR F 984 14.23 -7.73 60.73
N THR F 985 14.14 -8.06 59.44
CA THR F 985 12.87 -8.06 58.74
C THR F 985 12.91 -9.19 57.72
N ASP F 986 11.85 -9.30 56.95
CA ASP F 986 11.79 -10.32 55.91
C ASP F 986 12.48 -9.87 54.64
N GLU F 987 12.70 -8.58 54.47
CA GLU F 987 13.38 -8.10 53.27
C GLU F 987 14.89 -8.20 53.39
N GLU F 988 15.43 -8.00 54.58
CA GLU F 988 16.86 -8.10 54.81
C GLU F 988 17.33 -9.53 55.01
N ARG F 989 16.45 -10.52 54.85
CA ARG F 989 16.85 -11.91 54.93
C ARG F 989 16.51 -12.70 53.68
N GLN F 990 15.93 -12.06 52.67
CA GLN F 990 15.76 -12.67 51.37
C GLN F 990 16.79 -12.15 50.38
N HIS F 991 17.78 -11.42 50.85
CA HIS F 991 18.81 -10.82 50.00
C HIS F 991 20.16 -11.38 50.42
N LEU F 992 20.72 -12.25 49.58
CA LEU F 992 22.07 -12.74 49.82
C LEU F 992 23.07 -11.62 49.63
N GLN F 993 24.13 -11.66 50.43
CA GLN F 993 25.18 -10.65 50.38
C GLN F 993 26.44 -11.25 49.78
N GLU F 994 27.01 -10.57 48.80
CA GLU F 994 28.25 -11.02 48.17
C GLU F 994 29.42 -10.68 49.08
N VAL F 995 30.02 -11.69 49.68
CA VAL F 995 31.12 -11.49 50.59
C VAL F 995 32.38 -12.01 49.93
N GLY F 996 33.13 -11.14 49.27
CA GLY F 996 34.35 -11.57 48.62
C GLY F 996 34.28 -11.63 47.11
N LEU F 997 35.31 -11.08 46.45
CA LEU F 997 35.38 -10.99 45.01
C LEU F 997 36.82 -11.20 44.57
N PHE F 998 37.00 -11.83 43.41
CA PHE F 998 38.31 -12.31 43.01
C PHE F 998 38.30 -12.63 41.54
N HIS F 999 39.35 -12.24 40.82
CA HIS F 999 39.49 -12.53 39.40
C HIS F 999 40.48 -13.66 39.23
N LEU F 1000 40.00 -14.88 39.39
CA LEU F 1000 40.69 -16.07 38.92
C LEU F 1000 40.56 -16.07 37.41
N GLY F 1001 41.59 -15.61 36.71
CA GLY F 1001 41.45 -15.32 35.30
C GLY F 1001 41.37 -16.55 34.42
N GLU F 1002 40.29 -17.32 34.59
CA GLU F 1002 40.18 -18.65 34.02
C GLU F 1002 38.76 -19.14 34.23
N PHE F 1003 38.25 -19.90 33.26
CA PHE F 1003 36.83 -20.26 33.21
C PHE F 1003 36.60 -21.55 33.98
N VAL F 1004 35.85 -21.47 35.07
CA VAL F 1004 35.67 -22.63 35.96
C VAL F 1004 34.49 -23.45 35.50
N ASN F 1005 34.75 -24.71 35.13
CA ASN F 1005 33.68 -25.62 34.75
C ASN F 1005 33.16 -26.41 35.94
N VAL F 1006 34.05 -27.04 36.69
CA VAL F 1006 33.66 -28.05 37.66
C VAL F 1006 34.03 -27.55 39.05
N PHE F 1007 33.32 -28.01 40.06
CA PHE F 1007 33.79 -27.99 41.43
C PHE F 1007 33.60 -29.37 42.03
N CYS F 1008 34.47 -29.73 42.97
CA CYS F 1008 34.32 -31.00 43.67
C CYS F 1008 34.97 -30.89 45.03
N HIS F 1009 34.60 -31.82 45.91
CA HIS F 1009 35.17 -31.90 47.24
C HIS F 1009 36.46 -32.71 47.19
N GLY F 1010 36.99 -33.07 48.35
CA GLY F 1010 38.04 -34.05 48.40
C GLY F 1010 39.43 -33.49 48.18
N SER F 1011 40.34 -33.80 49.11
CA SER F 1011 41.72 -33.37 48.96
C SER F 1011 42.47 -34.36 48.08
N LEU F 1012 43.69 -33.98 47.71
CA LEU F 1012 44.59 -34.87 47.01
C LEU F 1012 45.74 -35.34 47.88
N VAL F 1013 45.75 -35.00 49.15
CA VAL F 1013 46.85 -35.36 50.03
C VAL F 1013 46.36 -36.37 51.07
N MET F 1014 47.29 -36.87 51.87
CA MET F 1014 46.97 -37.94 52.81
C MET F 1014 46.22 -37.38 54.02
N GLN F 1015 45.22 -38.14 54.47
CA GLN F 1015 44.51 -37.83 55.70
C GLN F 1015 45.34 -38.34 56.86
N ASN F 1016 46.04 -37.43 57.55
CA ASN F 1016 46.97 -37.79 58.60
C ASN F 1016 46.30 -38.12 59.94
N LEU F 1017 44.98 -38.08 60.01
CA LEU F 1017 44.28 -38.39 61.25
C LEU F 1017 43.90 -39.88 61.30
N PRO F 1023 45.66 -25.23 60.73
CA PRO F 1023 45.55 -25.48 59.29
C PRO F 1023 44.37 -24.72 58.70
N THR F 1024 43.84 -25.25 57.61
CA THR F 1024 42.64 -24.71 56.99
C THR F 1024 41.48 -25.66 57.27
N GLN F 1025 40.33 -25.36 56.69
CA GLN F 1025 39.15 -26.19 56.85
C GLN F 1025 38.54 -26.46 55.48
N GLY F 1026 38.29 -27.72 55.18
CA GLY F 1026 37.68 -28.08 53.91
C GLY F 1026 38.63 -27.98 52.74
N SER F 1027 38.20 -28.48 51.58
CA SER F 1027 39.03 -28.44 50.38
C SER F 1027 38.13 -28.55 49.17
N VAL F 1028 38.15 -27.54 48.32
CA VAL F 1028 37.40 -27.55 47.06
C VAL F 1028 38.38 -27.39 45.92
N LEU F 1029 38.43 -28.40 45.06
CA LEU F 1029 39.16 -28.33 43.80
C LEU F 1029 38.21 -27.92 42.68
N PHE F 1030 38.77 -27.37 41.62
CA PHE F 1030 37.95 -26.97 40.49
C PHE F 1030 38.62 -27.33 39.18
N GLY F 1031 37.81 -27.45 38.14
CA GLY F 1031 38.28 -27.87 36.83
C GLY F 1031 37.90 -26.84 35.78
N THR F 1032 38.85 -26.52 34.91
CA THR F 1032 38.75 -25.36 34.05
C THR F 1032 38.91 -25.75 32.59
N VAL F 1033 38.96 -24.73 31.72
CA VAL F 1033 39.08 -24.95 30.28
C VAL F 1033 40.51 -24.87 29.79
N ASN F 1034 41.47 -24.65 30.68
CA ASN F 1034 42.86 -24.64 30.27
C ASN F 1034 43.70 -25.66 31.05
N GLY F 1035 43.05 -26.59 31.73
CA GLY F 1035 43.78 -27.57 32.49
C GLY F 1035 44.40 -27.05 33.77
N MET F 1036 43.80 -26.02 34.36
CA MET F 1036 44.32 -25.42 35.57
C MET F 1036 43.45 -25.91 36.72
N ILE F 1037 43.96 -26.88 37.47
CA ILE F 1037 43.34 -27.29 38.71
C ILE F 1037 43.89 -26.41 39.82
N GLY F 1038 43.01 -25.90 40.66
CA GLY F 1038 43.42 -25.19 41.85
C GLY F 1038 42.57 -25.62 43.03
N LEU F 1039 42.98 -25.19 44.21
CA LEU F 1039 42.33 -25.61 45.44
C LEU F 1039 41.78 -24.37 46.14
N VAL F 1040 40.52 -24.44 46.56
CA VAL F 1040 39.86 -23.38 47.30
C VAL F 1040 39.46 -23.96 48.65
N THR F 1041 39.94 -23.33 49.73
CA THR F 1041 39.71 -23.85 51.07
C THR F 1041 39.43 -22.69 52.01
N SER F 1042 38.90 -23.03 53.19
CA SER F 1042 38.44 -22.04 54.15
C SER F 1042 39.48 -21.83 55.24
N LEU F 1043 39.78 -20.57 55.52
CA LEU F 1043 40.76 -20.20 56.53
C LEU F 1043 40.10 -19.93 57.87
N SER F 1044 40.92 -19.56 58.85
CA SER F 1044 40.46 -19.03 60.12
C SER F 1044 40.71 -17.52 60.12
N GLU F 1045 39.86 -16.79 60.85
CA GLU F 1045 39.82 -15.34 60.77
C GLU F 1045 41.08 -14.67 61.28
N SER F 1046 41.87 -15.37 62.09
CA SER F 1046 43.15 -14.82 62.51
C SER F 1046 44.19 -14.94 61.39
N TRP F 1047 44.27 -16.10 60.75
CA TRP F 1047 45.24 -16.30 59.68
C TRP F 1047 44.87 -15.56 58.41
N TYR F 1048 43.64 -15.08 58.28
CA TYR F 1048 43.32 -14.22 57.16
C TYR F 1048 44.06 -12.90 57.27
N ASN F 1049 43.98 -12.26 58.44
CA ASN F 1049 44.67 -11.00 58.64
C ASN F 1049 46.18 -11.19 58.71
N LEU F 1050 46.63 -12.39 59.09
CA LEU F 1050 48.05 -12.70 59.03
C LEU F 1050 48.56 -12.67 57.59
N LEU F 1051 47.87 -13.40 56.70
CA LEU F 1051 48.35 -13.55 55.33
C LEU F 1051 48.08 -12.31 54.49
N LEU F 1052 46.95 -11.64 54.72
CA LEU F 1052 46.63 -10.46 53.90
C LEU F 1052 47.56 -9.31 54.20
N ASP F 1053 48.07 -9.23 55.42
CA ASP F 1053 49.13 -8.27 55.69
C ASP F 1053 50.43 -8.67 55.02
N MET F 1054 50.63 -9.98 54.80
CA MET F 1054 51.84 -10.41 54.11
C MET F 1054 51.78 -10.08 52.63
N GLN F 1055 50.59 -10.14 52.02
CA GLN F 1055 50.47 -9.87 50.59
C GLN F 1055 50.81 -8.42 50.27
N ASN F 1056 50.31 -7.48 51.07
CA ASN F 1056 50.58 -6.09 50.81
C ASN F 1056 52.03 -5.72 51.10
N ARG F 1057 52.71 -6.51 51.92
CA ARG F 1057 54.16 -6.38 51.99
C ARG F 1057 54.84 -7.06 50.82
N LEU F 1058 54.35 -8.24 50.41
CA LEU F 1058 54.91 -8.93 49.26
C LEU F 1058 54.61 -8.22 47.95
N ASN F 1059 53.63 -7.34 47.91
CA ASN F 1059 53.36 -6.59 46.69
C ASN F 1059 54.28 -5.40 46.49
N LYS F 1060 55.31 -5.24 47.31
CA LYS F 1060 56.33 -4.23 47.08
C LYS F 1060 57.70 -4.83 46.87
N VAL F 1061 57.83 -6.16 46.96
CA VAL F 1061 59.14 -6.79 46.89
C VAL F 1061 59.33 -7.43 45.53
N ILE F 1062 58.46 -8.37 45.18
CA ILE F 1062 58.57 -9.06 43.90
C ILE F 1062 58.04 -8.14 42.81
N LYS F 1063 58.95 -7.69 41.95
CA LYS F 1063 58.57 -6.91 40.78
C LYS F 1063 58.07 -7.88 39.72
N SER F 1064 56.77 -7.87 39.46
CA SER F 1064 56.19 -8.78 38.49
C SER F 1064 56.58 -8.34 37.08
N VAL F 1065 56.64 -9.33 36.18
CA VAL F 1065 57.03 -9.07 34.81
C VAL F 1065 55.88 -8.37 34.10
N GLY F 1066 56.12 -7.14 33.66
CA GLY F 1066 55.12 -6.33 33.01
C GLY F 1066 54.74 -5.09 33.79
N LYS F 1067 55.19 -4.98 35.03
CA LYS F 1067 54.84 -3.92 35.98
C LYS F 1067 53.33 -3.79 36.13
N ILE F 1068 52.71 -4.89 36.54
CA ILE F 1068 51.28 -4.98 36.74
C ILE F 1068 51.02 -5.11 38.23
N GLU F 1069 50.14 -4.27 38.75
CA GLU F 1069 49.77 -4.37 40.16
C GLU F 1069 48.87 -5.59 40.37
N HIS F 1070 49.21 -6.39 41.38
CA HIS F 1070 48.43 -7.59 41.69
C HIS F 1070 47.03 -7.25 42.16
N SER F 1071 46.86 -6.08 42.78
CA SER F 1071 45.52 -5.62 43.10
C SER F 1071 44.74 -5.30 41.84
N PHE F 1072 45.44 -4.85 40.78
CA PHE F 1072 44.75 -4.53 39.54
C PHE F 1072 44.37 -5.77 38.76
N TRP F 1073 45.15 -6.84 38.85
CA TRP F 1073 44.80 -8.00 38.05
C TRP F 1073 43.70 -8.83 38.70
N ARG F 1074 43.75 -9.01 40.02
CA ARG F 1074 42.77 -9.86 40.68
C ARG F 1074 41.44 -9.18 40.92
N SER F 1075 41.28 -7.93 40.50
CA SER F 1075 40.05 -7.18 40.74
C SER F 1075 38.89 -7.75 39.93
N PHE F 1076 37.73 -7.83 40.59
CA PHE F 1076 36.52 -8.38 40.01
C PHE F 1076 36.04 -7.51 38.86
N HIS F 1077 36.00 -8.08 37.66
CA HIS F 1077 35.88 -7.27 36.45
C HIS F 1077 34.84 -7.90 35.53
N THR F 1078 33.61 -7.43 35.67
CA THR F 1078 32.55 -7.77 34.73
C THR F 1078 32.52 -6.71 33.65
N GLU F 1079 31.45 -6.69 32.86
CA GLU F 1079 31.27 -5.65 31.87
C GLU F 1079 30.91 -4.30 32.48
N ARG F 1080 30.56 -4.27 33.76
CA ARG F 1080 30.04 -3.05 34.38
C ARG F 1080 30.61 -2.72 35.74
N LYS F 1081 31.29 -3.64 36.43
CA LYS F 1081 31.80 -3.38 37.76
C LYS F 1081 33.28 -3.66 37.78
N THR F 1082 34.03 -2.83 38.51
CA THR F 1082 35.46 -2.99 38.72
C THR F 1082 35.79 -2.86 40.19
N GLU F 1083 35.04 -3.57 41.03
CA GLU F 1083 35.26 -3.50 42.47
C GLU F 1083 36.57 -4.21 42.83
N PRO F 1084 37.39 -3.63 43.71
CA PRO F 1084 38.66 -4.28 44.07
C PRO F 1084 38.44 -5.57 44.85
N ALA F 1085 39.41 -6.45 44.72
CA ALA F 1085 39.26 -7.83 45.18
C ALA F 1085 39.36 -7.91 46.70
N THR F 1086 38.45 -8.66 47.30
CA THR F 1086 38.45 -8.82 48.74
C THR F 1086 38.03 -10.24 49.07
N GLY F 1087 38.22 -10.61 50.33
CA GLY F 1087 37.74 -11.87 50.86
C GLY F 1087 38.63 -13.07 50.64
N PHE F 1088 39.28 -13.17 49.50
CA PHE F 1088 40.08 -14.34 49.19
C PHE F 1088 41.55 -14.06 49.40
N ILE F 1089 42.32 -15.13 49.53
CA ILE F 1089 43.77 -15.06 49.65
C ILE F 1089 44.37 -15.74 48.43
N ASP F 1090 45.14 -14.98 47.65
CA ASP F 1090 45.80 -15.51 46.46
C ASP F 1090 47.05 -16.24 46.92
N GLY F 1091 46.94 -17.56 47.06
CA GLY F 1091 48.02 -18.33 47.65
C GLY F 1091 49.24 -18.47 46.77
N ASP F 1092 49.07 -18.33 45.46
CA ASP F 1092 50.19 -18.53 44.55
C ASP F 1092 51.20 -17.40 44.64
N LEU F 1093 50.79 -16.25 45.15
CA LEU F 1093 51.75 -15.19 45.47
C LEU F 1093 52.45 -15.48 46.77
N ILE F 1094 51.74 -16.04 47.75
CA ILE F 1094 52.34 -16.32 49.05
C ILE F 1094 53.26 -17.53 48.96
N GLU F 1095 52.93 -18.48 48.10
CA GLU F 1095 53.84 -19.61 47.87
C GLU F 1095 55.14 -19.17 47.20
N SER F 1096 55.16 -18.01 46.55
CA SER F 1096 56.37 -17.48 45.97
C SER F 1096 57.29 -16.85 46.99
N PHE F 1097 56.87 -16.77 48.26
CA PHE F 1097 57.76 -16.28 49.31
C PHE F 1097 58.89 -17.25 49.58
N LEU F 1098 58.68 -18.55 49.31
CA LEU F 1098 59.72 -19.54 49.49
C LEU F 1098 60.90 -19.34 48.56
N ASP F 1099 60.71 -18.71 47.42
CA ASP F 1099 61.78 -18.53 46.46
C ASP F 1099 62.58 -17.25 46.69
N ILE F 1100 62.08 -16.35 47.51
CA ILE F 1100 62.75 -15.06 47.71
C ILE F 1100 63.95 -15.26 48.61
N SER F 1101 65.04 -14.56 48.32
CA SER F 1101 66.23 -14.65 49.15
C SER F 1101 66.06 -13.89 50.46
N ARG F 1102 66.85 -14.29 51.45
CA ARG F 1102 66.78 -13.68 52.78
C ARG F 1102 67.11 -12.18 52.84
N PRO F 1103 68.05 -11.61 52.04
CA PRO F 1103 68.15 -10.14 52.03
C PRO F 1103 66.92 -9.42 51.52
N LYS F 1104 66.02 -10.09 50.81
CA LYS F 1104 64.73 -9.50 50.49
C LYS F 1104 63.59 -10.03 51.34
N MET F 1105 63.74 -11.22 51.94
CA MET F 1105 62.70 -11.69 52.85
C MET F 1105 62.71 -10.92 54.17
N GLN F 1106 63.86 -10.37 54.54
CA GLN F 1106 63.93 -9.57 55.76
C GLN F 1106 63.12 -8.28 55.61
N GLU F 1107 63.02 -7.75 54.40
CA GLU F 1107 62.19 -6.59 54.16
C GLU F 1107 60.71 -6.95 54.05
N VAL F 1108 60.40 -8.23 53.85
CA VAL F 1108 59.03 -8.68 53.98
C VAL F 1108 58.63 -8.70 55.44
N VAL F 1109 59.54 -9.15 56.31
CA VAL F 1109 59.28 -9.21 57.74
C VAL F 1109 59.49 -7.82 58.32
N ALA F 1110 58.43 -7.02 58.33
CA ALA F 1110 58.48 -5.69 58.90
C ALA F 1110 58.01 -5.76 60.34
N ASN F 1111 57.70 -4.61 60.93
CA ASN F 1111 57.13 -4.59 62.27
C ASN F 1111 55.69 -5.09 62.20
N LEU F 1112 55.50 -6.40 62.24
CA LEU F 1112 54.22 -7.04 61.98
C LEU F 1112 53.79 -7.85 63.20
N GLN F 1113 52.69 -8.59 63.04
CA GLN F 1113 52.04 -9.30 64.12
C GLN F 1113 52.25 -10.81 63.99
N TYR F 1114 52.06 -11.50 65.10
CA TYR F 1114 52.16 -12.95 65.15
C TYR F 1114 51.39 -13.41 66.38
N ASP F 1115 50.58 -14.47 66.20
CA ASP F 1115 49.61 -14.88 67.21
C ASP F 1115 50.12 -16.00 68.12
N ASP F 1116 51.45 -16.17 68.22
CA ASP F 1116 51.99 -17.15 69.16
C ASP F 1116 53.39 -16.71 69.58
N GLY F 1119 45.57 -15.04 70.44
CA GLY F 1119 45.47 -14.68 71.84
C GLY F 1119 46.64 -13.84 72.32
N MET F 1120 47.85 -14.33 72.09
CA MET F 1120 49.06 -13.63 72.50
C MET F 1120 49.49 -12.67 71.39
N LYS F 1121 50.70 -12.12 71.52
CA LYS F 1121 51.18 -11.14 70.56
C LYS F 1121 52.71 -11.22 70.48
N ARG F 1122 53.24 -11.18 69.26
CA ARG F 1122 54.67 -11.19 69.05
C ARG F 1122 54.97 -10.50 67.73
N GLU F 1123 56.13 -9.84 67.67
CA GLU F 1123 56.63 -9.32 66.40
C GLU F 1123 56.95 -10.46 65.46
N ALA F 1124 56.83 -10.20 64.16
CA ALA F 1124 57.08 -11.23 63.16
C ALA F 1124 58.57 -11.50 63.03
N THR F 1125 58.90 -12.75 62.72
CA THR F 1125 60.28 -13.14 62.48
C THR F 1125 60.35 -13.94 61.18
N ALA F 1126 61.59 -14.21 60.75
CA ALA F 1126 61.81 -14.85 59.46
C ALA F 1126 61.43 -16.32 59.50
N ASP F 1127 61.96 -17.06 60.47
CA ASP F 1127 61.84 -18.50 60.48
C ASP F 1127 60.44 -19.00 60.79
N ASP F 1128 59.56 -18.16 61.31
CA ASP F 1128 58.21 -18.60 61.61
C ASP F 1128 57.21 -18.26 60.52
N LEU F 1129 57.40 -17.16 59.81
CA LEU F 1129 56.53 -16.86 58.68
C LEU F 1129 56.75 -17.85 57.55
N ILE F 1130 58.00 -18.30 57.37
CA ILE F 1130 58.28 -19.33 56.39
C ILE F 1130 57.76 -20.68 56.84
N LYS F 1131 57.51 -20.85 58.14
CA LYS F 1131 56.87 -22.07 58.62
C LYS F 1131 55.39 -22.07 58.27
N VAL F 1132 54.78 -20.89 58.21
CA VAL F 1132 53.36 -20.77 57.88
C VAL F 1132 53.11 -21.20 56.44
N VAL F 1133 53.98 -20.79 55.53
CA VAL F 1133 53.82 -21.09 54.11
C VAL F 1133 53.97 -22.58 53.86
N GLU F 1134 54.92 -23.22 54.55
CA GLU F 1134 55.10 -24.66 54.40
C GLU F 1134 53.94 -25.43 55.01
N GLU F 1135 53.23 -24.86 55.98
CA GLU F 1135 52.00 -25.48 56.43
C GLU F 1135 50.90 -25.34 55.39
N LEU F 1136 50.98 -24.31 54.55
CA LEU F 1136 50.05 -24.16 53.45
C LEU F 1136 50.47 -24.95 52.22
N THR F 1137 51.78 -25.06 52.00
CA THR F 1137 52.29 -25.74 50.81
C THR F 1137 52.03 -27.24 50.87
N ARG F 1138 51.92 -27.79 52.06
CA ARG F 1138 51.61 -29.21 52.18
C ARG F 1138 50.14 -29.52 51.92
N ILE F 1139 49.29 -28.51 51.78
CA ILE F 1139 47.95 -28.75 51.27
C ILE F 1139 48.00 -28.98 49.76
N HIS F 1140 48.56 -28.00 49.03
CA HIS F 1140 49.24 -28.22 47.76
C HIS F 1140 50.11 -27.01 47.45
N MET G 1 19.52 -1.62 52.73
CA MET G 1 19.83 -0.50 53.61
C MET G 1 19.65 0.83 52.90
N GLU G 2 18.42 1.19 52.55
CA GLU G 2 18.12 2.49 52.02
C GLU G 2 17.26 3.25 53.01
N GLN G 3 17.71 4.46 53.35
CA GLN G 3 17.00 5.33 54.28
C GLN G 3 16.27 6.38 53.46
N ALA G 4 14.94 6.26 53.41
CA ALA G 4 14.12 7.24 52.72
C ALA G 4 14.22 8.59 53.43
N PRO G 5 14.37 9.68 52.69
CA PRO G 5 14.75 10.95 53.33
C PRO G 5 13.59 11.59 54.09
N GLU G 6 13.96 12.50 54.98
CA GLU G 6 12.98 13.15 55.84
C GLU G 6 12.19 14.17 55.02
N ASP G 7 10.87 14.11 55.13
CA ASP G 7 9.98 14.94 54.31
C ASP G 7 9.94 16.35 54.89
N GLN G 8 11.03 17.08 54.70
CA GLN G 8 11.10 18.47 55.08
C GLN G 8 10.83 19.40 53.90
N GLY G 9 10.04 18.94 52.94
CA GLY G 9 9.75 19.71 51.77
C GLY G 9 8.66 20.74 52.01
N PRO G 10 8.09 21.29 50.93
CA PRO G 10 7.01 22.26 51.09
C PRO G 10 5.73 21.61 51.57
N GLN G 11 5.37 21.89 52.81
CA GLN G 11 4.16 21.30 53.36
C GLN G 11 2.96 22.16 53.03
N ARG G 12 1.77 21.58 53.22
CA ARG G 12 0.52 22.16 52.77
C ARG G 12 -0.52 22.08 53.88
N GLU G 13 -0.16 22.58 55.07
CA GLU G 13 -1.04 22.47 56.24
C GLU G 13 -2.39 23.17 56.08
N PRO G 14 -2.51 24.41 55.55
CA PRO G 14 -3.90 24.86 55.33
C PRO G 14 -4.51 24.29 54.06
N TYR G 15 -4.94 23.02 54.15
CA TYR G 15 -5.51 22.30 53.01
C TYR G 15 -6.83 22.89 52.56
N ASN G 16 -7.55 23.56 53.45
CA ASN G 16 -8.70 24.33 53.04
C ASN G 16 -8.33 25.64 52.38
N GLU G 17 -7.10 26.11 52.56
CA GLU G 17 -6.62 27.33 51.92
C GLU G 17 -5.72 27.07 50.73
N TRP G 18 -4.82 26.08 50.83
CA TRP G 18 -3.94 25.72 49.73
C TRP G 18 -4.72 25.22 48.52
N THR G 19 -5.85 24.56 48.76
CA THR G 19 -6.77 24.26 47.68
C THR G 19 -7.31 25.55 47.06
N LEU G 20 -7.74 26.49 47.90
CA LEU G 20 -8.23 27.77 47.41
C LEU G 20 -7.12 28.61 46.81
N GLU G 21 -5.87 28.39 47.19
CA GLU G 21 -4.77 29.05 46.53
C GLU G 21 -4.44 28.43 45.17
N LEU G 22 -5.05 27.30 44.83
CA LEU G 22 -4.70 26.59 43.61
C LEU G 22 -5.90 26.19 42.77
N LEU G 23 -7.09 26.10 43.35
CA LEU G 23 -8.27 25.77 42.55
C LEU G 23 -8.60 26.90 41.58
N GLU G 24 -8.31 28.14 41.95
CA GLU G 24 -8.35 29.22 40.98
C GLU G 24 -7.26 29.02 39.93
N GLU G 25 -6.08 28.57 40.36
CA GLU G 25 -4.98 28.35 39.43
C GLU G 25 -5.26 27.19 38.48
N LEU G 26 -5.99 26.18 38.95
CA LEU G 26 -6.44 25.14 38.04
C LEU G 26 -7.46 25.66 37.04
N LYS G 27 -8.23 26.67 37.43
CA LYS G 27 -9.07 27.37 36.48
C LYS G 27 -8.29 28.41 35.70
N SER G 28 -7.15 28.86 36.21
CA SER G 28 -6.38 29.91 35.56
C SER G 28 -5.50 29.39 34.43
N GLU G 29 -5.55 28.10 34.12
CA GLU G 29 -4.77 27.59 33.02
C GLU G 29 -5.65 26.82 32.04
N ALA G 30 -6.72 26.20 32.55
CA ALA G 30 -7.65 25.48 31.69
C ALA G 30 -8.43 26.42 30.78
N VAL G 31 -8.67 27.66 31.25
CA VAL G 31 -9.29 28.64 30.37
C VAL G 31 -8.26 29.15 29.36
N ARG G 32 -6.97 29.09 29.69
CA ARG G 32 -5.94 29.49 28.76
C ARG G 32 -5.64 28.45 27.71
N HIS G 33 -6.32 27.30 27.76
CA HIS G 33 -6.11 26.26 26.77
C HIS G 33 -7.40 25.64 26.25
N PHE G 34 -8.54 25.87 26.90
CA PHE G 34 -9.77 25.19 26.54
C PHE G 34 -10.94 26.18 26.63
N PRO G 35 -11.98 25.97 25.81
CA PRO G 35 -13.18 26.80 25.96
C PRO G 35 -13.93 26.43 27.23
N ARG G 36 -14.68 27.41 27.74
CA ARG G 36 -15.36 27.29 29.03
C ARG G 36 -16.61 26.43 28.97
N ILE G 37 -16.93 25.83 27.82
CA ILE G 37 -18.12 25.00 27.70
C ILE G 37 -17.97 23.75 28.54
N TRP G 38 -16.90 22.98 28.32
CA TRP G 38 -16.67 21.78 29.13
C TRP G 38 -16.32 22.14 30.56
N LEU G 39 -15.75 23.32 30.79
CA LEU G 39 -15.29 23.67 32.13
C LEU G 39 -16.45 23.87 33.09
N HIS G 40 -17.49 24.57 32.65
CA HIS G 40 -18.65 24.71 33.52
C HIS G 40 -19.50 23.44 33.53
N ASN G 41 -19.54 22.71 32.42
CA ASN G 41 -20.42 21.55 32.33
C ASN G 41 -19.90 20.39 33.16
N LEU G 42 -18.59 20.14 33.13
CA LEU G 42 -18.03 19.13 34.00
C LEU G 42 -18.05 19.58 35.46
N GLY G 43 -17.89 20.88 35.69
CA GLY G 43 -18.03 21.40 37.04
C GLY G 43 -19.45 21.31 37.56
N GLN G 44 -20.43 21.42 36.67
CA GLN G 44 -21.81 21.21 37.07
C GLN G 44 -22.10 19.73 37.27
N HIS G 45 -21.51 18.87 36.42
CA HIS G 45 -21.76 17.44 36.50
C HIS G 45 -21.24 16.85 37.81
N ILE G 46 -20.14 17.38 38.32
CA ILE G 46 -19.68 16.90 39.62
C ILE G 46 -20.47 17.56 40.75
N TYR G 47 -20.95 18.80 40.55
CA TYR G 47 -21.68 19.47 41.61
C TYR G 47 -23.08 18.92 41.76
N GLU G 48 -23.63 18.35 40.70
CA GLU G 48 -24.86 17.59 40.84
C GLU G 48 -24.63 16.23 41.47
N THR G 49 -23.37 15.76 41.54
CA THR G 49 -23.07 14.43 42.05
C THR G 49 -22.13 14.40 43.24
N TYR G 50 -21.46 15.50 43.57
CA TYR G 50 -20.61 15.52 44.74
C TYR G 50 -20.92 16.74 45.59
N GLY G 51 -21.40 17.80 44.95
CA GLY G 51 -21.88 18.95 45.68
C GLY G 51 -20.80 19.77 46.33
N ASP G 52 -21.18 20.48 47.39
CA ASP G 52 -20.29 21.34 48.15
C ASP G 52 -19.68 20.59 49.34
N THR G 53 -19.08 19.44 49.07
CA THR G 53 -18.74 18.49 50.13
C THR G 53 -17.26 18.15 50.20
N TRP G 54 -16.41 18.86 49.43
CA TRP G 54 -14.96 18.68 49.24
C TRP G 54 -14.65 17.44 48.42
N ALA G 55 -15.66 16.62 48.13
CA ALA G 55 -15.52 15.42 47.32
C ALA G 55 -15.69 15.71 45.85
N GLY G 56 -15.89 16.97 45.50
CA GLY G 56 -15.82 17.42 44.13
C GLY G 56 -14.74 18.48 44.03
N VAL G 57 -14.37 19.03 45.19
CA VAL G 57 -13.39 20.11 45.20
C VAL G 57 -12.00 19.57 44.92
N GLU G 58 -11.62 18.50 45.62
CA GLU G 58 -10.40 17.81 45.24
C GLU G 58 -10.61 17.04 43.95
N ALA G 59 -11.83 16.56 43.71
CA ALA G 59 -12.08 15.74 42.53
C ALA G 59 -12.06 16.54 41.25
N ILE G 60 -12.32 17.84 41.29
CA ILE G 60 -12.11 18.60 40.07
C ILE G 60 -10.62 18.86 39.88
N ILE G 61 -9.86 18.97 40.96
CA ILE G 61 -8.42 19.11 40.82
C ILE G 61 -7.82 17.77 40.44
N ARG G 62 -8.53 16.67 40.69
CA ARG G 62 -8.17 15.42 40.06
C ARG G 62 -8.37 15.51 38.55
N ILE G 63 -9.62 15.78 38.12
CA ILE G 63 -9.98 15.67 36.71
C ILE G 63 -9.30 16.74 35.86
N LEU G 64 -9.10 17.94 36.40
CA LEU G 64 -8.42 18.99 35.64
C LEU G 64 -6.94 18.67 35.49
N GLN G 65 -6.27 18.23 36.56
CA GLN G 65 -4.87 17.84 36.42
C GLN G 65 -4.71 16.53 35.67
N GLN G 66 -5.72 15.66 35.66
CA GLN G 66 -5.63 14.45 34.83
C GLN G 66 -5.80 14.78 33.36
N LEU G 67 -6.54 15.83 33.02
CA LEU G 67 -6.63 16.16 31.61
C LEU G 67 -5.50 17.07 31.16
N LEU G 68 -5.14 18.07 31.97
CA LEU G 68 -4.08 18.99 31.57
C LEU G 68 -2.72 18.33 31.49
N PHE G 69 -2.52 17.23 32.19
CA PHE G 69 -1.33 16.42 31.96
C PHE G 69 -1.40 15.76 30.59
N ILE G 70 -2.50 15.04 30.31
CA ILE G 70 -2.54 14.26 29.09
C ILE G 70 -2.76 15.15 27.87
N HIS G 71 -3.38 16.31 28.05
CA HIS G 71 -3.50 17.23 26.93
C HIS G 71 -2.18 17.94 26.62
N PHE G 72 -1.25 17.96 27.58
CA PHE G 72 0.12 18.35 27.29
C PHE G 72 1.01 17.16 27.02
N ARG G 73 0.41 15.99 26.78
CA ARG G 73 1.15 14.77 26.51
C ARG G 73 0.78 14.15 25.18
N ILE G 74 -0.47 14.26 24.74
CA ILE G 74 -0.90 13.69 23.47
C ILE G 74 -0.22 14.39 22.31
N GLY G 75 -0.01 15.69 22.42
CA GLY G 75 0.66 16.39 21.34
C GLY G 75 -0.15 17.53 20.77
N CYS G 76 -0.96 18.16 21.61
CA CYS G 76 -1.57 19.44 21.28
C CYS G 76 -0.81 20.53 22.02
N ARG G 77 -0.45 21.59 21.29
CA ARG G 77 0.39 22.64 21.86
C ARG G 77 -0.33 23.40 22.97
N HIS G 78 -1.62 23.62 22.82
CA HIS G 78 -2.42 24.21 23.88
C HIS G 78 -3.52 23.28 24.37
N SER G 79 -4.35 22.78 23.46
CA SER G 79 -5.52 21.99 23.82
C SER G 79 -5.17 20.55 24.22
N PHE H 1 -41.51 23.39 66.73
CA PHE H 1 -42.08 24.16 65.64
C PHE H 1 -42.69 25.46 66.15
N GLY H 2 -42.58 26.52 65.35
CA GLY H 2 -43.09 27.82 65.73
C GLY H 2 -44.52 28.04 65.27
N GLU H 3 -45.40 28.36 66.22
CA GLU H 3 -46.83 28.43 65.93
C GLU H 3 -47.19 29.69 65.14
N SER H 4 -46.57 30.83 65.47
CA SER H 4 -46.87 32.09 64.80
C SER H 4 -46.43 32.08 63.34
N TRP H 5 -45.46 31.23 62.97
CA TRP H 5 -45.16 30.98 61.58
C TRP H 5 -46.37 30.42 60.84
N LYS H 6 -47.10 29.51 61.48
CA LYS H 6 -48.30 28.94 60.90
C LYS H 6 -49.55 29.72 61.31
N LYS H 7 -49.42 31.04 61.46
CA LYS H 7 -50.60 31.90 61.58
C LYS H 7 -51.47 31.78 60.33
N HIS H 8 -50.85 31.71 59.16
CA HIS H 8 -51.59 31.52 57.92
C HIS H 8 -50.96 30.44 57.04
N LEU H 9 -50.01 29.65 57.56
CA LEU H 9 -49.51 28.49 56.85
C LEU H 9 -50.35 27.25 57.09
N SER H 10 -51.61 27.41 57.46
CA SER H 10 -52.53 26.29 57.48
C SER H 10 -52.97 25.90 56.08
N GLY H 11 -52.66 26.71 55.06
CA GLY H 11 -52.86 26.35 53.68
C GLY H 11 -51.64 25.67 53.09
N GLU H 12 -50.87 24.98 53.93
CA GLU H 12 -49.76 24.16 53.49
C GLU H 12 -50.09 22.67 53.51
N PHE H 13 -51.12 22.27 54.25
CA PHE H 13 -51.44 20.85 54.40
C PHE H 13 -52.25 20.31 53.24
N GLY H 14 -53.43 20.87 53.01
CA GLY H 14 -54.45 20.23 52.18
C GLY H 14 -54.20 20.20 50.70
N LYS H 15 -53.10 19.58 50.30
CA LYS H 15 -52.69 19.43 48.90
C LYS H 15 -52.31 17.97 48.69
N PRO H 16 -52.40 17.47 47.45
CA PRO H 16 -52.16 16.04 47.22
C PRO H 16 -50.72 15.56 47.43
N TYR H 17 -49.76 16.45 47.67
CA TYR H 17 -48.37 16.05 47.83
C TYR H 17 -47.84 16.16 49.25
N PHE H 18 -48.63 16.66 50.20
CA PHE H 18 -48.08 16.84 51.55
C PHE H 18 -47.99 15.51 52.28
N ILE H 19 -49.04 14.70 52.22
CA ILE H 19 -48.98 13.37 52.82
C ILE H 19 -47.99 12.46 52.09
N LYS H 20 -47.72 12.77 50.82
CA LYS H 20 -46.62 12.14 50.09
C LYS H 20 -45.27 12.48 50.72
N LEU H 21 -45.17 13.64 51.39
CA LEU H 21 -43.90 14.08 51.94
C LEU H 21 -43.65 13.53 53.35
N MET H 22 -44.51 13.87 54.30
CA MET H 22 -44.24 13.57 55.71
C MET H 22 -44.45 12.11 56.08
N GLY H 23 -44.97 11.30 55.16
CA GLY H 23 -45.08 9.88 55.39
C GLY H 23 -43.96 9.09 54.76
N PHE H 24 -43.65 9.39 53.49
CA PHE H 24 -42.64 8.63 52.77
C PHE H 24 -41.24 8.96 53.24
N VAL H 25 -40.99 10.22 53.58
CA VAL H 25 -39.69 10.57 54.16
C VAL H 25 -39.60 9.98 55.56
N ALA H 26 -40.73 9.91 56.28
CA ALA H 26 -40.76 9.13 57.51
C ALA H 26 -40.61 7.64 57.24
N GLU H 27 -41.14 7.18 56.09
CA GLU H 27 -40.87 5.79 55.68
C GLU H 27 -39.41 5.62 55.29
N GLU H 28 -38.82 6.65 54.69
CA GLU H 28 -37.38 6.65 54.48
C GLU H 28 -36.61 6.74 55.79
N ARG H 29 -37.22 7.31 56.83
CA ARG H 29 -36.65 7.19 58.17
C ARG H 29 -36.91 5.84 58.80
N LYS H 30 -37.91 5.11 58.32
CA LYS H 30 -38.18 3.78 58.84
C LYS H 30 -37.43 2.68 58.09
N HIS H 31 -36.81 2.98 56.95
CA HIS H 31 -35.85 2.08 56.32
C HIS H 31 -34.44 2.63 56.34
N TYR H 32 -34.21 3.77 55.70
CA TYR H 32 -32.89 4.30 55.47
C TYR H 32 -32.55 5.37 56.49
N THR H 33 -31.43 6.07 56.26
CA THR H 33 -31.09 7.28 56.98
C THR H 33 -31.13 8.45 56.03
N VAL H 34 -32.20 9.24 56.09
CA VAL H 34 -32.14 10.62 55.62
C VAL H 34 -31.42 11.38 56.72
N TYR H 35 -30.51 12.26 56.33
CA TYR H 35 -29.55 12.76 57.30
C TYR H 35 -30.14 13.70 58.36
N PRO H 36 -30.80 14.82 58.04
CA PRO H 36 -31.23 15.69 59.13
C PRO H 36 -32.47 15.15 59.81
N PRO H 37 -32.44 15.05 61.14
CA PRO H 37 -33.57 14.49 61.87
C PRO H 37 -34.75 15.44 61.91
N PRO H 38 -35.91 15.02 62.45
CA PRO H 38 -37.01 16.00 62.61
C PRO H 38 -36.72 17.13 63.57
N HIS H 39 -35.81 16.98 64.53
CA HIS H 39 -35.49 18.06 65.45
C HIS H 39 -34.37 18.97 64.92
N GLN H 40 -34.10 18.95 63.62
CA GLN H 40 -33.24 19.93 62.98
C GLN H 40 -33.86 20.51 61.72
N VAL H 41 -34.98 19.95 61.25
CA VAL H 41 -35.74 20.56 60.17
C VAL H 41 -36.37 21.86 60.63
N PHE H 42 -36.79 21.92 61.89
CA PHE H 42 -37.60 23.01 62.39
C PHE H 42 -36.79 24.09 63.08
N THR H 43 -35.51 24.24 62.74
CA THR H 43 -34.67 25.23 63.41
C THR H 43 -34.91 26.62 62.86
N TRP H 44 -35.06 26.75 61.54
CA TRP H 44 -35.30 28.04 60.93
C TRP H 44 -36.67 28.61 61.31
N THR H 45 -37.64 27.75 61.55
CA THR H 45 -38.94 28.19 62.03
C THR H 45 -39.00 28.31 63.55
N GLN H 46 -37.88 28.20 64.23
CA GLN H 46 -37.83 28.35 65.68
C GLN H 46 -36.93 29.47 66.13
N MET H 47 -35.70 29.55 65.61
CA MET H 47 -34.69 30.47 66.13
C MET H 47 -35.04 31.92 65.78
N CYS H 48 -35.30 32.19 64.51
CA CYS H 48 -35.81 33.49 64.12
C CYS H 48 -37.33 33.45 64.06
N ASP H 49 -37.94 34.62 64.04
CA ASP H 49 -39.38 34.74 63.88
C ASP H 49 -39.70 35.00 62.41
N ILE H 50 -40.99 35.14 62.10
CA ILE H 50 -41.43 35.56 60.78
C ILE H 50 -41.61 37.07 60.73
N LYS H 51 -41.55 37.76 61.86
CA LYS H 51 -41.79 39.19 61.94
C LYS H 51 -40.59 40.03 61.50
N ASP H 52 -39.42 39.43 61.29
CA ASP H 52 -38.19 40.19 61.03
C ASP H 52 -37.41 39.66 59.84
N VAL H 53 -38.05 38.92 58.93
CA VAL H 53 -37.35 38.30 57.82
C VAL H 53 -37.04 39.35 56.76
N LYS H 54 -35.76 39.47 56.39
CA LYS H 54 -35.30 40.54 55.50
C LYS H 54 -34.40 40.07 54.38
N VAL H 55 -33.75 38.91 54.50
CA VAL H 55 -32.91 38.37 53.44
C VAL H 55 -33.38 36.96 53.13
N VAL H 56 -33.53 36.64 51.85
CA VAL H 56 -33.93 35.32 51.40
C VAL H 56 -32.77 34.70 50.65
N ILE H 57 -32.15 33.68 51.25
CA ILE H 57 -31.04 32.95 50.66
C ILE H 57 -31.41 31.48 50.61
N LEU H 58 -31.49 30.92 49.41
CA LEU H 58 -31.93 29.55 49.24
C LEU H 58 -30.77 28.58 49.45
N GLY H 59 -31.11 27.29 49.44
CA GLY H 59 -30.13 26.24 49.59
C GLY H 59 -30.50 24.98 48.84
N GLN H 60 -29.59 24.48 48.00
CA GLN H 60 -29.94 23.44 47.05
C GLN H 60 -29.96 22.05 47.71
N ASP H 61 -28.83 21.61 48.23
CA ASP H 61 -28.73 20.24 48.68
C ASP H 61 -28.10 20.17 50.07
N PRO H 62 -28.64 19.34 50.97
CA PRO H 62 -28.03 19.17 52.29
C PRO H 62 -26.72 18.40 52.26
N TYR H 63 -26.16 18.16 53.45
CA TYR H 63 -24.81 17.62 53.58
C TYR H 63 -24.90 16.18 54.04
N HIS H 64 -24.57 15.25 53.13
CA HIS H 64 -24.89 13.84 53.26
C HIS H 64 -24.03 13.10 54.27
N GLY H 65 -22.94 13.70 54.75
CA GLY H 65 -22.11 13.07 55.74
C GLY H 65 -22.77 13.06 57.11
N PRO H 66 -22.42 12.09 57.95
CA PRO H 66 -22.97 12.07 59.30
C PRO H 66 -22.35 13.12 60.18
N ASN H 67 -23.19 13.69 61.07
CA ASN H 67 -22.82 14.73 62.04
C ASN H 67 -22.22 15.97 61.37
N GLN H 68 -22.87 16.44 60.30
CA GLN H 68 -22.44 17.66 59.62
C GLN H 68 -23.47 18.78 59.70
N ALA H 69 -24.65 18.60 59.15
CA ALA H 69 -25.55 19.73 58.96
C ALA H 69 -26.59 19.82 60.07
N HIS H 70 -27.26 20.97 60.16
CA HIS H 70 -28.26 21.20 61.19
C HIS H 70 -29.48 21.96 60.68
N GLY H 71 -29.76 21.89 59.38
CA GLY H 71 -31.01 22.39 58.86
C GLY H 71 -30.97 23.67 58.04
N LEU H 72 -30.18 24.65 58.48
CA LEU H 72 -30.09 25.91 57.78
C LEU H 72 -29.29 25.73 56.49
N CYS H 73 -29.56 26.58 55.50
CA CYS H 73 -28.86 26.42 54.23
C CYS H 73 -27.45 26.96 54.34
N PHE H 74 -26.55 26.34 53.56
CA PHE H 74 -25.10 26.63 53.55
C PHE H 74 -24.48 26.52 54.93
N SER H 75 -25.02 25.64 55.78
CA SER H 75 -24.68 25.61 57.18
C SER H 75 -24.29 24.20 57.60
N VAL H 76 -23.53 24.13 58.68
CA VAL H 76 -22.92 22.89 59.11
C VAL H 76 -22.72 23.00 60.62
N GLN H 77 -22.40 21.90 61.30
CA GLN H 77 -22.25 21.95 62.74
C GLN H 77 -20.93 22.66 63.09
N ARG H 78 -20.85 23.15 64.33
CA ARG H 78 -19.67 23.89 64.77
C ARG H 78 -18.39 23.06 64.87
N PRO H 79 -18.36 21.80 65.37
CA PRO H 79 -17.09 21.05 65.32
C PRO H 79 -16.68 20.59 63.92
N VAL H 80 -17.57 20.69 62.94
CA VAL H 80 -17.20 20.38 61.56
C VAL H 80 -16.25 21.47 61.06
N PRO H 81 -15.15 21.13 60.37
CA PRO H 81 -14.37 22.15 59.67
C PRO H 81 -15.20 22.84 58.61
N PRO H 82 -15.04 24.15 58.45
CA PRO H 82 -16.06 24.96 57.74
C PRO H 82 -16.08 24.68 56.25
N PRO H 83 -17.25 24.74 55.62
CA PRO H 83 -17.38 24.36 54.20
C PRO H 83 -16.79 25.42 53.30
N PRO H 84 -16.33 25.03 52.09
CA PRO H 84 -15.50 25.93 51.29
C PRO H 84 -16.25 27.10 50.68
N SER H 85 -17.50 26.92 50.31
CA SER H 85 -18.24 28.03 49.74
C SER H 85 -18.63 29.01 50.82
N LEU H 86 -18.94 28.52 52.02
CA LEU H 86 -19.11 29.42 53.15
C LEU H 86 -17.79 30.05 53.53
N GLU H 87 -16.69 29.31 53.33
CA GLU H 87 -15.36 29.92 53.39
C GLU H 87 -15.09 30.85 52.21
N ASN H 88 -15.83 30.71 51.11
CA ASN H 88 -15.62 31.56 49.96
C ASN H 88 -16.40 32.87 50.06
N ILE H 89 -17.57 32.88 50.69
CA ILE H 89 -18.26 34.14 50.90
C ILE H 89 -17.60 35.00 51.95
N TYR H 90 -16.73 34.40 52.78
CA TYR H 90 -15.95 35.16 53.75
C TYR H 90 -14.94 36.08 53.08
N LYS H 91 -14.54 35.77 51.84
CA LYS H 91 -13.49 36.52 51.17
C LYS H 91 -13.96 37.92 50.79
N GLU H 92 -15.20 38.03 50.32
CA GLU H 92 -15.76 39.34 50.00
C GLU H 92 -16.10 40.13 51.26
N LEU H 93 -16.39 39.44 52.37
CA LEU H 93 -16.72 40.11 53.62
C LEU H 93 -15.53 40.89 54.19
N SER H 94 -14.31 40.42 53.96
CA SER H 94 -13.14 41.19 54.38
C SER H 94 -12.99 42.45 53.54
N THR H 95 -13.23 42.34 52.24
CA THR H 95 -13.03 43.44 51.31
C THR H 95 -14.11 44.50 51.38
N ASP H 96 -15.17 44.29 52.16
CA ASP H 96 -16.26 45.26 52.30
C ASP H 96 -16.50 45.69 53.74
N ILE H 97 -16.42 44.76 54.69
CA ILE H 97 -16.43 45.11 56.11
C ILE H 97 -14.98 45.37 56.51
N GLU H 98 -14.69 46.61 56.90
CA GLU H 98 -13.35 46.99 57.32
C GLU H 98 -13.00 46.36 58.67
N ASP H 99 -14.01 46.05 59.48
CA ASP H 99 -13.84 45.50 60.83
C ASP H 99 -13.99 43.99 60.83
N PHE H 100 -13.50 43.32 59.79
CA PHE H 100 -13.71 41.89 59.55
C PHE H 100 -13.20 41.01 60.67
N VAL H 101 -14.14 40.38 61.37
CA VAL H 101 -13.83 39.40 62.39
C VAL H 101 -14.02 38.01 61.79
N HIS H 102 -13.51 37.00 62.48
CA HIS H 102 -13.51 35.70 61.86
C HIS H 102 -14.38 34.74 62.64
N PRO H 103 -15.21 33.93 61.95
CA PRO H 103 -16.09 32.99 62.65
C PRO H 103 -15.34 31.82 63.28
N GLY H 104 -14.38 31.26 62.55
CA GLY H 104 -13.59 30.17 63.08
C GLY H 104 -14.28 28.83 63.11
N HIS H 105 -15.50 28.74 62.61
CA HIS H 105 -16.29 27.52 62.69
C HIS H 105 -17.35 27.57 61.61
N GLY H 106 -18.24 26.58 61.64
CA GLY H 106 -19.20 26.43 60.57
C GLY H 106 -20.66 26.53 60.98
N ASP H 107 -20.91 26.68 62.28
CA ASP H 107 -22.28 26.92 62.74
C ASP H 107 -22.67 28.35 62.42
N LEU H 108 -23.82 28.54 61.77
CA LEU H 108 -24.31 29.84 61.39
C LEU H 108 -25.34 30.37 62.37
N SER H 109 -25.14 30.10 63.66
CA SER H 109 -25.99 30.61 64.72
C SER H 109 -25.78 32.11 65.01
N GLY H 110 -24.96 32.82 64.23
CA GLY H 110 -24.72 34.22 64.43
C GLY H 110 -25.51 35.13 63.49
N TRP H 111 -25.61 34.74 62.22
CA TRP H 111 -26.41 35.52 61.27
C TRP H 111 -27.88 35.16 61.27
N ALA H 112 -28.27 34.07 61.94
CA ALA H 112 -29.66 33.63 61.90
C ALA H 112 -30.58 34.56 62.68
N LYS H 113 -30.05 35.31 63.64
CA LYS H 113 -30.84 36.26 64.40
C LYS H 113 -30.81 37.66 63.79
N GLN H 114 -30.53 37.76 62.50
CA GLN H 114 -30.44 39.06 61.84
C GLN H 114 -31.66 39.39 61.00
N GLY H 115 -32.23 38.40 60.32
CA GLY H 115 -33.17 38.70 59.26
C GLY H 115 -32.81 38.05 57.94
N VAL H 116 -32.13 36.91 58.02
CA VAL H 116 -31.78 36.12 56.84
C VAL H 116 -32.57 34.83 56.88
N LEU H 117 -33.21 34.48 55.77
CA LEU H 117 -33.99 33.25 55.68
C LEU H 117 -33.12 32.18 55.05
N LEU H 118 -32.29 31.57 55.88
CA LEU H 118 -31.34 30.54 55.41
C LEU H 118 -32.11 29.23 55.22
N LEU H 119 -32.80 29.14 54.09
CA LEU H 119 -33.69 28.02 53.82
C LEU H 119 -33.07 27.08 52.80
N ASN H 120 -32.98 25.80 53.14
CA ASN H 120 -32.73 24.77 52.14
C ASN H 120 -34.00 24.49 51.36
N ALA H 121 -33.86 24.28 50.06
CA ALA H 121 -35.02 23.98 49.22
C ALA H 121 -35.56 22.59 49.53
N VAL H 122 -34.74 21.57 49.33
CA VAL H 122 -35.04 20.24 49.81
C VAL H 122 -34.34 20.07 51.15
N LEU H 123 -35.12 19.93 52.23
CA LEU H 123 -34.57 19.99 53.57
C LEU H 123 -33.82 18.73 53.96
N THR H 124 -34.25 17.57 53.46
CA THR H 124 -33.64 16.31 53.85
C THR H 124 -33.19 15.55 52.61
N VAL H 125 -31.97 15.02 52.66
CA VAL H 125 -31.50 13.99 51.74
C VAL H 125 -30.87 12.87 52.56
N ARG H 126 -30.51 11.79 51.89
CA ARG H 126 -30.04 10.59 52.56
C ARG H 126 -28.61 10.78 53.10
N ALA H 127 -28.20 9.85 53.95
CA ALA H 127 -26.84 9.82 54.45
C ALA H 127 -25.92 9.24 53.39
N HIS H 128 -24.75 9.87 53.21
CA HIS H 128 -23.70 9.50 52.27
C HIS H 128 -24.12 9.57 50.81
N GLN H 129 -25.26 10.17 50.50
CA GLN H 129 -25.79 10.26 49.15
C GLN H 129 -26.36 11.65 48.94
N ALA H 130 -26.04 12.26 47.79
CA ALA H 130 -26.35 13.67 47.59
C ALA H 130 -27.79 13.88 47.13
N ASN H 131 -28.14 13.36 45.94
CA ASN H 131 -29.39 13.70 45.27
C ASN H 131 -30.16 12.44 44.89
N SER H 132 -30.33 11.53 45.86
CA SER H 132 -30.97 10.25 45.59
C SER H 132 -32.48 10.39 45.39
N HIS H 133 -33.12 11.26 46.18
CA HIS H 133 -34.58 11.33 46.19
C HIS H 133 -35.14 11.99 44.94
N LYS H 134 -36.43 11.71 44.70
CA LYS H 134 -37.22 12.37 43.67
C LYS H 134 -37.88 13.59 44.33
N GLU H 135 -38.73 14.31 43.61
CA GLU H 135 -39.50 15.42 44.19
C GLU H 135 -40.61 14.83 45.05
N ARG H 136 -40.24 14.49 46.29
CA ARG H 136 -41.17 13.88 47.22
C ARG H 136 -42.05 14.90 47.94
N GLY H 137 -41.84 16.18 47.70
CA GLY H 137 -42.73 17.18 48.26
C GLY H 137 -42.02 18.29 49.01
N TRP H 138 -40.68 18.27 49.05
CA TRP H 138 -39.96 19.33 49.72
C TRP H 138 -39.92 20.62 48.91
N GLU H 139 -40.12 20.52 47.60
CA GLU H 139 -39.97 21.70 46.74
C GLU H 139 -41.17 22.62 46.85
N GLN H 140 -42.36 22.11 46.50
CA GLN H 140 -43.55 22.95 46.42
C GLN H 140 -44.07 23.32 47.81
N PHE H 141 -43.66 22.58 48.84
CA PHE H 141 -43.90 23.01 50.21
C PHE H 141 -43.15 24.30 50.52
N THR H 142 -41.95 24.47 49.94
CA THR H 142 -41.21 25.72 50.06
C THR H 142 -41.64 26.75 49.02
N ASP H 143 -42.07 26.30 47.84
CA ASP H 143 -42.60 27.20 46.83
C ASP H 143 -43.88 27.87 47.30
N ALA H 144 -44.66 27.17 48.12
CA ALA H 144 -45.81 27.76 48.79
C ALA H 144 -45.41 28.57 50.02
N VAL H 145 -44.14 28.60 50.38
CA VAL H 145 -43.65 29.45 51.47
C VAL H 145 -42.97 30.70 50.94
N VAL H 146 -42.15 30.56 49.91
CA VAL H 146 -41.38 31.68 49.37
C VAL H 146 -42.30 32.73 48.76
N SER H 147 -43.16 32.31 47.82
CA SER H 147 -44.04 33.27 47.18
C SER H 147 -45.20 33.69 48.07
N TRP H 148 -45.43 32.97 49.18
CA TRP H 148 -46.38 33.44 50.17
C TRP H 148 -45.86 34.66 50.92
N LEU H 149 -44.54 34.72 51.13
CA LEU H 149 -43.94 35.86 51.79
C LEU H 149 -43.97 37.12 50.94
N ASN H 150 -44.23 36.99 49.63
CA ASN H 150 -44.50 38.12 48.76
C ASN H 150 -45.81 38.82 49.13
N GLN H 151 -46.68 38.16 49.90
CA GLN H 151 -47.93 38.78 50.32
C GLN H 151 -47.81 39.45 51.69
N ASN H 152 -47.49 38.69 52.73
CA ASN H 152 -47.68 39.17 54.09
C ASN H 152 -46.47 39.90 54.64
N SER H 153 -45.33 39.20 54.75
CA SER H 153 -44.13 39.84 55.24
C SER H 153 -43.54 40.72 54.14
N ASN H 154 -42.60 41.59 54.53
CA ASN H 154 -42.11 42.61 53.60
C ASN H 154 -40.67 42.97 53.98
N GLY H 155 -39.95 43.49 52.99
CA GLY H 155 -38.57 43.89 53.20
C GLY H 155 -37.55 42.86 52.80
N LEU H 156 -37.88 41.96 51.88
CA LEU H 156 -37.00 40.86 51.55
C LEU H 156 -35.91 41.32 50.58
N VAL H 157 -35.00 40.41 50.26
CA VAL H 157 -34.03 40.62 49.20
C VAL H 157 -33.68 39.24 48.65
N PHE H 158 -33.33 39.20 47.37
CA PHE H 158 -33.06 37.95 46.65
C PHE H 158 -31.64 37.98 46.10
N LEU H 159 -30.71 37.37 46.81
CA LEU H 159 -29.37 37.07 46.25
C LEU H 159 -29.36 35.65 45.70
N LEU H 160 -30.24 35.41 44.73
CA LEU H 160 -30.47 34.07 44.19
C LEU H 160 -29.31 33.69 43.27
N TRP H 161 -28.21 33.29 43.90
CA TRP H 161 -26.97 32.99 43.20
C TRP H 161 -26.98 31.53 42.78
N GLY H 162 -26.73 31.28 41.50
CA GLY H 162 -26.83 29.93 40.98
C GLY H 162 -28.17 29.70 40.31
N SER H 163 -28.17 28.91 39.24
CA SER H 163 -29.36 28.71 38.43
C SER H 163 -30.43 27.89 39.14
N TYR H 164 -30.09 27.19 40.22
CA TYR H 164 -31.11 26.48 40.97
C TYR H 164 -32.00 27.44 41.74
N ALA H 165 -31.44 28.54 42.23
CA ALA H 165 -32.23 29.56 42.91
C ALA H 165 -32.89 30.53 41.95
N GLN H 166 -32.49 30.55 40.68
CA GLN H 166 -33.08 31.48 39.73
C GLN H 166 -34.46 31.03 39.30
N LYS H 167 -34.69 29.71 39.25
CA LYS H 167 -35.97 29.21 38.78
C LYS H 167 -37.07 29.40 39.80
N LYS H 168 -36.72 29.45 41.09
CA LYS H 168 -37.74 29.39 42.13
C LYS H 168 -38.38 30.75 42.40
N GLY H 169 -37.55 31.80 42.55
CA GLY H 169 -38.07 33.06 43.04
C GLY H 169 -37.71 34.29 42.22
N SER H 170 -37.73 34.18 40.90
CA SER H 170 -37.27 35.28 40.05
C SER H 170 -38.33 36.37 39.91
N ALA H 171 -39.56 35.98 39.62
CA ALA H 171 -40.58 36.91 39.13
C ALA H 171 -41.25 37.74 40.22
N ILE H 172 -40.73 37.74 41.43
CA ILE H 172 -41.27 38.61 42.48
C ILE H 172 -40.83 40.04 42.19
N ASP H 173 -41.77 40.98 42.38
CA ASP H 173 -41.70 42.35 41.89
C ASP H 173 -40.47 43.11 42.42
N ARG H 174 -40.09 44.12 41.66
CA ARG H 174 -38.94 44.96 41.96
C ARG H 174 -39.33 46.33 42.48
N LYS H 175 -40.63 46.64 42.55
CA LYS H 175 -41.06 47.85 43.23
C LYS H 175 -41.00 47.67 44.75
N ARG H 176 -41.52 46.54 45.24
CA ARG H 176 -41.56 46.26 46.66
C ARG H 176 -40.22 45.71 47.17
N HIS H 177 -39.48 45.02 46.31
CA HIS H 177 -38.24 44.36 46.74
C HIS H 177 -37.11 44.64 45.76
N HIS H 178 -35.97 43.97 45.93
CA HIS H 178 -34.83 44.16 45.04
C HIS H 178 -34.17 42.81 44.80
N VAL H 179 -33.96 42.47 43.53
CA VAL H 179 -33.45 41.16 43.13
C VAL H 179 -32.13 41.37 42.39
N LEU H 180 -31.03 40.90 42.99
CA LEU H 180 -29.71 40.98 42.38
C LEU H 180 -29.06 39.61 42.43
N GLN H 181 -28.67 39.10 41.27
CA GLN H 181 -28.15 37.75 41.15
C GLN H 181 -26.77 37.79 40.49
N THR H 182 -25.94 36.81 40.83
CA THR H 182 -24.61 36.70 40.24
C THR H 182 -24.20 35.23 40.24
N ALA H 183 -22.92 34.99 39.99
CA ALA H 183 -22.39 33.63 39.93
C ALA H 183 -22.42 32.96 41.30
N HIS H 184 -22.13 31.66 41.30
CA HIS H 184 -22.31 30.84 42.48
C HIS H 184 -21.19 31.15 43.48
N PRO H 185 -21.47 31.05 44.79
CA PRO H 185 -20.40 31.24 45.78
C PRO H 185 -19.33 30.15 45.77
N SER H 186 -19.59 29.00 45.15
CA SER H 186 -18.58 27.97 45.05
C SER H 186 -17.46 28.39 44.11
N PRO H 187 -16.22 27.99 44.39
CA PRO H 187 -15.15 28.15 43.41
C PRO H 187 -15.14 27.10 42.29
N LEU H 188 -16.20 26.30 42.17
CA LEU H 188 -16.35 25.33 41.10
C LEU H 188 -17.24 25.85 39.99
N SER H 189 -17.25 27.17 39.80
CA SER H 189 -18.31 27.89 39.11
C SER H 189 -17.71 28.76 38.00
N VAL H 190 -17.01 28.10 37.08
CA VAL H 190 -16.05 28.62 36.09
C VAL H 190 -16.43 29.97 35.47
N TYR H 191 -17.68 30.11 35.03
CA TYR H 191 -18.18 31.42 34.59
C TYR H 191 -18.30 32.34 35.81
N ARG H 192 -17.45 33.35 35.86
CA ARG H 192 -17.24 34.14 37.06
C ARG H 192 -18.35 35.16 37.24
N GLY H 193 -18.14 36.09 38.17
CA GLY H 193 -19.11 37.11 38.51
C GLY H 193 -19.25 37.26 40.01
N PHE H 194 -19.14 36.13 40.72
CA PHE H 194 -19.11 36.18 42.18
C PHE H 194 -17.78 36.68 42.71
N PHE H 195 -16.71 36.52 41.92
CA PHE H 195 -15.35 36.75 42.39
C PHE H 195 -15.05 38.25 42.44
N GLY H 196 -15.68 38.90 43.41
CA GLY H 196 -15.56 40.32 43.63
C GLY H 196 -16.74 41.05 43.03
N CYS H 197 -17.77 41.28 43.85
CA CYS H 197 -18.97 41.96 43.37
C CYS H 197 -19.54 42.98 44.33
N ARG H 198 -19.22 42.89 45.63
CA ARG H 198 -19.73 43.76 46.70
C ARG H 198 -21.26 43.74 46.78
N HIS H 199 -21.84 42.54 46.69
CA HIS H 199 -23.26 42.35 47.01
C HIS H 199 -23.53 42.43 48.51
N PHE H 200 -22.54 42.13 49.35
CA PHE H 200 -22.77 42.00 50.78
C PHE H 200 -22.95 43.34 51.49
N SER H 201 -22.69 44.46 50.80
CA SER H 201 -23.14 45.74 51.34
C SER H 201 -24.67 45.83 51.28
N LYS H 202 -25.27 45.29 50.23
CA LYS H 202 -26.68 45.50 49.91
C LYS H 202 -27.63 44.69 50.78
N THR H 203 -27.13 44.06 51.85
CA THR H 203 -27.99 43.73 52.97
C THR H 203 -28.13 44.95 53.90
N ASN H 204 -27.01 45.62 54.17
CA ASN H 204 -27.03 46.84 54.96
C ASN H 204 -27.55 48.03 54.17
N GLU H 205 -27.38 48.00 52.85
CA GLU H 205 -27.61 49.16 51.98
C GLU H 205 -28.98 49.18 51.33
N LEU H 206 -29.50 48.04 50.87
CA LEU H 206 -30.84 48.02 50.29
C LEU H 206 -31.93 48.17 51.34
N LEU H 207 -31.62 47.93 52.62
CA LEU H 207 -32.56 48.28 53.67
C LEU H 207 -32.63 49.77 53.92
N GLN H 208 -31.68 50.55 53.40
CA GLN H 208 -31.84 52.00 53.41
C GLN H 208 -32.88 52.46 52.40
N LYS H 209 -33.22 51.62 51.42
CA LYS H 209 -34.37 51.86 50.57
C LYS H 209 -35.69 51.47 51.23
N SER H 210 -35.63 50.78 52.37
CA SER H 210 -36.82 50.39 53.11
C SER H 210 -36.89 51.07 54.47
N GLY H 211 -35.86 50.94 55.29
CA GLY H 211 -35.83 51.56 56.61
C GLY H 211 -36.26 50.68 57.76
N LYS H 212 -36.07 49.38 57.66
CA LYS H 212 -36.55 48.38 58.61
C LYS H 212 -35.46 48.06 59.64
N LYS H 213 -35.63 46.94 60.36
CA LYS H 213 -34.69 46.52 61.39
C LYS H 213 -33.28 46.30 60.83
N PRO H 214 -32.23 46.88 61.44
CA PRO H 214 -30.90 46.86 60.81
C PRO H 214 -30.18 45.52 60.86
N ILE H 215 -28.99 45.49 60.25
CA ILE H 215 -28.16 44.29 60.13
C ILE H 215 -26.73 44.65 60.53
N ASP H 216 -26.06 43.75 61.24
CA ASP H 216 -24.60 43.74 61.31
C ASP H 216 -24.12 42.37 60.87
N TRP H 217 -23.20 42.33 59.90
CA TRP H 217 -22.63 41.06 59.46
C TRP H 217 -21.77 40.41 60.53
N LYS H 218 -21.17 41.20 61.41
CA LYS H 218 -20.08 40.78 62.28
C LYS H 218 -20.52 40.02 63.51
N GLU H 219 -21.79 39.61 63.60
CA GLU H 219 -22.25 38.78 64.71
C GLU H 219 -21.76 37.37 64.46
N LEU H 220 -20.50 37.12 64.84
CA LEU H 220 -19.88 35.82 64.70
C LEU H 220 -18.95 35.56 65.89
#